data_2LI5
#
_entry.id   2LI5
#
loop_
_entity.id
_entity.type
_entity.pdbx_description
1 polymer 'Autophagy-related protein 8'
2 polymer 'Ubiquitin-like modifier-activating enzyme ATG7'
#
loop_
_entity_poly.entity_id
_entity_poly.type
_entity_poly.pdbx_seq_one_letter_code
_entity_poly.pdbx_strand_id
1 'polypeptide(L)'
;HMKSTFKSEYPFEKRKAESERIADRFPNRIPVICEKAEKSDIPEIDKRKYLVPADLTVGQFVYVIRKRIMLPPEKAIFIF
VNDTLPPTAALMSAIYQEHKDKDGFLYVTYSGENTFG
;
A
2 'polypeptide(L)' GPHMISGLSVIKQEVERLGNDVFEWEDDESDEIA B
#
# COMPACT_ATOMS: atom_id res chain seq x y z
N HIS A 1 -16.23 9.82 2.21
CA HIS A 1 -15.64 8.64 2.82
C HIS A 1 -14.19 8.92 3.18
N MET A 2 -13.59 7.99 3.91
CA MET A 2 -12.21 8.13 4.33
C MET A 2 -11.26 7.97 3.14
N LYS A 3 -9.98 7.85 3.45
CA LYS A 3 -8.97 7.69 2.43
C LYS A 3 -8.13 6.44 2.72
N SER A 4 -7.59 6.41 3.92
CA SER A 4 -6.77 5.28 4.33
C SER A 4 -7.65 4.20 4.96
N THR A 5 -7.20 2.96 4.82
CA THR A 5 -7.93 1.83 5.36
C THR A 5 -7.01 0.94 6.20
N PHE A 6 -6.26 0.11 5.49
CA PHE A 6 -5.33 -0.80 6.15
C PHE A 6 -4.30 -0.03 6.98
N LYS A 7 -4.12 1.24 6.61
CA LYS A 7 -3.17 2.10 7.30
C LYS A 7 -3.92 3.00 8.26
N SER A 8 -5.24 3.02 8.10
CA SER A 8 -6.09 3.85 8.95
C SER A 8 -6.49 3.07 10.19
N GLU A 9 -6.62 1.76 10.02
CA GLU A 9 -7.00 0.89 11.13
C GLU A 9 -6.21 1.25 12.38
N TYR A 10 -4.90 1.36 12.21
CA TYR A 10 -4.03 1.69 13.32
C TYR A 10 -3.22 2.96 13.02
N PRO A 11 -2.55 3.48 14.08
CA PRO A 11 -1.73 4.68 13.94
C PRO A 11 -0.42 4.37 13.22
N PHE A 12 0.38 5.41 13.05
CA PHE A 12 1.66 5.26 12.39
C PHE A 12 2.60 4.36 13.19
N GLU A 13 2.78 4.73 14.45
CA GLU A 13 3.66 3.97 15.34
C GLU A 13 3.40 2.46 15.16
N LYS A 14 2.18 2.15 14.75
CA LYS A 14 1.80 0.77 14.54
C LYS A 14 2.53 0.21 13.31
N ARG A 15 2.51 1.01 12.25
CA ARG A 15 3.16 0.61 11.01
C ARG A 15 4.67 0.47 11.23
N LYS A 16 5.28 1.54 11.70
CA LYS A 16 6.70 1.55 11.95
C LYS A 16 7.08 0.30 12.75
N ALA A 17 6.22 -0.05 13.69
CA ALA A 17 6.45 -1.22 14.51
C ALA A 17 6.33 -2.48 13.67
N GLU A 18 5.43 -2.41 12.68
CA GLU A 18 5.22 -3.53 11.79
C GLU A 18 6.45 -3.77 10.93
N SER A 19 6.93 -2.69 10.32
CA SER A 19 8.10 -2.77 9.46
C SER A 19 9.31 -3.20 10.28
N GLU A 20 9.24 -2.94 11.58
CA GLU A 20 10.33 -3.29 12.48
C GLU A 20 10.45 -4.81 12.59
N ARG A 21 9.34 -5.49 12.30
CA ARG A 21 9.31 -6.94 12.36
C ARG A 21 9.45 -7.54 10.97
N ILE A 22 8.83 -6.86 10.01
CA ILE A 22 8.87 -7.31 8.63
C ILE A 22 10.32 -7.34 8.15
N ALA A 23 11.18 -6.64 8.89
CA ALA A 23 12.58 -6.58 8.55
C ALA A 23 13.27 -7.86 9.01
N ASP A 24 12.65 -8.50 9.99
CA ASP A 24 13.19 -9.74 10.53
C ASP A 24 12.43 -10.93 9.94
N ARG A 25 11.40 -10.61 9.18
CA ARG A 25 10.59 -11.64 8.55
C ARG A 25 10.95 -11.78 7.07
N PHE A 26 10.81 -10.68 6.35
CA PHE A 26 11.13 -10.67 4.93
C PHE A 26 12.00 -9.46 4.58
N PRO A 27 13.34 -9.67 4.66
CA PRO A 27 14.29 -8.62 4.34
C PRO A 27 14.39 -8.40 2.84
N ASN A 28 14.11 -9.46 2.10
CA ASN A 28 14.17 -9.40 0.64
C ASN A 28 12.78 -9.08 0.10
N ARG A 29 12.10 -8.17 0.79
CA ARG A 29 10.76 -7.77 0.39
C ARG A 29 10.68 -6.25 0.28
N ILE A 30 9.57 -5.78 -0.28
CA ILE A 30 9.35 -4.36 -0.45
C ILE A 30 7.92 -4.01 -0.03
N PRO A 31 7.79 -3.57 1.25
CA PRO A 31 6.49 -3.20 1.78
C PRO A 31 6.02 -1.85 1.22
N VAL A 32 4.85 -1.89 0.60
CA VAL A 32 4.28 -0.68 0.01
C VAL A 32 2.78 -0.62 0.33
N ILE A 33 2.18 0.49 -0.03
CA ILE A 33 0.75 0.68 0.21
C ILE A 33 0.11 1.32 -1.03
N CYS A 34 -0.67 0.51 -1.72
CA CYS A 34 -1.35 0.99 -2.92
C CYS A 34 -2.56 1.81 -2.50
N GLU A 35 -2.71 2.97 -3.12
CA GLU A 35 -3.82 3.85 -2.83
C GLU A 35 -4.39 4.45 -4.11
N LYS A 36 -5.61 4.94 -4.00
CA LYS A 36 -6.28 5.54 -5.15
C LYS A 36 -6.51 7.03 -4.87
N ALA A 37 -6.08 7.86 -5.81
CA ALA A 37 -6.24 9.29 -5.69
C ALA A 37 -7.72 9.63 -5.58
N GLU A 38 -8.00 10.78 -4.98
CA GLU A 38 -9.37 11.22 -4.80
C GLU A 38 -9.92 11.79 -6.11
N LYS A 39 -9.13 12.66 -6.72
CA LYS A 39 -9.52 13.27 -7.98
C LYS A 39 -9.90 12.18 -8.98
N SER A 40 -9.12 11.11 -8.96
CA SER A 40 -9.36 9.99 -9.85
C SER A 40 -10.86 9.71 -9.96
N ASP A 41 -11.23 8.98 -11.00
CA ASP A 41 -12.62 8.63 -11.21
C ASP A 41 -12.78 7.11 -11.18
N ILE A 42 -11.64 6.44 -11.07
CA ILE A 42 -11.64 4.98 -11.03
C ILE A 42 -12.11 4.52 -9.64
N PRO A 43 -12.43 3.20 -9.56
CA PRO A 43 -12.89 2.61 -8.31
C PRO A 43 -11.73 2.45 -7.32
N GLU A 44 -11.97 2.92 -6.10
CA GLU A 44 -10.96 2.81 -5.06
C GLU A 44 -10.76 1.36 -4.63
N ILE A 45 -9.54 1.04 -4.27
CA ILE A 45 -9.20 -0.31 -3.85
C ILE A 45 -9.97 -0.64 -2.56
N ASP A 46 -9.89 -1.90 -2.17
CA ASP A 46 -10.56 -2.35 -0.96
C ASP A 46 -9.74 -1.95 0.26
N LYS A 47 -8.43 -2.11 0.13
CA LYS A 47 -7.52 -1.76 1.21
C LYS A 47 -6.15 -1.41 0.63
N ARG A 48 -5.38 -0.68 1.43
CA ARG A 48 -4.05 -0.27 1.00
C ARG A 48 -2.98 -1.11 1.72
N LYS A 49 -2.54 -2.15 1.03
CA LYS A 49 -1.54 -3.03 1.59
C LYS A 49 -0.96 -3.92 0.47
N TYR A 50 0.26 -3.59 0.07
CA TYR A 50 0.92 -4.33 -0.99
C TYR A 50 2.38 -4.63 -0.62
N LEU A 51 2.67 -5.92 -0.49
CA LEU A 51 4.01 -6.34 -0.14
C LEU A 51 4.71 -6.89 -1.39
N VAL A 52 5.17 -5.96 -2.22
CA VAL A 52 5.85 -6.33 -3.45
C VAL A 52 7.29 -6.74 -3.11
N PRO A 53 7.83 -7.65 -3.97
CA PRO A 53 9.19 -8.13 -3.78
C PRO A 53 10.22 -7.08 -4.20
N ALA A 54 11.48 -7.44 -4.07
CA ALA A 54 12.56 -6.54 -4.44
C ALA A 54 12.99 -6.81 -5.88
N ASP A 55 12.10 -7.50 -6.60
CA ASP A 55 12.38 -7.84 -7.99
C ASP A 55 11.32 -7.19 -8.89
N LEU A 56 10.09 -7.18 -8.39
CA LEU A 56 8.98 -6.60 -9.13
C LEU A 56 9.29 -5.13 -9.42
N THR A 57 9.02 -4.74 -10.65
CA THR A 57 9.25 -3.36 -11.07
C THR A 57 7.98 -2.52 -10.89
N VAL A 58 8.05 -1.30 -11.38
CA VAL A 58 6.93 -0.39 -11.28
C VAL A 58 5.85 -0.82 -12.27
N GLY A 59 6.26 -1.04 -13.50
CA GLY A 59 5.35 -1.46 -14.55
C GLY A 59 4.78 -2.85 -14.26
N GLN A 60 5.36 -3.48 -13.25
CA GLN A 60 4.92 -4.82 -12.85
C GLN A 60 3.92 -4.72 -11.70
N PHE A 61 4.05 -3.66 -10.94
CA PHE A 61 3.17 -3.44 -9.80
C PHE A 61 1.76 -3.08 -10.26
N VAL A 62 1.70 -2.11 -11.15
CA VAL A 62 0.42 -1.66 -11.68
C VAL A 62 -0.48 -2.87 -11.93
N TYR A 63 0.08 -3.86 -12.62
CA TYR A 63 -0.65 -5.07 -12.94
C TYR A 63 -1.43 -5.57 -11.72
N VAL A 64 -0.75 -5.54 -10.58
CA VAL A 64 -1.36 -5.99 -9.34
C VAL A 64 -2.56 -5.11 -9.01
N ILE A 65 -2.42 -3.83 -9.33
CA ILE A 65 -3.48 -2.87 -9.08
C ILE A 65 -4.63 -3.11 -10.07
N ARG A 66 -4.25 -3.41 -11.31
CA ARG A 66 -5.23 -3.67 -12.35
C ARG A 66 -5.92 -5.01 -12.11
N LYS A 67 -5.44 -5.71 -11.09
CA LYS A 67 -6.01 -7.00 -10.74
C LYS A 67 -7.13 -6.80 -9.71
N ARG A 68 -6.80 -6.03 -8.68
CA ARG A 68 -7.77 -5.76 -7.62
C ARG A 68 -9.06 -5.18 -8.22
N ILE A 69 -8.93 -4.00 -8.80
CA ILE A 69 -10.07 -3.34 -9.41
C ILE A 69 -10.42 -4.04 -10.72
N MET A 70 -9.59 -5.01 -11.08
CA MET A 70 -9.79 -5.75 -12.30
C MET A 70 -10.17 -4.82 -13.46
N LEU A 71 -9.51 -3.67 -13.48
CA LEU A 71 -9.76 -2.69 -14.52
C LEU A 71 -9.59 -3.35 -15.90
N PRO A 72 -10.49 -2.96 -16.84
CA PRO A 72 -10.45 -3.50 -18.18
C PRO A 72 -9.30 -2.89 -18.99
N PRO A 73 -9.01 -3.52 -20.15
CA PRO A 73 -7.94 -3.04 -21.02
C PRO A 73 -8.37 -1.79 -21.76
N GLU A 74 -9.59 -1.36 -21.50
CA GLU A 74 -10.13 -0.17 -22.13
C GLU A 74 -9.94 1.05 -21.24
N LYS A 75 -9.37 0.81 -20.07
CA LYS A 75 -9.12 1.87 -19.12
C LYS A 75 -7.61 2.09 -18.98
N ALA A 76 -7.27 3.05 -18.13
CA ALA A 76 -5.86 3.37 -17.90
C ALA A 76 -5.62 3.52 -16.40
N ILE A 77 -4.38 3.28 -16.01
CA ILE A 77 -4.00 3.38 -14.61
C ILE A 77 -2.52 3.75 -14.51
N PHE A 78 -2.27 4.91 -13.93
CA PHE A 78 -0.91 5.39 -13.75
C PHE A 78 -0.55 5.51 -12.28
N ILE A 79 0.69 5.15 -11.97
CA ILE A 79 1.18 5.21 -10.61
C ILE A 79 1.68 6.62 -10.31
N PHE A 80 1.71 6.96 -9.02
CA PHE A 80 2.16 8.27 -8.60
C PHE A 80 2.76 8.21 -7.19
N VAL A 81 4.01 8.66 -7.10
CA VAL A 81 4.71 8.67 -5.83
C VAL A 81 5.24 10.07 -5.56
N ASN A 82 4.59 10.75 -4.62
CA ASN A 82 4.98 12.09 -4.26
C ASN A 82 4.64 13.05 -5.40
N ASP A 83 3.70 12.62 -6.23
CA ASP A 83 3.27 13.43 -7.36
C ASP A 83 4.26 13.24 -8.52
N THR A 84 4.97 12.13 -8.47
CA THR A 84 5.95 11.82 -9.50
C THR A 84 5.66 10.45 -10.12
N LEU A 85 5.86 10.37 -11.42
CA LEU A 85 5.62 9.13 -12.14
C LEU A 85 6.96 8.45 -12.42
N PRO A 86 7.19 7.33 -11.68
CA PRO A 86 8.42 6.58 -11.83
C PRO A 86 8.41 5.76 -13.12
N PRO A 87 9.62 5.31 -13.53
CA PRO A 87 9.76 4.51 -14.73
C PRO A 87 9.27 3.08 -14.52
N THR A 88 9.57 2.22 -15.48
CA THR A 88 9.16 0.83 -15.40
C THR A 88 10.30 -0.02 -14.85
N ALA A 89 11.51 0.36 -15.21
CA ALA A 89 12.70 -0.36 -14.76
C ALA A 89 13.10 0.14 -13.37
N ALA A 90 12.24 0.98 -12.82
CA ALA A 90 12.49 1.54 -11.49
C ALA A 90 12.17 0.49 -10.43
N LEU A 91 12.90 -0.62 -10.51
CA LEU A 91 12.72 -1.71 -9.57
C LEU A 91 12.10 -1.16 -8.28
N MET A 92 10.96 -1.73 -7.92
CA MET A 92 10.26 -1.32 -6.71
C MET A 92 11.20 -1.31 -5.51
N SER A 93 12.29 -2.05 -5.64
CA SER A 93 13.27 -2.16 -4.58
C SER A 93 14.00 -0.82 -4.43
N ALA A 94 14.42 -0.28 -5.56
CA ALA A 94 15.13 0.99 -5.57
C ALA A 94 14.14 2.13 -5.38
N ILE A 95 12.86 1.78 -5.43
CA ILE A 95 11.80 2.77 -5.27
C ILE A 95 11.49 2.94 -3.78
N TYR A 96 11.33 1.81 -3.11
CA TYR A 96 11.02 1.82 -1.69
C TYR A 96 12.24 2.27 -0.88
N GLN A 97 13.36 2.43 -1.58
CA GLN A 97 14.59 2.85 -0.94
C GLN A 97 14.76 4.37 -1.07
N GLU A 98 13.95 4.96 -1.93
CA GLU A 98 14.00 6.39 -2.15
C GLU A 98 12.64 7.02 -1.85
N HIS A 99 11.67 6.16 -1.57
CA HIS A 99 10.33 6.63 -1.26
C HIS A 99 9.92 6.14 0.13
N LYS A 100 10.92 5.67 0.87
CA LYS A 100 10.68 5.17 2.21
C LYS A 100 10.33 6.34 3.14
N ASP A 101 9.65 6.01 4.23
CA ASP A 101 9.25 7.01 5.19
C ASP A 101 9.63 6.55 6.60
N LYS A 102 9.44 7.44 7.56
CA LYS A 102 9.76 7.13 8.94
C LYS A 102 9.15 5.77 9.31
N ASP A 103 7.93 5.56 8.84
CA ASP A 103 7.22 4.32 9.11
C ASP A 103 8.00 3.16 8.47
N GLY A 104 8.64 3.46 7.35
CA GLY A 104 9.40 2.45 6.63
C GLY A 104 8.62 1.92 5.42
N PHE A 105 7.32 1.75 5.63
CA PHE A 105 6.45 1.25 4.57
C PHE A 105 6.32 2.28 3.45
N LEU A 106 6.21 1.77 2.24
CA LEU A 106 6.07 2.63 1.07
C LEU A 106 4.62 3.09 0.94
N TYR A 107 4.42 4.14 0.17
CA TYR A 107 3.09 4.69 -0.04
C TYR A 107 2.91 5.13 -1.49
N VAL A 108 2.46 4.19 -2.31
CA VAL A 108 2.23 4.46 -3.72
C VAL A 108 0.76 4.86 -3.92
N THR A 109 0.48 5.35 -5.11
CA THR A 109 -0.87 5.76 -5.45
C THR A 109 -1.10 5.67 -6.97
N TYR A 110 -2.20 5.04 -7.33
CA TYR A 110 -2.55 4.88 -8.74
C TYR A 110 -3.82 5.65 -9.08
N SER A 111 -3.83 6.20 -10.28
CA SER A 111 -4.97 6.97 -10.75
C SER A 111 -5.15 6.80 -12.26
N GLY A 112 -6.40 6.71 -12.68
CA GLY A 112 -6.70 6.55 -14.08
C GLY A 112 -6.25 7.77 -14.89
N GLU A 113 -5.88 8.81 -14.17
CA GLU A 113 -5.44 10.04 -14.80
C GLU A 113 -3.93 10.24 -14.56
N ASN A 114 -3.23 10.52 -15.65
CA ASN A 114 -1.79 10.73 -15.58
C ASN A 114 -1.52 12.24 -15.42
N THR A 115 -2.31 12.87 -14.58
CA THR A 115 -2.17 14.30 -14.34
C THR A 115 -1.47 14.54 -13.00
N PHE A 116 -1.26 15.81 -12.71
CA PHE A 116 -0.61 16.20 -11.46
C PHE A 116 -1.48 17.14 -10.66
N GLY A 117 -2.13 16.58 -9.65
CA GLY A 117 -3.01 17.36 -8.79
C GLY A 117 -4.48 17.12 -9.14
N GLY B 1 -3.93 12.41 13.25
CA GLY B 1 -4.28 11.08 13.74
C GLY B 1 -4.25 11.03 15.27
N PRO B 2 -4.36 9.79 15.81
CA PRO B 2 -4.34 9.60 17.25
C PRO B 2 -2.93 9.76 17.81
N HIS B 3 -2.85 10.44 18.95
CA HIS B 3 -1.57 10.66 19.59
C HIS B 3 -1.73 10.55 21.11
N MET B 4 -0.60 10.47 21.79
CA MET B 4 -0.61 10.36 23.24
C MET B 4 -0.87 11.71 23.90
N ILE B 5 -1.15 11.66 25.20
CA ILE B 5 -1.44 12.87 25.95
C ILE B 5 -0.27 13.16 26.89
N SER B 6 -0.48 12.87 28.16
CA SER B 6 0.54 13.10 29.16
C SER B 6 0.74 11.83 30.01
N GLY B 7 1.82 11.83 30.77
CA GLY B 7 2.13 10.70 31.62
C GLY B 7 2.74 9.55 30.81
N LEU B 8 3.11 8.50 31.52
CA LEU B 8 3.70 7.34 30.89
C LEU B 8 2.95 6.08 31.32
N SER B 9 2.56 5.30 30.32
CA SER B 9 1.83 4.07 30.58
C SER B 9 1.52 3.34 29.26
N VAL B 10 1.00 2.14 29.40
CA VAL B 10 0.65 1.34 28.23
C VAL B 10 -0.19 2.18 27.27
N ILE B 11 -0.40 1.65 26.08
CA ILE B 11 -1.18 2.33 25.07
C ILE B 11 -2.29 1.41 24.58
N LYS B 12 -3.39 2.03 24.17
CA LYS B 12 -4.53 1.28 23.68
C LYS B 12 -4.82 1.70 22.23
N GLN B 13 -5.07 0.69 21.41
CA GLN B 13 -5.36 0.93 20.01
C GLN B 13 -6.65 0.20 19.60
N GLU B 14 -7.19 0.62 18.46
CA GLU B 14 -8.42 0.02 17.96
C GLU B 14 -8.11 -0.84 16.73
N VAL B 15 -9.18 -1.30 16.10
CA VAL B 15 -9.05 -2.13 14.91
C VAL B 15 -10.43 -2.35 14.29
N GLU B 16 -10.43 -2.58 12.98
CA GLU B 16 -11.67 -2.81 12.26
C GLU B 16 -11.72 -4.26 11.77
N ARG B 17 -10.61 -4.72 11.24
CA ARG B 17 -10.52 -6.07 10.72
C ARG B 17 -9.13 -6.67 11.00
N LEU B 18 -8.12 -5.86 10.72
CA LEU B 18 -6.75 -6.29 10.95
C LEU B 18 -6.44 -6.25 12.44
N GLY B 19 -5.17 -6.46 12.76
CA GLY B 19 -4.73 -6.45 14.14
C GLY B 19 -3.91 -7.69 14.47
N ASN B 20 -4.39 -8.83 13.98
CA ASN B 20 -3.71 -10.09 14.21
C ASN B 20 -2.51 -10.20 13.25
N ASP B 21 -1.32 -10.07 13.84
CA ASP B 21 -0.10 -10.15 13.06
C ASP B 21 -0.17 -9.14 11.91
N VAL B 22 -0.86 -8.05 12.16
CA VAL B 22 -1.01 -7.00 11.15
C VAL B 22 -1.37 -7.65 9.80
N PHE B 23 -2.12 -8.74 9.89
CA PHE B 23 -2.53 -9.46 8.70
C PHE B 23 -3.53 -10.57 9.05
N GLU B 24 -4.63 -10.58 8.32
CA GLU B 24 -5.67 -11.57 8.53
C GLU B 24 -6.51 -11.75 7.27
N TRP B 25 -5.89 -12.34 6.25
CA TRP B 25 -6.57 -12.58 4.99
C TRP B 25 -5.74 -13.57 4.18
N GLU B 26 -6.07 -13.68 2.90
CA GLU B 26 -5.37 -14.59 2.02
C GLU B 26 -3.92 -14.76 2.48
N ASP B 27 -3.11 -13.76 2.21
CA ASP B 27 -1.71 -13.79 2.59
C ASP B 27 -1.01 -12.54 2.07
N ASP B 28 -0.49 -11.75 3.00
CA ASP B 28 0.20 -10.52 2.64
C ASP B 28 1.24 -10.83 1.56
N GLU B 29 1.91 -11.96 1.73
CA GLU B 29 2.92 -12.38 0.77
C GLU B 29 2.27 -12.78 -0.55
N SER B 30 1.01 -13.20 -0.45
CA SER B 30 0.27 -13.62 -1.62
C SER B 30 0.69 -12.79 -2.84
N ASP B 31 0.90 -13.50 -3.95
CA ASP B 31 1.32 -12.85 -5.18
C ASP B 31 0.22 -11.87 -5.62
N GLU B 32 -0.94 -12.01 -4.99
CA GLU B 32 -2.06 -11.15 -5.31
C GLU B 32 -1.67 -9.67 -5.19
N ILE B 33 -0.62 -9.44 -4.40
CA ILE B 33 -0.13 -8.09 -4.19
C ILE B 33 1.23 -7.93 -4.86
N ALA B 34 1.39 -8.66 -5.96
CA ALA B 34 2.64 -8.61 -6.71
C ALA B 34 2.53 -9.55 -7.91
N HIS A 1 -16.35 4.99 1.39
CA HIS A 1 -16.07 6.21 0.63
C HIS A 1 -14.84 6.90 1.22
N MET A 2 -13.87 6.08 1.63
CA MET A 2 -12.65 6.61 2.21
C MET A 2 -11.48 6.51 1.22
N LYS A 3 -10.29 6.76 1.73
CA LYS A 3 -9.09 6.71 0.91
C LYS A 3 -8.14 5.65 1.49
N SER A 4 -8.02 5.67 2.80
CA SER A 4 -7.14 4.73 3.49
C SER A 4 -7.97 3.78 4.34
N THR A 5 -7.59 2.51 4.30
CA THR A 5 -8.27 1.49 5.07
C THR A 5 -7.28 0.72 5.95
N PHE A 6 -6.51 -0.13 5.29
CA PHE A 6 -5.52 -0.93 6.00
C PHE A 6 -4.62 -0.05 6.87
N LYS A 7 -4.49 1.20 6.45
CA LYS A 7 -3.66 2.14 7.17
C LYS A 7 -4.55 3.04 8.03
N SER A 8 -5.82 3.10 7.66
CA SER A 8 -6.78 3.91 8.37
C SER A 8 -7.30 3.15 9.59
N GLU A 9 -6.73 1.97 9.80
CA GLU A 9 -7.12 1.14 10.93
C GLU A 9 -6.28 1.47 12.16
N TYR A 10 -4.99 1.20 12.05
CA TYR A 10 -4.07 1.46 13.14
C TYR A 10 -3.21 2.70 12.84
N PRO A 11 -2.57 3.22 13.93
CA PRO A 11 -1.72 4.39 13.81
C PRO A 11 -0.39 4.03 13.14
N PHE A 12 0.36 5.08 12.82
CA PHE A 12 1.66 4.89 12.18
C PHE A 12 2.58 4.04 13.05
N GLU A 13 2.44 4.21 14.35
CA GLU A 13 3.25 3.45 15.30
C GLU A 13 2.96 1.96 15.17
N LYS A 14 1.90 1.65 14.45
CA LYS A 14 1.50 0.27 14.24
C LYS A 14 2.11 -0.24 12.92
N ARG A 15 2.57 0.71 12.13
CA ARG A 15 3.17 0.37 10.85
C ARG A 15 4.70 0.33 10.97
N LYS A 16 5.21 1.28 11.73
CA LYS A 16 6.65 1.36 11.93
C LYS A 16 7.13 0.13 12.69
N ALA A 17 6.31 -0.30 13.64
CA ALA A 17 6.64 -1.47 14.43
C ALA A 17 6.36 -2.74 13.62
N GLU A 18 5.61 -2.55 12.54
CA GLU A 18 5.27 -3.66 11.66
C GLU A 18 6.47 -4.06 10.81
N SER A 19 7.08 -3.06 10.20
CA SER A 19 8.25 -3.29 9.36
C SER A 19 9.44 -3.73 10.21
N GLU A 20 9.26 -3.61 11.52
CA GLU A 20 10.31 -4.00 12.45
C GLU A 20 10.43 -5.51 12.52
N ARG A 21 9.33 -6.18 12.20
CA ARG A 21 9.30 -7.64 12.22
C ARG A 21 9.44 -8.19 10.80
N ILE A 22 8.90 -7.44 9.86
CA ILE A 22 8.95 -7.83 8.46
C ILE A 22 10.40 -7.79 7.98
N ALA A 23 11.23 -7.10 8.74
CA ALA A 23 12.64 -6.97 8.40
C ALA A 23 13.36 -8.27 8.78
N ASP A 24 12.70 -9.06 9.62
CA ASP A 24 13.27 -10.32 10.06
C ASP A 24 12.55 -11.47 9.35
N ARG A 25 11.38 -11.14 8.80
CA ARG A 25 10.58 -12.14 8.11
C ARG A 25 10.86 -12.08 6.60
N PHE A 26 10.59 -10.92 6.02
CA PHE A 26 10.80 -10.73 4.60
C PHE A 26 11.76 -9.56 4.35
N PRO A 27 13.07 -9.85 4.49
CA PRO A 27 14.10 -8.84 4.28
C PRO A 27 14.28 -8.55 2.79
N ASN A 28 14.08 -9.59 1.99
CA ASN A 28 14.23 -9.47 0.55
C ASN A 28 12.87 -9.10 -0.07
N ARG A 29 12.15 -8.24 0.64
CA ARG A 29 10.84 -7.80 0.18
C ARG A 29 10.78 -6.27 0.16
N ILE A 30 9.66 -5.77 -0.36
CA ILE A 30 9.45 -4.33 -0.44
C ILE A 30 8.03 -4.00 -0.01
N PRO A 31 7.90 -3.56 1.27
CA PRO A 31 6.60 -3.20 1.81
C PRO A 31 6.12 -1.85 1.27
N VAL A 32 4.99 -1.90 0.58
CA VAL A 32 4.43 -0.70 0.00
C VAL A 32 2.93 -0.65 0.29
N ILE A 33 2.33 0.48 -0.04
CA ILE A 33 0.90 0.66 0.19
C ILE A 33 0.29 1.43 -1.00
N CYS A 34 -0.47 0.70 -1.80
CA CYS A 34 -1.11 1.28 -2.96
C CYS A 34 -2.51 1.75 -2.56
N GLU A 35 -2.84 2.94 -3.01
CA GLU A 35 -4.15 3.52 -2.71
C GLU A 35 -4.72 4.24 -3.93
N LYS A 36 -6.04 4.30 -3.98
CA LYS A 36 -6.71 4.96 -5.08
C LYS A 36 -6.76 6.47 -4.83
N ALA A 37 -6.30 7.22 -5.82
CA ALA A 37 -6.28 8.67 -5.72
C ALA A 37 -7.69 9.21 -5.93
N GLU A 38 -8.25 9.75 -4.86
CA GLU A 38 -9.59 10.31 -4.91
C GLU A 38 -9.78 11.11 -6.20
N LYS A 39 -8.81 11.98 -6.47
CA LYS A 39 -8.85 12.80 -7.67
C LYS A 39 -9.33 11.97 -8.85
N SER A 40 -8.77 10.76 -8.93
CA SER A 40 -9.12 9.86 -10.02
C SER A 40 -10.61 9.50 -9.94
N ASP A 41 -11.10 8.91 -11.01
CA ASP A 41 -12.50 8.52 -11.08
C ASP A 41 -12.59 7.01 -11.30
N ILE A 42 -11.57 6.32 -10.84
CA ILE A 42 -11.51 4.87 -10.97
C ILE A 42 -12.12 4.22 -9.72
N PRO A 43 -12.30 2.88 -9.81
CA PRO A 43 -12.87 2.13 -8.68
C PRO A 43 -11.83 1.96 -7.57
N GLU A 44 -12.21 2.42 -6.39
CA GLU A 44 -11.34 2.33 -5.24
C GLU A 44 -11.03 0.86 -4.93
N ILE A 45 -9.86 0.66 -4.31
CA ILE A 45 -9.43 -0.69 -3.97
C ILE A 45 -10.08 -1.09 -2.64
N ASP A 46 -10.09 -2.40 -2.39
CA ASP A 46 -10.67 -2.92 -1.16
C ASP A 46 -9.88 -2.39 0.03
N LYS A 47 -8.57 -2.53 -0.05
CA LYS A 47 -7.70 -2.07 1.02
C LYS A 47 -6.36 -1.64 0.42
N ARG A 48 -5.59 -0.91 1.23
CA ARG A 48 -4.29 -0.44 0.80
C ARG A 48 -3.17 -1.19 1.54
N LYS A 49 -2.68 -2.23 0.89
CA LYS A 49 -1.61 -3.03 1.47
C LYS A 49 -0.99 -3.92 0.39
N TYR A 50 0.22 -3.57 0.00
CA TYR A 50 0.92 -4.33 -1.02
C TYR A 50 2.38 -4.58 -0.61
N LEU A 51 2.75 -5.85 -0.61
CA LEU A 51 4.10 -6.24 -0.25
C LEU A 51 4.82 -6.77 -1.48
N VAL A 52 5.27 -5.84 -2.31
CA VAL A 52 5.98 -6.20 -3.53
C VAL A 52 7.42 -6.58 -3.18
N PRO A 53 7.99 -7.50 -4.01
CA PRO A 53 9.35 -7.95 -3.80
C PRO A 53 10.35 -6.89 -4.23
N ALA A 54 11.63 -7.24 -4.11
CA ALA A 54 12.69 -6.32 -4.49
C ALA A 54 13.11 -6.59 -5.94
N ASP A 55 12.22 -7.27 -6.66
CA ASP A 55 12.48 -7.60 -8.05
C ASP A 55 11.38 -6.99 -8.92
N LEU A 56 10.16 -7.04 -8.41
CA LEU A 56 9.01 -6.51 -9.13
C LEU A 56 9.27 -5.04 -9.46
N THR A 57 9.08 -4.71 -10.73
CA THR A 57 9.29 -3.35 -11.19
C THR A 57 7.99 -2.55 -11.08
N VAL A 58 8.09 -1.27 -11.42
CA VAL A 58 6.93 -0.38 -11.37
C VAL A 58 5.90 -0.85 -12.40
N GLY A 59 6.40 -1.19 -13.58
CA GLY A 59 5.54 -1.65 -14.67
C GLY A 59 4.98 -3.05 -14.36
N GLN A 60 5.51 -3.64 -13.29
CA GLN A 60 5.08 -4.96 -12.89
C GLN A 60 4.05 -4.86 -11.75
N PHE A 61 4.11 -3.75 -11.03
CA PHE A 61 3.20 -3.53 -9.92
C PHE A 61 1.82 -3.10 -10.43
N VAL A 62 1.82 -2.07 -11.26
CA VAL A 62 0.57 -1.56 -11.82
C VAL A 62 -0.35 -2.74 -12.16
N TYR A 63 0.27 -3.82 -12.62
CA TYR A 63 -0.47 -5.01 -12.98
C TYR A 63 -1.29 -5.53 -11.80
N VAL A 64 -0.56 -5.99 -10.78
CA VAL A 64 -1.20 -6.53 -9.59
C VAL A 64 -2.35 -5.60 -9.18
N ILE A 65 -2.15 -4.32 -9.44
CA ILE A 65 -3.17 -3.32 -9.11
C ILE A 65 -4.38 -3.50 -10.02
N ARG A 66 -4.16 -3.27 -11.30
CA ARG A 66 -5.22 -3.40 -12.28
C ARG A 66 -6.01 -4.69 -12.04
N LYS A 67 -5.33 -5.66 -11.43
CA LYS A 67 -5.94 -6.93 -11.14
C LYS A 67 -6.97 -6.75 -10.01
N ARG A 68 -6.54 -6.02 -8.99
CA ARG A 68 -7.40 -5.77 -7.85
C ARG A 68 -8.70 -5.08 -8.30
N ILE A 69 -8.55 -4.17 -9.24
CA ILE A 69 -9.69 -3.44 -9.76
C ILE A 69 -10.10 -4.03 -11.12
N MET A 70 -9.45 -5.13 -11.46
CA MET A 70 -9.73 -5.81 -12.71
C MET A 70 -10.09 -4.80 -13.81
N LEU A 71 -9.43 -3.65 -13.75
CA LEU A 71 -9.67 -2.61 -14.72
C LEU A 71 -9.59 -3.19 -16.14
N PRO A 72 -10.51 -2.72 -17.01
CA PRO A 72 -10.55 -3.18 -18.39
C PRO A 72 -9.40 -2.58 -19.21
N PRO A 73 -9.20 -3.15 -20.42
CA PRO A 73 -8.15 -2.68 -21.30
C PRO A 73 -8.54 -1.36 -21.96
N GLU A 74 -9.72 -0.88 -21.60
CA GLU A 74 -10.23 0.37 -22.15
C GLU A 74 -9.96 1.51 -21.17
N LYS A 75 -9.26 1.19 -20.10
CA LYS A 75 -8.93 2.18 -19.09
C LYS A 75 -7.41 2.22 -18.90
N ALA A 76 -6.99 3.08 -17.97
CA ALA A 76 -5.57 3.23 -17.68
C ALA A 76 -5.38 3.39 -16.17
N ILE A 77 -4.12 3.36 -15.77
CA ILE A 77 -3.79 3.50 -14.36
C ILE A 77 -2.31 3.86 -14.22
N PHE A 78 -2.07 5.06 -13.73
CA PHE A 78 -0.70 5.54 -13.54
C PHE A 78 -0.35 5.64 -12.06
N ILE A 79 0.85 5.20 -11.73
CA ILE A 79 1.32 5.22 -10.35
C ILE A 79 1.90 6.61 -10.06
N PHE A 80 1.48 7.16 -8.92
CA PHE A 80 1.95 8.47 -8.51
C PHE A 80 2.59 8.41 -7.12
N VAL A 81 3.84 8.86 -7.06
CA VAL A 81 4.57 8.87 -5.80
C VAL A 81 5.12 10.27 -5.55
N ASN A 82 4.51 10.93 -4.58
CA ASN A 82 4.93 12.29 -4.23
C ASN A 82 4.58 13.24 -5.37
N ASP A 83 3.64 12.81 -6.20
CA ASP A 83 3.22 13.61 -7.33
C ASP A 83 4.20 13.41 -8.49
N THR A 84 4.87 12.27 -8.46
CA THR A 84 5.83 11.95 -9.50
C THR A 84 5.54 10.58 -10.10
N LEU A 85 5.75 10.48 -11.41
CA LEU A 85 5.50 9.24 -12.11
C LEU A 85 6.83 8.53 -12.35
N PRO A 86 7.05 7.42 -11.60
CA PRO A 86 8.27 6.64 -11.73
C PRO A 86 8.26 5.81 -13.02
N PRO A 87 9.49 5.48 -13.49
CA PRO A 87 9.63 4.68 -14.70
C PRO A 87 9.29 3.22 -14.44
N THR A 88 9.35 2.42 -15.51
CA THR A 88 9.05 1.01 -15.40
C THR A 88 10.25 0.25 -14.83
N ALA A 89 11.43 0.75 -15.15
CA ALA A 89 12.66 0.14 -14.67
C ALA A 89 12.92 0.59 -13.22
N ALA A 90 11.98 1.35 -12.70
CA ALA A 90 12.10 1.85 -11.34
C ALA A 90 11.78 0.72 -10.36
N LEU A 91 12.58 -0.34 -10.44
CA LEU A 91 12.39 -1.48 -9.56
C LEU A 91 11.82 -1.01 -8.23
N MET A 92 10.65 -1.54 -7.91
CA MET A 92 9.99 -1.18 -6.66
C MET A 92 11.01 -0.94 -5.54
N SER A 93 12.06 -1.74 -5.56
CA SER A 93 13.11 -1.63 -4.57
C SER A 93 13.71 -0.22 -4.60
N ALA A 94 14.25 0.13 -5.77
CA ALA A 94 14.86 1.43 -5.95
C ALA A 94 13.81 2.52 -5.67
N ILE A 95 12.56 2.10 -5.66
CA ILE A 95 11.46 3.03 -5.41
C ILE A 95 11.24 3.15 -3.90
N TYR A 96 11.37 2.02 -3.22
CA TYR A 96 11.19 1.98 -1.78
C TYR A 96 12.45 2.48 -1.06
N GLN A 97 13.49 2.71 -1.84
CA GLN A 97 14.74 3.19 -1.28
C GLN A 97 14.89 4.70 -1.51
N GLU A 98 13.99 5.23 -2.33
CA GLU A 98 14.01 6.65 -2.63
C GLU A 98 12.70 7.30 -2.19
N HIS A 99 11.76 6.46 -1.78
CA HIS A 99 10.47 6.95 -1.33
C HIS A 99 10.15 6.36 0.04
N LYS A 100 11.20 5.85 0.68
CA LYS A 100 11.04 5.25 2.00
C LYS A 100 10.45 6.29 2.96
N ASP A 101 9.84 5.78 4.02
CA ASP A 101 9.22 6.64 5.02
C ASP A 101 9.73 6.25 6.41
N LYS A 102 9.35 7.06 7.39
CA LYS A 102 9.76 6.82 8.76
C LYS A 102 9.26 5.43 9.20
N ASP A 103 8.05 5.11 8.76
CA ASP A 103 7.45 3.83 9.08
C ASP A 103 8.17 2.72 8.32
N GLY A 104 8.97 3.14 7.34
CA GLY A 104 9.73 2.20 6.54
C GLY A 104 8.90 1.75 5.33
N PHE A 105 7.62 1.55 5.57
CA PHE A 105 6.71 1.11 4.51
C PHE A 105 6.66 2.14 3.38
N LEU A 106 6.30 1.65 2.21
CA LEU A 106 6.21 2.51 1.03
C LEU A 106 4.76 2.96 0.84
N TYR A 107 4.60 4.17 0.34
CA TYR A 107 3.29 4.74 0.11
C TYR A 107 3.12 5.18 -1.35
N VAL A 108 2.53 4.29 -2.13
CA VAL A 108 2.30 4.57 -3.54
C VAL A 108 0.81 4.80 -3.78
N THR A 109 0.50 5.24 -4.99
CA THR A 109 -0.89 5.50 -5.36
C THR A 109 -1.06 5.34 -6.87
N TYR A 110 -2.32 5.22 -7.28
CA TYR A 110 -2.65 5.06 -8.67
C TYR A 110 -3.92 5.85 -9.03
N SER A 111 -3.87 6.49 -10.19
CA SER A 111 -5.00 7.27 -10.66
C SER A 111 -5.21 7.05 -12.15
N GLY A 112 -6.39 6.55 -12.49
CA GLY A 112 -6.73 6.29 -13.88
C GLY A 112 -6.18 7.38 -14.79
N GLU A 113 -6.11 8.59 -14.25
CA GLU A 113 -5.60 9.72 -15.00
C GLU A 113 -4.15 10.01 -14.63
N ASN A 114 -3.41 10.55 -15.59
CA ASN A 114 -2.01 10.87 -15.37
C ASN A 114 -1.89 12.35 -14.99
N THR A 115 -2.71 12.75 -14.03
CA THR A 115 -2.70 14.13 -13.57
C THR A 115 -2.98 14.19 -12.07
N PHE A 116 -3.11 15.41 -11.57
CA PHE A 116 -3.37 15.63 -10.16
C PHE A 116 -4.37 16.76 -9.96
N GLY A 117 -5.59 16.37 -9.62
CA GLY A 117 -6.65 17.35 -9.39
C GLY A 117 -7.91 16.67 -8.84
N GLY B 1 -19.99 -4.62 32.05
CA GLY B 1 -20.48 -3.27 31.82
C GLY B 1 -19.67 -2.24 32.61
N PRO B 2 -18.58 -1.74 31.95
CA PRO B 2 -17.71 -0.76 32.58
C PRO B 2 -18.39 0.62 32.61
N HIS B 3 -17.62 1.60 33.09
CA HIS B 3 -18.12 2.96 33.17
C HIS B 3 -17.79 3.71 31.87
N MET B 4 -18.40 4.87 31.73
CA MET B 4 -18.17 5.70 30.56
C MET B 4 -17.10 6.75 30.82
N ILE B 5 -16.08 6.73 29.96
CA ILE B 5 -14.98 7.67 30.10
C ILE B 5 -15.48 9.07 29.75
N SER B 6 -15.26 9.99 30.69
CA SER B 6 -15.67 11.37 30.50
C SER B 6 -14.62 12.31 31.07
N GLY B 7 -13.90 12.97 30.16
CA GLY B 7 -12.87 13.91 30.57
C GLY B 7 -11.48 13.37 30.21
N LEU B 8 -10.55 13.55 31.14
CA LEU B 8 -9.19 13.09 30.94
C LEU B 8 -9.21 11.67 30.37
N SER B 9 -8.67 11.53 29.17
CA SER B 9 -8.62 10.23 28.52
C SER B 9 -7.22 9.99 27.96
N VAL B 10 -6.89 8.72 27.80
CA VAL B 10 -5.59 8.32 27.27
C VAL B 10 -5.73 7.97 25.79
N ILE B 11 -4.59 7.82 25.15
CA ILE B 11 -4.57 7.47 23.73
C ILE B 11 -5.29 6.15 23.52
N LYS B 12 -6.17 6.14 22.54
CA LYS B 12 -6.94 4.94 22.22
C LYS B 12 -7.03 4.79 20.70
N GLN B 13 -7.00 3.54 20.26
CA GLN B 13 -7.08 3.25 18.84
C GLN B 13 -8.44 2.62 18.51
N GLU B 14 -8.69 2.48 17.22
CA GLU B 14 -9.94 1.90 16.76
C GLU B 14 -9.69 0.49 16.22
N VAL B 15 -10.74 -0.06 15.61
CA VAL B 15 -10.66 -1.39 15.04
C VAL B 15 -11.76 -1.57 14.01
N GLU B 16 -11.38 -2.12 12.86
CA GLU B 16 -12.33 -2.36 11.78
C GLU B 16 -12.33 -3.84 11.39
N ARG B 17 -11.15 -4.34 11.09
CA ARG B 17 -11.00 -5.74 10.70
C ARG B 17 -9.78 -6.35 11.39
N LEU B 18 -8.70 -5.59 11.41
CA LEU B 18 -7.47 -6.05 12.02
C LEU B 18 -7.16 -5.18 13.24
N GLY B 19 -6.42 -5.76 14.16
CA GLY B 19 -6.04 -5.06 15.38
C GLY B 19 -4.87 -5.75 16.08
N ASN B 20 -5.15 -6.94 16.59
CA ASN B 20 -4.13 -7.71 17.29
C ASN B 20 -2.79 -7.56 16.55
N ASP B 21 -2.88 -7.48 15.23
CA ASP B 21 -1.70 -7.33 14.40
C ASP B 21 -2.07 -6.58 13.13
N VAL B 22 -1.04 -6.27 12.34
CA VAL B 22 -1.24 -5.56 11.09
C VAL B 22 -1.71 -6.54 10.01
N PHE B 23 -1.42 -7.81 10.24
CA PHE B 23 -1.80 -8.84 9.30
C PHE B 23 -2.78 -9.83 9.95
N GLU B 24 -3.95 -9.94 9.34
CA GLU B 24 -4.98 -10.83 9.84
C GLU B 24 -5.62 -11.60 8.68
N TRP B 25 -6.42 -10.87 7.92
CA TRP B 25 -7.11 -11.48 6.78
C TRP B 25 -6.04 -12.06 5.85
N GLU B 26 -6.50 -12.91 4.96
CA GLU B 26 -5.61 -13.56 3.99
C GLU B 26 -4.77 -12.50 3.27
N ASP B 27 -4.03 -12.97 2.28
CA ASP B 27 -3.18 -12.08 1.50
C ASP B 27 -1.98 -11.64 2.35
N ASP B 28 -1.77 -12.38 3.43
CA ASP B 28 -0.67 -12.08 4.33
C ASP B 28 0.57 -11.73 3.51
N GLU B 29 1.04 -12.71 2.76
CA GLU B 29 2.21 -12.51 1.93
C GLU B 29 1.92 -12.91 0.48
N SER B 30 0.67 -13.29 0.25
CA SER B 30 0.24 -13.69 -1.08
C SER B 30 0.90 -12.81 -2.14
N ASP B 31 1.23 -13.43 -3.26
CA ASP B 31 1.86 -12.72 -4.36
C ASP B 31 0.80 -11.94 -5.14
N GLU B 32 -0.42 -12.04 -4.66
CA GLU B 32 -1.53 -11.36 -5.31
C GLU B 32 -1.34 -9.84 -5.24
N ILE B 33 -0.37 -9.43 -4.43
CA ILE B 33 -0.08 -8.02 -4.26
C ILE B 33 1.25 -7.71 -4.96
N ALA B 34 1.70 -8.64 -5.78
CA ALA B 34 2.94 -8.49 -6.50
C ALA B 34 3.17 -9.70 -7.40
N HIS A 1 -14.60 13.08 4.18
CA HIS A 1 -14.57 11.62 4.06
C HIS A 1 -13.14 11.13 4.28
N MET A 2 -13.04 9.90 4.78
CA MET A 2 -11.75 9.30 5.04
C MET A 2 -10.88 9.31 3.77
N LYS A 3 -9.67 8.77 3.91
CA LYS A 3 -8.74 8.70 2.81
C LYS A 3 -8.11 7.31 2.76
N SER A 4 -7.20 7.08 3.68
CA SER A 4 -6.51 5.81 3.77
C SER A 4 -7.45 4.73 4.30
N THR A 5 -7.00 3.49 4.23
CA THR A 5 -7.79 2.37 4.71
C THR A 5 -6.95 1.48 5.62
N PHE A 6 -6.17 0.61 5.00
CA PHE A 6 -5.32 -0.31 5.73
C PHE A 6 -4.26 0.45 6.54
N LYS A 7 -3.84 1.58 5.99
CA LYS A 7 -2.84 2.41 6.64
C LYS A 7 -3.51 3.23 7.74
N SER A 8 -4.72 3.67 7.44
CA SER A 8 -5.48 4.47 8.39
C SER A 8 -5.92 3.61 9.58
N GLU A 9 -5.98 2.31 9.32
CA GLU A 9 -6.39 1.36 10.35
C GLU A 9 -5.69 1.70 11.67
N TYR A 10 -4.36 1.69 11.62
CA TYR A 10 -3.56 1.99 12.80
C TYR A 10 -2.68 3.21 12.58
N PRO A 11 -2.12 3.74 13.70
CA PRO A 11 -1.25 4.89 13.62
C PRO A 11 0.13 4.52 13.09
N PHE A 12 0.93 5.54 12.83
CA PHE A 12 2.27 5.33 12.31
C PHE A 12 3.07 4.40 13.23
N GLU A 13 3.16 4.80 14.49
CA GLU A 13 3.89 4.02 15.47
C GLU A 13 3.65 2.53 15.25
N LYS A 14 2.48 2.22 14.72
CA LYS A 14 2.12 0.83 14.45
C LYS A 14 2.73 0.40 13.10
N ARG A 15 2.50 1.24 12.10
CA ARG A 15 3.03 0.97 10.77
C ARG A 15 4.54 0.78 10.82
N LYS A 16 5.15 1.42 11.80
CA LYS A 16 6.59 1.33 11.97
C LYS A 16 6.94 0.05 12.73
N ALA A 17 6.17 -0.21 13.78
CA ALA A 17 6.38 -1.39 14.60
C ALA A 17 6.15 -2.64 13.74
N GLU A 18 5.28 -2.49 12.75
CA GLU A 18 4.96 -3.59 11.86
C GLU A 18 6.12 -3.86 10.91
N SER A 19 6.46 -2.82 10.14
CA SER A 19 7.55 -2.93 9.19
C SER A 19 8.84 -3.35 9.90
N GLU A 20 8.83 -3.18 11.21
CA GLU A 20 9.98 -3.54 12.02
C GLU A 20 10.14 -5.06 12.07
N ARG A 21 9.00 -5.74 12.04
CA ARG A 21 9.00 -7.19 12.09
C ARG A 21 9.07 -7.76 10.67
N ILE A 22 8.39 -7.08 9.76
CA ILE A 22 8.37 -7.50 8.37
C ILE A 22 9.80 -7.58 7.84
N ALA A 23 10.68 -6.85 8.50
CA ALA A 23 12.08 -6.83 8.10
C ALA A 23 12.75 -8.14 8.52
N ASP A 24 12.20 -8.74 9.57
CA ASP A 24 12.73 -10.00 10.07
C ASP A 24 12.01 -11.15 9.39
N ARG A 25 10.84 -10.85 8.85
CA ARG A 25 10.05 -11.86 8.17
C ARG A 25 10.41 -11.90 6.69
N PHE A 26 10.78 -10.75 6.15
CA PHE A 26 11.16 -10.65 4.76
C PHE A 26 12.13 -9.49 4.53
N PRO A 27 13.45 -9.80 4.72
CA PRO A 27 14.48 -8.80 4.54
C PRO A 27 14.72 -8.51 3.06
N ASN A 28 14.23 -9.43 2.23
CA ASN A 28 14.38 -9.28 0.79
C ASN A 28 13.03 -8.98 0.16
N ARG A 29 12.36 -7.99 0.74
CA ARG A 29 11.05 -7.59 0.25
C ARG A 29 10.97 -6.05 0.15
N ILE A 30 9.80 -5.58 -0.25
CA ILE A 30 9.58 -4.15 -0.38
C ILE A 30 8.13 -3.83 -0.01
N PRO A 31 7.96 -3.39 1.27
CA PRO A 31 6.64 -3.04 1.77
C PRO A 31 6.18 -1.70 1.20
N VAL A 32 5.02 -1.73 0.57
CA VAL A 32 4.44 -0.52 -0.01
C VAL A 32 2.97 -0.43 0.35
N ILE A 33 2.37 0.69 -0.01
CA ILE A 33 0.96 0.93 0.27
C ILE A 33 0.30 1.57 -0.94
N CYS A 34 -0.45 0.75 -1.68
CA CYS A 34 -1.14 1.23 -2.86
C CYS A 34 -2.36 2.04 -2.41
N GLU A 35 -2.46 3.25 -2.97
CA GLU A 35 -3.56 4.12 -2.63
C GLU A 35 -4.36 4.48 -3.89
N LYS A 36 -5.55 5.00 -3.68
CA LYS A 36 -6.42 5.38 -4.77
C LYS A 36 -6.76 6.87 -4.66
N ALA A 37 -6.24 7.63 -5.62
CA ALA A 37 -6.47 9.07 -5.63
C ALA A 37 -7.98 9.34 -5.52
N GLU A 38 -8.31 10.59 -5.24
CA GLU A 38 -9.69 10.99 -5.10
C GLU A 38 -10.24 11.49 -6.44
N LYS A 39 -9.47 12.37 -7.07
CA LYS A 39 -9.86 12.92 -8.36
C LYS A 39 -10.10 11.79 -9.35
N SER A 40 -9.47 10.65 -9.06
CA SER A 40 -9.61 9.49 -9.92
C SER A 40 -11.08 9.10 -10.05
N ASP A 41 -11.39 8.42 -11.14
CA ASP A 41 -12.76 7.99 -11.40
C ASP A 41 -12.81 6.46 -11.40
N ILE A 42 -11.74 5.86 -10.89
CA ILE A 42 -11.66 4.42 -10.82
C ILE A 42 -12.21 3.94 -9.47
N PRO A 43 -12.51 2.61 -9.41
CA PRO A 43 -13.04 2.03 -8.20
C PRO A 43 -11.95 1.86 -7.14
N GLU A 44 -12.25 2.32 -5.94
CA GLU A 44 -11.31 2.23 -4.83
C GLU A 44 -11.01 0.76 -4.52
N ILE A 45 -9.78 0.53 -4.10
CA ILE A 45 -9.35 -0.82 -3.76
C ILE A 45 -10.00 -1.24 -2.43
N ASP A 46 -9.80 -2.51 -2.10
CA ASP A 46 -10.37 -3.04 -0.87
C ASP A 46 -9.55 -2.53 0.33
N LYS A 47 -8.23 -2.60 0.18
CA LYS A 47 -7.34 -2.14 1.22
C LYS A 47 -6.01 -1.71 0.60
N ARG A 48 -5.26 -0.93 1.38
CA ARG A 48 -3.97 -0.44 0.91
C ARG A 48 -2.83 -1.15 1.65
N LYS A 49 -2.33 -2.21 1.03
CA LYS A 49 -1.25 -2.98 1.61
C LYS A 49 -0.67 -3.92 0.55
N TYR A 50 0.54 -3.59 0.11
CA TYR A 50 1.21 -4.39 -0.89
C TYR A 50 2.71 -4.51 -0.59
N LEU A 51 3.12 -5.73 -0.27
CA LEU A 51 4.52 -5.99 0.05
C LEU A 51 5.21 -6.60 -1.17
N VAL A 52 5.53 -5.74 -2.13
CA VAL A 52 6.18 -6.19 -3.35
C VAL A 52 7.63 -6.55 -3.04
N PRO A 53 8.20 -7.47 -3.87
CA PRO A 53 9.57 -7.92 -3.69
C PRO A 53 10.55 -6.85 -4.16
N ALA A 54 11.82 -7.15 -4.01
CA ALA A 54 12.88 -6.24 -4.42
C ALA A 54 13.27 -6.52 -5.87
N ASP A 55 12.37 -7.22 -6.56
CA ASP A 55 12.61 -7.57 -7.95
C ASP A 55 11.50 -6.99 -8.82
N LEU A 56 10.29 -7.04 -8.28
CA LEU A 56 9.14 -6.52 -9.00
C LEU A 56 9.35 -5.02 -9.29
N THR A 57 9.08 -4.66 -10.52
CA THR A 57 9.24 -3.26 -10.94
C THR A 57 7.92 -2.51 -10.77
N VAL A 58 7.92 -1.27 -11.24
CA VAL A 58 6.74 -0.43 -11.14
C VAL A 58 5.70 -0.90 -12.16
N GLY A 59 6.18 -1.22 -13.36
CA GLY A 59 5.31 -1.67 -14.42
C GLY A 59 4.84 -3.11 -14.17
N GLN A 60 5.40 -3.70 -13.11
CA GLN A 60 5.05 -5.07 -12.75
C GLN A 60 4.01 -5.07 -11.64
N PHE A 61 3.99 -3.97 -10.88
CA PHE A 61 3.05 -3.84 -9.78
C PHE A 61 1.67 -3.45 -10.29
N VAL A 62 1.67 -2.55 -11.26
CA VAL A 62 0.42 -2.08 -11.84
C VAL A 62 -0.42 -3.28 -12.30
N TYR A 63 0.29 -4.32 -12.71
CA TYR A 63 -0.36 -5.54 -13.17
C TYR A 63 -1.27 -6.12 -12.07
N VAL A 64 -0.85 -5.91 -10.84
CA VAL A 64 -1.60 -6.41 -9.69
C VAL A 64 -2.72 -5.43 -9.35
N ILE A 65 -2.36 -4.15 -9.32
CA ILE A 65 -3.31 -3.10 -9.01
C ILE A 65 -4.43 -3.12 -10.06
N ARG A 66 -4.07 -3.52 -11.26
CA ARG A 66 -5.03 -3.58 -12.35
C ARG A 66 -5.80 -4.91 -12.30
N LYS A 67 -5.42 -5.74 -11.34
CA LYS A 67 -6.07 -7.02 -11.18
C LYS A 67 -7.20 -6.89 -10.14
N ARG A 68 -6.85 -6.29 -9.01
CA ARG A 68 -7.82 -6.09 -7.95
C ARG A 68 -9.10 -5.47 -8.50
N ILE A 69 -8.96 -4.23 -8.96
CA ILE A 69 -10.11 -3.51 -9.51
C ILE A 69 -10.44 -4.09 -10.89
N MET A 70 -9.61 -5.02 -11.33
CA MET A 70 -9.81 -5.65 -12.62
C MET A 70 -10.18 -4.62 -13.69
N LEU A 71 -9.47 -3.50 -13.66
CA LEU A 71 -9.72 -2.43 -14.61
C LEU A 71 -9.74 -3.01 -16.02
N PRO A 72 -10.68 -2.48 -16.85
CA PRO A 72 -10.82 -2.93 -18.23
C PRO A 72 -9.69 -2.38 -19.10
N PRO A 73 -9.59 -2.95 -20.33
CA PRO A 73 -8.55 -2.53 -21.27
C PRO A 73 -8.91 -1.17 -21.89
N GLU A 74 -10.04 -0.64 -21.46
CA GLU A 74 -10.50 0.64 -21.97
C GLU A 74 -10.13 1.76 -20.99
N LYS A 75 -9.43 1.37 -19.94
CA LYS A 75 -9.01 2.33 -18.93
C LYS A 75 -7.49 2.23 -18.74
N ALA A 76 -6.98 3.04 -17.84
CA ALA A 76 -5.56 3.06 -17.55
C ALA A 76 -5.34 3.20 -16.04
N ILE A 77 -4.08 3.11 -15.65
CA ILE A 77 -3.73 3.22 -14.25
C ILE A 77 -2.25 3.60 -14.13
N PHE A 78 -2.00 4.65 -13.36
CA PHE A 78 -0.64 5.12 -13.15
C PHE A 78 -0.31 5.22 -11.65
N ILE A 79 0.85 4.71 -11.30
CA ILE A 79 1.29 4.74 -9.91
C ILE A 79 1.98 6.07 -9.63
N PHE A 80 1.53 6.73 -8.57
CA PHE A 80 2.09 8.01 -8.18
C PHE A 80 2.71 7.93 -6.78
N VAL A 81 3.99 8.22 -6.72
CA VAL A 81 4.71 8.19 -5.46
C VAL A 81 5.33 9.56 -5.19
N ASN A 82 4.73 10.28 -4.27
CA ASN A 82 5.20 11.60 -3.90
C ASN A 82 4.84 12.58 -5.02
N ASP A 83 3.70 12.34 -5.64
CA ASP A 83 3.22 13.20 -6.71
C ASP A 83 4.15 13.04 -7.92
N THR A 84 5.02 12.04 -7.83
CA THR A 84 5.97 11.78 -8.91
C THR A 84 5.78 10.36 -9.44
N LEU A 85 5.29 10.28 -10.67
CA LEU A 85 5.07 9.00 -11.30
C LEU A 85 6.40 8.39 -11.72
N PRO A 86 6.75 7.26 -11.05
CA PRO A 86 8.01 6.58 -11.34
C PRO A 86 7.93 5.82 -12.67
N PRO A 87 9.12 5.46 -13.20
CA PRO A 87 9.20 4.73 -14.45
C PRO A 87 8.82 3.26 -14.26
N THR A 88 9.14 2.46 -15.27
CA THR A 88 8.83 1.04 -15.23
C THR A 88 10.04 0.24 -14.76
N ALA A 89 11.21 0.73 -15.15
CA ALA A 89 12.46 0.08 -14.78
C ALA A 89 12.91 0.58 -13.40
N ALA A 90 11.99 1.26 -12.74
CA ALA A 90 12.28 1.80 -11.42
C ALA A 90 12.09 0.71 -10.37
N LEU A 91 12.88 -0.35 -10.50
CA LEU A 91 12.80 -1.46 -9.57
C LEU A 91 12.20 -0.98 -8.25
N MET A 92 11.05 -1.54 -7.92
CA MET A 92 10.36 -1.18 -6.69
C MET A 92 11.33 -1.19 -5.51
N SER A 93 12.40 -1.95 -5.67
CA SER A 93 13.41 -2.06 -4.62
C SER A 93 14.17 -0.74 -4.48
N ALA A 94 14.49 -0.15 -5.63
CA ALA A 94 15.21 1.10 -5.65
C ALA A 94 14.23 2.26 -5.43
N ILE A 95 12.95 1.91 -5.43
CA ILE A 95 11.90 2.91 -5.24
C ILE A 95 11.64 3.08 -3.74
N TYR A 96 11.48 1.94 -3.07
CA TYR A 96 11.23 1.95 -1.63
C TYR A 96 12.47 2.39 -0.87
N GLN A 97 13.56 2.55 -1.60
CA GLN A 97 14.83 2.96 -1.00
C GLN A 97 15.07 4.45 -1.26
N GLU A 98 14.24 5.02 -2.11
CA GLU A 98 14.35 6.43 -2.45
C GLU A 98 13.08 7.18 -2.05
N HIS A 99 12.07 6.40 -1.66
CA HIS A 99 10.79 6.98 -1.26
C HIS A 99 10.39 6.41 0.10
N LYS A 100 11.37 5.84 0.79
CA LYS A 100 11.13 5.26 2.10
C LYS A 100 10.54 6.32 3.02
N ASP A 101 9.89 5.84 4.07
CA ASP A 101 9.27 6.73 5.03
C ASP A 101 9.73 6.37 6.44
N LYS A 102 9.34 7.20 7.40
CA LYS A 102 9.71 6.97 8.78
C LYS A 102 9.15 5.63 9.25
N ASP A 103 8.03 5.26 8.65
CA ASP A 103 7.39 3.99 8.99
C ASP A 103 7.99 2.87 8.15
N GLY A 104 8.71 3.28 7.11
CA GLY A 104 9.35 2.31 6.22
C GLY A 104 8.40 1.90 5.09
N PHE A 105 7.13 1.73 5.47
CA PHE A 105 6.11 1.34 4.50
C PHE A 105 5.99 2.36 3.38
N LEU A 106 6.28 1.91 2.17
CA LEU A 106 6.21 2.78 1.01
C LEU A 106 4.77 3.27 0.83
N TYR A 107 4.64 4.35 0.08
CA TYR A 107 3.33 4.94 -0.17
C TYR A 107 3.18 5.35 -1.64
N VAL A 108 2.26 4.70 -2.32
CA VAL A 108 2.01 4.99 -3.72
C VAL A 108 0.54 5.39 -3.91
N THR A 109 0.22 5.78 -5.13
CA THR A 109 -1.14 6.19 -5.44
C THR A 109 -1.47 5.86 -6.91
N TYR A 110 -2.28 4.84 -7.09
CA TYR A 110 -2.67 4.42 -8.43
C TYR A 110 -4.00 5.06 -8.82
N SER A 111 -3.97 5.78 -9.94
CA SER A 111 -5.16 6.44 -10.44
C SER A 111 -5.26 6.24 -11.96
N GLY A 112 -6.50 6.31 -12.44
CA GLY A 112 -6.74 6.14 -13.87
C GLY A 112 -6.39 7.41 -14.64
N GLU A 113 -5.89 8.39 -13.91
CA GLU A 113 -5.52 9.65 -14.52
C GLU A 113 -4.04 9.95 -14.26
N ASN A 114 -3.35 10.38 -15.31
CA ASN A 114 -1.95 10.69 -15.22
C ASN A 114 -1.78 12.13 -14.74
N THR A 115 -2.48 12.45 -13.66
CA THR A 115 -2.43 13.79 -13.09
C THR A 115 -1.97 13.73 -11.63
N PHE A 116 -2.04 14.87 -10.97
CA PHE A 116 -1.65 14.96 -9.58
C PHE A 116 -2.85 15.26 -8.69
N GLY A 117 -3.40 14.20 -8.10
CA GLY A 117 -4.54 14.34 -7.22
C GLY A 117 -5.27 13.00 -7.06
N GLY B 1 -8.15 -11.66 18.45
CA GLY B 1 -9.50 -11.62 17.91
C GLY B 1 -9.77 -10.28 17.20
N PRO B 2 -10.77 -10.31 16.28
CA PRO B 2 -11.12 -9.12 15.53
C PRO B 2 -11.91 -8.15 16.41
N HIS B 3 -12.25 -7.01 15.82
CA HIS B 3 -13.00 -5.99 16.53
C HIS B 3 -13.80 -5.15 15.53
N MET B 4 -14.60 -4.24 16.07
CA MET B 4 -15.42 -3.37 15.24
C MET B 4 -15.05 -1.90 15.47
N ILE B 5 -15.41 -1.08 14.50
CA ILE B 5 -15.15 0.34 14.57
C ILE B 5 -16.46 1.12 14.59
N SER B 6 -16.40 2.31 15.15
CA SER B 6 -17.58 3.15 15.24
C SER B 6 -17.24 4.46 15.96
N GLY B 7 -17.95 5.51 15.59
CA GLY B 7 -17.73 6.82 16.19
C GLY B 7 -16.31 7.32 15.92
N LEU B 8 -16.22 8.59 15.59
CA LEU B 8 -14.93 9.20 15.30
C LEU B 8 -14.69 10.37 16.27
N SER B 9 -14.14 10.03 17.43
CA SER B 9 -13.85 11.03 18.44
C SER B 9 -12.34 11.20 18.62
N VAL B 10 -11.63 10.11 18.36
CA VAL B 10 -10.18 10.11 18.47
C VAL B 10 -9.58 9.22 17.39
N ILE B 11 -8.27 9.02 17.49
CA ILE B 11 -7.57 8.20 16.53
C ILE B 11 -8.20 6.80 16.49
N LYS B 12 -8.03 6.14 15.35
CA LYS B 12 -8.58 4.81 15.17
C LYS B 12 -7.44 3.79 15.23
N GLN B 13 -7.51 2.95 16.25
CA GLN B 13 -6.49 1.92 16.45
C GLN B 13 -7.15 0.53 16.44
N GLU B 14 -8.47 0.52 16.33
CA GLU B 14 -9.21 -0.72 16.30
C GLU B 14 -8.97 -1.46 14.99
N VAL B 15 -9.71 -2.55 14.82
CA VAL B 15 -9.58 -3.36 13.63
C VAL B 15 -10.92 -3.42 12.90
N GLU B 16 -10.89 -3.08 11.61
CA GLU B 16 -12.10 -3.09 10.81
C GLU B 16 -12.07 -4.26 9.83
N ARG B 17 -11.01 -4.31 9.03
CA ARG B 17 -10.85 -5.36 8.05
C ARG B 17 -9.60 -6.18 8.34
N LEU B 18 -8.81 -5.67 9.27
CA LEU B 18 -7.58 -6.35 9.65
C LEU B 18 -7.73 -6.90 11.08
N GLY B 19 -6.61 -7.40 11.60
CA GLY B 19 -6.61 -7.97 12.94
C GLY B 19 -5.30 -7.66 13.65
N ASN B 20 -5.07 -8.38 14.74
CA ASN B 20 -3.86 -8.20 15.53
C ASN B 20 -2.68 -8.00 14.59
N ASP B 21 -2.67 -8.79 13.51
CA ASP B 21 -1.61 -8.70 12.53
C ASP B 21 -2.14 -8.06 11.25
N VAL B 22 -1.48 -6.99 10.83
CA VAL B 22 -1.88 -6.29 9.63
C VAL B 22 -2.28 -7.30 8.55
N PHE B 23 -1.65 -8.46 8.62
CA PHE B 23 -1.94 -9.52 7.66
C PHE B 23 -2.83 -10.60 8.29
N GLU B 24 -4.13 -10.40 8.14
CA GLU B 24 -5.10 -11.33 8.67
C GLU B 24 -6.03 -11.82 7.56
N TRP B 25 -6.44 -10.89 6.71
CA TRP B 25 -7.32 -11.22 5.61
C TRP B 25 -6.56 -12.13 4.64
N GLU B 26 -7.29 -12.65 3.67
CA GLU B 26 -6.69 -13.53 2.68
C GLU B 26 -5.40 -12.92 2.13
N ASP B 27 -4.74 -13.68 1.27
CA ASP B 27 -3.50 -13.23 0.66
C ASP B 27 -2.60 -12.62 1.75
N ASP B 28 -2.48 -13.36 2.85
CA ASP B 28 -1.65 -12.91 3.95
C ASP B 28 -0.37 -12.28 3.41
N GLU B 29 0.48 -13.13 2.85
CA GLU B 29 1.74 -12.67 2.29
C GLU B 29 1.83 -13.03 0.82
N SER B 30 0.75 -13.62 0.31
CA SER B 30 0.69 -14.02 -1.08
C SER B 30 1.40 -12.99 -1.96
N ASP B 31 2.01 -13.48 -3.03
CA ASP B 31 2.72 -12.61 -3.94
C ASP B 31 1.72 -11.94 -4.89
N GLU B 32 0.45 -12.23 -4.65
CA GLU B 32 -0.61 -11.66 -5.47
C GLU B 32 -0.60 -10.13 -5.37
N ILE B 33 0.04 -9.64 -4.32
CA ILE B 33 0.14 -8.21 -4.10
C ILE B 33 1.42 -7.68 -4.74
N ALA B 34 1.81 -8.32 -5.83
CA ALA B 34 3.01 -7.94 -6.55
C ALA B 34 2.67 -6.82 -7.54
N HIS A 1 -16.83 7.27 2.13
CA HIS A 1 -16.29 8.56 1.75
C HIS A 1 -14.79 8.60 2.07
N MET A 2 -14.37 7.63 2.86
CA MET A 2 -12.97 7.54 3.25
C MET A 2 -12.11 6.98 2.11
N LYS A 3 -10.83 6.83 2.41
CA LYS A 3 -9.90 6.30 1.42
C LYS A 3 -8.99 5.26 2.09
N SER A 4 -8.43 5.66 3.22
CA SER A 4 -7.54 4.77 3.96
C SER A 4 -8.36 3.70 4.68
N THR A 5 -7.86 2.47 4.61
CA THR A 5 -8.53 1.36 5.25
C THR A 5 -7.56 0.59 6.14
N PHE A 6 -6.49 0.10 5.52
CA PHE A 6 -5.47 -0.64 6.24
C PHE A 6 -4.50 0.30 6.95
N LYS A 7 -4.53 1.55 6.52
CA LYS A 7 -3.66 2.56 7.11
C LYS A 7 -4.44 3.40 8.11
N SER A 8 -5.74 3.52 7.85
CA SER A 8 -6.61 4.28 8.72
C SER A 8 -7.01 3.44 9.92
N GLU A 9 -6.43 2.25 10.00
CA GLU A 9 -6.73 1.35 11.11
C GLU A 9 -5.89 1.73 12.34
N TYR A 10 -4.58 1.72 12.16
CA TYR A 10 -3.68 2.06 13.24
C TYR A 10 -2.80 3.25 12.86
N PRO A 11 -2.14 3.84 13.90
CA PRO A 11 -1.27 4.98 13.70
C PRO A 11 0.04 4.57 13.05
N PHE A 12 0.90 5.56 12.81
CA PHE A 12 2.18 5.30 12.20
C PHE A 12 3.10 4.53 13.15
N GLU A 13 3.10 4.96 14.41
CA GLU A 13 3.92 4.31 15.42
C GLU A 13 3.58 2.83 15.52
N LYS A 14 2.42 2.48 14.96
CA LYS A 14 1.97 1.10 14.98
C LYS A 14 2.38 0.42 13.67
N ARG A 15 2.08 1.09 12.57
CA ARG A 15 2.42 0.56 11.26
C ARG A 15 3.93 0.44 11.10
N LYS A 16 4.65 1.24 11.87
CA LYS A 16 6.10 1.23 11.82
C LYS A 16 6.61 -0.03 12.53
N ALA A 17 6.01 -0.31 13.68
CA ALA A 17 6.41 -1.47 14.46
C ALA A 17 6.25 -2.73 13.60
N GLU A 18 5.41 -2.61 12.58
CA GLU A 18 5.16 -3.73 11.67
C GLU A 18 6.37 -3.96 10.77
N SER A 19 6.87 -2.88 10.20
CA SER A 19 8.02 -2.94 9.33
C SER A 19 9.27 -3.32 10.13
N GLU A 20 9.12 -3.27 11.44
CA GLU A 20 10.23 -3.61 12.33
C GLU A 20 10.40 -5.13 12.41
N ARG A 21 9.30 -5.84 12.17
CA ARG A 21 9.32 -7.29 12.21
C ARG A 21 9.37 -7.86 10.79
N ILE A 22 8.72 -7.15 9.88
CA ILE A 22 8.67 -7.57 8.49
C ILE A 22 10.10 -7.64 7.94
N ALA A 23 10.98 -6.92 8.59
CA ALA A 23 12.38 -6.89 8.18
C ALA A 23 13.08 -8.16 8.66
N ASP A 24 12.49 -8.77 9.68
CA ASP A 24 13.04 -9.99 10.24
C ASP A 24 12.32 -11.19 9.63
N ARG A 25 11.21 -10.90 8.98
CA ARG A 25 10.42 -11.96 8.34
C ARG A 25 10.75 -12.04 6.85
N PHE A 26 10.52 -10.92 6.17
CA PHE A 26 10.79 -10.85 4.73
C PHE A 26 11.69 -9.67 4.41
N PRO A 27 13.03 -9.91 4.54
CA PRO A 27 14.01 -8.88 4.25
C PRO A 27 14.14 -8.65 2.75
N ASN A 28 13.86 -9.70 1.99
CA ASN A 28 13.95 -9.63 0.54
C ASN A 28 12.59 -9.23 -0.03
N ARG A 29 11.91 -8.35 0.70
CA ARG A 29 10.60 -7.88 0.28
C ARG A 29 10.61 -6.36 0.16
N ILE A 30 9.48 -5.83 -0.31
CA ILE A 30 9.33 -4.40 -0.48
C ILE A 30 7.90 -3.99 -0.16
N PRO A 31 7.70 -3.54 1.12
CA PRO A 31 6.38 -3.12 1.56
C PRO A 31 6.03 -1.75 0.98
N VAL A 32 4.75 -1.61 0.64
CA VAL A 32 4.26 -0.36 0.07
C VAL A 32 2.74 -0.31 0.19
N ILE A 33 2.23 0.90 0.38
CA ILE A 33 0.80 1.10 0.52
C ILE A 33 0.28 1.88 -0.70
N CYS A 34 -0.55 1.21 -1.47
CA CYS A 34 -1.13 1.83 -2.67
C CYS A 34 -2.43 2.53 -2.26
N GLU A 35 -2.67 3.66 -2.89
CA GLU A 35 -3.88 4.43 -2.62
C GLU A 35 -4.55 4.86 -3.92
N LYS A 36 -5.86 5.07 -3.83
CA LYS A 36 -6.63 5.48 -4.98
C LYS A 36 -6.84 6.99 -4.94
N ALA A 37 -6.45 7.64 -6.03
CA ALA A 37 -6.60 9.09 -6.14
C ALA A 37 -8.08 9.45 -6.03
N GLU A 38 -8.32 10.57 -5.35
CA GLU A 38 -9.69 11.04 -5.17
C GLU A 38 -10.27 11.50 -6.50
N LYS A 39 -9.54 12.38 -7.17
CA LYS A 39 -9.97 12.89 -8.46
C LYS A 39 -10.24 11.73 -9.41
N SER A 40 -9.42 10.69 -9.28
CA SER A 40 -9.55 9.52 -10.12
C SER A 40 -11.03 9.19 -10.33
N ASP A 41 -11.29 8.49 -11.41
CA ASP A 41 -12.66 8.11 -11.75
C ASP A 41 -12.78 6.59 -11.72
N ILE A 42 -11.73 5.95 -11.20
CA ILE A 42 -11.71 4.50 -11.11
C ILE A 42 -12.26 4.07 -9.75
N PRO A 43 -12.61 2.76 -9.66
CA PRO A 43 -13.15 2.21 -8.43
C PRO A 43 -12.05 2.03 -7.37
N GLU A 44 -12.33 2.55 -6.19
CA GLU A 44 -11.38 2.45 -5.09
C GLU A 44 -10.89 1.02 -4.94
N ILE A 45 -9.88 0.86 -4.10
CA ILE A 45 -9.31 -0.46 -3.85
C ILE A 45 -9.82 -1.00 -2.51
N ASP A 46 -9.65 -2.30 -2.33
CA ASP A 46 -10.10 -2.93 -1.11
C ASP A 46 -9.46 -2.23 0.10
N LYS A 47 -8.14 -2.24 0.11
CA LYS A 47 -7.40 -1.59 1.19
C LYS A 47 -6.07 -1.08 0.66
N ARG A 48 -5.31 -0.45 1.55
CA ARG A 48 -4.01 0.09 1.18
C ARG A 48 -2.90 -0.74 1.81
N LYS A 49 -2.42 -1.70 1.02
CA LYS A 49 -1.36 -2.58 1.49
C LYS A 49 -0.82 -3.38 0.30
N TYR A 50 0.48 -3.26 0.09
CA TYR A 50 1.13 -3.97 -1.00
C TYR A 50 2.59 -4.32 -0.65
N LEU A 51 2.83 -5.60 -0.46
CA LEU A 51 4.16 -6.08 -0.12
C LEU A 51 4.81 -6.69 -1.36
N VAL A 52 5.26 -5.81 -2.25
CA VAL A 52 5.90 -6.25 -3.47
C VAL A 52 7.33 -6.71 -3.16
N PRO A 53 7.83 -7.65 -4.01
CA PRO A 53 9.18 -8.17 -3.83
C PRO A 53 10.23 -7.15 -4.27
N ALA A 54 11.48 -7.56 -4.18
CA ALA A 54 12.59 -6.70 -4.55
C ALA A 54 12.95 -6.96 -6.02
N ASP A 55 12.03 -7.57 -6.73
CA ASP A 55 12.24 -7.88 -8.13
C ASP A 55 11.16 -7.19 -8.97
N LEU A 56 9.95 -7.17 -8.42
CA LEU A 56 8.83 -6.54 -9.12
C LEU A 56 9.16 -5.07 -9.37
N THR A 57 8.90 -4.64 -10.60
CA THR A 57 9.15 -3.27 -10.97
C THR A 57 7.86 -2.44 -10.91
N VAL A 58 7.96 -1.23 -11.43
CA VAL A 58 6.81 -0.33 -11.44
C VAL A 58 5.82 -0.78 -12.52
N GLY A 59 6.29 -0.72 -13.76
CA GLY A 59 5.47 -1.11 -14.89
C GLY A 59 4.90 -2.52 -14.69
N GLN A 60 5.53 -3.25 -13.79
CA GLN A 60 5.10 -4.61 -13.50
C GLN A 60 4.20 -4.63 -12.26
N PHE A 61 4.38 -3.62 -11.42
CA PHE A 61 3.60 -3.50 -10.20
C PHE A 61 2.14 -3.17 -10.52
N VAL A 62 1.95 -2.35 -11.54
CA VAL A 62 0.63 -1.96 -11.96
C VAL A 62 -0.20 -3.20 -12.28
N TYR A 63 0.41 -4.12 -13.00
CA TYR A 63 -0.25 -5.36 -13.38
C TYR A 63 -0.97 -5.98 -12.17
N VAL A 64 -0.45 -5.65 -10.99
CA VAL A 64 -1.04 -6.16 -9.76
C VAL A 64 -2.18 -5.25 -9.32
N ILE A 65 -1.97 -3.96 -9.53
CA ILE A 65 -2.98 -2.98 -9.16
C ILE A 65 -4.25 -3.20 -9.99
N ARG A 66 -4.03 -3.39 -11.29
CA ARG A 66 -5.14 -3.61 -12.21
C ARG A 66 -5.80 -4.97 -11.92
N LYS A 67 -5.15 -5.73 -11.04
CA LYS A 67 -5.66 -7.04 -10.68
C LYS A 67 -6.62 -6.90 -9.50
N ARG A 68 -6.23 -6.03 -8.57
CA ARG A 68 -7.04 -5.80 -7.38
C ARG A 68 -8.43 -5.30 -7.78
N ILE A 69 -8.45 -4.44 -8.79
CA ILE A 69 -9.70 -3.88 -9.27
C ILE A 69 -10.08 -4.56 -10.58
N MET A 70 -9.26 -5.52 -10.98
CA MET A 70 -9.50 -6.25 -12.21
C MET A 70 -9.96 -5.32 -13.33
N LEU A 71 -9.51 -4.07 -13.23
CA LEU A 71 -9.87 -3.07 -14.22
C LEU A 71 -9.63 -3.63 -15.62
N PRO A 72 -10.57 -3.30 -16.55
CA PRO A 72 -10.47 -3.76 -17.92
C PRO A 72 -9.40 -2.99 -18.67
N PRO A 73 -9.09 -3.48 -19.91
CA PRO A 73 -8.09 -2.84 -20.75
C PRO A 73 -8.64 -1.56 -21.37
N GLU A 74 -9.91 -1.29 -21.07
CA GLU A 74 -10.56 -0.11 -21.60
C GLU A 74 -10.25 1.11 -20.72
N LYS A 75 -9.47 0.86 -19.68
CA LYS A 75 -9.08 1.91 -18.76
C LYS A 75 -7.56 1.93 -18.61
N ALA A 76 -7.09 2.84 -17.77
CA ALA A 76 -5.66 2.97 -17.53
C ALA A 76 -5.42 3.19 -16.04
N ILE A 77 -4.16 2.98 -15.64
CA ILE A 77 -3.79 3.16 -14.25
C ILE A 77 -2.30 3.49 -14.16
N PHE A 78 -2.00 4.48 -13.35
CA PHE A 78 -0.62 4.91 -13.17
C PHE A 78 -0.28 5.10 -11.69
N ILE A 79 0.88 4.58 -11.31
CA ILE A 79 1.32 4.68 -9.93
C ILE A 79 2.06 6.01 -9.72
N PHE A 80 1.55 6.79 -8.79
CA PHE A 80 2.13 8.09 -8.49
C PHE A 80 2.74 8.10 -7.09
N VAL A 81 4.02 8.45 -7.04
CA VAL A 81 4.74 8.50 -5.77
C VAL A 81 5.25 9.92 -5.54
N ASN A 82 4.63 10.59 -4.58
CA ASN A 82 5.01 11.95 -4.25
C ASN A 82 4.59 12.88 -5.38
N ASP A 83 3.67 12.39 -6.20
CA ASP A 83 3.17 13.17 -7.32
C ASP A 83 4.16 13.09 -8.47
N THR A 84 4.90 11.98 -8.50
CA THR A 84 5.89 11.77 -9.54
C THR A 84 5.82 10.33 -10.06
N LEU A 85 5.43 10.21 -11.32
CA LEU A 85 5.31 8.90 -11.93
C LEU A 85 6.71 8.35 -12.24
N PRO A 86 7.07 7.26 -11.53
CA PRO A 86 8.37 6.64 -11.71
C PRO A 86 8.42 5.85 -13.02
N PRO A 87 9.66 5.41 -13.38
CA PRO A 87 9.86 4.64 -14.60
C PRO A 87 9.35 3.21 -14.44
N THR A 88 9.69 2.38 -15.42
CA THR A 88 9.27 0.99 -15.40
C THR A 88 10.36 0.12 -14.77
N ALA A 89 11.60 0.52 -15.01
CA ALA A 89 12.74 -0.21 -14.48
C ALA A 89 13.02 0.25 -13.05
N ALA A 90 12.09 1.04 -12.53
CA ALA A 90 12.22 1.57 -11.18
C ALA A 90 11.88 0.47 -10.18
N LEU A 91 12.67 -0.60 -10.24
CA LEU A 91 12.45 -1.74 -9.35
C LEU A 91 11.85 -1.23 -8.03
N MET A 92 10.64 -1.70 -7.76
CA MET A 92 9.94 -1.32 -6.54
C MET A 92 10.92 -1.16 -5.38
N SER A 93 11.98 -1.96 -5.42
CA SER A 93 12.99 -1.93 -4.37
C SER A 93 13.69 -0.57 -4.37
N ALA A 94 14.25 -0.23 -5.52
CA ALA A 94 14.96 1.03 -5.67
C ALA A 94 13.99 2.19 -5.42
N ILE A 95 12.70 1.85 -5.44
CA ILE A 95 11.67 2.84 -5.21
C ILE A 95 11.36 2.92 -3.72
N TYR A 96 11.37 1.76 -3.09
CA TYR A 96 11.10 1.67 -1.66
C TYR A 96 12.31 2.07 -0.83
N GLN A 97 13.40 2.34 -1.54
CA GLN A 97 14.63 2.74 -0.88
C GLN A 97 14.86 4.24 -1.05
N GLU A 98 14.04 4.84 -1.91
CA GLU A 98 14.14 6.27 -2.17
C GLU A 98 12.83 6.96 -1.80
N HIS A 99 11.84 6.16 -1.46
CA HIS A 99 10.54 6.69 -1.09
C HIS A 99 10.14 6.17 0.30
N LYS A 100 11.13 5.58 0.97
CA LYS A 100 10.90 5.04 2.29
C LYS A 100 10.58 6.18 3.26
N ASP A 101 9.87 5.84 4.32
CA ASP A 101 9.48 6.82 5.32
C ASP A 101 10.05 6.40 6.69
N LYS A 102 9.85 7.27 7.66
CA LYS A 102 10.33 7.01 9.01
C LYS A 102 9.92 5.59 9.42
N ASP A 103 8.72 5.22 9.02
CA ASP A 103 8.20 3.90 9.35
C ASP A 103 8.87 2.86 8.43
N GLY A 104 9.24 3.31 7.24
CA GLY A 104 9.87 2.44 6.28
C GLY A 104 8.91 2.05 5.16
N PHE A 105 7.66 1.81 5.55
CA PHE A 105 6.63 1.44 4.60
C PHE A 105 6.53 2.47 3.48
N LEU A 106 6.28 1.97 2.27
CA LEU A 106 6.15 2.84 1.12
C LEU A 106 4.70 3.34 1.02
N TYR A 107 4.54 4.41 0.26
CA TYR A 107 3.22 5.00 0.08
C TYR A 107 3.07 5.57 -1.33
N VAL A 108 2.27 4.87 -2.13
CA VAL A 108 2.02 5.29 -3.50
C VAL A 108 0.53 5.61 -3.68
N THR A 109 0.19 6.01 -4.89
CA THR A 109 -1.19 6.34 -5.20
C THR A 109 -1.47 6.11 -6.69
N TYR A 110 -2.31 5.13 -6.96
CA TYR A 110 -2.67 4.80 -8.32
C TYR A 110 -3.97 5.48 -8.73
N SER A 111 -3.94 6.10 -9.90
CA SER A 111 -5.11 6.79 -10.42
C SER A 111 -5.36 6.38 -11.87
N GLY A 112 -6.62 6.47 -12.26
CA GLY A 112 -7.01 6.12 -13.61
C GLY A 112 -6.31 7.00 -14.64
N GLU A 113 -6.31 8.29 -14.36
CA GLU A 113 -5.68 9.25 -15.25
C GLU A 113 -4.22 9.46 -14.85
N ASN A 114 -3.45 9.98 -15.78
CA ASN A 114 -2.03 10.24 -15.55
C ASN A 114 -1.86 11.63 -14.96
N THR A 115 -2.72 11.94 -13.99
CA THR A 115 -2.67 13.24 -13.33
C THR A 115 -2.37 13.07 -11.84
N PHE A 116 -2.45 14.18 -11.12
CA PHE A 116 -2.19 14.17 -9.69
C PHE A 116 -3.48 14.44 -8.90
N GLY A 117 -4.10 13.36 -8.45
CA GLY A 117 -5.34 13.47 -7.70
C GLY A 117 -5.45 12.32 -6.68
N GLY B 1 -16.97 -13.21 17.79
CA GLY B 1 -18.37 -12.96 17.52
C GLY B 1 -18.83 -11.65 18.15
N PRO B 2 -18.82 -11.62 19.51
CA PRO B 2 -19.23 -10.43 20.24
C PRO B 2 -18.15 -9.35 20.17
N HIS B 3 -18.46 -8.21 20.77
CA HIS B 3 -17.53 -7.09 20.79
C HIS B 3 -17.17 -6.75 22.23
N MET B 4 -15.93 -6.32 22.42
CA MET B 4 -15.45 -5.94 23.74
C MET B 4 -14.82 -4.56 23.73
N ILE B 5 -15.20 -3.77 22.74
CA ILE B 5 -14.68 -2.42 22.60
C ILE B 5 -15.07 -1.61 23.83
N SER B 6 -14.07 -1.30 24.64
CA SER B 6 -14.29 -0.53 25.86
C SER B 6 -12.95 -0.24 26.55
N GLY B 7 -12.63 1.04 26.62
CA GLY B 7 -11.39 1.47 27.25
C GLY B 7 -10.66 2.49 26.39
N LEU B 8 -9.78 1.98 25.54
CA LEU B 8 -9.01 2.84 24.65
C LEU B 8 -9.91 3.94 24.12
N SER B 9 -9.51 5.18 24.41
CA SER B 9 -10.28 6.33 23.97
C SER B 9 -9.59 6.98 22.76
N VAL B 10 -8.30 6.74 22.66
CA VAL B 10 -7.51 7.29 21.57
C VAL B 10 -7.98 6.67 20.24
N ILE B 11 -7.27 6.98 19.18
CA ILE B 11 -7.59 6.46 17.87
C ILE B 11 -8.01 5.00 17.99
N LYS B 12 -9.13 4.68 17.35
CA LYS B 12 -9.64 3.32 17.39
C LYS B 12 -8.61 2.37 16.75
N GLN B 13 -7.81 1.77 17.60
CA GLN B 13 -6.78 0.85 17.14
C GLN B 13 -7.38 -0.54 16.92
N GLU B 14 -8.67 -0.65 17.21
CA GLU B 14 -9.37 -1.91 17.05
C GLU B 14 -9.03 -2.53 15.69
N VAL B 15 -9.50 -3.75 15.50
CA VAL B 15 -9.27 -4.47 14.27
C VAL B 15 -10.59 -4.66 13.53
N GLU B 16 -11.03 -3.60 12.88
CA GLU B 16 -12.28 -3.63 12.13
C GLU B 16 -12.38 -4.93 11.32
N ARG B 17 -11.37 -5.15 10.48
CA ARG B 17 -11.34 -6.34 9.65
C ARG B 17 -9.96 -6.99 9.71
N LEU B 18 -8.95 -6.15 9.62
CA LEU B 18 -7.58 -6.63 9.67
C LEU B 18 -6.84 -5.94 10.82
N GLY B 19 -6.04 -6.74 11.52
CA GLY B 19 -5.27 -6.22 12.64
C GLY B 19 -4.30 -7.27 13.19
N ASN B 20 -4.78 -8.52 13.20
CA ASN B 20 -3.98 -9.62 13.68
C ASN B 20 -2.68 -9.70 12.87
N ASP B 21 -1.59 -9.28 13.50
CA ASP B 21 -0.30 -9.31 12.85
C ASP B 21 -0.34 -8.42 11.60
N VAL B 22 -1.25 -7.46 11.63
CA VAL B 22 -1.41 -6.55 10.51
C VAL B 22 -1.76 -7.34 9.25
N PHE B 23 -2.21 -8.57 9.48
CA PHE B 23 -2.60 -9.44 8.38
C PHE B 23 -3.35 -10.67 8.88
N GLU B 24 -4.60 -10.76 8.46
CA GLU B 24 -5.44 -11.89 8.87
C GLU B 24 -6.10 -12.52 7.64
N TRP B 25 -6.56 -11.66 6.75
CA TRP B 25 -7.21 -12.12 5.53
C TRP B 25 -6.18 -12.92 4.71
N GLU B 26 -6.70 -13.69 3.78
CA GLU B 26 -5.84 -14.50 2.92
C GLU B 26 -4.86 -13.60 2.16
N ASP B 27 -4.11 -14.22 1.27
CA ASP B 27 -3.12 -13.50 0.47
C ASP B 27 -2.08 -12.89 1.40
N ASP B 28 -1.53 -13.73 2.27
CA ASP B 28 -0.53 -13.29 3.21
C ASP B 28 0.64 -12.67 2.44
N GLU B 29 1.32 -13.51 1.68
CA GLU B 29 2.46 -13.06 0.89
C GLU B 29 2.16 -13.18 -0.60
N SER B 30 0.93 -13.59 -0.89
CA SER B 30 0.50 -13.76 -2.27
C SER B 30 1.11 -12.66 -3.14
N ASP B 31 1.23 -12.98 -4.43
CA ASP B 31 1.80 -12.04 -5.38
C ASP B 31 0.70 -11.09 -5.87
N GLU B 32 -0.45 -11.19 -5.23
CA GLU B 32 -1.59 -10.36 -5.59
C GLU B 32 -1.36 -8.93 -5.12
N ILE B 33 -0.32 -8.75 -4.33
CA ILE B 33 0.02 -7.43 -3.81
C ILE B 33 1.34 -6.96 -4.43
N ALA B 34 1.73 -7.64 -5.51
CA ALA B 34 2.96 -7.30 -6.20
C ALA B 34 2.69 -6.17 -7.19
N HIS A 1 -17.11 7.50 7.58
CA HIS A 1 -16.99 7.90 6.19
C HIS A 1 -15.51 8.01 5.82
N MET A 2 -14.80 6.92 6.07
CA MET A 2 -13.37 6.88 5.77
C MET A 2 -13.13 6.38 4.34
N LYS A 3 -11.86 6.18 4.02
CA LYS A 3 -11.48 5.72 2.71
C LYS A 3 -10.43 4.61 2.83
N SER A 4 -9.35 4.94 3.54
CA SER A 4 -8.28 3.98 3.74
C SER A 4 -8.78 2.82 4.60
N THR A 5 -7.90 1.83 4.75
CA THR A 5 -8.23 0.66 5.54
C THR A 5 -7.05 0.26 6.42
N PHE A 6 -6.07 -0.39 5.80
CA PHE A 6 -4.89 -0.84 6.52
C PHE A 6 -4.33 0.29 7.38
N LYS A 7 -4.67 1.52 7.01
CA LYS A 7 -4.20 2.68 7.73
C LYS A 7 -5.26 3.08 8.78
N SER A 8 -6.50 2.83 8.44
CA SER A 8 -7.60 3.16 9.33
C SER A 8 -7.76 2.07 10.39
N GLU A 9 -6.82 1.13 10.36
CA GLU A 9 -6.84 0.03 11.32
C GLU A 9 -6.13 0.44 12.61
N TYR A 10 -4.84 0.72 12.48
CA TYR A 10 -4.04 1.13 13.62
C TYR A 10 -3.31 2.44 13.33
N PRO A 11 -2.63 2.96 14.38
CA PRO A 11 -1.88 4.20 14.26
C PRO A 11 -0.58 3.98 13.49
N PHE A 12 -0.17 5.00 12.76
CA PHE A 12 1.06 4.93 11.98
C PHE A 12 2.11 4.08 12.70
N GLU A 13 2.41 4.47 13.93
CA GLU A 13 3.39 3.76 14.72
C GLU A 13 3.22 2.25 14.54
N LYS A 14 2.02 1.79 14.85
CA LYS A 14 1.71 0.37 14.74
C LYS A 14 2.40 -0.20 13.51
N ARG A 15 2.37 0.58 12.43
CA ARG A 15 2.99 0.17 11.19
C ARG A 15 4.51 0.17 11.32
N LYS A 16 5.02 1.28 11.81
CA LYS A 16 6.46 1.43 11.99
C LYS A 16 7.01 0.16 12.67
N ALA A 17 6.25 -0.32 13.64
CA ALA A 17 6.66 -1.52 14.37
C ALA A 17 6.59 -2.72 13.44
N GLU A 18 5.60 -2.70 12.55
CA GLU A 18 5.41 -3.79 11.61
C GLU A 18 6.59 -3.85 10.64
N SER A 19 6.85 -2.71 9.99
CA SER A 19 7.94 -2.63 9.04
C SER A 19 9.26 -3.02 9.71
N GLU A 20 9.28 -2.88 11.03
CA GLU A 20 10.46 -3.22 11.80
C GLU A 20 10.63 -4.73 11.87
N ARG A 21 9.51 -5.43 11.89
CA ARG A 21 9.53 -6.88 11.96
C ARG A 21 9.51 -7.47 10.54
N ILE A 22 8.98 -6.69 9.61
CA ILE A 22 8.90 -7.13 8.23
C ILE A 22 10.31 -7.42 7.71
N ALA A 23 11.29 -6.84 8.38
CA ALA A 23 12.68 -7.04 7.99
C ALA A 23 13.15 -8.39 8.51
N ASP A 24 12.49 -8.86 9.56
CA ASP A 24 12.84 -10.14 10.16
C ASP A 24 12.05 -11.25 9.45
N ARG A 25 10.92 -10.86 8.88
CA ARG A 25 10.08 -11.82 8.18
C ARG A 25 10.37 -11.78 6.68
N PHE A 26 10.12 -10.62 6.10
CA PHE A 26 10.35 -10.43 4.67
C PHE A 26 11.40 -9.35 4.42
N PRO A 27 12.69 -9.76 4.60
CA PRO A 27 13.79 -8.84 4.39
C PRO A 27 14.04 -8.60 2.91
N ASN A 28 13.86 -9.65 2.12
CA ASN A 28 14.06 -9.57 0.69
C ASN A 28 12.73 -9.18 0.02
N ARG A 29 12.03 -8.27 0.67
CA ARG A 29 10.76 -7.80 0.15
C ARG A 29 10.72 -6.27 0.11
N ILE A 30 9.58 -5.75 -0.33
CA ILE A 30 9.42 -4.31 -0.43
C ILE A 30 7.99 -3.94 -0.01
N PRO A 31 7.87 -3.49 1.27
CA PRO A 31 6.57 -3.10 1.80
C PRO A 31 6.13 -1.74 1.24
N VAL A 32 4.98 -1.76 0.58
CA VAL A 32 4.43 -0.55 0.00
C VAL A 32 2.93 -0.46 0.31
N ILE A 33 2.36 0.67 -0.05
CA ILE A 33 0.94 0.89 0.18
C ILE A 33 0.30 1.50 -1.07
N CYS A 34 -0.40 0.64 -1.80
CA CYS A 34 -1.07 1.07 -3.02
C CYS A 34 -2.45 1.62 -2.66
N GLU A 35 -2.74 2.80 -3.18
CA GLU A 35 -4.02 3.44 -2.92
C GLU A 35 -4.48 4.21 -4.15
N LYS A 36 -5.76 4.53 -4.16
CA LYS A 36 -6.35 5.26 -5.27
C LYS A 36 -6.52 6.73 -4.87
N ALA A 37 -6.09 7.61 -5.76
CA ALA A 37 -6.19 9.04 -5.52
C ALA A 37 -7.66 9.42 -5.32
N GLU A 38 -7.88 10.69 -5.04
CA GLU A 38 -9.23 11.20 -4.82
C GLU A 38 -9.77 11.82 -6.12
N LYS A 39 -8.97 12.70 -6.70
CA LYS A 39 -9.36 13.37 -7.93
C LYS A 39 -9.74 12.32 -8.98
N SER A 40 -9.00 11.21 -8.95
CA SER A 40 -9.25 10.13 -9.88
C SER A 40 -10.74 9.81 -9.94
N ASP A 41 -11.13 9.08 -10.98
CA ASP A 41 -12.52 8.71 -11.16
C ASP A 41 -12.61 7.20 -11.37
N ILE A 42 -11.59 6.50 -10.89
CA ILE A 42 -11.54 5.05 -11.01
C ILE A 42 -12.01 4.41 -9.70
N PRO A 43 -12.29 3.08 -9.78
CA PRO A 43 -12.74 2.34 -8.62
C PRO A 43 -11.58 2.09 -7.64
N GLU A 44 -11.68 2.74 -6.49
CA GLU A 44 -10.65 2.59 -5.47
C GLU A 44 -10.52 1.12 -5.05
N ILE A 45 -9.42 0.83 -4.40
CA ILE A 45 -9.16 -0.53 -3.93
C ILE A 45 -9.87 -0.76 -2.60
N ASP A 46 -9.89 -2.01 -2.19
CA ASP A 46 -10.54 -2.38 -0.93
C ASP A 46 -9.69 -1.86 0.24
N LYS A 47 -8.40 -2.13 0.15
CA LYS A 47 -7.48 -1.71 1.19
C LYS A 47 -6.15 -1.29 0.55
N ARG A 48 -5.37 -0.55 1.32
CA ARG A 48 -4.07 -0.10 0.85
C ARG A 48 -2.95 -0.84 1.55
N LYS A 49 -2.48 -1.89 0.90
CA LYS A 49 -1.41 -2.70 1.46
C LYS A 49 -0.88 -3.65 0.37
N TYR A 50 0.41 -3.54 0.11
CA TYR A 50 1.06 -4.38 -0.89
C TYR A 50 2.50 -4.70 -0.49
N LEU A 51 2.83 -5.97 -0.59
CA LEU A 51 4.17 -6.43 -0.26
C LEU A 51 4.88 -6.90 -1.52
N VAL A 52 5.34 -5.93 -2.30
CA VAL A 52 6.04 -6.22 -3.54
C VAL A 52 7.48 -6.63 -3.23
N PRO A 53 8.03 -7.53 -4.08
CA PRO A 53 9.39 -8.00 -3.91
C PRO A 53 10.40 -6.93 -4.33
N ALA A 54 11.67 -7.25 -4.15
CA ALA A 54 12.74 -6.33 -4.50
C ALA A 54 13.17 -6.59 -5.94
N ASP A 55 12.29 -7.27 -6.68
CA ASP A 55 12.57 -7.59 -8.06
C ASP A 55 11.49 -6.95 -8.95
N LEU A 56 10.27 -6.98 -8.45
CA LEU A 56 9.15 -6.41 -9.19
C LEU A 56 9.44 -4.94 -9.48
N THR A 57 9.10 -4.53 -10.71
CA THR A 57 9.32 -3.16 -11.12
C THR A 57 8.04 -2.34 -10.95
N VAL A 58 7.96 -1.25 -11.69
CA VAL A 58 6.81 -0.37 -11.63
C VAL A 58 5.75 -0.86 -12.61
N GLY A 59 6.21 -1.26 -13.79
CA GLY A 59 5.32 -1.75 -14.82
C GLY A 59 4.80 -3.15 -14.48
N GLN A 60 5.36 -3.70 -13.41
CA GLN A 60 4.98 -5.04 -12.98
C GLN A 60 3.96 -4.94 -11.83
N PHE A 61 4.02 -3.82 -11.13
CA PHE A 61 3.12 -3.59 -10.01
C PHE A 61 1.73 -3.18 -10.50
N VAL A 62 1.72 -2.17 -11.36
CA VAL A 62 0.47 -1.67 -11.91
C VAL A 62 -0.44 -2.86 -12.25
N TYR A 63 0.17 -3.93 -12.70
CA TYR A 63 -0.57 -5.12 -13.07
C TYR A 63 -1.41 -5.63 -11.88
N VAL A 64 -0.72 -5.81 -10.76
CA VAL A 64 -1.38 -6.29 -9.55
C VAL A 64 -2.47 -5.30 -9.15
N ILE A 65 -2.16 -4.02 -9.32
CA ILE A 65 -3.11 -2.97 -8.98
C ILE A 65 -4.30 -3.04 -9.93
N ARG A 66 -4.02 -3.42 -11.16
CA ARG A 66 -5.06 -3.53 -12.17
C ARG A 66 -5.81 -4.85 -12.02
N LYS A 67 -5.33 -5.66 -11.08
CA LYS A 67 -5.95 -6.94 -10.83
C LYS A 67 -7.06 -6.79 -9.78
N ARG A 68 -6.72 -6.06 -8.72
CA ARG A 68 -7.67 -5.82 -7.65
C ARG A 68 -8.98 -5.26 -8.21
N ILE A 69 -8.86 -4.11 -8.87
CA ILE A 69 -10.01 -3.47 -9.46
C ILE A 69 -10.35 -4.14 -10.78
N MET A 70 -9.50 -5.08 -11.18
CA MET A 70 -9.70 -5.80 -12.42
C MET A 70 -10.13 -4.86 -13.54
N LEU A 71 -9.45 -3.72 -13.61
CA LEU A 71 -9.77 -2.73 -14.63
C LEU A 71 -9.53 -3.33 -16.01
N PRO A 72 -10.44 -2.99 -16.96
CA PRO A 72 -10.34 -3.50 -18.32
C PRO A 72 -9.23 -2.77 -19.08
N PRO A 73 -8.91 -3.32 -20.29
CA PRO A 73 -7.88 -2.74 -21.12
C PRO A 73 -8.38 -1.46 -21.80
N GLU A 74 -9.63 -1.12 -21.52
CA GLU A 74 -10.23 0.07 -22.09
C GLU A 74 -10.02 1.26 -21.16
N LYS A 75 -9.28 1.02 -20.08
CA LYS A 75 -9.00 2.06 -19.12
C LYS A 75 -7.48 2.23 -18.99
N ALA A 76 -7.08 3.14 -18.12
CA ALA A 76 -5.68 3.41 -17.90
C ALA A 76 -5.43 3.60 -16.40
N ILE A 77 -4.24 3.19 -15.97
CA ILE A 77 -3.87 3.31 -14.57
C ILE A 77 -2.39 3.66 -14.46
N PHE A 78 -2.12 4.79 -13.83
CA PHE A 78 -0.75 5.23 -13.66
C PHE A 78 -0.42 5.42 -12.18
N ILE A 79 0.81 5.02 -11.82
CA ILE A 79 1.26 5.13 -10.45
C ILE A 79 1.82 6.54 -10.21
N PHE A 80 1.68 6.99 -8.97
CA PHE A 80 2.17 8.31 -8.61
C PHE A 80 2.83 8.29 -7.23
N VAL A 81 4.06 8.78 -7.18
CA VAL A 81 4.81 8.82 -5.93
C VAL A 81 5.35 10.23 -5.72
N ASN A 82 4.88 10.86 -4.65
CA ASN A 82 5.32 12.21 -4.32
C ASN A 82 4.88 13.16 -5.43
N ASP A 83 3.88 12.72 -6.20
CA ASP A 83 3.37 13.53 -7.28
C ASP A 83 4.28 13.37 -8.51
N THR A 84 4.97 12.24 -8.55
CA THR A 84 5.87 11.96 -9.65
C THR A 84 5.64 10.55 -10.18
N LEU A 85 5.59 10.45 -11.50
CA LEU A 85 5.38 9.16 -12.15
C LEU A 85 6.72 8.51 -12.44
N PRO A 86 6.99 7.38 -11.73
CA PRO A 86 8.23 6.66 -11.90
C PRO A 86 8.23 5.87 -13.21
N PRO A 87 9.45 5.45 -13.64
CA PRO A 87 9.60 4.68 -14.86
C PRO A 87 9.13 3.23 -14.66
N THR A 88 9.50 2.39 -15.61
CA THR A 88 9.13 0.99 -15.56
C THR A 88 10.26 0.16 -14.94
N ALA A 89 11.48 0.61 -15.18
CA ALA A 89 12.64 -0.07 -14.65
C ALA A 89 12.93 0.43 -13.24
N ALA A 90 11.98 1.17 -12.70
CA ALA A 90 12.11 1.72 -11.36
C ALA A 90 11.88 0.60 -10.34
N LEU A 91 12.72 -0.41 -10.41
CA LEU A 91 12.62 -1.55 -9.50
C LEU A 91 12.02 -1.06 -8.17
N MET A 92 10.84 -1.58 -7.88
CA MET A 92 10.16 -1.21 -6.65
C MET A 92 11.15 -1.03 -5.49
N SER A 93 12.22 -1.82 -5.56
CA SER A 93 13.25 -1.76 -4.53
C SER A 93 13.90 -0.38 -4.52
N ALA A 94 14.42 0.01 -5.68
CA ALA A 94 15.07 1.30 -5.82
C ALA A 94 14.05 2.40 -5.57
N ILE A 95 12.78 2.01 -5.57
CA ILE A 95 11.70 2.96 -5.36
C ILE A 95 11.44 3.10 -3.86
N TYR A 96 11.48 1.96 -3.18
CA TYR A 96 11.25 1.94 -1.75
C TYR A 96 12.51 2.39 -0.98
N GLN A 97 13.58 2.58 -1.74
CA GLN A 97 14.83 3.01 -1.15
C GLN A 97 15.05 4.50 -1.37
N GLU A 98 14.20 5.08 -2.21
CA GLU A 98 14.27 6.49 -2.52
C GLU A 98 12.98 7.20 -2.13
N HIS A 99 12.00 6.39 -1.76
CA HIS A 99 10.70 6.92 -1.37
C HIS A 99 10.32 6.38 0.02
N LYS A 100 11.32 5.84 0.71
CA LYS A 100 11.10 5.29 2.03
C LYS A 100 10.58 6.38 2.96
N ASP A 101 9.89 5.94 4.00
CA ASP A 101 9.33 6.87 4.97
C ASP A 101 9.74 6.45 6.38
N LYS A 102 9.36 7.26 7.35
CA LYS A 102 9.70 6.99 8.74
C LYS A 102 9.29 5.55 9.08
N ASP A 103 8.00 5.28 8.88
CA ASP A 103 7.46 3.96 9.16
C ASP A 103 8.25 2.92 8.35
N GLY A 104 8.90 3.39 7.31
CA GLY A 104 9.68 2.51 6.45
C GLY A 104 8.84 1.99 5.29
N PHE A 105 7.53 1.95 5.53
CA PHE A 105 6.61 1.47 4.51
C PHE A 105 6.52 2.45 3.34
N LEU A 106 6.34 1.89 2.15
CA LEU A 106 6.24 2.70 0.95
C LEU A 106 4.78 3.13 0.75
N TYR A 107 4.62 4.35 0.28
CA TYR A 107 3.30 4.90 0.03
C TYR A 107 3.12 5.28 -1.44
N VAL A 108 2.56 4.35 -2.19
CA VAL A 108 2.32 4.58 -3.61
C VAL A 108 0.82 4.81 -3.85
N THR A 109 0.51 5.25 -5.06
CA THR A 109 -0.87 5.51 -5.42
C THR A 109 -1.07 5.34 -6.93
N TYR A 110 -2.31 5.11 -7.32
CA TYR A 110 -2.64 4.92 -8.72
C TYR A 110 -3.97 5.60 -9.05
N SER A 111 -4.01 6.19 -10.24
CA SER A 111 -5.21 6.87 -10.70
C SER A 111 -5.45 6.57 -12.17
N GLY A 112 -6.59 7.05 -12.67
CA GLY A 112 -6.95 6.85 -14.06
C GLY A 112 -6.36 7.94 -14.95
N GLU A 113 -5.61 8.84 -14.32
CA GLU A 113 -5.00 9.93 -15.04
C GLU A 113 -3.47 9.85 -14.94
N ASN A 114 -2.81 10.34 -15.98
CA ASN A 114 -1.36 10.32 -16.03
C ASN A 114 -0.83 11.65 -15.49
N THR A 115 -1.71 12.39 -14.82
CA THR A 115 -1.34 13.67 -14.26
C THR A 115 -1.87 13.80 -12.82
N PHE A 116 -1.73 14.99 -12.29
CA PHE A 116 -2.19 15.26 -10.93
C PHE A 116 -3.36 16.25 -10.93
N GLY A 117 -4.56 15.69 -10.86
CA GLY A 117 -5.76 16.50 -10.85
C GLY A 117 -7.01 15.64 -11.08
N GLY B 1 -18.07 -15.14 14.40
CA GLY B 1 -17.82 -14.95 15.82
C GLY B 1 -18.02 -13.49 16.22
N PRO B 2 -17.88 -13.23 17.54
CA PRO B 2 -18.04 -11.88 18.07
C PRO B 2 -16.83 -11.01 17.73
N HIS B 3 -17.12 -9.86 17.13
CA HIS B 3 -16.07 -8.92 16.75
C HIS B 3 -16.63 -7.50 16.72
N MET B 4 -15.72 -6.54 16.73
CA MET B 4 -16.11 -5.15 16.71
C MET B 4 -16.92 -4.77 17.96
N ILE B 5 -16.78 -5.61 18.98
CA ILE B 5 -17.48 -5.38 20.23
C ILE B 5 -16.96 -4.11 20.89
N SER B 6 -17.83 -3.11 20.96
CA SER B 6 -17.49 -1.84 21.56
C SER B 6 -18.71 -0.92 21.60
N GLY B 7 -18.63 0.07 22.48
CA GLY B 7 -19.72 1.02 22.63
C GLY B 7 -19.22 2.32 23.26
N LEU B 8 -17.94 2.58 23.08
CA LEU B 8 -17.33 3.79 23.62
C LEU B 8 -16.89 4.69 22.47
N SER B 9 -16.58 5.93 22.82
CA SER B 9 -16.13 6.90 21.84
C SER B 9 -15.21 6.22 20.81
N VAL B 10 -15.11 6.86 19.65
CA VAL B 10 -14.27 6.33 18.59
C VAL B 10 -12.97 7.12 18.54
N ILE B 11 -11.91 6.43 18.13
CA ILE B 11 -10.60 7.06 18.04
C ILE B 11 -9.98 6.72 16.67
N LYS B 12 -8.88 7.40 16.38
CA LYS B 12 -8.19 7.19 15.12
C LYS B 12 -7.72 5.74 15.04
N GLN B 13 -7.74 5.08 16.18
CA GLN B 13 -7.33 3.68 16.25
C GLN B 13 -8.44 2.77 15.73
N GLU B 14 -9.52 3.39 15.29
CA GLU B 14 -10.65 2.65 14.77
C GLU B 14 -10.18 1.52 13.85
N VAL B 15 -11.11 0.65 13.51
CA VAL B 15 -10.80 -0.46 12.63
C VAL B 15 -12.00 -0.76 11.74
N GLU B 16 -11.70 -1.33 10.58
CA GLU B 16 -12.75 -1.66 9.61
C GLU B 16 -12.95 -3.18 9.56
N ARG B 17 -12.22 -3.80 8.64
CA ARG B 17 -12.32 -5.25 8.47
C ARG B 17 -11.06 -5.92 9.03
N LEU B 18 -9.96 -5.18 9.01
CA LEU B 18 -8.70 -5.70 9.51
C LEU B 18 -8.63 -5.48 11.02
N GLY B 19 -8.39 -6.58 11.73
CA GLY B 19 -8.30 -6.53 13.18
C GLY B 19 -7.00 -7.19 13.67
N ASN B 20 -6.85 -8.46 13.34
CA ASN B 20 -5.67 -9.20 13.73
C ASN B 20 -4.42 -8.46 13.24
N ASP B 21 -3.29 -9.14 13.35
CA ASP B 21 -2.02 -8.57 12.93
C ASP B 21 -2.14 -8.09 11.49
N VAL B 22 -1.00 -7.68 10.94
CA VAL B 22 -0.97 -7.19 9.57
C VAL B 22 -1.40 -8.31 8.62
N PHE B 23 -2.34 -7.98 7.75
CA PHE B 23 -2.85 -8.95 6.79
C PHE B 23 -3.72 -10.00 7.47
N GLU B 24 -4.41 -9.55 8.52
CA GLU B 24 -5.29 -10.45 9.26
C GLU B 24 -6.16 -11.27 8.30
N TRP B 25 -6.49 -10.65 7.18
CA TRP B 25 -7.31 -11.30 6.19
C TRP B 25 -6.47 -12.37 5.50
N GLU B 26 -7.14 -13.25 4.76
CA GLU B 26 -6.46 -14.31 4.06
C GLU B 26 -5.20 -13.79 3.38
N ASP B 27 -4.32 -14.72 3.02
CA ASP B 27 -3.07 -14.36 2.37
C ASP B 27 -2.34 -13.31 3.22
N ASP B 28 -1.36 -13.79 3.98
CA ASP B 28 -0.58 -12.90 4.82
C ASP B 28 0.41 -12.12 3.97
N GLU B 29 1.40 -12.83 3.45
CA GLU B 29 2.42 -12.21 2.62
C GLU B 29 2.33 -12.77 1.19
N SER B 30 1.18 -13.33 0.87
CA SER B 30 0.96 -13.90 -0.45
C SER B 30 1.63 -13.02 -1.51
N ASP B 31 1.93 -13.64 -2.65
CA ASP B 31 2.56 -12.92 -3.74
C ASP B 31 1.48 -12.38 -4.68
N GLU B 32 0.29 -12.22 -4.13
CA GLU B 32 -0.84 -11.71 -4.90
C GLU B 32 -0.85 -10.19 -4.86
N ILE B 33 -0.03 -9.63 -3.99
CA ILE B 33 0.06 -8.19 -3.84
C ILE B 33 1.30 -7.68 -4.56
N ALA B 34 1.66 -8.39 -5.63
CA ALA B 34 2.83 -8.02 -6.42
C ALA B 34 2.58 -6.65 -7.08
N HIS A 1 -16.76 9.03 1.72
CA HIS A 1 -16.18 7.69 1.68
C HIS A 1 -14.68 7.78 1.95
N MET A 2 -14.25 7.07 2.98
CA MET A 2 -12.85 7.05 3.35
C MET A 2 -11.99 6.43 2.24
N LYS A 3 -10.70 6.35 2.51
CA LYS A 3 -9.77 5.79 1.54
C LYS A 3 -8.80 4.84 2.27
N SER A 4 -8.26 5.34 3.38
CA SER A 4 -7.33 4.56 4.16
C SER A 4 -8.08 3.52 4.99
N THR A 5 -7.69 2.26 4.82
CA THR A 5 -8.31 1.17 5.54
C THR A 5 -7.27 0.38 6.35
N PHE A 6 -6.29 -0.13 5.62
CA PHE A 6 -5.23 -0.90 6.24
C PHE A 6 -4.29 0.00 7.05
N LYS A 7 -4.15 1.24 6.57
CA LYS A 7 -3.31 2.21 7.23
C LYS A 7 -4.05 2.81 8.42
N SER A 8 -5.24 3.33 8.13
CA SER A 8 -6.06 3.93 9.16
C SER A 8 -6.37 2.91 10.27
N GLU A 9 -6.13 1.64 9.94
CA GLU A 9 -6.37 0.57 10.88
C GLU A 9 -5.63 0.83 12.19
N TYR A 10 -4.36 1.20 12.05
CA TYR A 10 -3.53 1.48 13.22
C TYR A 10 -2.73 2.77 13.02
N PRO A 11 -2.14 3.25 14.13
CA PRO A 11 -1.35 4.47 14.10
C PRO A 11 0.01 4.22 13.44
N PHE A 12 0.81 5.27 13.40
CA PHE A 12 2.13 5.18 12.81
C PHE A 12 3.06 4.31 13.67
N GLU A 13 3.05 4.59 14.96
CA GLU A 13 3.88 3.85 15.89
C GLU A 13 3.62 2.35 15.74
N LYS A 14 2.48 2.03 15.14
CA LYS A 14 2.11 0.64 14.92
C LYS A 14 2.58 0.20 13.53
N ARG A 15 2.22 0.99 12.54
CA ARG A 15 2.60 0.69 11.17
C ARG A 15 4.13 0.68 11.03
N LYS A 16 4.78 1.32 11.99
CA LYS A 16 6.23 1.39 11.98
C LYS A 16 6.80 0.09 12.57
N ALA A 17 6.17 -0.35 13.66
CA ALA A 17 6.61 -1.57 14.32
C ALA A 17 6.56 -2.73 13.33
N GLU A 18 5.74 -2.56 12.31
CA GLU A 18 5.59 -3.59 11.29
C GLU A 18 6.87 -3.70 10.47
N SER A 19 7.26 -2.57 9.88
CA SER A 19 8.46 -2.53 9.06
C SER A 19 9.68 -2.95 9.90
N GLU A 20 9.49 -2.93 11.21
CA GLU A 20 10.55 -3.30 12.13
C GLU A 20 10.67 -4.82 12.22
N ARG A 21 9.56 -5.49 11.93
CA ARG A 21 9.52 -6.94 11.98
C ARG A 21 9.60 -7.52 10.57
N ILE A 22 9.16 -6.72 9.61
CA ILE A 22 9.17 -7.15 8.22
C ILE A 22 10.62 -7.35 7.77
N ALA A 23 11.53 -6.71 8.49
CA ALA A 23 12.95 -6.81 8.18
C ALA A 23 13.45 -8.19 8.61
N ASP A 24 12.69 -8.81 9.50
CA ASP A 24 13.05 -10.13 10.01
C ASP A 24 12.29 -11.21 9.21
N ARG A 25 11.02 -10.93 8.98
CA ARG A 25 10.17 -11.85 8.24
C ARG A 25 10.60 -11.90 6.77
N PHE A 26 10.69 -10.72 6.18
CA PHE A 26 11.08 -10.62 4.78
C PHE A 26 11.96 -9.39 4.55
N PRO A 27 13.30 -9.63 4.66
CA PRO A 27 14.27 -8.56 4.46
C PRO A 27 14.40 -8.21 2.98
N ASN A 28 14.26 -9.23 2.15
CA ASN A 28 14.36 -9.04 0.71
C ASN A 28 12.98 -8.74 0.13
N ARG A 29 12.23 -7.93 0.87
CA ARG A 29 10.89 -7.57 0.45
C ARG A 29 10.75 -6.04 0.37
N ILE A 30 9.65 -5.60 -0.19
CA ILE A 30 9.38 -4.18 -0.32
C ILE A 30 7.96 -3.88 0.13
N PRO A 31 7.84 -3.46 1.42
CA PRO A 31 6.53 -3.14 1.99
C PRO A 31 6.03 -1.80 1.46
N VAL A 32 5.06 -1.88 0.56
CA VAL A 32 4.47 -0.68 -0.02
C VAL A 32 2.98 -0.62 0.32
N ILE A 33 2.39 0.52 0.03
CA ILE A 33 0.96 0.71 0.30
C ILE A 33 0.31 1.37 -0.92
N CYS A 34 -0.46 0.57 -1.63
CA CYS A 34 -1.15 1.05 -2.82
C CYS A 34 -2.46 1.70 -2.38
N GLU A 35 -2.77 2.82 -3.01
CA GLU A 35 -3.98 3.55 -2.70
C GLU A 35 -4.51 4.29 -3.94
N LYS A 36 -5.80 4.57 -3.92
CA LYS A 36 -6.43 5.25 -5.03
C LYS A 36 -6.46 6.75 -4.75
N ALA A 37 -5.94 7.52 -5.70
CA ALA A 37 -5.90 8.96 -5.57
C ALA A 37 -7.31 9.49 -5.27
N GLU A 38 -7.39 10.80 -5.11
CA GLU A 38 -8.67 11.43 -4.81
C GLU A 38 -9.32 11.95 -6.10
N LYS A 39 -8.52 12.71 -6.85
CA LYS A 39 -9.00 13.27 -8.10
C LYS A 39 -9.43 12.14 -9.04
N SER A 40 -8.68 11.05 -8.98
CA SER A 40 -8.97 9.90 -9.82
C SER A 40 -10.48 9.67 -9.89
N ASP A 41 -10.89 8.94 -10.91
CA ASP A 41 -12.30 8.64 -11.11
C ASP A 41 -12.48 7.12 -11.14
N ILE A 42 -11.39 6.41 -10.95
CA ILE A 42 -11.42 4.95 -10.96
C ILE A 42 -11.92 4.46 -9.60
N PRO A 43 -12.24 3.14 -9.55
CA PRO A 43 -12.73 2.53 -8.33
C PRO A 43 -11.60 2.32 -7.33
N GLU A 44 -11.79 2.86 -6.13
CA GLU A 44 -10.79 2.74 -5.08
C GLU A 44 -10.66 1.28 -4.65
N ILE A 45 -9.44 0.92 -4.28
CA ILE A 45 -9.15 -0.44 -3.83
C ILE A 45 -9.87 -0.69 -2.51
N ASP A 46 -9.87 -1.96 -2.11
CA ASP A 46 -10.51 -2.36 -0.87
C ASP A 46 -9.70 -1.85 0.32
N LYS A 47 -8.38 -2.03 0.20
CA LYS A 47 -7.49 -1.60 1.26
C LYS A 47 -6.13 -1.22 0.65
N ARG A 48 -5.34 -0.51 1.44
CA ARG A 48 -4.03 -0.09 0.98
C ARG A 48 -2.93 -0.92 1.67
N LYS A 49 -2.49 -1.96 0.97
CA LYS A 49 -1.45 -2.83 1.50
C LYS A 49 -0.93 -3.72 0.38
N TYR A 50 0.35 -3.53 0.07
CA TYR A 50 0.99 -4.31 -0.98
C TYR A 50 2.43 -4.68 -0.59
N LEU A 51 2.64 -5.97 -0.44
CA LEU A 51 3.97 -6.47 -0.07
C LEU A 51 4.69 -6.94 -1.33
N VAL A 52 5.19 -5.97 -2.09
CA VAL A 52 5.92 -6.28 -3.31
C VAL A 52 7.37 -6.62 -2.98
N PRO A 53 7.94 -7.56 -3.78
CA PRO A 53 9.31 -7.98 -3.57
C PRO A 53 10.30 -6.91 -4.06
N ALA A 54 11.57 -7.23 -3.94
CA ALA A 54 12.62 -6.31 -4.37
C ALA A 54 12.99 -6.60 -5.82
N ASP A 55 12.08 -7.29 -6.50
CA ASP A 55 12.30 -7.64 -7.90
C ASP A 55 11.22 -6.98 -8.76
N LEU A 56 10.01 -6.98 -8.21
CA LEU A 56 8.88 -6.39 -8.91
C LEU A 56 9.18 -4.92 -9.22
N THR A 57 8.96 -4.56 -10.49
CA THR A 57 9.21 -3.20 -10.93
C THR A 57 7.95 -2.36 -10.77
N VAL A 58 7.96 -1.21 -11.43
CA VAL A 58 6.82 -0.30 -11.36
C VAL A 58 5.78 -0.73 -12.39
N GLY A 59 6.19 -0.72 -13.65
CA GLY A 59 5.28 -1.12 -14.72
C GLY A 59 4.74 -2.53 -14.51
N GLN A 60 5.47 -3.29 -13.69
CA GLN A 60 5.07 -4.65 -13.40
C GLN A 60 4.14 -4.68 -12.19
N PHE A 61 4.32 -3.69 -11.32
CA PHE A 61 3.50 -3.59 -10.13
C PHE A 61 2.06 -3.22 -10.47
N VAL A 62 1.92 -2.34 -11.45
CA VAL A 62 0.62 -1.90 -11.89
C VAL A 62 -0.28 -3.13 -12.12
N TYR A 63 0.28 -4.10 -12.83
CA TYR A 63 -0.46 -5.32 -13.12
C TYR A 63 -1.19 -5.83 -11.88
N VAL A 64 -0.57 -5.59 -10.73
CA VAL A 64 -1.14 -6.03 -9.46
C VAL A 64 -2.33 -5.12 -9.11
N ILE A 65 -2.14 -3.84 -9.38
CA ILE A 65 -3.18 -2.86 -9.09
C ILE A 65 -4.37 -3.09 -10.01
N ARG A 66 -4.06 -3.54 -11.22
CA ARG A 66 -5.09 -3.81 -12.21
C ARG A 66 -5.78 -5.14 -11.91
N LYS A 67 -5.27 -5.81 -10.88
CA LYS A 67 -5.83 -7.10 -10.48
C LYS A 67 -6.94 -6.87 -9.45
N ARG A 68 -6.60 -6.08 -8.44
CA ARG A 68 -7.55 -5.79 -7.39
C ARG A 68 -8.85 -5.25 -7.98
N ILE A 69 -8.75 -4.07 -8.58
CA ILE A 69 -9.91 -3.45 -9.19
C ILE A 69 -10.28 -4.20 -10.47
N MET A 70 -9.43 -5.16 -10.82
CA MET A 70 -9.66 -5.95 -12.02
C MET A 70 -10.10 -5.08 -13.19
N LEU A 71 -9.43 -3.94 -13.31
CA LEU A 71 -9.75 -3.00 -14.38
C LEU A 71 -9.50 -3.68 -15.73
N PRO A 72 -10.41 -3.40 -16.69
CA PRO A 72 -10.29 -3.96 -18.03
C PRO A 72 -9.18 -3.27 -18.82
N PRO A 73 -8.87 -3.86 -20.01
CA PRO A 73 -7.84 -3.31 -20.87
C PRO A 73 -8.33 -2.05 -21.59
N GLU A 74 -9.58 -1.70 -21.30
CA GLU A 74 -10.19 -0.53 -21.91
C GLU A 74 -10.01 0.69 -21.02
N LYS A 75 -9.22 0.50 -19.96
CA LYS A 75 -8.96 1.58 -19.02
C LYS A 75 -7.44 1.77 -18.88
N ALA A 76 -7.07 2.72 -18.05
CA ALA A 76 -5.66 3.01 -17.81
C ALA A 76 -5.43 3.22 -16.32
N ILE A 77 -4.24 2.86 -15.88
CA ILE A 77 -3.87 3.00 -14.48
C ILE A 77 -2.36 3.27 -14.37
N PHE A 78 -2.04 4.42 -13.79
CA PHE A 78 -0.65 4.80 -13.62
C PHE A 78 -0.31 5.00 -12.14
N ILE A 79 0.89 4.60 -11.78
CA ILE A 79 1.35 4.73 -10.40
C ILE A 79 1.92 6.14 -10.19
N PHE A 80 1.60 6.70 -9.04
CA PHE A 80 2.08 8.03 -8.71
C PHE A 80 2.69 8.05 -7.30
N VAL A 81 3.88 8.64 -7.21
CA VAL A 81 4.58 8.73 -5.95
C VAL A 81 5.04 10.17 -5.74
N ASN A 82 4.54 10.78 -4.67
CA ASN A 82 4.90 12.16 -4.35
C ASN A 82 4.47 13.07 -5.50
N ASP A 83 3.56 12.56 -6.31
CA ASP A 83 3.06 13.33 -7.44
C ASP A 83 4.06 13.21 -8.61
N THR A 84 4.80 12.11 -8.60
CA THR A 84 5.79 11.87 -9.63
C THR A 84 5.67 10.43 -10.16
N LEU A 85 5.25 10.32 -11.40
CA LEU A 85 5.10 9.02 -12.04
C LEU A 85 6.48 8.43 -12.31
N PRO A 86 6.78 7.30 -11.59
CA PRO A 86 8.06 6.63 -11.75
C PRO A 86 8.10 5.84 -13.06
N PRO A 87 9.34 5.45 -13.45
CA PRO A 87 9.54 4.69 -14.68
C PRO A 87 9.08 3.24 -14.50
N THR A 88 9.47 2.41 -15.46
CA THR A 88 9.11 1.01 -15.42
C THR A 88 10.23 0.19 -14.78
N ALA A 89 11.44 0.65 -14.97
CA ALA A 89 12.60 -0.02 -14.42
C ALA A 89 12.85 0.48 -12.99
N ALA A 90 11.86 1.21 -12.48
CA ALA A 90 11.95 1.75 -11.14
C ALA A 90 11.71 0.63 -10.12
N LEU A 91 12.57 -0.38 -10.18
CA LEU A 91 12.47 -1.51 -9.27
C LEU A 91 11.83 -1.05 -7.96
N MET A 92 10.65 -1.59 -7.70
CA MET A 92 9.91 -1.25 -6.49
C MET A 92 10.87 -1.06 -5.31
N SER A 93 11.97 -1.80 -5.36
CA SER A 93 12.97 -1.72 -4.30
C SER A 93 13.65 -0.35 -4.33
N ALA A 94 14.17 -0.01 -5.51
CA ALA A 94 14.86 1.26 -5.68
C ALA A 94 13.86 2.41 -5.45
N ILE A 95 12.59 2.04 -5.41
CA ILE A 95 11.54 3.02 -5.20
C ILE A 95 11.29 3.18 -3.71
N TYR A 96 11.30 2.06 -3.01
CA TYR A 96 11.07 2.06 -1.57
C TYR A 96 12.32 2.56 -0.83
N GLN A 97 13.40 2.72 -1.58
CA GLN A 97 14.65 3.19 -1.01
C GLN A 97 14.84 4.68 -1.32
N GLU A 98 13.97 5.19 -2.17
CA GLU A 98 14.03 6.59 -2.55
C GLU A 98 12.76 7.32 -2.14
N HIS A 99 11.79 6.53 -1.68
CA HIS A 99 10.52 7.09 -1.25
C HIS A 99 10.18 6.57 0.15
N LYS A 100 11.20 6.02 0.80
CA LYS A 100 11.02 5.48 2.14
C LYS A 100 10.47 6.57 3.05
N ASP A 101 9.79 6.13 4.10
CA ASP A 101 9.20 7.06 5.05
C ASP A 101 9.69 6.73 6.46
N LYS A 102 9.37 7.61 7.39
CA LYS A 102 9.78 7.42 8.78
C LYS A 102 9.30 6.06 9.26
N ASP A 103 8.05 5.75 8.92
CA ASP A 103 7.47 4.48 9.31
C ASP A 103 8.10 3.34 8.51
N GLY A 104 8.79 3.73 7.44
CA GLY A 104 9.46 2.76 6.59
C GLY A 104 8.51 2.27 5.49
N PHE A 105 7.26 2.07 5.88
CA PHE A 105 6.26 1.60 4.93
C PHE A 105 6.16 2.54 3.72
N LEU A 106 6.16 1.93 2.55
CA LEU A 106 6.07 2.71 1.31
C LEU A 106 4.62 3.13 1.10
N TYR A 107 4.47 4.26 0.42
CA TYR A 107 3.14 4.79 0.13
C TYR A 107 3.00 5.15 -1.34
N VAL A 108 2.44 4.21 -2.10
CA VAL A 108 2.25 4.41 -3.53
C VAL A 108 0.77 4.67 -3.80
N THR A 109 0.48 5.05 -5.04
CA THR A 109 -0.89 5.33 -5.44
C THR A 109 -1.07 5.07 -6.94
N TYR A 110 -2.33 4.91 -7.33
CA TYR A 110 -2.64 4.65 -8.73
C TYR A 110 -3.91 5.40 -9.15
N SER A 111 -3.82 6.04 -10.30
CA SER A 111 -4.94 6.80 -10.82
C SER A 111 -5.12 6.52 -12.32
N GLY A 112 -6.33 6.76 -12.79
CA GLY A 112 -6.64 6.54 -14.20
C GLY A 112 -6.27 7.76 -15.04
N GLU A 113 -5.70 8.75 -14.37
CA GLU A 113 -5.29 9.97 -15.04
C GLU A 113 -3.79 10.21 -14.85
N ASN A 114 -3.09 10.35 -15.97
CA ASN A 114 -1.66 10.59 -15.93
C ASN A 114 -1.40 12.08 -15.80
N THR A 115 -2.01 12.67 -14.77
CA THR A 115 -1.85 14.09 -14.52
C THR A 115 -0.96 14.31 -13.30
N PHE A 116 -0.89 15.57 -12.87
CA PHE A 116 -0.08 15.93 -11.72
C PHE A 116 -0.97 16.38 -10.55
N GLY A 117 -1.23 15.43 -9.66
CA GLY A 117 -2.04 15.70 -8.50
C GLY A 117 -2.67 14.43 -7.95
N GLY B 1 24.35 -30.96 22.47
CA GLY B 1 23.02 -30.83 23.04
C GLY B 1 22.91 -29.57 23.92
N PRO B 2 22.84 -28.40 23.24
CA PRO B 2 22.74 -27.14 23.94
C PRO B 2 21.35 -26.93 24.52
N HIS B 3 21.11 -25.73 25.04
CA HIS B 3 19.82 -25.41 25.62
C HIS B 3 19.21 -24.22 24.88
N MET B 4 17.99 -23.89 25.26
CA MET B 4 17.28 -22.78 24.64
C MET B 4 16.45 -22.01 25.66
N ILE B 5 16.05 -20.81 25.27
CA ILE B 5 15.25 -19.97 26.15
C ILE B 5 14.25 -19.18 25.31
N SER B 6 13.25 -18.63 25.99
CA SER B 6 12.23 -17.85 25.32
C SER B 6 11.56 -16.89 26.31
N GLY B 7 10.55 -16.20 25.83
CA GLY B 7 9.82 -15.25 26.66
C GLY B 7 9.43 -14.01 25.86
N LEU B 8 10.04 -13.88 24.69
CA LEU B 8 9.75 -12.74 23.82
C LEU B 8 8.26 -12.45 23.84
N SER B 9 7.93 -11.23 24.25
CA SER B 9 6.54 -10.81 24.33
C SER B 9 6.28 -9.71 23.30
N VAL B 10 5.06 -9.21 23.33
CA VAL B 10 4.66 -8.15 22.41
C VAL B 10 3.38 -7.47 22.92
N ILE B 11 3.11 -6.31 22.37
CA ILE B 11 1.93 -5.55 22.76
C ILE B 11 0.87 -5.66 21.67
N LYS B 12 -0.34 -5.25 22.02
CA LYS B 12 -1.45 -5.29 21.08
C LYS B 12 -2.23 -3.98 21.14
N GLN B 13 -2.83 -3.64 20.02
CA GLN B 13 -3.60 -2.41 19.93
C GLN B 13 -4.98 -2.69 19.34
N GLU B 14 -5.73 -1.61 19.13
CA GLU B 14 -7.07 -1.74 18.57
C GLU B 14 -7.06 -2.67 17.36
N VAL B 15 -8.25 -2.97 16.88
CA VAL B 15 -8.39 -3.85 15.73
C VAL B 15 -9.78 -3.65 15.11
N GLU B 16 -9.79 -3.50 13.79
CA GLU B 16 -11.04 -3.31 13.08
C GLU B 16 -11.32 -4.51 12.17
N ARG B 17 -10.27 -4.95 11.48
CA ARG B 17 -10.39 -6.07 10.57
C ARG B 17 -9.18 -6.99 10.72
N LEU B 18 -8.00 -6.38 10.77
CA LEU B 18 -6.77 -7.13 10.90
C LEU B 18 -6.50 -7.39 12.39
N GLY B 19 -5.27 -7.77 12.68
CA GLY B 19 -4.87 -8.06 14.04
C GLY B 19 -3.35 -8.04 14.19
N ASN B 20 -2.85 -9.02 14.94
CA ASN B 20 -1.42 -9.12 15.16
C ASN B 20 -0.67 -8.78 13.87
N ASP B 21 -0.75 -9.70 12.92
CA ASP B 21 -0.09 -9.51 11.64
C ASP B 21 -0.85 -8.46 10.82
N VAL B 22 -0.25 -8.06 9.72
CA VAL B 22 -0.86 -7.07 8.85
C VAL B 22 -1.67 -7.78 7.77
N PHE B 23 -2.24 -8.92 8.14
CA PHE B 23 -3.03 -9.71 7.21
C PHE B 23 -3.87 -10.75 7.95
N GLU B 24 -5.17 -10.59 7.86
CA GLU B 24 -6.10 -11.51 8.51
C GLU B 24 -7.29 -11.79 7.60
N TRP B 25 -7.05 -11.68 6.31
CA TRP B 25 -8.09 -11.93 5.33
C TRP B 25 -7.50 -12.81 4.23
N GLU B 26 -8.24 -12.89 3.13
CA GLU B 26 -7.80 -13.71 2.00
C GLU B 26 -6.62 -13.04 1.30
N ASP B 27 -5.51 -12.98 2.02
CA ASP B 27 -4.30 -12.37 1.48
C ASP B 27 -3.29 -12.16 2.61
N ASP B 28 -2.21 -12.93 2.55
CA ASP B 28 -1.17 -12.84 3.56
C ASP B 28 0.10 -12.28 2.92
N GLU B 29 0.85 -13.16 2.28
CA GLU B 29 2.09 -12.77 1.63
C GLU B 29 2.03 -13.09 0.14
N SER B 30 0.95 -13.76 -0.25
CA SER B 30 0.76 -14.14 -1.64
C SER B 30 1.34 -13.06 -2.55
N ASP B 31 1.85 -13.50 -3.69
CA ASP B 31 2.44 -12.59 -4.66
C ASP B 31 1.33 -11.85 -5.39
N GLU B 32 0.10 -12.20 -5.04
CA GLU B 32 -1.07 -11.57 -5.66
C GLU B 32 -0.98 -10.05 -5.53
N ILE B 33 -0.15 -9.62 -4.59
CA ILE B 33 0.03 -8.19 -4.35
C ILE B 33 1.37 -7.75 -4.96
N ALA B 34 1.78 -8.47 -5.98
CA ALA B 34 3.04 -8.17 -6.64
C ALA B 34 3.10 -8.90 -7.98
N HIS A 1 -16.24 10.52 7.79
CA HIS A 1 -15.93 9.72 6.63
C HIS A 1 -14.41 9.53 6.54
N MET A 2 -14.01 8.62 5.65
CA MET A 2 -12.60 8.33 5.46
C MET A 2 -12.31 7.97 4.00
N LYS A 3 -11.05 7.64 3.76
CA LYS A 3 -10.62 7.27 2.42
C LYS A 3 -9.69 6.07 2.51
N SER A 4 -8.70 6.19 3.37
CA SER A 4 -7.72 5.11 3.55
C SER A 4 -8.41 3.90 4.20
N THR A 5 -7.64 2.84 4.31
CA THR A 5 -8.15 1.61 4.91
C THR A 5 -7.10 0.99 5.84
N PHE A 6 -6.22 0.21 5.24
CA PHE A 6 -5.16 -0.45 6.00
C PHE A 6 -4.21 0.58 6.62
N LYS A 7 -4.37 1.82 6.18
CA LYS A 7 -3.54 2.89 6.67
C LYS A 7 -4.29 3.66 7.78
N SER A 8 -5.59 3.42 7.83
CA SER A 8 -6.43 4.07 8.82
C SER A 8 -6.89 3.04 9.86
N GLU A 9 -6.38 1.83 9.73
CA GLU A 9 -6.73 0.76 10.64
C GLU A 9 -5.90 0.86 11.93
N TYR A 10 -5.05 1.87 11.97
CA TYR A 10 -4.19 2.09 13.12
C TYR A 10 -3.30 3.31 12.92
N PRO A 11 -2.62 3.72 14.02
CA PRO A 11 -1.74 4.87 13.98
C PRO A 11 -0.43 4.53 13.26
N PHE A 12 0.44 5.53 13.15
CA PHE A 12 1.72 5.35 12.50
C PHE A 12 2.65 4.48 13.35
N GLU A 13 2.60 4.72 14.65
CA GLU A 13 3.43 3.97 15.58
C GLU A 13 3.04 2.49 15.57
N LYS A 14 1.92 2.21 14.92
CA LYS A 14 1.43 0.85 14.82
C LYS A 14 2.09 0.16 13.62
N ARG A 15 1.88 0.75 12.46
CA ARG A 15 2.44 0.21 11.24
C ARG A 15 3.97 0.23 11.29
N LYS A 16 4.50 1.35 11.74
CA LYS A 16 5.94 1.51 11.86
C LYS A 16 6.53 0.28 12.54
N ALA A 17 5.82 -0.20 13.55
CA ALA A 17 6.27 -1.38 14.28
C ALA A 17 6.18 -2.60 13.38
N GLU A 18 5.17 -2.60 12.53
CA GLU A 18 4.97 -3.70 11.61
C GLU A 18 6.13 -3.81 10.62
N SER A 19 6.58 -2.64 10.18
CA SER A 19 7.70 -2.58 9.25
C SER A 19 9.02 -2.88 9.97
N GLU A 20 8.96 -2.78 11.29
CA GLU A 20 10.14 -3.05 12.10
C GLU A 20 10.41 -4.54 12.18
N ARG A 21 9.35 -5.31 11.99
CA ARG A 21 9.45 -6.76 12.04
C ARG A 21 9.47 -7.34 10.62
N ILE A 22 8.77 -6.65 9.73
CA ILE A 22 8.69 -7.08 8.35
C ILE A 22 10.09 -7.02 7.72
N ALA A 23 10.95 -6.24 8.36
CA ALA A 23 12.31 -6.08 7.88
C ALA A 23 13.13 -7.33 8.23
N ASP A 24 12.56 -8.13 9.12
CA ASP A 24 13.21 -9.35 9.56
C ASP A 24 12.52 -10.56 8.91
N ARG A 25 11.20 -10.46 8.84
CA ARG A 25 10.41 -11.54 8.26
C ARG A 25 10.67 -11.62 6.76
N PHE A 26 10.59 -10.47 6.11
CA PHE A 26 10.82 -10.41 4.67
C PHE A 26 11.75 -9.25 4.31
N PRO A 27 13.07 -9.47 4.55
CA PRO A 27 14.06 -8.45 4.27
C PRO A 27 14.32 -8.36 2.76
N ASN A 28 14.05 -9.44 2.07
CA ASN A 28 14.24 -9.50 0.63
C ASN A 28 12.94 -9.10 -0.07
N ARG A 29 12.11 -8.38 0.66
CA ARG A 29 10.83 -7.94 0.13
C ARG A 29 10.81 -6.41 0.02
N ILE A 30 9.66 -5.89 -0.41
CA ILE A 30 9.49 -4.46 -0.55
C ILE A 30 8.05 -4.09 -0.23
N PRO A 31 7.85 -3.61 1.03
CA PRO A 31 6.52 -3.21 1.46
C PRO A 31 6.12 -1.87 0.86
N VAL A 32 4.84 -1.78 0.49
CA VAL A 32 4.32 -0.56 -0.10
C VAL A 32 2.80 -0.54 0.05
N ILE A 33 2.26 0.67 0.08
CA ILE A 33 0.81 0.84 0.22
C ILE A 33 0.26 1.44 -1.07
N CYS A 34 -0.57 0.67 -1.74
CA CYS A 34 -1.19 1.10 -2.98
C CYS A 34 -2.51 1.80 -2.64
N GLU A 35 -2.52 3.11 -2.87
CA GLU A 35 -3.71 3.90 -2.60
C GLU A 35 -4.31 4.43 -3.90
N LYS A 36 -5.61 4.68 -3.87
CA LYS A 36 -6.30 5.20 -5.03
C LYS A 36 -6.34 6.73 -4.97
N ALA A 37 -5.78 7.35 -5.99
CA ALA A 37 -5.75 8.80 -6.06
C ALA A 37 -7.17 9.34 -5.87
N GLU A 38 -7.25 10.67 -5.77
CA GLU A 38 -8.54 11.33 -5.59
C GLU A 38 -9.07 11.81 -6.94
N LYS A 39 -8.20 12.49 -7.68
CA LYS A 39 -8.56 13.02 -8.98
C LYS A 39 -9.17 11.90 -9.82
N SER A 40 -8.48 10.76 -9.83
CA SER A 40 -8.94 9.62 -10.59
C SER A 40 -10.42 9.35 -10.31
N ASP A 41 -10.98 8.41 -11.06
CA ASP A 41 -12.39 8.06 -10.90
C ASP A 41 -12.52 6.54 -10.95
N ILE A 42 -11.41 5.86 -10.72
CA ILE A 42 -11.40 4.41 -10.73
C ILE A 42 -11.91 3.89 -9.39
N PRO A 43 -12.19 2.56 -9.36
CA PRO A 43 -12.67 1.92 -8.14
C PRO A 43 -11.54 1.75 -7.13
N GLU A 44 -11.77 2.26 -5.93
CA GLU A 44 -10.80 2.18 -4.86
C GLU A 44 -10.56 0.71 -4.47
N ILE A 45 -9.34 0.43 -4.06
CA ILE A 45 -8.98 -0.91 -3.66
C ILE A 45 -9.70 -1.27 -2.36
N ASP A 46 -9.61 -2.54 -2.00
CA ASP A 46 -10.26 -3.03 -0.79
C ASP A 46 -9.44 -2.57 0.43
N LYS A 47 -8.14 -2.71 0.32
CA LYS A 47 -7.24 -2.31 1.40
C LYS A 47 -5.95 -1.75 0.80
N ARG A 48 -5.16 -1.14 1.67
CA ARG A 48 -3.90 -0.56 1.24
C ARG A 48 -2.73 -1.33 1.84
N LYS A 49 -2.23 -2.29 1.08
CA LYS A 49 -1.11 -3.11 1.52
C LYS A 49 -0.55 -3.89 0.33
N TYR A 50 0.73 -3.66 0.06
CA TYR A 50 1.39 -4.34 -1.04
C TYR A 50 2.86 -4.60 -0.72
N LEU A 51 3.16 -5.87 -0.49
CA LEU A 51 4.53 -6.27 -0.17
C LEU A 51 5.16 -6.93 -1.39
N VAL A 52 5.54 -6.09 -2.35
CA VAL A 52 6.17 -6.57 -3.56
C VAL A 52 7.62 -6.94 -3.27
N PRO A 53 8.17 -7.84 -4.15
CA PRO A 53 9.55 -8.28 -4.00
C PRO A 53 10.53 -7.19 -4.44
N ALA A 54 11.81 -7.47 -4.26
CA ALA A 54 12.85 -6.53 -4.63
C ALA A 54 13.24 -6.76 -6.09
N ASP A 55 12.35 -7.45 -6.80
CA ASP A 55 12.59 -7.75 -8.21
C ASP A 55 11.51 -7.08 -9.05
N LEU A 56 10.29 -7.10 -8.52
CA LEU A 56 9.16 -6.51 -9.22
C LEU A 56 9.45 -5.04 -9.49
N THR A 57 9.18 -4.63 -10.73
CA THR A 57 9.41 -3.25 -11.13
C THR A 57 8.13 -2.43 -10.96
N VAL A 58 8.20 -1.19 -11.42
CA VAL A 58 7.07 -0.29 -11.33
C VAL A 58 6.00 -0.71 -12.35
N GLY A 59 6.48 -1.04 -13.55
CA GLY A 59 5.58 -1.47 -14.61
C GLY A 59 5.02 -2.86 -14.35
N GLN A 60 5.55 -3.48 -13.30
CA GLN A 60 5.11 -4.81 -12.92
C GLN A 60 4.10 -4.74 -11.78
N PHE A 61 4.15 -3.63 -11.05
CA PHE A 61 3.25 -3.44 -9.92
C PHE A 61 1.86 -3.03 -10.41
N VAL A 62 1.83 -1.98 -11.22
CA VAL A 62 0.58 -1.48 -11.76
C VAL A 62 -0.31 -2.66 -12.15
N TYR A 63 0.33 -3.71 -12.66
CA TYR A 63 -0.38 -4.90 -13.07
C TYR A 63 -1.21 -5.47 -11.91
N VAL A 64 -0.51 -5.72 -10.81
CA VAL A 64 -1.17 -6.27 -9.63
C VAL A 64 -2.28 -5.32 -9.18
N ILE A 65 -1.99 -4.03 -9.27
CA ILE A 65 -2.95 -3.02 -8.88
C ILE A 65 -4.22 -3.18 -9.73
N ARG A 66 -4.01 -3.29 -11.04
CA ARG A 66 -5.12 -3.44 -11.95
C ARG A 66 -5.89 -4.73 -11.66
N LYS A 67 -5.14 -5.73 -11.22
CA LYS A 67 -5.74 -7.02 -10.89
C LYS A 67 -6.75 -6.84 -9.75
N ARG A 68 -6.27 -6.23 -8.67
CA ARG A 68 -7.12 -5.98 -7.52
C ARG A 68 -8.44 -5.37 -7.95
N ILE A 69 -8.34 -4.14 -8.46
CA ILE A 69 -9.53 -3.42 -8.91
C ILE A 69 -10.08 -4.09 -10.17
N MET A 70 -9.31 -5.05 -10.68
CA MET A 70 -9.69 -5.77 -11.87
C MET A 70 -10.25 -4.82 -12.93
N LEU A 71 -9.58 -3.67 -13.06
CA LEU A 71 -10.00 -2.68 -14.03
C LEU A 71 -9.88 -3.25 -15.43
N PRO A 72 -10.88 -2.90 -16.28
CA PRO A 72 -10.91 -3.38 -17.66
C PRO A 72 -9.88 -2.65 -18.51
N PRO A 73 -9.73 -3.14 -19.77
CA PRO A 73 -8.77 -2.55 -20.70
C PRO A 73 -9.30 -1.21 -21.25
N GLU A 74 -10.52 -0.89 -20.84
CA GLU A 74 -11.15 0.34 -21.28
C GLU A 74 -10.74 1.50 -20.37
N LYS A 75 -9.87 1.19 -19.42
CA LYS A 75 -9.39 2.20 -18.49
C LYS A 75 -7.86 2.09 -18.36
N ALA A 76 -7.31 2.94 -17.51
CA ALA A 76 -5.87 2.94 -17.30
C ALA A 76 -5.59 3.15 -15.81
N ILE A 77 -4.31 3.11 -15.47
CA ILE A 77 -3.89 3.27 -14.09
C ILE A 77 -2.41 3.64 -14.05
N PHE A 78 -2.14 4.84 -13.55
CA PHE A 78 -0.77 5.32 -13.45
C PHE A 78 -0.37 5.53 -11.99
N ILE A 79 0.87 5.17 -11.69
CA ILE A 79 1.39 5.32 -10.34
C ILE A 79 1.90 6.75 -10.15
N PHE A 80 1.82 7.21 -8.91
CA PHE A 80 2.27 8.55 -8.57
C PHE A 80 2.88 8.60 -7.17
N VAL A 81 4.17 8.94 -7.14
CA VAL A 81 4.88 9.02 -5.87
C VAL A 81 5.39 10.44 -5.67
N ASN A 82 4.79 11.13 -4.71
CA ASN A 82 5.18 12.50 -4.41
C ASN A 82 4.81 13.40 -5.58
N ASP A 83 3.86 12.92 -6.38
CA ASP A 83 3.41 13.67 -7.54
C ASP A 83 4.38 13.44 -8.70
N THR A 84 5.13 12.35 -8.60
CA THR A 84 6.10 12.02 -9.63
C THR A 84 5.84 10.61 -10.17
N LEU A 85 5.89 10.50 -11.49
CA LEU A 85 5.66 9.22 -12.14
C LEU A 85 7.00 8.55 -12.42
N PRO A 86 7.25 7.43 -11.68
CA PRO A 86 8.49 6.69 -11.84
C PRO A 86 8.47 5.87 -13.13
N PRO A 87 9.70 5.43 -13.55
CA PRO A 87 9.84 4.64 -14.75
C PRO A 87 9.34 3.20 -14.53
N THR A 88 9.68 2.34 -15.48
CA THR A 88 9.29 0.95 -15.41
C THR A 88 10.44 0.10 -14.84
N ALA A 89 11.65 0.50 -15.20
CA ALA A 89 12.83 -0.21 -14.73
C ALA A 89 13.19 0.27 -13.33
N ALA A 90 12.33 1.13 -12.79
CA ALA A 90 12.55 1.67 -11.47
C ALA A 90 12.21 0.61 -10.41
N LEU A 91 12.94 -0.50 -10.48
CA LEU A 91 12.74 -1.60 -9.55
C LEU A 91 12.10 -1.06 -8.27
N MET A 92 10.96 -1.63 -7.93
CA MET A 92 10.24 -1.21 -6.73
C MET A 92 11.18 -1.17 -5.52
N SER A 93 12.28 -1.90 -5.64
CA SER A 93 13.25 -1.94 -4.56
C SER A 93 13.95 -0.58 -4.42
N ALA A 94 14.38 -0.06 -5.56
CA ALA A 94 15.06 1.22 -5.58
C ALA A 94 14.04 2.34 -5.35
N ILE A 95 12.77 1.97 -5.46
CA ILE A 95 11.69 2.91 -5.28
C ILE A 95 11.32 2.98 -3.79
N TYR A 96 11.27 1.81 -3.17
CA TYR A 96 10.93 1.73 -1.76
C TYR A 96 12.12 2.12 -0.89
N GLN A 97 13.24 2.38 -1.57
CA GLN A 97 14.46 2.77 -0.87
C GLN A 97 14.68 4.28 -1.00
N GLU A 98 13.89 4.89 -1.86
CA GLU A 98 13.99 6.32 -2.10
C GLU A 98 12.65 7.01 -1.79
N HIS A 99 11.66 6.18 -1.51
CA HIS A 99 10.34 6.69 -1.20
C HIS A 99 9.91 6.19 0.18
N LYS A 100 10.87 5.63 0.90
CA LYS A 100 10.60 5.12 2.23
C LYS A 100 10.29 6.28 3.18
N ASP A 101 9.60 5.96 4.26
CA ASP A 101 9.23 6.96 5.24
C ASP A 101 9.62 6.47 6.64
N LYS A 102 9.42 7.34 7.61
CA LYS A 102 9.73 7.01 8.99
C LYS A 102 9.19 5.61 9.31
N ASP A 103 7.92 5.42 8.99
CA ASP A 103 7.28 4.14 9.24
C ASP A 103 7.95 3.06 8.40
N GLY A 104 8.44 3.47 7.24
CA GLY A 104 9.12 2.55 6.35
C GLY A 104 8.19 2.11 5.22
N PHE A 105 6.92 1.92 5.58
CA PHE A 105 5.93 1.49 4.61
C PHE A 105 5.83 2.49 3.44
N LEU A 106 6.06 1.97 2.24
CA LEU A 106 6.01 2.80 1.05
C LEU A 106 4.58 3.33 0.87
N TYR A 107 4.50 4.55 0.37
CA TYR A 107 3.22 5.19 0.14
C TYR A 107 3.05 5.57 -1.32
N VAL A 108 2.54 4.63 -2.10
CA VAL A 108 2.32 4.86 -3.51
C VAL A 108 0.84 5.17 -3.76
N THR A 109 0.55 5.59 -4.98
CA THR A 109 -0.82 5.92 -5.35
C THR A 109 -1.02 5.72 -6.86
N TYR A 110 -2.16 5.13 -7.20
CA TYR A 110 -2.49 4.88 -8.59
C TYR A 110 -3.76 5.62 -8.99
N SER A 111 -3.70 6.25 -10.15
CA SER A 111 -4.84 7.00 -10.67
C SER A 111 -5.00 6.75 -12.17
N GLY A 112 -6.25 6.51 -12.56
CA GLY A 112 -6.54 6.25 -13.96
C GLY A 112 -6.09 7.41 -14.84
N GLU A 113 -5.82 8.54 -14.20
CA GLU A 113 -5.37 9.72 -14.90
C GLU A 113 -3.86 9.90 -14.74
N ASN A 114 -3.19 10.00 -15.87
CA ASN A 114 -1.74 10.18 -15.87
C ASN A 114 -1.41 11.68 -15.84
N THR A 115 -2.43 12.46 -15.50
CA THR A 115 -2.26 13.91 -15.42
C THR A 115 -2.08 14.35 -13.98
N PHE A 116 -1.87 15.64 -13.81
CA PHE A 116 -1.68 16.20 -12.48
C PHE A 116 -2.66 17.34 -12.22
N GLY A 117 -3.75 17.00 -11.54
CA GLY A 117 -4.78 17.98 -11.23
C GLY A 117 -6.15 17.50 -11.67
N GLY B 1 0.27 -25.66 14.32
CA GLY B 1 0.64 -25.69 15.72
C GLY B 1 2.14 -25.40 15.89
N PRO B 2 2.51 -24.11 15.60
CA PRO B 2 3.90 -23.70 15.72
C PRO B 2 4.29 -23.52 17.19
N HIS B 3 5.56 -23.17 17.39
CA HIS B 3 6.07 -22.96 18.73
C HIS B 3 6.06 -21.47 19.06
N MET B 4 5.09 -21.09 19.88
CA MET B 4 4.96 -19.70 20.28
C MET B 4 4.72 -19.58 21.79
N ILE B 5 4.62 -18.34 22.24
CA ILE B 5 4.41 -18.08 23.66
C ILE B 5 3.32 -17.01 23.82
N SER B 6 3.04 -16.69 25.06
CA SER B 6 2.02 -15.69 25.36
C SER B 6 2.45 -14.86 26.58
N GLY B 7 1.85 -13.69 26.71
CA GLY B 7 2.16 -12.81 27.81
C GLY B 7 2.45 -11.39 27.32
N LEU B 8 2.60 -11.27 26.01
CA LEU B 8 2.89 -9.98 25.40
C LEU B 8 1.58 -9.37 24.87
N SER B 9 1.32 -8.15 25.31
CA SER B 9 0.12 -7.45 24.90
C SER B 9 0.48 -6.03 24.45
N VAL B 10 -0.51 -5.37 23.85
CA VAL B 10 -0.31 -4.02 23.37
C VAL B 10 -1.67 -3.33 23.23
N ILE B 11 -1.62 -2.00 23.16
CA ILE B 11 -2.84 -1.22 23.02
C ILE B 11 -3.55 -1.59 21.71
N LYS B 12 -4.81 -1.20 21.62
CA LYS B 12 -5.60 -1.49 20.44
C LYS B 12 -6.23 -0.19 19.94
N GLN B 13 -6.24 -0.04 18.62
CA GLN B 13 -6.81 1.14 18.00
C GLN B 13 -7.99 0.75 17.12
N GLU B 14 -8.51 1.74 16.41
CA GLU B 14 -9.64 1.53 15.52
C GLU B 14 -9.40 0.29 14.65
N VAL B 15 -10.44 -0.08 13.91
CA VAL B 15 -10.35 -1.24 13.03
C VAL B 15 -11.53 -1.23 12.07
N GLU B 16 -11.37 -1.96 10.97
CA GLU B 16 -12.41 -2.04 9.97
C GLU B 16 -12.64 -3.50 9.57
N ARG B 17 -11.65 -4.06 8.88
CA ARG B 17 -11.73 -5.44 8.44
C ARG B 17 -10.62 -6.27 9.08
N LEU B 18 -9.47 -5.64 9.22
CA LEU B 18 -8.32 -6.31 9.82
C LEU B 18 -7.97 -5.63 11.14
N GLY B 19 -7.63 -6.45 12.12
CA GLY B 19 -7.27 -5.94 13.43
C GLY B 19 -5.97 -6.58 13.93
N ASN B 20 -5.86 -7.88 13.72
CA ASN B 20 -4.68 -8.62 14.14
C ASN B 20 -3.44 -7.93 13.57
N ASP B 21 -2.30 -8.59 13.78
CA ASP B 21 -1.03 -8.06 13.30
C ASP B 21 -1.24 -7.43 11.91
N VAL B 22 -1.07 -8.26 10.90
CA VAL B 22 -1.24 -7.81 9.52
C VAL B 22 -1.66 -9.00 8.65
N PHE B 23 -2.63 -8.75 7.79
CA PHE B 23 -3.12 -9.77 6.89
C PHE B 23 -3.94 -10.82 7.66
N GLU B 24 -4.62 -10.35 8.70
CA GLU B 24 -5.44 -11.22 9.51
C GLU B 24 -6.37 -12.05 8.62
N TRP B 25 -6.60 -11.54 7.42
CA TRP B 25 -7.46 -12.23 6.48
C TRP B 25 -6.60 -13.16 5.62
N GLU B 26 -7.25 -13.85 4.70
CA GLU B 26 -6.55 -14.77 3.83
C GLU B 26 -5.64 -14.00 2.87
N ASP B 27 -4.85 -14.76 2.11
CA ASP B 27 -3.93 -14.16 1.16
C ASP B 27 -2.95 -13.25 1.90
N ASP B 28 -2.06 -13.87 2.65
CA ASP B 28 -1.07 -13.14 3.41
C ASP B 28 0.07 -12.71 2.48
N GLU B 29 0.99 -13.64 2.26
CA GLU B 29 2.13 -13.38 1.39
C GLU B 29 1.76 -13.64 -0.06
N SER B 30 0.47 -13.84 -0.29
CA SER B 30 -0.03 -14.09 -1.63
C SER B 30 0.73 -13.22 -2.64
N ASP B 31 0.75 -13.70 -3.88
CA ASP B 31 1.44 -12.99 -4.94
C ASP B 31 0.51 -11.89 -5.49
N GLU B 32 -0.64 -11.75 -4.85
CA GLU B 32 -1.60 -10.75 -5.26
C GLU B 32 -1.15 -9.36 -4.81
N ILE B 33 -0.13 -9.34 -3.97
CA ILE B 33 0.41 -8.09 -3.46
C ILE B 33 1.78 -7.85 -4.08
N ALA B 34 1.96 -8.39 -5.27
CA ALA B 34 3.22 -8.23 -5.98
C ALA B 34 3.02 -7.31 -7.17
N HIS A 1 -16.27 6.20 1.56
CA HIS A 1 -16.22 7.65 1.53
C HIS A 1 -14.84 8.12 1.97
N MET A 2 -14.11 7.22 2.61
CA MET A 2 -12.77 7.53 3.07
C MET A 2 -11.75 7.41 1.94
N LYS A 3 -10.49 7.39 2.32
CA LYS A 3 -9.40 7.27 1.35
C LYS A 3 -8.50 6.11 1.73
N SER A 4 -8.10 6.10 2.99
CA SER A 4 -7.24 5.05 3.50
C SER A 4 -8.03 4.08 4.38
N THR A 5 -7.54 2.86 4.45
CA THR A 5 -8.21 1.84 5.25
C THR A 5 -7.20 1.14 6.16
N PHE A 6 -6.43 0.25 5.55
CA PHE A 6 -5.42 -0.50 6.30
C PHE A 6 -4.58 0.44 7.18
N LYS A 7 -4.56 1.70 6.78
CA LYS A 7 -3.80 2.69 7.53
C LYS A 7 -4.76 3.50 8.41
N SER A 8 -6.00 3.56 7.95
CA SER A 8 -7.03 4.30 8.68
C SER A 8 -7.43 3.53 9.96
N GLU A 9 -6.84 2.35 10.09
CA GLU A 9 -7.11 1.51 11.24
C GLU A 9 -6.22 1.92 12.42
N TYR A 10 -4.92 1.88 12.17
CA TYR A 10 -3.95 2.25 13.19
C TYR A 10 -3.08 3.41 12.74
N PRO A 11 -2.31 3.97 13.71
CA PRO A 11 -1.43 5.09 13.42
C PRO A 11 -0.19 4.63 12.65
N PHE A 12 0.70 5.59 12.41
CA PHE A 12 1.93 5.29 11.69
C PHE A 12 2.88 4.46 12.54
N GLU A 13 2.88 4.76 13.83
CA GLU A 13 3.74 4.04 14.76
C GLU A 13 3.41 2.54 14.74
N LYS A 14 2.22 2.24 14.26
CA LYS A 14 1.78 0.85 14.17
C LYS A 14 2.44 0.18 12.97
N ARG A 15 2.85 1.01 12.02
CA ARG A 15 3.50 0.51 10.82
C ARG A 15 5.01 0.46 11.02
N LYS A 16 5.52 1.48 11.69
CA LYS A 16 6.96 1.56 11.95
C LYS A 16 7.39 0.36 12.78
N ALA A 17 6.53 -0.02 13.71
CA ALA A 17 6.81 -1.15 14.58
C ALA A 17 6.54 -2.45 13.81
N GLU A 18 5.73 -2.33 12.77
CA GLU A 18 5.39 -3.48 11.96
C GLU A 18 6.57 -3.86 11.06
N SER A 19 7.00 -2.89 10.27
CA SER A 19 8.11 -3.10 9.35
C SER A 19 9.36 -3.50 10.14
N GLU A 20 9.31 -3.27 11.44
CA GLU A 20 10.43 -3.60 12.31
C GLU A 20 10.58 -5.12 12.42
N ARG A 21 9.48 -5.82 12.16
CA ARG A 21 9.48 -7.26 12.22
C ARG A 21 9.56 -7.87 10.81
N ILE A 22 8.86 -7.21 9.89
CA ILE A 22 8.85 -7.66 8.51
C ILE A 22 10.28 -7.67 7.96
N ALA A 23 11.13 -6.91 8.61
CA ALA A 23 12.52 -6.82 8.21
C ALA A 23 13.26 -8.09 8.66
N ASP A 24 12.72 -8.72 9.70
CA ASP A 24 13.31 -9.93 10.23
C ASP A 24 12.65 -11.15 9.57
N ARG A 25 11.47 -10.91 9.02
CA ARG A 25 10.73 -11.97 8.36
C ARG A 25 11.09 -12.02 6.87
N PHE A 26 10.83 -10.92 6.18
CA PHE A 26 11.13 -10.84 4.76
C PHE A 26 11.98 -9.60 4.45
N PRO A 27 13.32 -9.77 4.64
CA PRO A 27 14.25 -8.69 4.38
C PRO A 27 14.44 -8.47 2.87
N ASN A 28 14.19 -9.53 2.12
CA ASN A 28 14.33 -9.48 0.68
C ASN A 28 12.97 -9.16 0.05
N ARG A 29 12.26 -8.23 0.69
CA ARG A 29 10.96 -7.82 0.20
C ARG A 29 10.87 -6.30 0.13
N ILE A 30 9.71 -5.82 -0.31
CA ILE A 30 9.49 -4.39 -0.44
C ILE A 30 8.05 -4.07 -0.02
N PRO A 31 7.90 -3.64 1.26
CA PRO A 31 6.60 -3.30 1.80
C PRO A 31 6.12 -1.94 1.25
N VAL A 32 4.92 -1.97 0.69
CA VAL A 32 4.34 -0.76 0.13
C VAL A 32 2.86 -0.68 0.52
N ILE A 33 2.25 0.44 0.17
CA ILE A 33 0.85 0.66 0.49
C ILE A 33 0.14 1.25 -0.73
N CYS A 34 -0.52 0.38 -1.48
CA CYS A 34 -1.23 0.79 -2.67
C CYS A 34 -2.50 1.54 -2.24
N GLU A 35 -2.75 2.65 -2.92
CA GLU A 35 -3.93 3.45 -2.61
C GLU A 35 -4.50 4.05 -3.89
N LYS A 36 -5.77 4.47 -3.79
CA LYS A 36 -6.44 5.06 -4.94
C LYS A 36 -6.81 6.51 -4.60
N ALA A 37 -6.43 7.40 -5.49
CA ALA A 37 -6.72 8.82 -5.31
C ALA A 37 -8.23 9.05 -5.46
N GLU A 38 -8.77 9.83 -4.54
CA GLU A 38 -10.18 10.14 -4.56
C GLU A 38 -10.55 10.85 -5.85
N LYS A 39 -9.83 11.93 -6.13
CA LYS A 39 -10.07 12.71 -7.33
C LYS A 39 -10.34 11.76 -8.50
N SER A 40 -9.52 10.73 -8.59
CA SER A 40 -9.65 9.75 -9.65
C SER A 40 -11.12 9.38 -9.83
N ASP A 41 -11.40 8.71 -10.94
CA ASP A 41 -12.75 8.29 -11.25
C ASP A 41 -12.83 6.76 -11.22
N ILE A 42 -11.67 6.15 -11.04
CA ILE A 42 -11.60 4.69 -11.00
C ILE A 42 -12.13 4.21 -9.64
N PRO A 43 -12.40 2.88 -9.58
CA PRO A 43 -12.92 2.28 -8.36
C PRO A 43 -11.81 2.14 -7.31
N GLU A 44 -12.10 2.68 -6.12
CA GLU A 44 -11.15 2.63 -5.03
C GLU A 44 -10.89 1.18 -4.62
N ILE A 45 -9.66 0.91 -4.23
CA ILE A 45 -9.27 -0.42 -3.81
C ILE A 45 -9.95 -0.76 -2.49
N ASP A 46 -10.01 -2.05 -2.20
CA ASP A 46 -10.65 -2.52 -0.97
C ASP A 46 -9.85 -1.99 0.23
N LYS A 47 -8.54 -2.13 0.14
CA LYS A 47 -7.67 -1.68 1.20
C LYS A 47 -6.29 -1.34 0.62
N ARG A 48 -5.51 -0.60 1.41
CA ARG A 48 -4.18 -0.20 0.97
C ARG A 48 -3.13 -0.94 1.79
N LYS A 49 -2.64 -2.04 1.23
CA LYS A 49 -1.63 -2.85 1.88
C LYS A 49 -1.04 -3.83 0.88
N TYR A 50 0.18 -3.55 0.47
CA TYR A 50 0.88 -4.40 -0.48
C TYR A 50 2.31 -4.69 -0.03
N LEU A 51 2.80 -5.86 -0.43
CA LEU A 51 4.14 -6.27 -0.06
C LEU A 51 4.85 -6.85 -1.29
N VAL A 52 5.29 -5.96 -2.16
CA VAL A 52 5.98 -6.37 -3.37
C VAL A 52 7.43 -6.71 -3.04
N PRO A 53 8.00 -7.64 -3.85
CA PRO A 53 9.38 -8.07 -3.65
C PRO A 53 10.35 -7.00 -4.13
N ALA A 54 11.64 -7.33 -4.03
CA ALA A 54 12.68 -6.41 -4.44
C ALA A 54 13.08 -6.71 -5.88
N ASP A 55 12.21 -7.44 -6.57
CA ASP A 55 12.45 -7.81 -7.95
C ASP A 55 11.37 -7.21 -8.83
N LEU A 56 10.16 -7.18 -8.29
CA LEU A 56 9.02 -6.64 -9.01
C LEU A 56 9.29 -5.17 -9.35
N THR A 57 9.03 -4.83 -10.61
CA THR A 57 9.24 -3.47 -11.07
C THR A 57 7.94 -2.67 -10.97
N VAL A 58 8.06 -1.38 -11.23
CA VAL A 58 6.91 -0.50 -11.18
C VAL A 58 5.84 -0.99 -12.16
N GLY A 59 6.25 -1.12 -13.41
CA GLY A 59 5.35 -1.58 -14.45
C GLY A 59 4.82 -2.98 -14.14
N GLN A 60 5.47 -3.62 -13.19
CA GLN A 60 5.07 -4.96 -12.78
C GLN A 60 4.02 -4.89 -11.67
N PHE A 61 4.06 -3.79 -10.92
CA PHE A 61 3.12 -3.59 -9.84
C PHE A 61 1.74 -3.20 -10.37
N VAL A 62 1.75 -2.20 -11.24
CA VAL A 62 0.52 -1.72 -11.83
C VAL A 62 -0.39 -2.91 -12.17
N TYR A 63 0.25 -3.95 -12.71
CA TYR A 63 -0.48 -5.15 -13.09
C TYR A 63 -1.34 -5.66 -11.93
N VAL A 64 -0.74 -5.67 -10.74
CA VAL A 64 -1.44 -6.13 -9.56
C VAL A 64 -2.61 -5.17 -9.25
N ILE A 65 -2.30 -3.88 -9.33
CA ILE A 65 -3.30 -2.87 -9.06
C ILE A 65 -4.45 -3.02 -10.06
N ARG A 66 -4.09 -3.44 -11.27
CA ARG A 66 -5.07 -3.63 -12.32
C ARG A 66 -5.81 -4.96 -12.13
N LYS A 67 -5.37 -5.69 -11.13
CA LYS A 67 -5.97 -6.99 -10.83
C LYS A 67 -7.07 -6.80 -9.79
N ARG A 68 -6.73 -6.05 -8.74
CA ARG A 68 -7.68 -5.80 -7.67
C ARG A 68 -8.99 -5.25 -8.24
N ILE A 69 -8.87 -4.14 -8.94
CA ILE A 69 -10.04 -3.50 -9.54
C ILE A 69 -10.34 -4.17 -10.88
N MET A 70 -9.48 -5.11 -11.25
CA MET A 70 -9.64 -5.83 -12.50
C MET A 70 -10.05 -4.88 -13.63
N LEU A 71 -9.36 -3.74 -13.68
CA LEU A 71 -9.64 -2.74 -14.69
C LEU A 71 -9.33 -3.34 -16.07
N PRO A 72 -10.22 -2.99 -17.06
CA PRO A 72 -10.05 -3.48 -18.41
C PRO A 72 -8.91 -2.74 -19.12
N PRO A 73 -8.54 -3.27 -20.31
CA PRO A 73 -7.47 -2.69 -21.10
C PRO A 73 -7.95 -1.39 -21.79
N GLU A 74 -9.20 -1.07 -21.55
CA GLU A 74 -9.78 0.13 -22.13
C GLU A 74 -9.63 1.31 -21.17
N LYS A 75 -8.90 1.07 -20.10
CA LYS A 75 -8.66 2.11 -19.10
C LYS A 75 -7.16 2.32 -18.94
N ALA A 76 -6.81 3.24 -18.05
CA ALA A 76 -5.42 3.56 -17.80
C ALA A 76 -5.20 3.72 -16.30
N ILE A 77 -4.04 3.28 -15.84
CA ILE A 77 -3.70 3.37 -14.43
C ILE A 77 -2.24 3.80 -14.29
N PHE A 78 -2.05 4.92 -13.62
CA PHE A 78 -0.72 5.46 -13.40
C PHE A 78 -0.38 5.54 -11.91
N ILE A 79 0.82 5.10 -11.58
CA ILE A 79 1.27 5.12 -10.20
C ILE A 79 1.84 6.49 -9.87
N PHE A 80 1.49 6.98 -8.68
CA PHE A 80 1.96 8.27 -8.23
C PHE A 80 2.62 8.18 -6.86
N VAL A 81 3.86 8.66 -6.79
CA VAL A 81 4.61 8.64 -5.55
C VAL A 81 5.19 10.02 -5.29
N ASN A 82 4.59 10.71 -4.32
CA ASN A 82 5.04 12.05 -3.97
C ASN A 82 4.67 13.01 -5.09
N ASP A 83 3.69 12.62 -5.88
CA ASP A 83 3.24 13.45 -6.99
C ASP A 83 4.19 13.27 -8.17
N THR A 84 4.85 12.12 -8.19
CA THR A 84 5.78 11.81 -9.26
C THR A 84 5.43 10.47 -9.91
N LEU A 85 5.72 10.38 -11.19
CA LEU A 85 5.44 9.17 -11.94
C LEU A 85 6.75 8.42 -12.22
N PRO A 86 6.94 7.31 -11.46
CA PRO A 86 8.15 6.51 -11.61
C PRO A 86 8.08 5.66 -12.88
N PRO A 87 9.29 5.34 -13.42
CA PRO A 87 9.38 4.54 -14.63
C PRO A 87 9.07 3.07 -14.34
N THR A 88 9.08 2.28 -15.41
CA THR A 88 8.80 0.86 -15.28
C THR A 88 10.03 0.12 -14.76
N ALA A 89 11.19 0.62 -15.16
CA ALA A 89 12.45 0.02 -14.74
C ALA A 89 12.78 0.47 -13.31
N ALA A 90 11.85 1.24 -12.74
CA ALA A 90 12.04 1.74 -11.39
C ALA A 90 11.74 0.61 -10.40
N LEU A 91 12.53 -0.45 -10.50
CA LEU A 91 12.36 -1.59 -9.62
C LEU A 91 11.80 -1.11 -8.27
N MET A 92 10.61 -1.61 -7.95
CA MET A 92 9.96 -1.24 -6.71
C MET A 92 10.98 -1.14 -5.56
N SER A 93 12.04 -1.91 -5.69
CA SER A 93 13.08 -1.92 -4.68
C SER A 93 13.81 -0.56 -4.68
N ALA A 94 14.24 -0.15 -5.85
CA ALA A 94 14.94 1.11 -5.99
C ALA A 94 13.97 2.26 -5.73
N ILE A 95 12.69 1.91 -5.63
CA ILE A 95 11.65 2.89 -5.39
C ILE A 95 11.44 3.04 -3.88
N TYR A 96 11.32 1.89 -3.23
CA TYR A 96 11.12 1.88 -1.79
C TYR A 96 12.37 2.33 -1.05
N GLN A 97 13.43 2.53 -1.81
CA GLN A 97 14.70 2.98 -1.24
C GLN A 97 14.88 4.48 -1.47
N GLU A 98 14.01 5.04 -2.28
CA GLU A 98 14.07 6.45 -2.59
C GLU A 98 12.80 7.15 -2.10
N HIS A 99 11.81 6.34 -1.72
CA HIS A 99 10.55 6.87 -1.24
C HIS A 99 10.24 6.27 0.14
N LYS A 100 11.27 5.70 0.75
CA LYS A 100 11.12 5.08 2.05
C LYS A 100 10.53 6.10 3.03
N ASP A 101 9.90 5.58 4.07
CA ASP A 101 9.30 6.43 5.09
C ASP A 101 9.84 6.05 6.46
N LYS A 102 9.52 6.88 7.44
CA LYS A 102 9.98 6.65 8.80
C LYS A 102 9.44 5.30 9.29
N ASP A 103 8.31 4.91 8.72
CA ASP A 103 7.68 3.66 9.09
C ASP A 103 8.29 2.52 8.24
N GLY A 104 8.97 2.91 7.18
CA GLY A 104 9.60 1.96 6.29
C GLY A 104 8.65 1.54 5.17
N PHE A 105 7.38 1.44 5.52
CA PHE A 105 6.37 1.06 4.55
C PHE A 105 6.25 2.11 3.44
N LEU A 106 6.26 1.62 2.21
CA LEU A 106 6.14 2.50 1.06
C LEU A 106 4.70 2.97 0.92
N TYR A 107 4.55 4.19 0.42
CA TYR A 107 3.23 4.76 0.22
C TYR A 107 3.01 5.15 -1.24
N VAL A 108 2.37 4.24 -1.97
CA VAL A 108 2.10 4.47 -3.38
C VAL A 108 0.61 4.77 -3.55
N THR A 109 0.28 5.30 -4.72
CA THR A 109 -1.10 5.63 -5.03
C THR A 109 -1.34 5.60 -6.54
N TYR A 110 -2.24 4.72 -6.95
CA TYR A 110 -2.56 4.57 -8.35
C TYR A 110 -3.84 5.35 -8.71
N SER A 111 -3.78 6.02 -9.85
CA SER A 111 -4.92 6.80 -10.31
C SER A 111 -5.20 6.49 -11.78
N GLY A 112 -6.43 6.78 -12.18
CA GLY A 112 -6.84 6.54 -13.55
C GLY A 112 -6.41 7.68 -14.46
N GLU A 113 -5.73 8.65 -13.87
CA GLU A 113 -5.24 9.80 -14.61
C GLU A 113 -3.73 9.92 -14.47
N ASN A 114 -3.13 10.64 -15.41
CA ASN A 114 -1.69 10.84 -15.40
C ASN A 114 -1.39 12.25 -14.89
N THR A 115 -2.45 13.01 -14.67
CA THR A 115 -2.32 14.37 -14.19
C THR A 115 -1.86 14.38 -12.73
N PHE A 116 -1.16 15.45 -12.37
CA PHE A 116 -0.66 15.60 -11.01
C PHE A 116 -0.72 17.06 -10.56
N GLY A 117 -1.93 17.53 -10.33
CA GLY A 117 -2.13 18.90 -9.90
C GLY A 117 -3.54 19.09 -9.33
N GLY B 1 -14.74 19.60 13.25
CA GLY B 1 -13.45 19.05 12.89
C GLY B 1 -12.67 18.61 14.12
N PRO B 2 -11.61 17.80 13.88
CA PRO B 2 -10.79 17.29 14.97
C PRO B 2 -9.87 18.39 15.51
N HIS B 3 -10.01 18.65 16.80
CA HIS B 3 -9.20 19.67 17.45
C HIS B 3 -8.03 19.01 18.17
N MET B 4 -6.87 19.63 18.04
CA MET B 4 -5.66 19.11 18.68
C MET B 4 -5.30 19.92 19.91
N ILE B 5 -4.43 19.35 20.73
CA ILE B 5 -4.00 20.01 21.95
C ILE B 5 -2.53 20.44 21.80
N SER B 6 -1.88 19.87 20.80
CA SER B 6 -0.49 20.18 20.54
C SER B 6 0.33 20.04 21.83
N GLY B 7 0.18 18.89 22.47
CA GLY B 7 0.88 18.63 23.70
C GLY B 7 1.66 17.31 23.61
N LEU B 8 1.68 16.60 24.74
CA LEU B 8 2.37 15.32 24.80
C LEU B 8 1.45 14.27 25.42
N SER B 9 1.53 13.07 24.87
CA SER B 9 0.70 11.97 25.36
C SER B 9 1.18 10.65 24.76
N VAL B 10 0.56 9.57 25.21
CA VAL B 10 0.91 8.24 24.72
C VAL B 10 0.27 8.03 23.35
N ILE B 11 0.65 6.92 22.73
CA ILE B 11 0.12 6.58 21.41
C ILE B 11 -1.31 6.08 21.57
N LYS B 12 -2.06 6.19 20.48
CA LYS B 12 -3.45 5.74 20.47
C LYS B 12 -3.72 4.92 19.21
N GLN B 13 -3.74 3.60 19.40
CA GLN B 13 -3.98 2.70 18.29
C GLN B 13 -5.26 1.89 18.54
N GLU B 14 -5.99 1.65 17.46
CA GLU B 14 -7.23 0.90 17.55
C GLU B 14 -7.15 -0.35 16.67
N VAL B 15 -8.24 -1.10 16.67
CA VAL B 15 -8.31 -2.33 15.88
C VAL B 15 -9.74 -2.56 15.42
N GLU B 16 -9.87 -2.96 14.17
CA GLU B 16 -11.18 -3.21 13.58
C GLU B 16 -11.26 -4.65 13.07
N ARG B 17 -10.29 -5.00 12.25
CA ARG B 17 -10.24 -6.34 11.68
C ARG B 17 -8.80 -6.87 11.69
N LEU B 18 -7.89 -6.01 11.28
CA LEU B 18 -6.48 -6.38 11.24
C LEU B 18 -5.96 -6.56 12.67
N GLY B 19 -5.04 -5.70 13.05
CA GLY B 19 -4.46 -5.75 14.37
C GLY B 19 -2.97 -5.40 14.34
N ASN B 20 -2.19 -6.22 15.02
CA ASN B 20 -0.75 -6.02 15.07
C ASN B 20 -0.16 -6.20 13.67
N ASP B 21 -0.39 -7.38 13.11
CA ASP B 21 0.10 -7.69 11.79
C ASP B 21 -0.38 -6.61 10.80
N VAL B 22 -0.17 -6.89 9.53
CA VAL B 22 -0.57 -5.96 8.49
C VAL B 22 -1.36 -6.72 7.41
N PHE B 23 -2.43 -7.36 7.85
CA PHE B 23 -3.27 -8.12 6.95
C PHE B 23 -4.43 -8.79 7.69
N GLU B 24 -4.14 -9.96 8.24
CA GLU B 24 -5.15 -10.71 8.99
C GLU B 24 -6.30 -11.11 8.06
N TRP B 25 -6.07 -10.94 6.77
CA TRP B 25 -7.07 -11.28 5.77
C TRP B 25 -6.39 -12.07 4.66
N GLU B 26 -7.18 -12.47 3.68
CA GLU B 26 -6.66 -13.22 2.55
C GLU B 26 -5.34 -12.63 2.08
N ASP B 27 -4.65 -13.39 1.24
CA ASP B 27 -3.37 -12.95 0.71
C ASP B 27 -2.51 -12.38 1.84
N ASP B 28 -1.86 -13.28 2.55
CA ASP B 28 -1.01 -12.88 3.66
C ASP B 28 0.30 -12.30 3.12
N GLU B 29 1.10 -13.18 2.54
CA GLU B 29 2.37 -12.77 1.98
C GLU B 29 2.41 -13.05 0.47
N SER B 30 1.38 -13.75 0.01
CA SER B 30 1.27 -14.10 -1.40
C SER B 30 1.84 -12.96 -2.26
N ASP B 31 2.50 -13.35 -3.34
CA ASP B 31 3.09 -12.37 -4.24
C ASP B 31 2.01 -11.87 -5.20
N GLU B 32 0.79 -12.29 -4.95
CA GLU B 32 -0.33 -11.89 -5.79
C GLU B 32 -0.47 -10.37 -5.80
N ILE B 33 0.02 -9.76 -4.72
CA ILE B 33 -0.04 -8.31 -4.59
C ILE B 33 1.21 -7.70 -5.22
N ALA B 34 1.90 -8.51 -6.00
CA ALA B 34 3.10 -8.06 -6.68
C ALA B 34 3.11 -8.55 -8.12
N HIS A 1 -16.62 7.89 3.21
CA HIS A 1 -15.86 9.12 3.39
C HIS A 1 -14.42 8.78 3.78
N MET A 2 -14.23 7.53 4.19
CA MET A 2 -12.90 7.07 4.58
C MET A 2 -11.84 7.55 3.59
N LYS A 3 -10.59 7.46 4.04
CA LYS A 3 -9.48 7.88 3.21
C LYS A 3 -8.53 6.70 3.01
N SER A 4 -8.25 6.01 4.12
CA SER A 4 -7.36 4.86 4.09
C SER A 4 -8.04 3.66 4.74
N THR A 5 -7.53 2.48 4.43
CA THR A 5 -8.07 1.25 4.96
C THR A 5 -7.05 0.57 5.89
N PHE A 6 -6.13 -0.14 5.27
CA PHE A 6 -5.10 -0.84 6.02
C PHE A 6 -4.19 0.15 6.76
N LYS A 7 -4.26 1.40 6.32
CA LYS A 7 -3.45 2.44 6.92
C LYS A 7 -4.32 3.26 7.89
N SER A 8 -5.63 3.07 7.76
CA SER A 8 -6.57 3.78 8.61
C SER A 8 -6.97 2.89 9.79
N GLU A 9 -6.32 1.74 9.87
CA GLU A 9 -6.59 0.80 10.94
C GLU A 9 -5.85 1.22 12.22
N TYR A 10 -4.53 1.18 12.14
CA TYR A 10 -3.70 1.55 13.27
C TYR A 10 -2.94 2.84 12.99
N PRO A 11 -2.36 3.42 14.08
CA PRO A 11 -1.60 4.65 13.96
C PRO A 11 -0.22 4.38 13.34
N PHE A 12 0.56 5.45 13.25
CA PHE A 12 1.90 5.34 12.68
C PHE A 12 2.79 4.43 13.53
N GLU A 13 2.80 4.70 14.83
CA GLU A 13 3.60 3.91 15.75
C GLU A 13 3.37 2.43 15.50
N LYS A 14 2.26 2.12 14.86
CA LYS A 14 1.92 0.74 14.56
C LYS A 14 2.56 0.34 13.23
N ARG A 15 2.27 1.14 12.21
CA ARG A 15 2.80 0.89 10.88
C ARG A 15 4.32 1.05 10.88
N LYS A 16 4.82 1.64 11.97
CA LYS A 16 6.25 1.86 12.11
C LYS A 16 6.90 0.63 12.74
N ALA A 17 6.20 0.08 13.72
CA ALA A 17 6.69 -1.10 14.42
C ALA A 17 6.39 -2.34 13.58
N GLU A 18 5.62 -2.13 12.53
CA GLU A 18 5.25 -3.23 11.65
C GLU A 18 6.31 -3.43 10.57
N SER A 19 6.50 -2.39 9.76
CA SER A 19 7.47 -2.43 8.69
C SER A 19 8.85 -2.75 9.26
N GLU A 20 8.98 -2.56 10.56
CA GLU A 20 10.23 -2.82 11.24
C GLU A 20 10.45 -4.33 11.41
N ARG A 21 9.35 -5.02 11.68
CA ARG A 21 9.40 -6.45 11.86
C ARG A 21 9.26 -7.18 10.52
N ILE A 22 8.58 -6.50 9.60
CA ILE A 22 8.38 -7.06 8.27
C ILE A 22 9.73 -7.34 7.62
N ALA A 23 10.75 -6.68 8.14
CA ALA A 23 12.10 -6.85 7.63
C ALA A 23 12.60 -8.25 7.99
N ASP A 24 12.11 -8.74 9.11
CA ASP A 24 12.50 -10.07 9.59
C ASP A 24 11.65 -11.13 8.90
N ARG A 25 10.37 -10.81 8.75
CA ARG A 25 9.44 -11.72 8.12
C ARG A 25 9.56 -11.64 6.60
N PHE A 26 10.16 -10.54 6.14
CA PHE A 26 10.34 -10.32 4.73
C PHE A 26 11.46 -9.30 4.47
N PRO A 27 12.72 -9.77 4.65
CA PRO A 27 13.87 -8.92 4.44
C PRO A 27 14.14 -8.70 2.94
N ASN A 28 13.93 -9.76 2.18
CA ASN A 28 14.13 -9.70 0.74
C ASN A 28 12.81 -9.32 0.06
N ARG A 29 12.12 -8.36 0.68
CA ARG A 29 10.85 -7.90 0.14
C ARG A 29 10.84 -6.38 0.05
N ILE A 30 9.70 -5.85 -0.39
CA ILE A 30 9.55 -4.41 -0.53
C ILE A 30 8.09 -4.03 -0.24
N PRO A 31 7.86 -3.60 1.03
CA PRO A 31 6.53 -3.21 1.45
C PRO A 31 6.15 -1.83 0.87
N VAL A 32 4.91 -1.72 0.45
CA VAL A 32 4.41 -0.47 -0.11
C VAL A 32 2.89 -0.42 0.03
N ILE A 33 2.40 0.76 0.37
CA ILE A 33 0.97 0.96 0.53
C ILE A 33 0.40 1.61 -0.72
N CYS A 34 -0.49 0.89 -1.38
CA CYS A 34 -1.11 1.39 -2.60
C CYS A 34 -2.50 1.92 -2.24
N GLU A 35 -2.76 3.14 -2.70
CA GLU A 35 -4.05 3.77 -2.43
C GLU A 35 -4.67 4.26 -3.74
N LYS A 36 -5.96 4.58 -3.66
CA LYS A 36 -6.69 5.06 -4.82
C LYS A 36 -6.96 6.56 -4.67
N ALA A 37 -6.10 7.34 -5.30
CA ALA A 37 -6.23 8.79 -5.25
C ALA A 37 -7.71 9.17 -5.32
N GLU A 38 -8.06 10.19 -4.55
CA GLU A 38 -9.43 10.66 -4.52
C GLU A 38 -9.81 11.29 -5.86
N LYS A 39 -8.99 12.23 -6.29
CA LYS A 39 -9.23 12.92 -7.55
C LYS A 39 -9.55 11.88 -8.63
N SER A 40 -9.05 10.67 -8.41
CA SER A 40 -9.27 9.59 -9.35
C SER A 40 -10.78 9.33 -9.52
N ASP A 41 -11.12 8.75 -10.66
CA ASP A 41 -12.51 8.44 -10.95
C ASP A 41 -12.69 6.92 -11.05
N ILE A 42 -11.58 6.22 -10.87
CA ILE A 42 -11.59 4.77 -10.94
C ILE A 42 -12.15 4.20 -9.63
N PRO A 43 -12.42 2.87 -9.65
CA PRO A 43 -12.96 2.20 -8.48
C PRO A 43 -11.88 2.01 -7.41
N GLU A 44 -12.21 2.43 -6.20
CA GLU A 44 -11.29 2.31 -5.08
C GLU A 44 -10.88 0.84 -4.88
N ILE A 45 -9.84 0.65 -4.09
CA ILE A 45 -9.34 -0.68 -3.82
C ILE A 45 -9.93 -1.17 -2.48
N ASP A 46 -9.77 -2.46 -2.25
CA ASP A 46 -10.27 -3.07 -1.02
C ASP A 46 -9.46 -2.57 0.16
N LYS A 47 -8.15 -2.69 0.03
CA LYS A 47 -7.24 -2.25 1.09
C LYS A 47 -5.98 -1.67 0.46
N ARG A 48 -5.10 -1.18 1.33
CA ARG A 48 -3.85 -0.60 0.87
C ARG A 48 -2.66 -1.29 1.55
N LYS A 49 -2.14 -2.30 0.88
CA LYS A 49 -1.01 -3.05 1.40
C LYS A 49 -0.45 -3.95 0.30
N TYR A 50 0.79 -3.65 -0.09
CA TYR A 50 1.46 -4.41 -1.12
C TYR A 50 2.92 -4.66 -0.77
N LEU A 51 3.26 -5.93 -0.59
CA LEU A 51 4.61 -6.30 -0.24
C LEU A 51 5.29 -6.93 -1.47
N VAL A 52 5.66 -6.08 -2.41
CA VAL A 52 6.30 -6.53 -3.63
C VAL A 52 7.75 -6.91 -3.31
N PRO A 53 8.32 -7.80 -4.18
CA PRO A 53 9.69 -8.24 -4.00
C PRO A 53 10.68 -7.15 -4.42
N ALA A 54 11.96 -7.43 -4.19
CA ALA A 54 13.00 -6.48 -4.54
C ALA A 54 13.43 -6.72 -5.99
N ASP A 55 12.57 -7.40 -6.73
CA ASP A 55 12.84 -7.69 -8.12
C ASP A 55 11.75 -7.07 -8.99
N LEU A 56 10.53 -7.13 -8.50
CA LEU A 56 9.39 -6.58 -9.22
C LEU A 56 9.64 -5.09 -9.47
N THR A 57 9.09 -4.61 -10.59
CA THR A 57 9.23 -3.21 -10.94
C THR A 57 7.92 -2.46 -10.73
N VAL A 58 7.79 -1.35 -11.43
CA VAL A 58 6.59 -0.53 -11.32
C VAL A 58 5.54 -1.04 -12.31
N GLY A 59 6.02 -1.37 -13.50
CA GLY A 59 5.14 -1.88 -14.54
C GLY A 59 4.56 -3.24 -14.16
N GLN A 60 5.32 -3.97 -13.36
CA GLN A 60 4.90 -5.29 -12.91
C GLN A 60 3.92 -5.17 -11.74
N PHE A 61 4.04 -4.05 -11.03
CA PHE A 61 3.17 -3.80 -9.89
C PHE A 61 1.79 -3.31 -10.35
N VAL A 62 1.81 -2.42 -11.32
CA VAL A 62 0.58 -1.87 -11.86
C VAL A 62 -0.33 -3.01 -12.31
N TYR A 63 0.30 -4.07 -12.78
CA TYR A 63 -0.43 -5.23 -13.26
C TYR A 63 -1.35 -5.78 -12.16
N VAL A 64 -0.80 -5.86 -10.96
CA VAL A 64 -1.55 -6.36 -9.83
C VAL A 64 -2.67 -5.36 -9.47
N ILE A 65 -2.29 -4.10 -9.42
CA ILE A 65 -3.24 -3.05 -9.10
C ILE A 65 -4.38 -3.05 -10.13
N ARG A 66 -4.01 -3.39 -11.36
CA ARG A 66 -4.98 -3.44 -12.44
C ARG A 66 -5.77 -4.75 -12.38
N LYS A 67 -5.35 -5.62 -11.48
CA LYS A 67 -6.02 -6.90 -11.30
C LYS A 67 -7.00 -6.80 -10.13
N ARG A 68 -6.60 -6.04 -9.12
CA ARG A 68 -7.43 -5.87 -7.95
C ARG A 68 -8.79 -5.26 -8.34
N ILE A 69 -8.72 -4.32 -9.27
CA ILE A 69 -9.93 -3.65 -9.73
C ILE A 69 -10.31 -4.21 -11.12
N MET A 70 -9.58 -5.24 -11.52
CA MET A 70 -9.84 -5.86 -12.81
C MET A 70 -10.19 -4.81 -13.87
N LEU A 71 -9.43 -3.72 -13.85
CA LEU A 71 -9.65 -2.65 -14.80
C LEU A 71 -9.63 -3.21 -16.21
N PRO A 72 -10.56 -2.68 -17.06
CA PRO A 72 -10.65 -3.12 -18.44
C PRO A 72 -9.51 -2.56 -19.28
N PRO A 73 -9.40 -3.08 -20.53
CA PRO A 73 -8.36 -2.64 -21.44
C PRO A 73 -8.68 -1.26 -22.01
N GLU A 74 -9.83 -0.74 -21.61
CA GLU A 74 -10.26 0.57 -22.08
C GLU A 74 -9.85 1.65 -21.07
N LYS A 75 -9.48 1.20 -19.89
CA LYS A 75 -9.05 2.12 -18.84
C LYS A 75 -7.54 2.01 -18.66
N ALA A 76 -7.04 2.79 -17.71
CA ALA A 76 -5.61 2.80 -17.43
C ALA A 76 -5.40 3.00 -15.92
N ILE A 77 -4.15 2.83 -15.51
CA ILE A 77 -3.80 2.99 -14.11
C ILE A 77 -2.32 3.35 -13.99
N PHE A 78 -2.06 4.42 -13.25
CA PHE A 78 -0.70 4.87 -13.05
C PHE A 78 -0.39 5.06 -11.57
N ILE A 79 0.79 4.60 -11.17
CA ILE A 79 1.22 4.72 -9.78
C ILE A 79 1.88 6.08 -9.57
N PHE A 80 1.45 6.77 -8.53
CA PHE A 80 2.00 8.07 -8.20
C PHE A 80 2.62 8.07 -6.81
N VAL A 81 3.90 8.39 -6.76
CA VAL A 81 4.63 8.44 -5.51
C VAL A 81 5.27 9.82 -5.35
N ASN A 82 4.78 10.54 -4.34
CA ASN A 82 5.29 11.87 -4.07
C ASN A 82 4.91 12.81 -5.22
N ASP A 83 3.77 12.53 -5.82
CA ASP A 83 3.29 13.34 -6.93
C ASP A 83 4.22 13.16 -8.12
N THR A 84 5.05 12.12 -8.04
CA THR A 84 6.00 11.84 -9.10
C THR A 84 5.83 10.39 -9.57
N LEU A 85 5.35 10.25 -10.81
CA LEU A 85 5.14 8.94 -11.38
C LEU A 85 6.50 8.32 -11.72
N PRO A 86 6.80 7.18 -11.03
CA PRO A 86 8.05 6.47 -11.25
C PRO A 86 8.03 5.71 -12.58
N PRO A 87 9.26 5.39 -13.07
CA PRO A 87 9.39 4.68 -14.32
C PRO A 87 9.03 3.20 -14.15
N THR A 88 9.09 2.47 -15.26
CA THR A 88 8.78 1.05 -15.24
C THR A 88 9.97 0.25 -14.72
N ALA A 89 11.16 0.75 -15.03
CA ALA A 89 12.38 0.08 -14.59
C ALA A 89 12.72 0.53 -13.16
N ALA A 90 11.77 1.23 -12.56
CA ALA A 90 11.95 1.72 -11.20
C ALA A 90 11.81 0.55 -10.23
N LEU A 91 12.72 -0.40 -10.35
CA LEU A 91 12.70 -1.57 -9.49
C LEU A 91 12.13 -1.17 -8.12
N MET A 92 10.95 -1.70 -7.85
CA MET A 92 10.27 -1.42 -6.59
C MET A 92 11.27 -1.35 -5.44
N SER A 93 12.35 -2.11 -5.58
CA SER A 93 13.39 -2.14 -4.56
C SER A 93 14.04 -0.75 -4.44
N ALA A 94 14.47 -0.23 -5.59
CA ALA A 94 15.10 1.07 -5.61
C ALA A 94 14.07 2.15 -5.27
N ILE A 95 12.84 1.88 -5.67
CA ILE A 95 11.75 2.82 -5.42
C ILE A 95 11.53 2.93 -3.90
N TYR A 96 11.48 1.78 -3.25
CA TYR A 96 11.28 1.74 -1.81
C TYR A 96 12.51 2.25 -1.07
N GLN A 97 13.56 2.54 -1.85
CA GLN A 97 14.79 3.03 -1.28
C GLN A 97 14.93 4.54 -1.53
N GLU A 98 14.03 5.05 -2.35
CA GLU A 98 14.03 6.47 -2.68
C GLU A 98 12.73 7.12 -2.25
N HIS A 99 11.79 6.28 -1.82
CA HIS A 99 10.49 6.76 -1.39
C HIS A 99 10.17 6.16 -0.02
N LYS A 100 11.20 5.67 0.64
CA LYS A 100 11.04 5.07 1.95
C LYS A 100 10.47 6.12 2.92
N ASP A 101 9.89 5.63 4.01
CA ASP A 101 9.31 6.51 5.01
C ASP A 101 9.91 6.18 6.38
N LYS A 102 9.68 7.08 7.31
CA LYS A 102 10.19 6.90 8.67
C LYS A 102 9.73 5.55 9.20
N ASP A 103 8.46 5.28 9.03
CA ASP A 103 7.87 4.02 9.49
C ASP A 103 8.46 2.87 8.67
N GLY A 104 8.99 3.22 7.51
CA GLY A 104 9.58 2.23 6.63
C GLY A 104 8.63 1.87 5.49
N PHE A 105 7.35 1.77 5.84
CA PHE A 105 6.33 1.44 4.86
C PHE A 105 6.29 2.47 3.73
N LEU A 106 6.23 1.96 2.50
CA LEU A 106 6.19 2.82 1.33
C LEU A 106 4.76 3.33 1.13
N TYR A 107 4.64 4.32 0.26
CA TYR A 107 3.34 4.90 -0.04
C TYR A 107 3.25 5.31 -1.51
N VAL A 108 2.16 4.91 -2.14
CA VAL A 108 1.94 5.24 -3.54
C VAL A 108 0.47 5.63 -3.74
N THR A 109 0.14 5.91 -4.99
CA THR A 109 -1.22 6.30 -5.34
C THR A 109 -1.53 5.94 -6.79
N TYR A 110 -2.36 4.91 -6.95
CA TYR A 110 -2.75 4.46 -8.27
C TYR A 110 -4.08 5.09 -8.71
N SER A 111 -4.01 5.78 -9.83
CA SER A 111 -5.19 6.45 -10.37
C SER A 111 -5.34 6.12 -11.86
N GLY A 112 -6.52 6.41 -12.37
CA GLY A 112 -6.80 6.16 -13.78
C GLY A 112 -6.26 7.28 -14.66
N GLU A 113 -5.60 8.23 -14.01
CA GLU A 113 -5.02 9.36 -14.72
C GLU A 113 -3.53 9.45 -14.44
N ASN A 114 -2.85 10.26 -15.24
CA ASN A 114 -1.41 10.45 -15.08
C ASN A 114 -1.10 11.95 -15.02
N THR A 115 -2.06 12.70 -14.48
CA THR A 115 -1.89 14.13 -14.34
C THR A 115 -1.23 14.48 -13.01
N PHE A 116 -1.23 15.77 -12.70
CA PHE A 116 -0.64 16.23 -11.47
C PHE A 116 -1.70 16.81 -10.52
N GLY A 117 -2.14 15.97 -9.60
CA GLY A 117 -3.15 16.38 -8.64
C GLY A 117 -3.48 15.24 -7.68
N GLY B 1 6.12 -8.25 32.19
CA GLY B 1 7.55 -8.03 32.36
C GLY B 1 8.32 -9.33 32.13
N PRO B 2 8.24 -9.83 30.86
CA PRO B 2 8.93 -11.07 30.50
C PRO B 2 10.43 -10.83 30.34
N HIS B 3 11.20 -11.80 30.81
CA HIS B 3 12.65 -11.71 30.72
C HIS B 3 13.05 -11.17 29.34
N MET B 4 14.29 -10.73 29.26
CA MET B 4 14.81 -10.20 28.01
C MET B 4 15.22 -11.32 27.05
N ILE B 5 14.94 -12.55 27.48
CA ILE B 5 15.27 -13.72 26.69
C ILE B 5 14.78 -13.51 25.26
N SER B 6 13.78 -12.64 25.13
CA SER B 6 13.20 -12.35 23.82
C SER B 6 13.02 -10.83 23.67
N GLY B 7 12.07 -10.30 24.42
CA GLY B 7 11.79 -8.87 24.37
C GLY B 7 10.82 -8.54 23.23
N LEU B 8 9.59 -9.01 23.39
CA LEU B 8 8.56 -8.78 22.39
C LEU B 8 7.41 -8.01 23.03
N SER B 9 6.80 -7.14 22.23
CA SER B 9 5.68 -6.34 22.70
C SER B 9 5.12 -5.51 21.55
N VAL B 10 3.83 -5.69 21.30
CA VAL B 10 3.16 -4.96 20.23
C VAL B 10 2.20 -3.93 20.85
N ILE B 11 1.42 -3.31 19.98
CA ILE B 11 0.46 -2.30 20.42
C ILE B 11 -0.94 -2.75 20.02
N LYS B 12 -1.93 -2.03 20.55
CA LYS B 12 -3.32 -2.34 20.26
C LYS B 12 -4.10 -1.03 20.07
N GLN B 13 -4.86 -0.98 18.99
CA GLN B 13 -5.65 0.20 18.68
C GLN B 13 -7.00 -0.21 18.07
N GLU B 14 -7.74 0.80 17.63
CA GLU B 14 -9.04 0.56 17.04
C GLU B 14 -8.97 -0.63 16.07
N VAL B 15 -10.15 -1.12 15.71
CA VAL B 15 -10.24 -2.25 14.80
C VAL B 15 -11.45 -2.08 13.89
N GLU B 16 -11.17 -2.01 12.60
CA GLU B 16 -12.23 -1.84 11.61
C GLU B 16 -12.43 -3.13 10.83
N ARG B 17 -11.31 -3.75 10.47
CA ARG B 17 -11.35 -4.99 9.71
C ARG B 17 -10.25 -5.93 10.19
N LEU B 18 -9.07 -5.37 10.36
CA LEU B 18 -7.92 -6.14 10.80
C LEU B 18 -7.39 -5.55 12.11
N GLY B 19 -7.11 -6.45 13.05
CA GLY B 19 -6.60 -6.03 14.35
C GLY B 19 -5.51 -6.99 14.84
N ASN B 20 -5.91 -8.23 15.04
CA ASN B 20 -4.97 -9.24 15.51
C ASN B 20 -3.63 -9.06 14.80
N ASP B 21 -3.65 -9.27 13.49
CA ASP B 21 -2.45 -9.13 12.69
C ASP B 21 -2.62 -7.97 11.72
N VAL B 22 -1.50 -7.35 11.40
CA VAL B 22 -1.51 -6.21 10.47
C VAL B 22 -2.39 -6.56 9.27
N PHE B 23 -2.43 -7.84 8.96
CA PHE B 23 -3.22 -8.31 7.83
C PHE B 23 -4.39 -9.17 8.30
N GLU B 24 -4.06 -10.34 8.84
CA GLU B 24 -5.08 -11.25 9.33
C GLU B 24 -6.17 -11.45 8.29
N TRP B 25 -5.76 -11.40 7.03
CA TRP B 25 -6.70 -11.57 5.93
C TRP B 25 -5.98 -12.32 4.81
N GLU B 26 -6.78 -12.90 3.92
CA GLU B 26 -6.24 -13.65 2.80
C GLU B 26 -5.03 -12.93 2.22
N ASP B 27 -4.25 -13.67 1.43
CA ASP B 27 -3.07 -13.10 0.80
C ASP B 27 -2.16 -12.51 1.88
N ASP B 28 -1.91 -13.31 2.91
CA ASP B 28 -1.06 -12.88 4.00
C ASP B 28 0.28 -12.39 3.45
N GLU B 29 0.98 -13.31 2.82
CA GLU B 29 2.28 -12.99 2.23
C GLU B 29 2.25 -13.22 0.73
N SER B 30 1.15 -13.79 0.26
CA SER B 30 0.99 -14.07 -1.16
C SER B 30 1.62 -12.94 -1.98
N ASP B 31 2.29 -13.35 -3.05
CA ASP B 31 2.94 -12.39 -3.93
C ASP B 31 1.90 -11.74 -4.85
N GLU B 32 0.65 -12.15 -4.64
CA GLU B 32 -0.45 -11.63 -5.44
C GLU B 32 -0.44 -10.09 -5.40
N ILE B 33 0.23 -9.56 -4.40
CA ILE B 33 0.32 -8.11 -4.24
C ILE B 33 1.57 -7.61 -4.96
N ALA B 34 1.92 -8.30 -6.03
CA ALA B 34 3.08 -7.93 -6.82
C ALA B 34 2.70 -6.82 -7.81
N HIS A 1 -18.21 7.90 2.77
CA HIS A 1 -17.33 7.04 2.00
C HIS A 1 -15.92 7.08 2.60
N MET A 2 -15.16 6.04 2.31
CA MET A 2 -13.80 5.96 2.81
C MET A 2 -12.80 5.80 1.66
N LYS A 3 -11.53 5.99 2.00
CA LYS A 3 -10.47 5.87 1.00
C LYS A 3 -9.44 4.85 1.48
N SER A 4 -8.97 5.05 2.70
CA SER A 4 -7.99 4.15 3.28
C SER A 4 -8.67 3.17 4.24
N THR A 5 -8.04 2.02 4.41
CA THR A 5 -8.57 1.00 5.28
C THR A 5 -7.46 0.42 6.17
N PHE A 6 -6.49 -0.19 5.52
CA PHE A 6 -5.36 -0.78 6.23
C PHE A 6 -4.60 0.28 7.03
N LYS A 7 -4.58 1.49 6.49
CA LYS A 7 -3.90 2.59 7.14
C LYS A 7 -4.92 3.47 7.86
N SER A 8 -6.17 3.02 7.82
CA SER A 8 -7.25 3.75 8.46
C SER A 8 -7.73 2.99 9.70
N GLU A 9 -7.03 1.89 10.00
CA GLU A 9 -7.37 1.07 11.14
C GLU A 9 -6.57 1.51 12.37
N TYR A 10 -5.26 1.47 12.23
CA TYR A 10 -4.38 1.85 13.31
C TYR A 10 -3.47 3.00 12.89
N PRO A 11 -2.84 3.63 13.92
CA PRO A 11 -1.94 4.75 13.67
C PRO A 11 -0.61 4.27 13.10
N PHE A 12 0.22 5.24 12.73
CA PHE A 12 1.52 4.93 12.16
C PHE A 12 2.37 4.12 13.15
N GLU A 13 2.55 4.69 14.33
CA GLU A 13 3.32 4.03 15.38
C GLU A 13 3.06 2.52 15.37
N LYS A 14 1.84 2.17 14.96
CA LYS A 14 1.44 0.77 14.90
C LYS A 14 2.02 0.14 13.65
N ARG A 15 1.77 0.80 12.52
CA ARG A 15 2.26 0.30 11.24
C ARG A 15 3.78 0.13 11.29
N LYS A 16 4.46 1.21 11.66
CA LYS A 16 5.90 1.19 11.75
C LYS A 16 6.35 -0.09 12.46
N ALA A 17 5.63 -0.42 13.51
CA ALA A 17 5.96 -1.61 14.28
C ALA A 17 5.97 -2.82 13.36
N GLU A 18 5.02 -2.84 12.43
CA GLU A 18 4.92 -3.93 11.48
C GLU A 18 6.18 -3.99 10.61
N SER A 19 6.61 -2.82 10.17
CA SER A 19 7.79 -2.73 9.33
C SER A 19 9.04 -3.07 10.14
N GLU A 20 8.92 -2.92 11.45
CA GLU A 20 10.02 -3.20 12.35
C GLU A 20 10.24 -4.71 12.45
N ARG A 21 9.18 -5.46 12.16
CA ARG A 21 9.25 -6.91 12.22
C ARG A 21 9.39 -7.49 10.80
N ILE A 22 8.80 -6.78 9.85
CA ILE A 22 8.85 -7.20 8.46
C ILE A 22 10.30 -7.14 7.96
N ALA A 23 11.10 -6.37 8.68
CA ALA A 23 12.50 -6.21 8.32
C ALA A 23 13.26 -7.49 8.69
N ASP A 24 12.67 -8.24 9.60
CA ASP A 24 13.27 -9.49 10.05
C ASP A 24 12.54 -10.67 9.43
N ARG A 25 11.39 -10.37 8.83
CA ARG A 25 10.58 -11.39 8.20
C ARG A 25 10.92 -11.49 6.71
N PHE A 26 10.82 -10.36 6.03
CA PHE A 26 11.11 -10.31 4.61
C PHE A 26 12.03 -9.13 4.28
N PRO A 27 13.35 -9.37 4.41
CA PRO A 27 14.33 -8.33 4.13
C PRO A 27 14.49 -8.12 2.63
N ASN A 28 14.33 -9.21 1.89
CA ASN A 28 14.44 -9.16 0.44
C ASN A 28 13.07 -8.88 -0.17
N ARG A 29 12.34 -8.00 0.48
CA ARG A 29 11.01 -7.64 0.02
C ARG A 29 10.88 -6.12 -0.09
N ILE A 30 9.70 -5.68 -0.54
CA ILE A 30 9.44 -4.26 -0.69
C ILE A 30 7.99 -3.97 -0.30
N PRO A 31 7.81 -3.60 1.00
CA PRO A 31 6.49 -3.29 1.52
C PRO A 31 6.01 -1.92 1.02
N VAL A 32 4.91 -1.96 0.29
CA VAL A 32 4.33 -0.73 -0.25
C VAL A 32 2.86 -0.65 0.13
N ILE A 33 2.26 0.49 -0.18
CA ILE A 33 0.86 0.71 0.14
C ILE A 33 0.17 1.37 -1.06
N CYS A 34 -0.51 0.56 -1.85
CA CYS A 34 -1.21 1.05 -3.02
C CYS A 34 -2.59 1.56 -2.57
N GLU A 35 -2.86 2.82 -2.89
CA GLU A 35 -4.12 3.42 -2.53
C GLU A 35 -4.68 4.22 -3.72
N LYS A 36 -6.00 4.32 -3.74
CA LYS A 36 -6.68 5.04 -4.81
C LYS A 36 -6.77 6.53 -4.44
N ALA A 37 -6.23 7.36 -5.32
CA ALA A 37 -6.25 8.79 -5.10
C ALA A 37 -7.69 9.26 -4.91
N GLU A 38 -7.84 10.56 -4.71
CA GLU A 38 -9.16 11.15 -4.51
C GLU A 38 -9.68 11.72 -5.82
N LYS A 39 -8.84 12.53 -6.46
CA LYS A 39 -9.20 13.15 -7.71
C LYS A 39 -9.56 12.07 -8.73
N SER A 40 -8.75 11.03 -8.75
CA SER A 40 -8.97 9.91 -9.67
C SER A 40 -10.45 9.59 -9.75
N ASP A 41 -10.83 8.94 -10.84
CA ASP A 41 -12.22 8.57 -11.04
C ASP A 41 -12.31 7.05 -11.23
N ILE A 42 -11.29 6.37 -10.75
CA ILE A 42 -11.24 4.91 -10.86
C ILE A 42 -11.91 4.29 -9.63
N PRO A 43 -12.20 2.97 -9.74
CA PRO A 43 -12.83 2.24 -8.65
C PRO A 43 -11.83 1.97 -7.53
N GLU A 44 -12.10 2.58 -6.38
CA GLU A 44 -11.23 2.41 -5.23
C GLU A 44 -10.96 0.93 -4.98
N ILE A 45 -9.85 0.67 -4.31
CA ILE A 45 -9.47 -0.70 -4.00
C ILE A 45 -10.02 -1.09 -2.62
N ASP A 46 -10.02 -2.39 -2.38
CA ASP A 46 -10.52 -2.90 -1.11
C ASP A 46 -9.77 -2.24 0.04
N LYS A 47 -8.46 -2.38 0.02
CA LYS A 47 -7.62 -1.81 1.05
C LYS A 47 -6.26 -1.44 0.45
N ARG A 48 -5.51 -0.66 1.21
CA ARG A 48 -4.19 -0.23 0.77
C ARG A 48 -3.10 -0.96 1.57
N LYS A 49 -2.61 -2.05 0.99
CA LYS A 49 -1.58 -2.84 1.63
C LYS A 49 -0.98 -3.82 0.61
N TYR A 50 0.23 -3.49 0.16
CA TYR A 50 0.91 -4.32 -0.80
C TYR A 50 2.33 -4.66 -0.33
N LEU A 51 2.78 -5.84 -0.71
CA LEU A 51 4.12 -6.28 -0.35
C LEU A 51 4.84 -6.84 -1.58
N VAL A 52 5.31 -5.92 -2.41
CA VAL A 52 6.00 -6.31 -3.62
C VAL A 52 7.46 -6.66 -3.27
N PRO A 53 8.03 -7.60 -4.09
CA PRO A 53 9.40 -8.03 -3.87
C PRO A 53 10.39 -6.96 -4.35
N ALA A 54 11.67 -7.29 -4.23
CA ALA A 54 12.72 -6.38 -4.65
C ALA A 54 13.12 -6.69 -6.09
N ASP A 55 12.24 -7.40 -6.77
CA ASP A 55 12.48 -7.76 -8.15
C ASP A 55 11.39 -7.16 -9.04
N LEU A 56 10.18 -7.16 -8.52
CA LEU A 56 9.05 -6.60 -9.26
C LEU A 56 9.33 -5.14 -9.58
N THR A 57 9.05 -4.78 -10.83
CA THR A 57 9.27 -3.43 -11.28
C THR A 57 7.97 -2.60 -11.14
N VAL A 58 8.09 -1.33 -11.46
CA VAL A 58 6.94 -0.43 -11.38
C VAL A 58 5.88 -0.88 -12.38
N GLY A 59 6.33 -1.10 -13.61
CA GLY A 59 5.43 -1.54 -14.67
C GLY A 59 4.84 -2.92 -14.36
N GLN A 60 5.41 -3.56 -13.35
CA GLN A 60 4.96 -4.87 -12.95
C GLN A 60 3.96 -4.76 -11.78
N PHE A 61 4.09 -3.67 -11.04
CA PHE A 61 3.21 -3.43 -9.91
C PHE A 61 1.83 -2.98 -10.37
N VAL A 62 1.83 -2.02 -11.28
CA VAL A 62 0.58 -1.50 -11.81
C VAL A 62 -0.36 -2.65 -12.12
N TYR A 63 0.21 -3.73 -12.64
CA TYR A 63 -0.57 -4.90 -12.98
C TYR A 63 -1.39 -5.38 -11.79
N VAL A 64 -0.67 -5.78 -10.74
CA VAL A 64 -1.31 -6.26 -9.53
C VAL A 64 -2.49 -5.35 -9.19
N ILE A 65 -2.31 -4.06 -9.45
CA ILE A 65 -3.35 -3.09 -9.18
C ILE A 65 -4.51 -3.30 -10.14
N ARG A 66 -4.22 -3.15 -11.42
CA ARG A 66 -5.23 -3.33 -12.45
C ARG A 66 -6.07 -4.58 -12.17
N LYS A 67 -5.43 -5.53 -11.49
CA LYS A 67 -6.11 -6.77 -11.15
C LYS A 67 -7.04 -6.53 -9.97
N ARG A 68 -6.53 -5.79 -8.99
CA ARG A 68 -7.30 -5.50 -7.79
C ARG A 68 -8.58 -4.73 -8.17
N ILE A 69 -8.60 -4.24 -9.39
CA ILE A 69 -9.75 -3.50 -9.89
C ILE A 69 -10.15 -4.05 -11.27
N MET A 70 -9.51 -5.14 -11.63
CA MET A 70 -9.79 -5.78 -12.91
C MET A 70 -10.11 -4.74 -13.99
N LEU A 71 -9.44 -3.60 -13.88
CA LEU A 71 -9.64 -2.52 -14.82
C LEU A 71 -9.55 -3.07 -16.24
N PRO A 72 -10.45 -2.55 -17.12
CA PRO A 72 -10.48 -2.98 -18.51
C PRO A 72 -9.31 -2.38 -19.30
N PRO A 73 -9.07 -2.96 -20.51
CA PRO A 73 -8.00 -2.49 -21.36
C PRO A 73 -8.38 -1.16 -22.02
N GLU A 74 -9.56 -0.68 -21.70
CA GLU A 74 -10.05 0.57 -22.25
C GLU A 74 -9.83 1.71 -21.26
N LYS A 75 -9.14 1.39 -20.17
CA LYS A 75 -8.86 2.37 -19.15
C LYS A 75 -7.34 2.53 -19.00
N ALA A 76 -6.96 3.42 -18.10
CA ALA A 76 -5.55 3.67 -17.84
C ALA A 76 -5.33 3.83 -16.34
N ILE A 77 -4.14 3.43 -15.91
CA ILE A 77 -3.79 3.52 -14.49
C ILE A 77 -2.31 3.91 -14.36
N PHE A 78 -2.09 5.01 -13.67
CA PHE A 78 -0.73 5.49 -13.47
C PHE A 78 -0.41 5.60 -11.97
N ILE A 79 0.81 5.17 -11.65
CA ILE A 79 1.25 5.20 -10.26
C ILE A 79 1.81 6.58 -9.94
N PHE A 80 1.63 6.99 -8.69
CA PHE A 80 2.10 8.29 -8.25
C PHE A 80 2.77 8.19 -6.88
N VAL A 81 4.01 8.64 -6.82
CA VAL A 81 4.77 8.61 -5.58
C VAL A 81 5.31 10.01 -5.28
N ASN A 82 4.66 10.66 -4.32
CA ASN A 82 5.06 12.00 -3.92
C ASN A 82 4.72 12.98 -5.05
N ASP A 83 3.76 12.58 -5.87
CA ASP A 83 3.33 13.41 -6.98
C ASP A 83 4.30 13.22 -8.15
N THR A 84 4.97 12.08 -8.15
CA THR A 84 5.93 11.77 -9.20
C THR A 84 5.53 10.47 -9.91
N LEU A 85 5.92 10.38 -11.17
CA LEU A 85 5.61 9.21 -11.97
C LEU A 85 6.91 8.48 -12.31
N PRO A 86 7.15 7.36 -11.57
CA PRO A 86 8.34 6.55 -11.78
C PRO A 86 8.22 5.73 -13.06
N PRO A 87 9.40 5.38 -13.64
CA PRO A 87 9.44 4.58 -14.86
C PRO A 87 9.11 3.12 -14.57
N THR A 88 9.08 2.33 -15.63
CA THR A 88 8.78 0.92 -15.51
C THR A 88 10.01 0.15 -15.01
N ALA A 89 11.17 0.62 -15.44
CA ALA A 89 12.41 -0.01 -15.06
C ALA A 89 12.80 0.44 -13.65
N ALA A 90 11.91 1.23 -13.05
CA ALA A 90 12.14 1.73 -11.71
C ALA A 90 11.85 0.62 -10.69
N LEU A 91 12.63 -0.45 -10.80
CA LEU A 91 12.48 -1.58 -9.90
C LEU A 91 11.94 -1.08 -8.55
N MET A 92 10.85 -1.68 -8.12
CA MET A 92 10.23 -1.31 -6.87
C MET A 92 11.25 -1.35 -5.72
N SER A 93 12.34 -2.08 -5.97
CA SER A 93 13.39 -2.21 -4.98
C SER A 93 14.19 -0.90 -4.89
N ALA A 94 14.33 -0.25 -6.04
CA ALA A 94 15.06 1.00 -6.11
C ALA A 94 14.10 2.16 -5.86
N ILE A 95 12.82 1.83 -5.83
CA ILE A 95 11.79 2.84 -5.60
C ILE A 95 11.56 2.99 -4.10
N TYR A 96 11.42 1.86 -3.43
CA TYR A 96 11.21 1.85 -1.99
C TYR A 96 12.46 2.32 -1.25
N GLN A 97 13.53 2.50 -2.01
CA GLN A 97 14.79 2.95 -1.43
C GLN A 97 14.96 4.46 -1.63
N GLU A 98 14.12 5.01 -2.50
CA GLU A 98 14.16 6.43 -2.78
C GLU A 98 12.89 7.11 -2.29
N HIS A 99 11.91 6.29 -1.93
CA HIS A 99 10.64 6.81 -1.44
C HIS A 99 10.34 6.20 -0.07
N LYS A 100 11.38 5.66 0.54
CA LYS A 100 11.23 5.04 1.85
C LYS A 100 10.65 6.05 2.82
N ASP A 101 9.98 5.53 3.84
CA ASP A 101 9.36 6.38 4.85
C ASP A 101 9.92 6.03 6.23
N LYS A 102 9.48 6.79 7.22
CA LYS A 102 9.94 6.57 8.58
C LYS A 102 9.67 5.12 8.98
N ASP A 103 8.42 4.70 8.77
CA ASP A 103 8.02 3.34 9.10
C ASP A 103 8.73 2.36 8.16
N GLY A 104 9.27 2.91 7.08
CA GLY A 104 9.97 2.11 6.11
C GLY A 104 9.05 1.72 4.94
N PHE A 105 7.80 1.41 5.29
CA PHE A 105 6.82 1.03 4.30
C PHE A 105 6.76 2.05 3.16
N LEU A 106 6.30 1.58 2.01
CA LEU A 106 6.19 2.44 0.84
C LEU A 106 4.74 2.90 0.69
N TYR A 107 4.59 4.17 0.33
CA TYR A 107 3.27 4.74 0.15
C TYR A 107 3.04 5.12 -1.32
N VAL A 108 2.50 4.16 -2.07
CA VAL A 108 2.22 4.38 -3.48
C VAL A 108 0.73 4.66 -3.66
N THR A 109 0.39 5.16 -4.84
CA THR A 109 -0.99 5.48 -5.15
C THR A 109 -1.23 5.40 -6.66
N TYR A 110 -2.26 4.66 -7.03
CA TYR A 110 -2.60 4.49 -8.43
C TYR A 110 -3.88 5.26 -8.78
N SER A 111 -3.82 5.99 -9.88
CA SER A 111 -4.97 6.77 -10.32
C SER A 111 -5.24 6.49 -11.80
N GLY A 112 -6.43 6.88 -12.23
CA GLY A 112 -6.83 6.68 -13.62
C GLY A 112 -6.33 7.83 -14.50
N GLU A 113 -5.59 8.74 -13.88
CA GLU A 113 -5.05 9.89 -14.59
C GLU A 113 -3.54 9.92 -14.45
N ASN A 114 -2.90 10.52 -15.46
CA ASN A 114 -1.45 10.63 -15.46
C ASN A 114 -1.05 12.01 -14.95
N THR A 115 -2.06 12.83 -14.70
CA THR A 115 -1.82 14.18 -14.21
C THR A 115 -2.17 14.27 -12.72
N PHE A 116 -2.16 15.50 -12.23
CA PHE A 116 -2.47 15.74 -10.82
C PHE A 116 -3.34 16.99 -10.65
N GLY A 117 -4.64 16.75 -10.54
CA GLY A 117 -5.59 17.84 -10.39
C GLY A 117 -7.02 17.37 -10.63
N GLY B 1 -12.17 7.68 7.41
CA GLY B 1 -10.75 7.97 7.29
C GLY B 1 -9.95 7.36 8.44
N PRO B 2 -8.64 7.71 8.48
CA PRO B 2 -7.76 7.21 9.52
C PRO B 2 -8.03 7.92 10.85
N HIS B 3 -8.06 7.11 11.91
CA HIS B 3 -8.31 7.65 13.24
C HIS B 3 -7.12 7.32 14.15
N MET B 4 -6.26 8.31 14.32
CA MET B 4 -5.09 8.14 15.15
C MET B 4 -5.47 8.12 16.64
N ILE B 5 -4.96 7.11 17.34
CA ILE B 5 -5.24 6.97 18.76
C ILE B 5 -4.31 7.90 19.55
N SER B 6 -4.92 8.82 20.28
CA SER B 6 -4.17 9.76 21.10
C SER B 6 -4.79 9.89 22.48
N GLY B 7 -4.19 10.74 23.29
CA GLY B 7 -4.67 10.96 24.64
C GLY B 7 -3.74 10.34 25.68
N LEU B 8 -3.62 11.00 26.81
CA LEU B 8 -2.76 10.52 27.88
C LEU B 8 -3.34 9.22 28.45
N SER B 9 -2.76 8.12 28.02
CA SER B 9 -3.21 6.81 28.47
C SER B 9 -2.31 5.72 27.89
N VAL B 10 -2.25 4.60 28.60
CA VAL B 10 -1.43 3.47 28.17
C VAL B 10 -1.57 3.30 26.66
N ILE B 11 -0.58 2.65 26.08
CA ILE B 11 -0.58 2.41 24.64
C ILE B 11 -1.81 1.58 24.27
N LYS B 12 -2.46 1.99 23.19
CA LYS B 12 -3.64 1.29 22.71
C LYS B 12 -4.01 1.82 21.32
N GLN B 13 -4.48 0.90 20.49
CA GLN B 13 -4.87 1.26 19.13
C GLN B 13 -6.23 0.65 18.79
N GLU B 14 -6.79 1.10 17.69
CA GLU B 14 -8.09 0.60 17.25
C GLU B 14 -7.91 -0.62 16.35
N VAL B 15 -9.03 -1.13 15.86
CA VAL B 15 -9.00 -2.29 14.99
C VAL B 15 -10.41 -2.53 14.43
N GLU B 16 -10.45 -2.77 13.13
CA GLU B 16 -11.72 -3.03 12.46
C GLU B 16 -11.80 -4.48 11.98
N ARG B 17 -10.66 -4.96 11.50
CA ARG B 17 -10.59 -6.33 11.01
C ARG B 17 -9.20 -6.91 11.24
N LEU B 18 -8.20 -6.17 10.78
CA LEU B 18 -6.81 -6.59 10.94
C LEU B 18 -6.42 -6.48 12.41
N GLY B 19 -5.11 -6.51 12.64
CA GLY B 19 -4.59 -6.41 13.99
C GLY B 19 -3.31 -7.23 14.15
N ASN B 20 -3.45 -8.38 14.81
CA ASN B 20 -2.32 -9.26 15.03
C ASN B 20 -1.50 -9.37 13.74
N ASP B 21 -0.19 -9.24 13.89
CA ASP B 21 0.71 -9.32 12.76
C ASP B 21 0.15 -8.46 11.62
N VAL B 22 -0.50 -7.37 11.99
CA VAL B 22 -1.08 -6.47 11.01
C VAL B 22 -1.70 -7.29 9.87
N PHE B 23 -2.46 -8.30 10.26
CA PHE B 23 -3.11 -9.16 9.29
C PHE B 23 -4.09 -10.11 9.98
N GLU B 24 -5.19 -10.38 9.29
CA GLU B 24 -6.22 -11.27 9.81
C GLU B 24 -6.67 -12.26 8.73
N TRP B 25 -7.06 -11.69 7.59
CA TRP B 25 -7.52 -12.50 6.48
C TRP B 25 -6.30 -13.15 5.82
N GLU B 26 -6.58 -14.07 4.91
CA GLU B 26 -5.50 -14.76 4.20
C GLU B 26 -4.62 -13.76 3.46
N ASP B 27 -3.70 -14.30 2.67
CA ASP B 27 -2.79 -13.47 1.90
C ASP B 27 -2.00 -12.58 2.85
N ASP B 28 -1.12 -13.22 3.62
CA ASP B 28 -0.29 -12.50 4.57
C ASP B 28 0.84 -11.79 3.82
N GLU B 29 1.59 -12.58 3.07
CA GLU B 29 2.70 -12.03 2.29
C GLU B 29 2.64 -12.54 0.85
N SER B 30 1.56 -13.23 0.55
CA SER B 30 1.37 -13.78 -0.79
C SER B 30 1.87 -12.79 -1.83
N ASP B 31 2.25 -13.32 -2.98
CA ASP B 31 2.77 -12.50 -4.06
C ASP B 31 1.59 -12.00 -4.90
N GLU B 32 0.39 -12.24 -4.40
CA GLU B 32 -0.81 -11.83 -5.10
C GLU B 32 -0.85 -10.31 -5.25
N ILE B 33 -0.11 -9.65 -4.36
CA ILE B 33 -0.04 -8.20 -4.38
C ILE B 33 1.20 -7.76 -5.16
N ALA B 34 1.77 -8.70 -5.88
CA ALA B 34 2.96 -8.43 -6.68
C ALA B 34 3.06 -9.46 -7.81
N HIS A 1 -16.39 8.96 4.08
CA HIS A 1 -15.59 9.02 2.87
C HIS A 1 -14.11 9.12 3.24
N MET A 2 -13.40 8.02 3.00
CA MET A 2 -11.98 7.97 3.30
C MET A 2 -11.21 7.31 2.17
N LYS A 3 -9.91 7.11 2.41
CA LYS A 3 -9.05 6.48 1.41
C LYS A 3 -8.18 5.42 2.10
N SER A 4 -7.59 5.82 3.22
CA SER A 4 -6.73 4.93 3.97
C SER A 4 -7.58 3.95 4.79
N THR A 5 -7.21 2.68 4.70
CA THR A 5 -7.92 1.64 5.42
C THR A 5 -6.95 0.80 6.25
N PHE A 6 -5.98 0.21 5.57
CA PHE A 6 -4.99 -0.61 6.24
C PHE A 6 -4.27 0.18 7.33
N LYS A 7 -4.26 1.49 7.17
CA LYS A 7 -3.62 2.36 8.14
C LYS A 7 -4.69 2.97 9.05
N SER A 8 -5.90 3.04 8.53
CA SER A 8 -7.01 3.60 9.29
C SER A 8 -7.44 2.62 10.39
N GLU A 9 -6.78 1.47 10.40
CA GLU A 9 -7.09 0.45 11.39
C GLU A 9 -6.27 0.69 12.66
N TYR A 10 -4.97 0.84 12.48
CA TYR A 10 -4.08 1.07 13.60
C TYR A 10 -3.26 2.35 13.39
N PRO A 11 -2.61 2.81 14.50
CA PRO A 11 -1.78 4.00 14.44
C PRO A 11 -0.46 3.73 13.73
N PHE A 12 0.37 4.76 13.69
CA PHE A 12 1.68 4.63 13.06
C PHE A 12 2.54 3.59 13.76
N GLU A 13 2.80 3.86 15.03
CA GLU A 13 3.62 2.94 15.83
C GLU A 13 3.28 1.49 15.48
N LYS A 14 2.03 1.28 15.11
CA LYS A 14 1.57 -0.06 14.75
C LYS A 14 2.19 -0.46 13.41
N ARG A 15 1.98 0.39 12.42
CA ARG A 15 2.51 0.14 11.09
C ARG A 15 4.02 -0.07 11.15
N LYS A 16 4.71 0.96 11.63
CA LYS A 16 6.15 0.89 11.74
C LYS A 16 6.56 -0.49 12.28
N ALA A 17 5.86 -0.90 13.32
CA ALA A 17 6.14 -2.19 13.93
C ALA A 17 6.16 -3.27 12.85
N GLU A 18 5.16 -3.22 11.99
CA GLU A 18 5.05 -4.18 10.91
C GLU A 18 6.38 -4.28 10.14
N SER A 19 7.06 -3.16 10.07
CA SER A 19 8.34 -3.10 9.37
C SER A 19 9.45 -3.64 10.28
N GLU A 20 9.19 -3.57 11.58
CA GLU A 20 10.16 -4.05 12.55
C GLU A 20 10.27 -5.58 12.49
N ARG A 21 9.18 -6.21 12.07
CA ARG A 21 9.15 -7.65 11.95
C ARG A 21 9.35 -8.07 10.49
N ILE A 22 8.80 -7.25 9.60
CA ILE A 22 8.91 -7.52 8.17
C ILE A 22 10.38 -7.44 7.76
N ALA A 23 11.16 -6.75 8.57
CA ALA A 23 12.58 -6.59 8.29
C ALA A 23 13.33 -7.83 8.79
N ASP A 24 12.66 -8.60 9.62
CA ASP A 24 13.25 -9.81 10.17
C ASP A 24 12.63 -11.03 9.48
N ARG A 25 11.44 -10.84 8.94
CA ARG A 25 10.74 -11.90 8.26
C ARG A 25 11.07 -11.88 6.76
N PHE A 26 10.84 -10.73 6.15
CA PHE A 26 11.11 -10.56 4.73
C PHE A 26 11.92 -9.28 4.48
N PRO A 27 13.27 -9.42 4.61
CA PRO A 27 14.16 -8.30 4.39
C PRO A 27 14.29 -7.98 2.90
N ASN A 28 14.12 -9.02 2.10
CA ASN A 28 14.23 -8.88 0.65
C ASN A 28 12.84 -8.58 0.07
N ARG A 29 12.08 -7.79 0.82
CA ARG A 29 10.74 -7.43 0.40
C ARG A 29 10.62 -5.91 0.23
N ILE A 30 9.48 -5.50 -0.28
CA ILE A 30 9.24 -4.07 -0.48
C ILE A 30 7.81 -3.74 -0.04
N PRO A 31 7.70 -3.34 1.26
CA PRO A 31 6.41 -2.98 1.83
C PRO A 31 5.94 -1.61 1.34
N VAL A 32 5.00 -1.65 0.40
CA VAL A 32 4.47 -0.42 -0.16
C VAL A 32 2.97 -0.34 0.12
N ILE A 33 2.42 0.85 -0.07
CA ILE A 33 1.00 1.07 0.16
C ILE A 33 0.38 1.72 -1.08
N CYS A 34 -0.37 0.92 -1.81
CA CYS A 34 -1.02 1.40 -3.02
C CYS A 34 -2.30 2.14 -2.61
N GLU A 35 -2.40 3.38 -3.05
CA GLU A 35 -3.56 4.20 -2.75
C GLU A 35 -4.23 4.67 -4.03
N LYS A 36 -5.49 5.07 -3.90
CA LYS A 36 -6.26 5.54 -5.04
C LYS A 36 -6.47 7.06 -4.91
N ALA A 37 -5.97 7.78 -5.90
CA ALA A 37 -6.10 9.23 -5.92
C ALA A 37 -7.55 9.60 -5.66
N GLU A 38 -7.76 10.89 -5.41
CA GLU A 38 -9.10 11.40 -5.16
C GLU A 38 -9.74 11.91 -6.45
N LYS A 39 -8.98 12.74 -7.15
CA LYS A 39 -9.47 13.31 -8.40
C LYS A 39 -9.81 12.18 -9.37
N SER A 40 -9.20 11.03 -9.12
CA SER A 40 -9.43 9.86 -9.96
C SER A 40 -10.93 9.53 -10.00
N ASP A 41 -11.30 8.74 -10.99
CA ASP A 41 -12.69 8.34 -11.15
C ASP A 41 -12.78 6.81 -11.16
N ILE A 42 -11.62 6.18 -11.00
CA ILE A 42 -11.55 4.74 -10.97
C ILE A 42 -12.09 4.22 -9.65
N PRO A 43 -12.36 2.88 -9.60
CA PRO A 43 -12.87 2.25 -8.40
C PRO A 43 -11.76 2.10 -7.35
N GLU A 44 -12.03 2.67 -6.18
CA GLU A 44 -11.07 2.61 -5.09
C GLU A 44 -10.74 1.15 -4.76
N ILE A 45 -9.62 0.97 -4.06
CA ILE A 45 -9.18 -0.36 -3.68
C ILE A 45 -9.81 -0.73 -2.34
N ASP A 46 -9.67 -2.00 -1.99
CA ASP A 46 -10.22 -2.51 -0.74
C ASP A 46 -9.41 -1.95 0.43
N LYS A 47 -8.10 -2.07 0.30
CA LYS A 47 -7.20 -1.59 1.34
C LYS A 47 -5.87 -1.17 0.71
N ARG A 48 -5.06 -0.49 1.50
CA ARG A 48 -3.76 -0.03 1.03
C ARG A 48 -2.65 -0.84 1.69
N LYS A 49 -2.22 -1.88 0.99
CA LYS A 49 -1.16 -2.73 1.51
C LYS A 49 -0.64 -3.63 0.38
N TYR A 50 0.55 -3.31 -0.09
CA TYR A 50 1.16 -4.07 -1.17
C TYR A 50 2.60 -4.46 -0.82
N LEU A 51 2.77 -5.72 -0.45
CA LEU A 51 4.07 -6.22 -0.09
C LEU A 51 4.75 -6.82 -1.32
N VAL A 52 5.25 -5.95 -2.17
CA VAL A 52 5.91 -6.38 -3.40
C VAL A 52 7.37 -6.72 -3.08
N PRO A 53 7.93 -7.65 -3.90
CA PRO A 53 9.32 -8.07 -3.72
C PRO A 53 10.28 -6.99 -4.21
N ALA A 54 11.57 -7.30 -4.10
CA ALA A 54 12.60 -6.38 -4.53
C ALA A 54 12.96 -6.67 -5.99
N ASP A 55 12.05 -7.36 -6.67
CA ASP A 55 12.26 -7.70 -8.06
C ASP A 55 11.18 -7.05 -8.91
N LEU A 56 9.97 -7.03 -8.37
CA LEU A 56 8.84 -6.44 -9.06
C LEU A 56 9.16 -4.99 -9.42
N THR A 57 8.91 -4.65 -10.67
CA THR A 57 9.17 -3.29 -11.14
C THR A 57 7.91 -2.43 -11.03
N VAL A 58 8.02 -1.21 -11.54
CA VAL A 58 6.90 -0.28 -11.49
C VAL A 58 5.84 -0.73 -12.51
N GLY A 59 6.24 -0.72 -13.78
CA GLY A 59 5.34 -1.11 -14.85
C GLY A 59 4.77 -2.51 -14.59
N GLN A 60 5.50 -3.27 -13.80
CA GLN A 60 5.08 -4.63 -13.47
C GLN A 60 4.19 -4.63 -12.23
N PHE A 61 4.39 -3.61 -11.40
CA PHE A 61 3.63 -3.48 -10.18
C PHE A 61 2.17 -3.11 -10.48
N VAL A 62 2.02 -2.26 -11.50
CA VAL A 62 0.69 -1.82 -11.88
C VAL A 62 -0.21 -3.04 -12.09
N TYR A 63 0.33 -4.02 -12.79
CA TYR A 63 -0.41 -5.24 -13.07
C TYR A 63 -1.09 -5.77 -11.80
N VAL A 64 -0.49 -5.43 -10.67
CA VAL A 64 -1.02 -5.87 -9.38
C VAL A 64 -2.21 -4.98 -9.01
N ILE A 65 -2.08 -3.70 -9.33
CA ILE A 65 -3.13 -2.74 -9.03
C ILE A 65 -4.33 -3.01 -9.93
N ARG A 66 -4.04 -3.36 -11.18
CA ARG A 66 -5.08 -3.65 -12.14
C ARG A 66 -5.73 -5.01 -11.83
N LYS A 67 -5.19 -5.67 -10.82
CA LYS A 67 -5.70 -6.96 -10.41
C LYS A 67 -6.71 -6.78 -9.28
N ARG A 68 -6.37 -5.88 -8.36
CA ARG A 68 -7.23 -5.60 -7.23
C ARG A 68 -8.57 -5.05 -7.71
N ILE A 69 -8.50 -4.23 -8.74
CA ILE A 69 -9.70 -3.63 -9.31
C ILE A 69 -10.05 -4.33 -10.62
N MET A 70 -9.28 -5.36 -10.93
CA MET A 70 -9.48 -6.13 -12.14
C MET A 70 -9.91 -5.21 -13.29
N LEU A 71 -9.41 -3.99 -13.25
CA LEU A 71 -9.73 -3.01 -14.28
C LEU A 71 -9.50 -3.64 -15.65
N PRO A 72 -10.43 -3.31 -16.60
CA PRO A 72 -10.34 -3.83 -17.95
C PRO A 72 -9.24 -3.13 -18.74
N PRO A 73 -8.95 -3.69 -19.95
CA PRO A 73 -7.93 -3.12 -20.80
C PRO A 73 -8.43 -1.84 -21.48
N GLU A 74 -9.68 -1.52 -21.21
CA GLU A 74 -10.28 -0.32 -21.78
C GLU A 74 -10.03 0.89 -20.87
N LYS A 75 -9.27 0.64 -19.81
CA LYS A 75 -8.95 1.70 -18.86
C LYS A 75 -7.43 1.81 -18.73
N ALA A 76 -7.00 2.75 -17.89
CA ALA A 76 -5.59 2.96 -17.67
C ALA A 76 -5.35 3.19 -16.17
N ILE A 77 -4.08 3.06 -15.78
CA ILE A 77 -3.71 3.25 -14.38
C ILE A 77 -2.24 3.64 -14.31
N PHE A 78 -2.00 4.86 -13.83
CA PHE A 78 -0.64 5.36 -13.71
C PHE A 78 -0.26 5.54 -12.24
N ILE A 79 0.94 5.07 -11.91
CA ILE A 79 1.44 5.17 -10.55
C ILE A 79 2.06 6.55 -10.34
N PHE A 80 1.63 7.20 -9.26
CA PHE A 80 2.14 8.52 -8.93
C PHE A 80 2.73 8.55 -7.53
N VAL A 81 4.01 8.86 -7.47
CA VAL A 81 4.72 8.92 -6.19
C VAL A 81 5.17 10.36 -5.94
N ASN A 82 4.43 11.04 -5.08
CA ASN A 82 4.74 12.42 -4.75
C ASN A 82 4.41 13.32 -5.94
N ASP A 83 3.51 12.83 -6.78
CA ASP A 83 3.10 13.58 -7.96
C ASP A 83 4.13 13.37 -9.07
N THR A 84 4.88 12.29 -8.93
CA THR A 84 5.90 11.95 -9.92
C THR A 84 5.61 10.58 -10.54
N LEU A 85 5.87 10.49 -11.83
CA LEU A 85 5.65 9.23 -12.54
C LEU A 85 7.00 8.57 -12.82
N PRO A 86 7.27 7.48 -12.05
CA PRO A 86 8.51 6.75 -12.21
C PRO A 86 8.49 5.89 -13.47
N PRO A 87 9.71 5.41 -13.85
CA PRO A 87 9.83 4.57 -15.04
C PRO A 87 9.32 3.16 -14.77
N THR A 88 9.56 2.28 -15.73
CA THR A 88 9.13 0.90 -15.61
C THR A 88 10.24 0.04 -15.02
N ALA A 89 11.47 0.39 -15.37
CA ALA A 89 12.63 -0.34 -14.88
C ALA A 89 13.00 0.19 -13.49
N ALA A 90 12.14 1.05 -12.96
CA ALA A 90 12.36 1.63 -11.65
C ALA A 90 12.02 0.59 -10.58
N LEU A 91 12.72 -0.53 -10.64
CA LEU A 91 12.50 -1.60 -9.67
C LEU A 91 11.88 -1.02 -8.40
N MET A 92 10.72 -1.56 -8.05
CA MET A 92 10.02 -1.10 -6.86
C MET A 92 10.97 -1.04 -5.66
N SER A 93 12.05 -1.79 -5.76
CA SER A 93 13.03 -1.83 -4.69
C SER A 93 13.75 -0.49 -4.59
N ALA A 94 14.21 0.00 -5.73
CA ALA A 94 14.91 1.27 -5.78
C ALA A 94 13.93 2.40 -5.50
N ILE A 95 12.65 2.10 -5.73
CA ILE A 95 11.61 3.09 -5.49
C ILE A 95 11.28 3.15 -4.00
N TYR A 96 11.24 1.97 -3.39
CA TYR A 96 10.95 1.88 -1.97
C TYR A 96 12.16 2.30 -1.13
N GLN A 97 13.26 2.56 -1.82
CA GLN A 97 14.48 2.97 -1.16
C GLN A 97 14.70 4.48 -1.33
N GLU A 98 13.88 5.06 -2.19
CA GLU A 98 13.98 6.50 -2.45
C GLU A 98 12.65 7.19 -2.12
N HIS A 99 11.67 6.37 -1.77
CA HIS A 99 10.35 6.88 -1.43
C HIS A 99 9.95 6.37 -0.05
N LYS A 100 10.92 5.81 0.65
CA LYS A 100 10.67 5.29 1.98
C LYS A 100 10.32 6.43 2.92
N ASP A 101 9.82 6.07 4.10
CA ASP A 101 9.43 7.05 5.09
C ASP A 101 9.88 6.58 6.48
N LYS A 102 9.63 7.43 7.46
CA LYS A 102 10.00 7.11 8.83
C LYS A 102 9.47 5.71 9.19
N ASP A 103 8.17 5.56 9.06
CA ASP A 103 7.53 4.30 9.38
C ASP A 103 8.34 3.15 8.75
N GLY A 104 9.03 3.49 7.67
CA GLY A 104 9.85 2.50 6.98
C GLY A 104 9.07 1.85 5.83
N PHE A 105 7.78 2.14 5.80
CA PHE A 105 6.93 1.59 4.76
C PHE A 105 6.86 2.53 3.55
N LEU A 106 6.36 1.98 2.45
CA LEU A 106 6.24 2.76 1.22
C LEU A 106 4.80 3.25 1.07
N TYR A 107 4.63 4.27 0.24
CA TYR A 107 3.32 4.83 0.00
C TYR A 107 3.18 5.30 -1.46
N VAL A 108 2.65 4.41 -2.28
CA VAL A 108 2.46 4.72 -3.68
C VAL A 108 0.98 5.03 -3.93
N THR A 109 0.70 5.46 -5.15
CA THR A 109 -0.66 5.80 -5.54
C THR A 109 -0.90 5.49 -7.02
N TYR A 110 -2.15 5.18 -7.34
CA TYR A 110 -2.51 4.86 -8.70
C TYR A 110 -3.83 5.55 -9.09
N SER A 111 -3.79 6.19 -10.26
CA SER A 111 -4.96 6.89 -10.76
C SER A 111 -5.20 6.53 -12.23
N GLY A 112 -6.46 6.61 -12.63
CA GLY A 112 -6.84 6.30 -13.99
C GLY A 112 -6.52 7.47 -14.93
N GLU A 113 -5.90 8.49 -14.35
CA GLU A 113 -5.53 9.67 -15.12
C GLU A 113 -4.04 9.97 -14.97
N ASN A 114 -3.36 10.04 -16.10
CA ASN A 114 -1.94 10.32 -16.10
C ASN A 114 -1.72 11.83 -16.16
N THR A 115 -2.40 12.53 -15.28
CA THR A 115 -2.30 13.98 -15.21
C THR A 115 -2.10 14.45 -13.77
N PHE A 116 -2.03 15.75 -13.61
CA PHE A 116 -1.85 16.34 -12.29
C PHE A 116 -3.03 17.25 -11.92
N GLY A 117 -3.93 16.68 -11.13
CA GLY A 117 -5.11 17.42 -10.70
C GLY A 117 -6.38 16.85 -11.33
N GLY B 1 -16.27 -11.58 16.27
CA GLY B 1 -16.23 -10.38 15.46
C GLY B 1 -15.42 -9.28 16.15
N PRO B 2 -15.85 -8.01 15.92
CA PRO B 2 -15.18 -6.87 16.51
C PRO B 2 -15.51 -6.75 17.99
N HIS B 3 -14.52 -7.07 18.82
CA HIS B 3 -14.69 -7.01 20.26
C HIS B 3 -13.35 -6.68 20.92
N MET B 4 -13.44 -5.98 22.04
CA MET B 4 -12.25 -5.60 22.78
C MET B 4 -12.48 -5.67 24.29
N ILE B 5 -11.58 -6.36 24.96
CA ILE B 5 -11.69 -6.52 26.40
C ILE B 5 -10.32 -6.26 27.04
N SER B 6 -10.35 -5.94 28.33
CA SER B 6 -9.13 -5.68 29.06
C SER B 6 -8.02 -6.65 28.62
N GLY B 7 -8.14 -7.88 29.10
CA GLY B 7 -7.17 -8.91 28.76
C GLY B 7 -5.75 -8.32 28.70
N LEU B 8 -5.08 -8.36 29.84
CA LEU B 8 -3.73 -7.84 29.93
C LEU B 8 -2.95 -8.23 28.66
N SER B 9 -2.88 -7.28 27.74
CA SER B 9 -2.18 -7.51 26.49
C SER B 9 -1.91 -6.17 25.78
N VAL B 10 -1.36 -6.26 24.59
CA VAL B 10 -1.05 -5.08 23.81
C VAL B 10 -2.31 -4.22 23.68
N ILE B 11 -2.10 -2.98 23.25
CA ILE B 11 -3.20 -2.05 23.08
C ILE B 11 -4.24 -2.65 22.13
N LYS B 12 -5.40 -2.02 22.11
CA LYS B 12 -6.48 -2.50 21.25
C LYS B 12 -7.02 -1.32 20.45
N GLN B 13 -6.95 -1.47 19.12
CA GLN B 13 -7.43 -0.43 18.23
C GLN B 13 -8.59 -0.97 17.38
N GLU B 14 -9.60 -0.12 17.22
CA GLU B 14 -10.77 -0.50 16.44
C GLU B 14 -10.34 -1.24 15.17
N VAL B 15 -11.30 -1.93 14.57
CA VAL B 15 -11.05 -2.68 13.37
C VAL B 15 -12.36 -2.92 12.62
N GLU B 16 -12.28 -2.91 11.30
CA GLU B 16 -13.45 -3.12 10.47
C GLU B 16 -13.42 -4.54 9.87
N ARG B 17 -12.25 -4.92 9.41
CA ARG B 17 -12.07 -6.23 8.80
C ARG B 17 -10.67 -6.77 9.09
N LEU B 18 -9.68 -5.89 8.90
CA LEU B 18 -8.30 -6.27 9.13
C LEU B 18 -7.76 -5.47 10.33
N GLY B 19 -6.45 -5.57 10.52
CA GLY B 19 -5.81 -4.86 11.62
C GLY B 19 -4.72 -5.74 12.25
N ASN B 20 -5.14 -6.50 13.27
CA ASN B 20 -4.22 -7.38 13.96
C ASN B 20 -3.30 -8.06 12.95
N ASP B 21 -2.05 -8.26 13.36
CA ASP B 21 -1.07 -8.90 12.50
C ASP B 21 -1.12 -8.26 11.12
N VAL B 22 -1.59 -7.02 11.09
CA VAL B 22 -1.68 -6.29 9.84
C VAL B 22 -2.19 -7.22 8.74
N PHE B 23 -2.96 -8.21 9.15
CA PHE B 23 -3.51 -9.17 8.21
C PHE B 23 -4.48 -10.12 8.92
N GLU B 24 -5.76 -9.75 8.90
CA GLU B 24 -6.79 -10.56 9.53
C GLU B 24 -7.54 -11.37 8.47
N TRP B 25 -7.09 -11.24 7.23
CA TRP B 25 -7.71 -11.95 6.13
C TRP B 25 -6.66 -12.88 5.51
N GLU B 26 -7.01 -13.42 4.35
CA GLU B 26 -6.11 -14.33 3.66
C GLU B 26 -5.02 -13.53 2.93
N ASP B 27 -4.22 -14.27 2.16
CA ASP B 27 -3.14 -13.64 1.41
C ASP B 27 -2.41 -12.65 2.30
N ASP B 28 -1.57 -13.18 3.18
CA ASP B 28 -0.80 -12.35 4.09
C ASP B 28 0.38 -11.73 3.34
N GLU B 29 1.08 -12.58 2.60
CA GLU B 29 2.22 -12.13 1.83
C GLU B 29 2.11 -12.60 0.38
N SER B 30 0.96 -13.19 0.06
CA SER B 30 0.72 -13.69 -1.28
C SER B 30 1.30 -12.72 -2.31
N ASP B 31 1.65 -13.27 -3.46
CA ASP B 31 2.22 -12.48 -4.54
C ASP B 31 1.11 -11.68 -5.21
N GLU B 32 -0.12 -11.89 -4.73
CA GLU B 32 -1.27 -11.20 -5.28
C GLU B 32 -1.03 -9.69 -5.30
N ILE B 33 -0.21 -9.24 -4.35
CA ILE B 33 0.11 -7.83 -4.25
C ILE B 33 1.45 -7.57 -4.93
N ALA B 34 1.74 -8.38 -5.94
CA ALA B 34 2.99 -8.24 -6.67
C ALA B 34 3.01 -9.28 -7.80
N HIS A 1 -17.14 10.20 4.76
CA HIS A 1 -16.60 8.84 4.74
C HIS A 1 -15.08 8.90 4.65
N MET A 2 -14.46 7.77 4.99
CA MET A 2 -13.02 7.67 4.95
C MET A 2 -12.54 7.12 3.60
N LYS A 3 -11.26 6.78 3.56
CA LYS A 3 -10.67 6.25 2.34
C LYS A 3 -9.75 5.07 2.69
N SER A 4 -8.61 5.42 3.26
CA SER A 4 -7.64 4.41 3.64
C SER A 4 -8.31 3.35 4.53
N THR A 5 -7.56 2.30 4.81
CA THR A 5 -8.06 1.21 5.64
C THR A 5 -6.93 0.61 6.47
N PHE A 6 -6.12 -0.20 5.80
CA PHE A 6 -5.00 -0.85 6.47
C PHE A 6 -4.07 0.18 7.11
N LYS A 7 -4.20 1.42 6.65
CA LYS A 7 -3.37 2.50 7.16
C LYS A 7 -4.20 3.32 8.16
N SER A 8 -5.38 3.72 7.72
CA SER A 8 -6.27 4.50 8.56
C SER A 8 -6.71 3.69 9.78
N GLU A 9 -6.41 2.39 9.71
CA GLU A 9 -6.76 1.49 10.80
C GLU A 9 -6.02 1.87 12.07
N TYR A 10 -4.69 1.78 11.99
CA TYR A 10 -3.85 2.10 13.13
C TYR A 10 -2.94 3.29 12.81
N PRO A 11 -2.30 3.83 13.89
CA PRO A 11 -1.40 4.96 13.73
C PRO A 11 -0.06 4.52 13.13
N PHE A 12 0.84 5.47 13.02
CA PHE A 12 2.16 5.19 12.47
C PHE A 12 2.92 4.19 13.33
N GLU A 13 3.09 4.56 14.59
CA GLU A 13 3.80 3.70 15.53
C GLU A 13 3.40 2.24 15.31
N LYS A 14 2.17 2.06 14.87
CA LYS A 14 1.65 0.72 14.62
C LYS A 14 2.29 0.16 13.35
N ARG A 15 2.25 0.95 12.30
CA ARG A 15 2.83 0.54 11.03
C ARG A 15 4.30 0.20 11.20
N LYS A 16 5.06 1.18 11.64
CA LYS A 16 6.49 0.99 11.86
C LYS A 16 6.72 -0.36 12.53
N ALA A 17 5.87 -0.65 13.51
CA ALA A 17 5.97 -1.90 14.24
C ALA A 17 5.80 -3.07 13.28
N GLU A 18 4.78 -2.96 12.43
CA GLU A 18 4.50 -4.00 11.45
C GLU A 18 5.68 -4.15 10.49
N SER A 19 6.28 -3.02 10.15
CA SER A 19 7.41 -3.01 9.24
C SER A 19 8.67 -3.50 9.97
N GLU A 20 8.69 -3.28 11.28
CA GLU A 20 9.81 -3.68 12.10
C GLU A 20 10.00 -5.21 12.02
N ARG A 21 8.90 -5.89 11.77
CA ARG A 21 8.93 -7.34 11.67
C ARG A 21 9.01 -7.77 10.20
N ILE A 22 8.20 -7.12 9.37
CA ILE A 22 8.17 -7.42 7.96
C ILE A 22 9.58 -7.31 7.39
N ALA A 23 10.38 -6.48 8.04
CA ALA A 23 11.76 -6.27 7.61
C ALA A 23 12.64 -7.39 8.19
N ASP A 24 12.17 -7.95 9.27
CA ASP A 24 12.90 -9.03 9.94
C ASP A 24 12.34 -10.38 9.49
N ARG A 25 11.26 -10.31 8.72
CA ARG A 25 10.62 -11.52 8.22
C ARG A 25 10.87 -11.66 6.72
N PHE A 26 10.58 -10.59 5.99
CA PHE A 26 10.76 -10.59 4.55
C PHE A 26 11.74 -9.49 4.13
N PRO A 27 13.05 -9.79 4.28
CA PRO A 27 14.09 -8.84 3.92
C PRO A 27 14.24 -8.75 2.39
N ASN A 28 13.88 -9.83 1.73
CA ASN A 28 13.97 -9.90 0.28
C ASN A 28 12.64 -9.47 -0.32
N ARG A 29 11.92 -8.63 0.41
CA ARG A 29 10.63 -8.14 -0.05
C ARG A 29 10.62 -6.62 -0.07
N ILE A 30 9.48 -6.08 -0.48
CA ILE A 30 9.33 -4.63 -0.56
C ILE A 30 7.91 -4.24 -0.11
N PRO A 31 7.82 -3.81 1.17
CA PRO A 31 6.53 -3.41 1.73
C PRO A 31 6.10 -2.04 1.18
N VAL A 32 4.91 -2.03 0.60
CA VAL A 32 4.37 -0.80 0.04
C VAL A 32 2.88 -0.71 0.37
N ILE A 33 2.30 0.43 0.03
CA ILE A 33 0.89 0.66 0.28
C ILE A 33 0.26 1.37 -0.93
N CYS A 34 -0.57 0.63 -1.64
CA CYS A 34 -1.22 1.17 -2.83
C CYS A 34 -2.48 1.93 -2.36
N GLU A 35 -2.80 2.96 -3.11
CA GLU A 35 -3.97 3.78 -2.80
C GLU A 35 -4.62 4.29 -4.08
N LYS A 36 -5.80 4.89 -3.91
CA LYS A 36 -6.53 5.43 -5.05
C LYS A 36 -6.66 6.95 -4.90
N ALA A 37 -6.23 7.65 -5.94
CA ALA A 37 -6.28 9.10 -5.93
C ALA A 37 -7.72 9.55 -5.72
N GLU A 38 -7.90 10.86 -5.65
CA GLU A 38 -9.23 11.43 -5.45
C GLU A 38 -9.83 11.83 -6.79
N LYS A 39 -9.07 12.58 -7.56
CA LYS A 39 -9.53 13.03 -8.87
C LYS A 39 -9.97 11.83 -9.70
N SER A 40 -9.14 10.79 -9.66
CA SER A 40 -9.44 9.57 -10.40
C SER A 40 -10.93 9.23 -10.28
N ASP A 41 -11.40 8.47 -11.25
CA ASP A 41 -12.80 8.07 -11.27
C ASP A 41 -12.89 6.54 -11.14
N ILE A 42 -11.72 5.91 -11.16
CA ILE A 42 -11.67 4.46 -11.05
C ILE A 42 -12.23 4.02 -9.70
N PRO A 43 -12.55 2.71 -9.61
CA PRO A 43 -13.11 2.16 -8.38
C PRO A 43 -12.02 1.99 -7.32
N GLU A 44 -12.30 2.51 -6.14
CA GLU A 44 -11.37 2.43 -5.03
C GLU A 44 -10.95 0.98 -4.80
N ILE A 45 -9.85 0.82 -4.07
CA ILE A 45 -9.34 -0.50 -3.77
C ILE A 45 -9.91 -0.97 -2.42
N ASP A 46 -9.73 -2.25 -2.15
CA ASP A 46 -10.22 -2.83 -0.91
C ASP A 46 -9.53 -2.14 0.27
N LYS A 47 -8.21 -2.16 0.24
CA LYS A 47 -7.42 -1.55 1.30
C LYS A 47 -6.04 -1.18 0.75
N ARG A 48 -5.24 -0.59 1.63
CA ARG A 48 -3.89 -0.20 1.26
C ARG A 48 -2.86 -1.12 1.90
N LYS A 49 -2.46 -2.13 1.16
CA LYS A 49 -1.48 -3.09 1.65
C LYS A 49 -0.96 -3.92 0.49
N TYR A 50 0.30 -3.69 0.15
CA TYR A 50 0.94 -4.41 -0.95
C TYR A 50 2.38 -4.76 -0.60
N LEU A 51 2.65 -6.06 -0.56
CA LEU A 51 3.99 -6.54 -0.25
C LEU A 51 4.66 -7.02 -1.54
N VAL A 52 5.11 -6.05 -2.33
CA VAL A 52 5.78 -6.36 -3.58
C VAL A 52 7.22 -6.82 -3.29
N PRO A 53 7.72 -7.72 -4.17
CA PRO A 53 9.08 -8.24 -4.02
C PRO A 53 10.11 -7.20 -4.45
N ALA A 54 11.37 -7.60 -4.38
CA ALA A 54 12.46 -6.71 -4.75
C ALA A 54 12.82 -6.94 -6.22
N ASP A 55 11.89 -7.56 -6.93
CA ASP A 55 12.10 -7.85 -8.35
C ASP A 55 11.02 -7.13 -9.17
N LEU A 56 9.82 -7.11 -8.62
CA LEU A 56 8.70 -6.47 -9.29
C LEU A 56 9.03 -4.99 -9.53
N THR A 57 8.80 -4.56 -10.76
CA THR A 57 9.08 -3.18 -11.12
C THR A 57 7.82 -2.32 -10.95
N VAL A 58 7.91 -1.09 -11.44
CA VAL A 58 6.80 -0.16 -11.33
C VAL A 58 5.73 -0.53 -12.37
N GLY A 59 6.14 -0.45 -13.63
CA GLY A 59 5.22 -0.77 -14.72
C GLY A 59 4.68 -2.19 -14.58
N GLN A 60 5.45 -3.02 -13.88
CA GLN A 60 5.06 -4.40 -13.67
C GLN A 60 4.09 -4.51 -12.49
N PHE A 61 4.22 -3.55 -11.57
CA PHE A 61 3.36 -3.52 -10.39
C PHE A 61 1.93 -3.17 -10.78
N VAL A 62 1.80 -2.13 -11.59
CA VAL A 62 0.49 -1.69 -12.03
C VAL A 62 -0.40 -2.90 -12.32
N TYR A 63 0.17 -3.84 -13.07
CA TYR A 63 -0.57 -5.05 -13.42
C TYR A 63 -1.29 -5.61 -12.21
N VAL A 64 -0.58 -5.66 -11.09
CA VAL A 64 -1.15 -6.18 -9.85
C VAL A 64 -2.31 -5.28 -9.42
N ILE A 65 -2.12 -3.98 -9.63
CA ILE A 65 -3.14 -3.02 -9.26
C ILE A 65 -4.34 -3.15 -10.21
N ARG A 66 -4.04 -3.56 -11.43
CA ARG A 66 -5.07 -3.74 -12.45
C ARG A 66 -5.80 -5.06 -12.23
N LYS A 67 -5.32 -5.81 -11.24
CA LYS A 67 -5.93 -7.09 -10.92
C LYS A 67 -6.93 -6.92 -9.78
N ARG A 68 -6.52 -6.12 -8.81
CA ARG A 68 -7.37 -5.86 -7.65
C ARG A 68 -8.70 -5.23 -8.10
N ILE A 69 -8.59 -4.34 -9.07
CA ILE A 69 -9.77 -3.66 -9.60
C ILE A 69 -10.12 -4.26 -10.97
N MET A 70 -9.39 -5.31 -11.33
CA MET A 70 -9.62 -5.97 -12.60
C MET A 70 -9.98 -4.95 -13.70
N LEU A 71 -9.31 -3.82 -13.64
CA LEU A 71 -9.53 -2.76 -14.61
C LEU A 71 -9.46 -3.35 -16.02
N PRO A 72 -10.38 -2.88 -16.90
CA PRO A 72 -10.42 -3.35 -18.27
C PRO A 72 -9.27 -2.74 -19.09
N PRO A 73 -9.05 -3.34 -20.29
CA PRO A 73 -8.00 -2.87 -21.18
C PRO A 73 -8.41 -1.56 -21.87
N GLU A 74 -9.59 -1.10 -21.53
CA GLU A 74 -10.11 0.13 -22.11
C GLU A 74 -9.89 1.30 -21.14
N LYS A 75 -9.33 0.97 -19.99
CA LYS A 75 -9.05 1.99 -18.99
C LYS A 75 -7.54 2.17 -18.85
N ALA A 76 -7.16 3.08 -17.96
CA ALA A 76 -5.75 3.36 -17.73
C ALA A 76 -5.52 3.52 -16.22
N ILE A 77 -4.30 3.22 -15.82
CA ILE A 77 -3.93 3.33 -14.41
C ILE A 77 -2.47 3.75 -14.30
N PHE A 78 -2.27 4.93 -13.72
CA PHE A 78 -0.93 5.46 -13.55
C PHE A 78 -0.55 5.55 -12.07
N ILE A 79 0.68 5.16 -11.77
CA ILE A 79 1.16 5.18 -10.40
C ILE A 79 1.72 6.58 -10.10
N PHE A 80 1.78 6.89 -8.81
CA PHE A 80 2.29 8.17 -8.38
C PHE A 80 2.93 8.07 -6.98
N VAL A 81 4.10 8.66 -6.86
CA VAL A 81 4.83 8.64 -5.60
C VAL A 81 5.40 10.04 -5.33
N ASN A 82 4.80 10.69 -4.34
CA ASN A 82 5.24 12.03 -3.97
C ASN A 82 4.81 13.03 -5.05
N ASP A 83 3.79 12.63 -5.81
CA ASP A 83 3.29 13.47 -6.87
C ASP A 83 4.20 13.36 -8.09
N THR A 84 4.96 12.28 -8.12
CA THR A 84 5.89 12.03 -9.22
C THR A 84 5.64 10.66 -9.84
N LEU A 85 5.76 10.60 -11.15
CA LEU A 85 5.56 9.36 -11.88
C LEU A 85 6.91 8.71 -12.17
N PRO A 86 7.18 7.58 -11.46
CA PRO A 86 8.43 6.87 -11.63
C PRO A 86 8.44 6.08 -12.95
N PRO A 87 9.65 5.61 -13.33
CA PRO A 87 9.81 4.84 -14.56
C PRO A 87 9.27 3.42 -14.39
N THR A 88 9.52 2.61 -15.41
CA THR A 88 9.06 1.22 -15.38
C THR A 88 10.16 0.31 -14.85
N ALA A 89 11.40 0.66 -15.18
CA ALA A 89 12.54 -0.12 -14.75
C ALA A 89 12.96 0.33 -13.35
N ALA A 90 12.12 1.18 -12.76
CA ALA A 90 12.38 1.69 -11.43
C ALA A 90 12.06 0.61 -10.39
N LEU A 91 12.78 -0.50 -10.51
CA LEU A 91 12.58 -1.62 -9.60
C LEU A 91 11.96 -1.10 -8.30
N MET A 92 10.80 -1.64 -7.97
CA MET A 92 10.10 -1.25 -6.76
C MET A 92 11.02 -1.32 -5.55
N SER A 93 12.10 -2.08 -5.70
CA SER A 93 13.06 -2.23 -4.63
C SER A 93 13.84 -0.94 -4.43
N ALA A 94 14.30 -0.39 -5.54
CA ALA A 94 15.05 0.86 -5.51
C ALA A 94 14.10 2.03 -5.26
N ILE A 95 12.82 1.74 -5.40
CA ILE A 95 11.78 2.75 -5.18
C ILE A 95 11.50 2.86 -3.69
N TYR A 96 11.36 1.70 -3.05
CA TYR A 96 11.08 1.66 -1.63
C TYR A 96 12.32 2.05 -0.82
N GLN A 97 13.42 2.24 -1.52
CA GLN A 97 14.66 2.62 -0.88
C GLN A 97 14.91 4.12 -1.03
N GLU A 98 14.08 4.74 -1.86
CA GLU A 98 14.20 6.17 -2.10
C GLU A 98 12.91 6.88 -1.67
N HIS A 99 11.89 6.08 -1.40
CA HIS A 99 10.60 6.61 -0.99
C HIS A 99 10.21 6.01 0.36
N LYS A 100 11.21 5.44 1.03
CA LYS A 100 10.98 4.83 2.33
C LYS A 100 10.46 5.89 3.31
N ASP A 101 9.79 5.43 4.34
CA ASP A 101 9.24 6.31 5.35
C ASP A 101 9.68 5.85 6.74
N LYS A 102 9.40 6.69 7.73
CA LYS A 102 9.77 6.38 9.09
C LYS A 102 9.12 5.05 9.50
N ASP A 103 7.98 4.77 8.88
CA ASP A 103 7.25 3.54 9.17
C ASP A 103 7.85 2.40 8.34
N GLY A 104 8.56 2.78 7.28
CA GLY A 104 9.18 1.81 6.40
C GLY A 104 8.25 1.42 5.25
N PHE A 105 6.97 1.30 5.58
CA PHE A 105 5.97 0.95 4.59
C PHE A 105 5.89 2.01 3.49
N LEU A 106 6.16 1.55 2.27
CA LEU A 106 6.12 2.45 1.12
C LEU A 106 4.70 2.99 0.94
N TYR A 107 4.59 4.11 0.23
CA TYR A 107 3.31 4.72 -0.01
C TYR A 107 3.16 5.11 -1.49
N VAL A 108 2.41 4.27 -2.20
CA VAL A 108 2.19 4.51 -3.62
C VAL A 108 0.70 4.79 -3.85
N THR A 109 0.39 5.25 -5.05
CA THR A 109 -0.98 5.56 -5.42
C THR A 109 -1.20 5.34 -6.92
N TYR A 110 -2.40 4.90 -7.24
CA TYR A 110 -2.75 4.64 -8.63
C TYR A 110 -4.07 5.33 -9.00
N SER A 111 -4.01 6.12 -10.05
CA SER A 111 -5.19 6.84 -10.52
C SER A 111 -5.53 6.41 -11.95
N GLY A 112 -6.78 6.65 -12.32
CA GLY A 112 -7.26 6.29 -13.65
C GLY A 112 -6.60 7.18 -14.71
N GLU A 113 -6.16 8.36 -14.28
CA GLU A 113 -5.52 9.29 -15.18
C GLU A 113 -4.05 9.51 -14.76
N ASN A 114 -3.37 10.33 -15.54
CA ASN A 114 -1.97 10.62 -15.28
C ASN A 114 -1.86 12.02 -14.67
N THR A 115 -2.78 12.32 -13.76
CA THR A 115 -2.79 13.61 -13.10
C THR A 115 -2.61 13.44 -11.59
N PHE A 116 -2.16 14.52 -10.96
CA PHE A 116 -1.93 14.50 -9.53
C PHE A 116 -2.42 15.80 -8.88
N GLY A 117 -3.72 15.98 -8.89
CA GLY A 117 -4.32 17.18 -8.31
C GLY A 117 -5.68 16.86 -7.68
N GLY B 1 -17.41 -5.19 9.95
CA GLY B 1 -17.27 -4.77 11.33
C GLY B 1 -16.85 -3.30 11.42
N PRO B 2 -17.87 -2.40 11.40
CA PRO B 2 -17.62 -0.97 11.48
C PRO B 2 -17.24 -0.55 12.90
N HIS B 3 -16.35 0.42 12.98
CA HIS B 3 -15.89 0.91 14.27
C HIS B 3 -15.44 2.37 14.12
N MET B 4 -15.14 2.97 15.26
CA MET B 4 -14.69 4.36 15.29
C MET B 4 -13.19 4.44 15.57
N ILE B 5 -12.62 5.56 15.18
CA ILE B 5 -11.19 5.78 15.39
C ILE B 5 -11.00 6.85 16.47
N SER B 6 -11.18 6.42 17.72
CA SER B 6 -11.04 7.32 18.85
C SER B 6 -9.64 7.16 19.46
N GLY B 7 -8.93 8.28 19.54
CA GLY B 7 -7.59 8.28 20.09
C GLY B 7 -6.58 7.74 19.08
N LEU B 8 -5.42 8.39 19.05
CA LEU B 8 -4.37 7.99 18.14
C LEU B 8 -3.17 7.45 18.94
N SER B 9 -2.95 8.08 20.09
CA SER B 9 -1.86 7.67 20.96
C SER B 9 -2.33 6.56 21.91
N VAL B 10 -3.61 6.25 21.81
CA VAL B 10 -4.20 5.22 22.65
C VAL B 10 -4.20 3.89 21.90
N ILE B 11 -4.86 2.91 22.49
CA ILE B 11 -4.95 1.59 21.89
C ILE B 11 -6.41 1.30 21.52
N LYS B 12 -6.68 0.02 21.31
CA LYS B 12 -8.04 -0.40 20.95
C LYS B 12 -8.45 0.29 19.65
N GLN B 13 -7.46 0.64 18.85
CA GLN B 13 -7.71 1.31 17.58
C GLN B 13 -8.94 0.70 16.91
N GLU B 14 -9.50 1.46 15.98
CA GLU B 14 -10.67 1.00 15.24
C GLU B 14 -10.44 -0.41 14.70
N VAL B 15 -11.46 -0.91 14.02
CA VAL B 15 -11.39 -2.24 13.44
C VAL B 15 -12.36 -2.34 12.26
N GLU B 16 -11.80 -2.63 11.10
CA GLU B 16 -12.61 -2.75 9.89
C GLU B 16 -12.52 -4.17 9.34
N ARG B 17 -11.34 -4.76 9.48
CA ARG B 17 -11.11 -6.11 8.99
C ARG B 17 -10.08 -6.82 9.87
N LEU B 18 -9.00 -6.11 10.15
CA LEU B 18 -7.93 -6.65 10.98
C LEU B 18 -7.97 -5.99 12.36
N GLY B 19 -7.68 -6.80 13.36
CA GLY B 19 -7.67 -6.31 14.73
C GLY B 19 -6.60 -7.03 15.57
N ASN B 20 -6.76 -8.34 15.68
CA ASN B 20 -5.82 -9.15 16.43
C ASN B 20 -4.40 -8.60 16.22
N ASP B 21 -4.17 -8.12 15.02
CA ASP B 21 -2.87 -7.57 14.66
C ASP B 21 -2.99 -6.76 13.37
N VAL B 22 -1.83 -6.34 12.86
CA VAL B 22 -1.80 -5.57 11.64
C VAL B 22 -2.05 -6.49 10.45
N PHE B 23 -1.85 -7.78 10.69
CA PHE B 23 -2.05 -8.78 9.64
C PHE B 23 -2.85 -9.97 10.17
N GLU B 24 -3.83 -10.38 9.39
CA GLU B 24 -4.67 -11.51 9.77
C GLU B 24 -5.20 -12.21 8.52
N TRP B 25 -5.92 -11.44 7.71
CA TRP B 25 -6.50 -11.97 6.49
C TRP B 25 -5.35 -12.38 5.57
N GLU B 26 -5.69 -13.21 4.59
CA GLU B 26 -4.70 -13.70 3.64
C GLU B 26 -3.94 -12.51 3.02
N ASP B 27 -3.14 -12.83 2.02
CA ASP B 27 -2.35 -11.81 1.34
C ASP B 27 -1.13 -11.46 2.19
N ASP B 28 -1.02 -12.14 3.31
CA ASP B 28 0.09 -11.91 4.22
C ASP B 28 1.37 -11.71 3.41
N GLU B 29 1.79 -12.77 2.74
CA GLU B 29 2.99 -12.72 1.93
C GLU B 29 2.65 -12.97 0.46
N SER B 30 1.41 -13.38 0.23
CA SER B 30 0.95 -13.67 -1.12
C SER B 30 1.53 -12.65 -2.10
N ASP B 31 2.04 -13.17 -3.21
CA ASP B 31 2.63 -12.32 -4.23
C ASP B 31 1.52 -11.71 -5.08
N GLU B 32 0.29 -12.04 -4.73
CA GLU B 32 -0.86 -11.53 -5.46
C GLU B 32 -0.98 -10.01 -5.28
N ILE B 33 -0.18 -9.50 -4.35
CA ILE B 33 -0.18 -8.07 -4.08
C ILE B 33 1.07 -7.45 -4.69
N ALA B 34 1.58 -8.10 -5.73
CA ALA B 34 2.78 -7.62 -6.40
C ALA B 34 2.46 -6.28 -7.07
N HIS A 1 -17.01 9.14 3.66
CA HIS A 1 -16.33 8.19 2.79
C HIS A 1 -14.84 8.55 2.71
N MET A 2 -14.01 7.54 2.93
CA MET A 2 -12.57 7.73 2.89
C MET A 2 -11.93 6.79 1.86
N LYS A 3 -10.63 6.61 2.01
CA LYS A 3 -9.89 5.74 1.12
C LYS A 3 -8.89 4.91 1.92
N SER A 4 -8.16 5.59 2.80
CA SER A 4 -7.18 4.93 3.63
C SER A 4 -7.86 3.88 4.52
N THR A 5 -7.40 2.64 4.36
CA THR A 5 -7.96 1.54 5.14
C THR A 5 -6.95 1.06 6.18
N PHE A 6 -5.91 0.41 5.68
CA PHE A 6 -4.86 -0.10 6.55
C PHE A 6 -4.36 0.98 7.50
N LYS A 7 -4.11 2.15 6.94
CA LYS A 7 -3.63 3.28 7.72
C LYS A 7 -4.74 3.76 8.65
N SER A 8 -5.97 3.60 8.19
CA SER A 8 -7.13 4.01 8.97
C SER A 8 -7.48 2.93 9.99
N GLU A 9 -6.76 1.82 9.91
CA GLU A 9 -6.99 0.71 10.81
C GLU A 9 -6.17 0.89 12.08
N TYR A 10 -4.88 1.10 11.90
CA TYR A 10 -3.97 1.30 13.02
C TYR A 10 -3.18 2.60 12.88
N PRO A 11 -2.56 3.02 14.01
CA PRO A 11 -1.78 4.24 14.02
C PRO A 11 -0.43 4.04 13.32
N PHE A 12 0.37 5.09 13.34
CA PHE A 12 1.68 5.04 12.71
C PHE A 12 2.58 4.01 13.39
N GLU A 13 2.76 4.20 14.69
CA GLU A 13 3.60 3.30 15.47
C GLU A 13 3.32 1.84 15.07
N LYS A 14 2.10 1.61 14.61
CA LYS A 14 1.69 0.28 14.20
C LYS A 14 2.36 -0.06 12.86
N ARG A 15 2.25 0.87 11.93
CA ARG A 15 2.83 0.69 10.61
C ARG A 15 4.34 0.43 10.73
N LYS A 16 4.97 1.20 11.61
CA LYS A 16 6.40 1.06 11.83
C LYS A 16 6.68 -0.26 12.56
N ALA A 17 5.85 -0.51 13.57
CA ALA A 17 5.99 -1.73 14.36
C ALA A 17 5.85 -2.95 13.44
N GLU A 18 5.02 -2.78 12.41
CA GLU A 18 4.78 -3.86 11.47
C GLU A 18 6.02 -4.09 10.61
N SER A 19 6.61 -2.99 10.16
CA SER A 19 7.80 -3.07 9.33
C SER A 19 8.99 -3.54 10.17
N GLU A 20 8.84 -3.38 11.48
CA GLU A 20 9.90 -3.77 12.40
C GLU A 20 10.09 -5.30 12.38
N ARG A 21 9.03 -5.98 11.96
CA ARG A 21 9.06 -7.43 11.89
C ARG A 21 9.26 -7.89 10.44
N ILE A 22 8.61 -7.17 9.52
CA ILE A 22 8.71 -7.48 8.12
C ILE A 22 10.17 -7.37 7.67
N ALA A 23 10.93 -6.63 8.46
CA ALA A 23 12.35 -6.43 8.16
C ALA A 23 13.14 -7.65 8.62
N ASP A 24 12.54 -8.38 9.55
CA ASP A 24 13.18 -9.58 10.08
C ASP A 24 12.53 -10.82 9.47
N ARG A 25 11.39 -10.60 8.83
CA ARG A 25 10.67 -11.68 8.19
C ARG A 25 11.01 -11.75 6.70
N PHE A 26 10.93 -10.59 6.06
CA PHE A 26 11.22 -10.51 4.64
C PHE A 26 12.16 -9.34 4.34
N PRO A 27 13.49 -9.62 4.40
CA PRO A 27 14.50 -8.61 4.14
C PRO A 27 14.59 -8.31 2.64
N ASN A 28 14.38 -9.34 1.85
CA ASN A 28 14.45 -9.20 0.40
C ASN A 28 13.05 -8.86 -0.13
N ARG A 29 12.36 -8.01 0.60
CA ARG A 29 11.01 -7.61 0.22
C ARG A 29 10.92 -6.08 0.16
N ILE A 30 9.80 -5.61 -0.36
CA ILE A 30 9.57 -4.18 -0.47
C ILE A 30 8.14 -3.86 -0.02
N PRO A 31 8.04 -3.41 1.26
CA PRO A 31 6.74 -3.07 1.82
C PRO A 31 6.24 -1.73 1.28
N VAL A 32 5.11 -1.79 0.58
CA VAL A 32 4.53 -0.59 0.00
C VAL A 32 3.02 -0.60 0.26
N ILE A 33 2.45 0.60 0.23
CA ILE A 33 1.02 0.75 0.46
C ILE A 33 0.40 1.49 -0.71
N CYS A 34 -0.30 0.74 -1.56
CA CYS A 34 -0.95 1.32 -2.72
C CYS A 34 -2.31 1.86 -2.29
N GLU A 35 -2.69 2.98 -2.90
CA GLU A 35 -3.96 3.60 -2.60
C GLU A 35 -4.53 4.30 -3.83
N LYS A 36 -5.83 4.49 -3.84
CA LYS A 36 -6.50 5.13 -4.95
C LYS A 36 -6.62 6.63 -4.66
N ALA A 37 -6.15 7.43 -5.61
CA ALA A 37 -6.20 8.87 -5.47
C ALA A 37 -7.65 9.32 -5.29
N GLU A 38 -7.82 10.61 -5.11
CA GLU A 38 -9.14 11.19 -4.92
C GLU A 38 -9.68 11.72 -6.25
N LYS A 39 -8.87 12.53 -6.89
CA LYS A 39 -9.25 13.11 -8.17
C LYS A 39 -9.65 12.00 -9.13
N SER A 40 -8.83 10.95 -9.14
CA SER A 40 -9.09 9.82 -10.02
C SER A 40 -10.59 9.52 -10.06
N ASP A 41 -10.99 8.84 -11.13
CA ASP A 41 -12.39 8.48 -11.30
C ASP A 41 -12.54 6.96 -11.24
N ILE A 42 -11.41 6.29 -11.08
CA ILE A 42 -11.39 4.84 -11.02
C ILE A 42 -11.93 4.39 -9.66
N PRO A 43 -12.24 3.07 -9.56
CA PRO A 43 -12.76 2.52 -8.33
C PRO A 43 -11.65 2.35 -7.30
N GLU A 44 -11.91 2.84 -6.09
CA GLU A 44 -10.95 2.75 -5.02
C GLU A 44 -10.76 1.29 -4.59
N ILE A 45 -9.53 0.96 -4.23
CA ILE A 45 -9.21 -0.40 -3.80
C ILE A 45 -9.94 -0.69 -2.49
N ASP A 46 -9.88 -1.95 -2.09
CA ASP A 46 -10.53 -2.38 -0.86
C ASP A 46 -9.70 -1.90 0.34
N LYS A 47 -8.39 -2.00 0.19
CA LYS A 47 -7.48 -1.59 1.25
C LYS A 47 -6.14 -1.18 0.64
N ARG A 48 -5.38 -0.42 1.41
CA ARG A 48 -4.07 0.03 0.96
C ARG A 48 -2.96 -0.82 1.58
N LYS A 49 -2.52 -1.80 0.81
CA LYS A 49 -1.47 -2.69 1.28
C LYS A 49 -0.90 -3.48 0.09
N TYR A 50 0.41 -3.42 -0.05
CA TYR A 50 1.09 -4.11 -1.14
C TYR A 50 2.54 -4.41 -0.78
N LEU A 51 2.81 -5.67 -0.48
CA LEU A 51 4.16 -6.09 -0.13
C LEU A 51 4.86 -6.61 -1.37
N VAL A 52 5.30 -5.68 -2.20
CA VAL A 52 6.00 -6.02 -3.43
C VAL A 52 7.43 -6.45 -3.09
N PRO A 53 7.95 -7.42 -3.90
CA PRO A 53 9.30 -7.92 -3.70
C PRO A 53 10.34 -6.91 -4.18
N ALA A 54 11.59 -7.31 -4.09
CA ALA A 54 12.69 -6.45 -4.51
C ALA A 54 13.04 -6.74 -5.96
N ASP A 55 12.09 -7.37 -6.65
CA ASP A 55 12.29 -7.72 -8.05
C ASP A 55 11.19 -7.05 -8.89
N LEU A 56 9.99 -7.05 -8.33
CA LEU A 56 8.85 -6.46 -9.01
C LEU A 56 9.15 -4.98 -9.30
N THR A 57 8.90 -4.58 -10.54
CA THR A 57 9.13 -3.21 -10.95
C THR A 57 7.84 -2.41 -10.86
N VAL A 58 7.88 -1.21 -11.43
CA VAL A 58 6.73 -0.33 -11.43
C VAL A 58 5.73 -0.80 -12.49
N GLY A 59 6.18 -0.77 -13.74
CA GLY A 59 5.34 -1.19 -14.84
C GLY A 59 4.79 -2.59 -14.62
N GLN A 60 5.44 -3.31 -13.72
CA GLN A 60 5.04 -4.66 -13.39
C GLN A 60 4.13 -4.66 -12.16
N PHE A 61 4.33 -3.67 -11.32
CA PHE A 61 3.54 -3.54 -10.11
C PHE A 61 2.08 -3.17 -10.42
N VAL A 62 1.94 -2.34 -11.45
CA VAL A 62 0.62 -1.90 -11.87
C VAL A 62 -0.27 -3.12 -12.12
N TYR A 63 0.30 -4.08 -12.87
CA TYR A 63 -0.42 -5.29 -13.19
C TYR A 63 -1.16 -5.83 -11.97
N VAL A 64 -0.61 -5.55 -10.80
CA VAL A 64 -1.20 -6.00 -9.55
C VAL A 64 -2.35 -5.06 -9.18
N ILE A 65 -2.08 -3.77 -9.30
CA ILE A 65 -3.07 -2.76 -8.97
C ILE A 65 -4.28 -2.93 -9.89
N ARG A 66 -4.01 -3.40 -11.10
CA ARG A 66 -5.06 -3.61 -12.07
C ARG A 66 -5.76 -4.96 -11.82
N LYS A 67 -5.21 -5.71 -10.88
CA LYS A 67 -5.76 -7.00 -10.53
C LYS A 67 -6.86 -6.83 -9.49
N ARG A 68 -6.55 -6.00 -8.50
CA ARG A 68 -7.50 -5.74 -7.43
C ARG A 68 -8.81 -5.20 -8.01
N ILE A 69 -8.71 -4.01 -8.59
CA ILE A 69 -9.87 -3.36 -9.18
C ILE A 69 -10.26 -4.10 -10.47
N MET A 70 -9.42 -5.06 -10.84
CA MET A 70 -9.66 -5.84 -12.05
C MET A 70 -10.12 -4.94 -13.20
N LEU A 71 -9.44 -3.81 -13.33
CA LEU A 71 -9.76 -2.87 -14.39
C LEU A 71 -9.48 -3.50 -15.74
N PRO A 72 -10.39 -3.23 -16.72
CA PRO A 72 -10.24 -3.76 -18.06
C PRO A 72 -9.14 -3.02 -18.83
N PRO A 73 -8.82 -3.57 -20.03
CA PRO A 73 -7.79 -2.97 -20.88
C PRO A 73 -8.32 -1.71 -21.56
N GLU A 74 -9.58 -1.41 -21.29
CA GLU A 74 -10.21 -0.24 -21.87
C GLU A 74 -9.96 1.00 -20.99
N LYS A 75 -9.20 0.77 -19.93
CA LYS A 75 -8.87 1.85 -19.01
C LYS A 75 -7.36 1.93 -18.85
N ALA A 76 -6.94 2.87 -18.02
CA ALA A 76 -5.51 3.08 -17.77
C ALA A 76 -5.29 3.35 -16.28
N ILE A 77 -4.12 2.97 -15.80
CA ILE A 77 -3.77 3.17 -14.41
C ILE A 77 -2.30 3.58 -14.31
N PHE A 78 -2.09 4.76 -13.75
CA PHE A 78 -0.75 5.29 -13.59
C PHE A 78 -0.38 5.43 -12.11
N ILE A 79 0.81 4.99 -11.78
CA ILE A 79 1.29 5.06 -10.40
C ILE A 79 1.88 6.45 -10.15
N PHE A 80 1.56 6.99 -8.99
CA PHE A 80 2.05 8.31 -8.61
C PHE A 80 2.70 8.28 -7.22
N VAL A 81 3.97 8.66 -7.19
CA VAL A 81 4.71 8.68 -5.94
C VAL A 81 5.25 10.08 -5.69
N ASN A 82 4.68 10.75 -4.71
CA ASN A 82 5.09 12.09 -4.36
C ASN A 82 4.63 13.05 -5.46
N ASP A 83 3.66 12.61 -6.23
CA ASP A 83 3.13 13.42 -7.32
C ASP A 83 4.04 13.29 -8.54
N THR A 84 4.75 12.18 -8.59
CA THR A 84 5.66 11.92 -9.69
C THR A 84 5.47 10.48 -10.21
N LEU A 85 5.43 10.37 -11.53
CA LEU A 85 5.25 9.08 -12.16
C LEU A 85 6.63 8.47 -12.45
N PRO A 86 6.94 7.36 -11.72
CA PRO A 86 8.21 6.68 -11.90
C PRO A 86 8.22 5.88 -13.19
N PRO A 87 9.45 5.43 -13.57
CA PRO A 87 9.62 4.64 -14.78
C PRO A 87 9.12 3.21 -14.58
N THR A 88 9.45 2.37 -15.54
CA THR A 88 9.05 0.97 -15.49
C THR A 88 10.18 0.11 -14.93
N ALA A 89 11.40 0.49 -15.27
CA ALA A 89 12.57 -0.24 -14.81
C ALA A 89 12.97 0.28 -13.43
N ALA A 90 12.10 1.10 -12.87
CA ALA A 90 12.36 1.67 -11.55
C ALA A 90 12.07 0.61 -10.48
N LEU A 91 12.82 -0.49 -10.56
CA LEU A 91 12.65 -1.57 -9.61
C LEU A 91 12.04 -1.03 -8.32
N MET A 92 10.91 -1.60 -7.95
CA MET A 92 10.22 -1.19 -6.74
C MET A 92 11.15 -1.23 -5.54
N SER A 93 12.23 -1.98 -5.69
CA SER A 93 13.21 -2.11 -4.62
C SER A 93 13.96 -0.79 -4.44
N ALA A 94 14.39 -0.22 -5.56
CA ALA A 94 15.12 1.03 -5.53
C ALA A 94 14.16 2.17 -5.22
N ILE A 95 12.92 2.00 -5.67
CA ILE A 95 11.89 3.01 -5.44
C ILE A 95 11.67 3.17 -3.93
N TYR A 96 11.58 2.03 -3.25
CA TYR A 96 11.36 2.04 -1.82
C TYR A 96 12.60 2.56 -1.08
N GLN A 97 13.66 2.77 -1.85
CA GLN A 97 14.90 3.27 -1.29
C GLN A 97 15.06 4.77 -1.57
N GLU A 98 14.17 5.27 -2.42
CA GLU A 98 14.19 6.68 -2.77
C GLU A 98 12.89 7.36 -2.36
N HIS A 99 11.95 6.54 -1.91
CA HIS A 99 10.65 7.05 -1.49
C HIS A 99 10.28 6.42 -0.14
N LYS A 100 11.29 5.87 0.53
CA LYS A 100 11.07 5.24 1.81
C LYS A 100 10.30 6.20 2.73
N ASP A 101 9.90 5.67 3.87
CA ASP A 101 9.16 6.47 4.84
C ASP A 101 9.73 6.23 6.24
N LYS A 102 9.34 7.10 7.17
CA LYS A 102 9.80 6.99 8.53
C LYS A 102 9.40 5.64 9.10
N ASP A 103 8.14 5.27 8.85
CA ASP A 103 7.62 4.01 9.34
C ASP A 103 8.23 2.86 8.52
N GLY A 104 8.98 3.24 7.49
CA GLY A 104 9.62 2.27 6.63
C GLY A 104 8.69 1.84 5.50
N PHE A 105 7.42 1.70 5.84
CA PHE A 105 6.42 1.30 4.85
C PHE A 105 6.29 2.34 3.75
N LEU A 106 6.25 1.86 2.51
CA LEU A 106 6.13 2.74 1.37
C LEU A 106 4.67 3.15 1.20
N TYR A 107 4.46 4.18 0.39
CA TYR A 107 3.13 4.68 0.14
C TYR A 107 2.97 5.11 -1.32
N VAL A 108 2.51 4.16 -2.13
CA VAL A 108 2.31 4.43 -3.55
C VAL A 108 0.82 4.64 -3.82
N THR A 109 0.54 5.19 -4.99
CA THR A 109 -0.84 5.45 -5.38
C THR A 109 -1.02 5.23 -6.89
N TYR A 110 -2.28 5.04 -7.27
CA TYR A 110 -2.59 4.82 -8.67
C TYR A 110 -3.85 5.59 -9.07
N SER A 111 -3.79 6.22 -10.23
CA SER A 111 -4.91 6.99 -10.74
C SER A 111 -5.25 6.54 -12.17
N GLY A 112 -6.47 6.86 -12.58
CA GLY A 112 -6.92 6.50 -13.92
C GLY A 112 -6.41 7.51 -14.95
N GLU A 113 -5.72 8.52 -14.46
CA GLU A 113 -5.18 9.55 -15.33
C GLU A 113 -3.68 9.72 -15.08
N ASN A 114 -3.01 10.29 -16.07
CA ASN A 114 -1.57 10.51 -15.97
C ASN A 114 -1.31 11.90 -15.39
N THR A 115 -2.36 12.47 -14.81
CA THR A 115 -2.26 13.79 -14.21
C THR A 115 -3.00 13.84 -12.88
N PHE A 116 -3.13 15.05 -12.35
CA PHE A 116 -3.82 15.24 -11.09
C PHE A 116 -5.08 16.08 -11.27
N GLY A 117 -6.20 15.40 -11.37
CA GLY A 117 -7.48 16.07 -11.54
C GLY A 117 -8.49 15.15 -12.23
N GLY B 1 -13.52 10.47 -0.01
CA GLY B 1 -13.02 11.26 -1.12
C GLY B 1 -11.70 11.94 -0.75
N PRO B 2 -11.83 13.13 -0.11
CA PRO B 2 -10.66 13.89 0.30
C PRO B 2 -10.00 13.27 1.53
N HIS B 3 -8.84 12.65 1.30
CA HIS B 3 -8.11 12.01 2.38
C HIS B 3 -6.62 11.99 2.04
N MET B 4 -5.82 11.71 3.06
CA MET B 4 -4.38 11.65 2.89
C MET B 4 -3.68 11.22 4.18
N ILE B 5 -2.36 11.25 4.14
CA ILE B 5 -1.57 10.87 5.29
C ILE B 5 -2.12 11.58 6.54
N SER B 6 -2.86 10.83 7.32
CA SER B 6 -3.46 11.36 8.54
C SER B 6 -2.48 11.22 9.70
N GLY B 7 -2.35 9.98 10.17
CA GLY B 7 -1.46 9.70 11.29
C GLY B 7 -1.67 10.69 12.44
N LEU B 8 -2.48 10.27 13.40
CA LEU B 8 -2.77 11.10 14.55
C LEU B 8 -2.24 10.42 15.81
N SER B 9 -2.16 11.20 16.87
CA SER B 9 -1.69 10.69 18.15
C SER B 9 -2.85 10.13 18.96
N VAL B 10 -3.72 9.42 18.27
CA VAL B 10 -4.88 8.83 18.92
C VAL B 10 -4.78 7.31 18.85
N ILE B 11 -5.48 6.65 19.77
CA ILE B 11 -5.48 5.20 19.83
C ILE B 11 -6.91 4.69 19.68
N LYS B 12 -7.06 3.37 19.82
CA LYS B 12 -8.36 2.76 19.71
C LYS B 12 -8.84 2.82 18.26
N GLN B 13 -7.87 2.94 17.36
CA GLN B 13 -8.18 3.01 15.94
C GLN B 13 -9.32 2.06 15.60
N GLU B 14 -10.02 2.40 14.52
CA GLU B 14 -11.15 1.59 14.07
C GLU B 14 -10.72 0.13 13.93
N VAL B 15 -11.64 -0.67 13.39
CA VAL B 15 -11.38 -2.09 13.20
C VAL B 15 -12.36 -2.64 12.17
N GLU B 16 -11.82 -3.08 11.04
CA GLU B 16 -12.64 -3.64 9.99
C GLU B 16 -12.42 -5.15 9.88
N ARG B 17 -11.32 -5.51 9.22
CA ARG B 17 -10.98 -6.91 9.04
C ARG B 17 -9.68 -7.24 9.77
N LEU B 18 -8.80 -6.26 9.80
CA LEU B 18 -7.51 -6.43 10.45
C LEU B 18 -7.47 -5.57 11.72
N GLY B 19 -6.29 -5.53 12.33
CA GLY B 19 -6.11 -4.75 13.54
C GLY B 19 -4.63 -4.68 13.93
N ASN B 20 -4.30 -5.43 14.98
CA ASN B 20 -2.92 -5.47 15.45
C ASN B 20 -1.97 -5.48 14.26
N ASP B 21 -2.02 -6.58 13.53
CA ASP B 21 -1.17 -6.74 12.36
C ASP B 21 -1.87 -6.13 11.14
N VAL B 22 -1.32 -6.45 9.97
CA VAL B 22 -1.88 -5.94 8.72
C VAL B 22 -2.58 -7.09 7.98
N PHE B 23 -1.98 -8.26 8.08
CA PHE B 23 -2.53 -9.44 7.44
C PHE B 23 -3.31 -10.30 8.44
N GLU B 24 -4.58 -9.97 8.59
CA GLU B 24 -5.44 -10.71 9.50
C GLU B 24 -6.52 -11.47 8.73
N TRP B 25 -6.23 -11.70 7.45
CA TRP B 25 -7.16 -12.41 6.59
C TRP B 25 -6.35 -13.32 5.67
N GLU B 26 -7.03 -13.88 4.68
CA GLU B 26 -6.39 -14.76 3.73
C GLU B 26 -5.16 -14.08 3.11
N ASP B 27 -4.58 -14.76 2.15
CA ASP B 27 -3.39 -14.24 1.48
C ASP B 27 -2.49 -13.55 2.51
N ASP B 28 -1.58 -14.35 3.06
CA ASP B 28 -0.65 -13.83 4.06
C ASP B 28 0.55 -13.20 3.36
N GLU B 29 1.07 -13.93 2.37
CA GLU B 29 2.22 -13.45 1.62
C GLU B 29 1.96 -13.60 0.11
N SER B 30 0.70 -13.89 -0.21
CA SER B 30 0.32 -14.06 -1.61
C SER B 30 1.03 -13.03 -2.47
N ASP B 31 1.23 -13.41 -3.73
CA ASP B 31 1.90 -12.53 -4.68
C ASP B 31 0.86 -11.64 -5.37
N GLU B 32 -0.32 -11.59 -4.77
CA GLU B 32 -1.40 -10.79 -5.32
C GLU B 32 -1.22 -9.32 -4.94
N ILE B 33 -0.19 -9.08 -4.14
CA ILE B 33 0.10 -7.73 -3.69
C ILE B 33 1.40 -7.25 -4.35
N ALA B 34 1.70 -7.85 -5.49
CA ALA B 34 2.92 -7.50 -6.22
C ALA B 34 2.70 -6.17 -6.95
N HIS A 1 -16.94 8.21 6.69
CA HIS A 1 -16.15 8.94 5.71
C HIS A 1 -14.66 8.68 5.96
N MET A 2 -14.02 8.12 4.95
CA MET A 2 -12.59 7.82 5.05
C MET A 2 -12.00 7.56 3.65
N LYS A 3 -10.72 7.21 3.66
CA LYS A 3 -10.03 6.93 2.41
C LYS A 3 -9.11 5.72 2.61
N SER A 4 -8.27 5.81 3.64
CA SER A 4 -7.34 4.73 3.94
C SER A 4 -8.09 3.56 4.58
N THR A 5 -7.36 2.48 4.80
CA THR A 5 -7.94 1.29 5.39
C THR A 5 -6.90 0.57 6.26
N PHE A 6 -5.98 -0.10 5.58
CA PHE A 6 -4.93 -0.84 6.27
C PHE A 6 -4.12 0.09 7.18
N LYS A 7 -4.03 1.34 6.77
CA LYS A 7 -3.29 2.34 7.53
C LYS A 7 -4.25 3.04 8.50
N SER A 8 -5.51 3.09 8.11
CA SER A 8 -6.52 3.72 8.93
C SER A 8 -6.96 2.77 10.04
N GLU A 9 -6.33 1.60 10.07
CA GLU A 9 -6.65 0.60 11.07
C GLU A 9 -5.87 0.86 12.36
N TYR A 10 -4.67 1.39 12.19
CA TYR A 10 -3.83 1.70 13.33
C TYR A 10 -2.94 2.93 13.05
N PRO A 11 -2.33 3.45 14.14
CA PRO A 11 -1.47 4.62 14.02
C PRO A 11 -0.12 4.24 13.40
N PHE A 12 0.64 5.26 13.04
CA PHE A 12 1.94 5.05 12.44
C PHE A 12 2.88 4.32 13.41
N GLU A 13 2.63 4.55 14.70
CA GLU A 13 3.44 3.93 15.73
C GLU A 13 3.23 2.42 15.74
N LYS A 14 2.26 1.98 14.96
CA LYS A 14 1.95 0.57 14.86
C LYS A 14 2.57 0.00 13.59
N ARG A 15 2.33 0.70 12.49
CA ARG A 15 2.86 0.28 11.20
C ARG A 15 4.39 0.32 11.21
N LYS A 16 4.92 1.40 11.79
CA LYS A 16 6.35 1.58 11.88
C LYS A 16 6.97 0.38 12.59
N ALA A 17 6.28 -0.08 13.62
CA ALA A 17 6.75 -1.22 14.40
C ALA A 17 6.44 -2.51 13.62
N GLU A 18 5.51 -2.40 12.68
CA GLU A 18 5.13 -3.55 11.87
C GLU A 18 6.21 -3.84 10.84
N SER A 19 6.49 -2.85 10.01
CA SER A 19 7.50 -2.99 8.97
C SER A 19 8.84 -3.37 9.59
N GLU A 20 8.93 -3.15 10.90
CA GLU A 20 10.16 -3.46 11.62
C GLU A 20 10.36 -4.97 11.69
N ARG A 21 9.28 -5.67 12.00
CA ARG A 21 9.33 -7.13 12.10
C ARG A 21 9.37 -7.75 10.71
N ILE A 22 8.85 -7.00 9.74
CA ILE A 22 8.82 -7.47 8.37
C ILE A 22 10.25 -7.57 7.84
N ALA A 23 11.14 -6.81 8.47
CA ALA A 23 12.54 -6.81 8.07
C ALA A 23 13.17 -8.16 8.41
N ASP A 24 12.48 -8.89 9.28
CA ASP A 24 12.95 -10.20 9.69
C ASP A 24 12.17 -11.29 8.96
N ARG A 25 10.87 -11.06 8.84
CA ARG A 25 10.00 -11.99 8.16
C ARG A 25 10.34 -12.06 6.67
N PHE A 26 10.77 -10.93 6.14
CA PHE A 26 11.14 -10.84 4.74
C PHE A 26 12.04 -9.64 4.48
N PRO A 27 13.37 -9.86 4.68
CA PRO A 27 14.34 -8.80 4.47
C PRO A 27 14.57 -8.55 2.98
N ASN A 28 14.10 -9.50 2.17
CA ASN A 28 14.24 -9.38 0.73
C ASN A 28 12.88 -9.07 0.11
N ARG A 29 12.22 -8.07 0.68
CA ARG A 29 10.91 -7.66 0.20
C ARG A 29 10.83 -6.13 0.11
N ILE A 30 9.67 -5.66 -0.31
CA ILE A 30 9.46 -4.22 -0.46
C ILE A 30 8.02 -3.88 -0.06
N PRO A 31 7.87 -3.44 1.22
CA PRO A 31 6.57 -3.09 1.74
C PRO A 31 6.10 -1.73 1.17
N VAL A 32 4.94 -1.76 0.55
CA VAL A 32 4.37 -0.55 -0.03
C VAL A 32 2.89 -0.45 0.36
N ILE A 33 2.30 0.68 0.00
CA ILE A 33 0.90 0.92 0.30
C ILE A 33 0.20 1.50 -0.94
N CYS A 34 -0.47 0.62 -1.67
CA CYS A 34 -1.18 1.02 -2.87
C CYS A 34 -2.35 1.91 -2.45
N GLU A 35 -2.29 3.16 -2.88
CA GLU A 35 -3.35 4.11 -2.56
C GLU A 35 -4.08 4.53 -3.84
N LYS A 36 -5.29 5.02 -3.66
CA LYS A 36 -6.11 5.46 -4.77
C LYS A 36 -6.42 6.95 -4.62
N ALA A 37 -5.93 7.73 -5.56
CA ALA A 37 -6.15 9.16 -5.54
C ALA A 37 -7.65 9.45 -5.48
N GLU A 38 -7.98 10.71 -5.30
CA GLU A 38 -9.37 11.12 -5.23
C GLU A 38 -9.84 11.62 -6.60
N LYS A 39 -9.06 12.50 -7.18
CA LYS A 39 -9.38 13.05 -8.49
C LYS A 39 -9.70 11.91 -9.46
N SER A 40 -9.04 10.79 -9.24
CA SER A 40 -9.23 9.62 -10.08
C SER A 40 -10.71 9.23 -10.09
N ASP A 41 -11.12 8.59 -11.18
CA ASP A 41 -12.49 8.16 -11.34
C ASP A 41 -12.54 6.63 -11.39
N ILE A 42 -11.43 6.02 -11.01
CA ILE A 42 -11.32 4.57 -11.02
C ILE A 42 -11.89 4.02 -9.70
N PRO A 43 -12.13 2.69 -9.70
CA PRO A 43 -12.67 2.02 -8.52
C PRO A 43 -11.58 1.87 -7.45
N GLU A 44 -11.86 2.42 -6.28
CA GLU A 44 -10.93 2.34 -5.17
C GLU A 44 -10.71 0.88 -4.76
N ILE A 45 -9.47 0.58 -4.39
CA ILE A 45 -9.12 -0.76 -3.98
C ILE A 45 -9.79 -1.07 -2.64
N ASP A 46 -9.71 -2.33 -2.26
CA ASP A 46 -10.30 -2.77 -1.00
C ASP A 46 -9.49 -2.21 0.17
N LYS A 47 -8.17 -2.35 0.05
CA LYS A 47 -7.27 -1.86 1.08
C LYS A 47 -5.93 -1.48 0.45
N ARG A 48 -5.19 -0.66 1.17
CA ARG A 48 -3.89 -0.21 0.69
C ARG A 48 -2.77 -0.96 1.42
N LYS A 49 -2.33 -2.03 0.80
CA LYS A 49 -1.26 -2.85 1.37
C LYS A 49 -0.74 -3.83 0.31
N TYR A 50 0.49 -3.59 -0.10
CA TYR A 50 1.12 -4.44 -1.10
C TYR A 50 2.56 -4.77 -0.72
N LEU A 51 2.83 -6.05 -0.56
CA LEU A 51 4.16 -6.51 -0.20
C LEU A 51 4.89 -6.97 -1.45
N VAL A 52 5.34 -6.00 -2.23
CA VAL A 52 6.07 -6.30 -3.46
C VAL A 52 7.52 -6.64 -3.12
N PRO A 53 8.10 -7.55 -3.95
CA PRO A 53 9.47 -7.98 -3.75
C PRO A 53 10.45 -6.89 -4.21
N ALA A 54 11.74 -7.20 -4.09
CA ALA A 54 12.78 -6.27 -4.48
C ALA A 54 13.19 -6.55 -5.93
N ASP A 55 12.30 -7.25 -6.63
CA ASP A 55 12.57 -7.59 -8.03
C ASP A 55 11.46 -6.98 -8.90
N LEU A 56 10.24 -7.03 -8.37
CA LEU A 56 9.10 -6.49 -9.10
C LEU A 56 9.36 -5.03 -9.45
N THR A 57 9.13 -4.70 -10.71
CA THR A 57 9.33 -3.34 -11.18
C THR A 57 8.04 -2.53 -11.07
N VAL A 58 8.14 -1.25 -11.38
CA VAL A 58 6.99 -0.36 -11.33
C VAL A 58 5.98 -0.78 -12.38
N GLY A 59 6.50 -1.23 -13.51
CA GLY A 59 5.65 -1.67 -14.61
C GLY A 59 5.09 -3.07 -14.34
N GLN A 60 5.56 -3.66 -13.26
CA GLN A 60 5.11 -4.99 -12.89
C GLN A 60 4.06 -4.91 -11.79
N PHE A 61 4.08 -3.79 -11.08
CA PHE A 61 3.13 -3.57 -10.00
C PHE A 61 1.76 -3.16 -10.54
N VAL A 62 1.77 -2.11 -11.37
CA VAL A 62 0.54 -1.62 -11.95
C VAL A 62 -0.33 -2.80 -12.37
N TYR A 63 0.33 -3.86 -12.81
CA TYR A 63 -0.37 -5.06 -13.24
C TYR A 63 -1.25 -5.61 -12.12
N VAL A 64 -0.62 -5.90 -11.00
CA VAL A 64 -1.33 -6.43 -9.85
C VAL A 64 -2.45 -5.48 -9.46
N ILE A 65 -2.13 -4.18 -9.51
CA ILE A 65 -3.10 -3.15 -9.17
C ILE A 65 -4.33 -3.30 -10.06
N ARG A 66 -4.07 -3.37 -11.37
CA ARG A 66 -5.14 -3.50 -12.34
C ARG A 66 -5.94 -4.78 -12.07
N LYS A 67 -5.24 -5.78 -11.55
CA LYS A 67 -5.88 -7.05 -11.24
C LYS A 67 -6.92 -6.84 -10.14
N ARG A 68 -6.47 -6.24 -9.05
CA ARG A 68 -7.36 -5.99 -7.92
C ARG A 68 -8.65 -5.33 -8.40
N ILE A 69 -8.51 -4.12 -8.91
CA ILE A 69 -9.66 -3.38 -9.40
C ILE A 69 -10.14 -4.01 -10.70
N MET A 70 -9.38 -5.00 -11.17
CA MET A 70 -9.73 -5.69 -12.40
C MET A 70 -10.19 -4.71 -13.48
N LEU A 71 -9.45 -3.62 -13.59
CA LEU A 71 -9.76 -2.60 -14.57
C LEU A 71 -9.54 -3.16 -15.98
N PRO A 72 -10.47 -2.79 -16.90
CA PRO A 72 -10.39 -3.25 -18.28
C PRO A 72 -9.28 -2.51 -19.04
N PRO A 73 -8.95 -3.06 -20.24
CA PRO A 73 -7.91 -2.46 -21.07
C PRO A 73 -8.42 -1.18 -21.74
N GLU A 74 -9.67 -0.86 -21.45
CA GLU A 74 -10.28 0.33 -22.02
C GLU A 74 -10.03 1.54 -21.12
N LYS A 75 -9.26 1.31 -20.07
CA LYS A 75 -8.93 2.37 -19.13
C LYS A 75 -7.41 2.48 -19.01
N ALA A 76 -7.00 3.42 -18.16
CA ALA A 76 -5.57 3.64 -17.94
C ALA A 76 -5.32 3.85 -16.45
N ILE A 77 -4.24 3.24 -15.97
CA ILE A 77 -3.89 3.36 -14.56
C ILE A 77 -2.40 3.71 -14.46
N PHE A 78 -2.14 4.84 -13.81
CA PHE A 78 -0.77 5.30 -13.63
C PHE A 78 -0.43 5.43 -12.14
N ILE A 79 0.81 5.09 -11.83
CA ILE A 79 1.27 5.17 -10.44
C ILE A 79 1.74 6.60 -10.16
N PHE A 80 1.76 6.92 -8.88
CA PHE A 80 2.18 8.24 -8.45
C PHE A 80 2.85 8.19 -7.07
N VAL A 81 4.03 8.80 -6.99
CA VAL A 81 4.78 8.82 -5.75
C VAL A 81 5.38 10.21 -5.55
N ASN A 82 4.91 10.88 -4.51
CA ASN A 82 5.39 12.22 -4.20
C ASN A 82 4.95 13.19 -5.29
N ASP A 83 3.92 12.77 -6.02
CA ASP A 83 3.39 13.59 -7.10
C ASP A 83 4.25 13.38 -8.35
N THR A 84 5.03 12.32 -8.33
CA THR A 84 5.90 12.00 -9.45
C THR A 84 5.57 10.61 -10.01
N LEU A 85 5.54 10.52 -11.32
CA LEU A 85 5.24 9.26 -11.98
C LEU A 85 6.55 8.52 -12.27
N PRO A 86 6.76 7.39 -11.55
CA PRO A 86 7.95 6.59 -11.73
C PRO A 86 7.89 5.78 -13.03
N PRO A 87 9.10 5.43 -13.55
CA PRO A 87 9.18 4.67 -14.78
C PRO A 87 8.83 3.21 -14.54
N THR A 88 9.21 2.37 -15.50
CA THR A 88 8.94 0.94 -15.40
C THR A 88 10.16 0.21 -14.86
N ALA A 89 11.33 0.70 -15.25
CA ALA A 89 12.58 0.09 -14.82
C ALA A 89 12.89 0.55 -13.39
N ALA A 90 11.98 1.33 -12.84
CA ALA A 90 12.15 1.84 -11.49
C ALA A 90 11.85 0.73 -10.49
N LEU A 91 12.64 -0.33 -10.59
CA LEU A 91 12.47 -1.46 -9.70
C LEU A 91 11.89 -0.98 -8.36
N MET A 92 10.71 -1.48 -8.05
CA MET A 92 10.04 -1.11 -6.81
C MET A 92 11.04 -1.03 -5.66
N SER A 93 12.09 -1.81 -5.77
CA SER A 93 13.13 -1.83 -4.75
C SER A 93 13.84 -0.48 -4.70
N ALA A 94 14.26 -0.02 -5.87
CA ALA A 94 14.96 1.25 -5.97
C ALA A 94 13.96 2.39 -5.74
N ILE A 95 12.69 2.02 -5.67
CA ILE A 95 11.63 3.00 -5.45
C ILE A 95 11.39 3.15 -3.95
N TYR A 96 11.28 2.02 -3.28
CA TYR A 96 11.05 2.02 -1.84
C TYR A 96 12.30 2.47 -1.08
N GLN A 97 13.37 2.65 -1.84
CA GLN A 97 14.63 3.09 -1.25
C GLN A 97 14.84 4.59 -1.49
N GLU A 98 13.97 5.15 -2.32
CA GLU A 98 14.05 6.56 -2.65
C GLU A 98 12.77 7.27 -2.20
N HIS A 99 11.78 6.48 -1.83
CA HIS A 99 10.51 7.01 -1.37
C HIS A 99 10.17 6.44 0.00
N LYS A 100 11.18 5.89 0.65
CA LYS A 100 11.00 5.30 1.96
C LYS A 100 10.43 6.36 2.91
N ASP A 101 9.79 5.87 3.96
CA ASP A 101 9.20 6.77 4.95
C ASP A 101 9.71 6.38 6.34
N LYS A 102 9.33 7.20 7.32
CA LYS A 102 9.74 6.97 8.69
C LYS A 102 9.20 5.61 9.15
N ASP A 103 8.05 5.25 8.60
CA ASP A 103 7.43 3.98 8.94
C ASP A 103 8.03 2.87 8.09
N GLY A 104 8.73 3.28 7.04
CA GLY A 104 9.36 2.33 6.14
C GLY A 104 8.39 1.91 5.03
N PHE A 105 7.14 1.72 5.42
CA PHE A 105 6.11 1.31 4.48
C PHE A 105 5.97 2.33 3.35
N LEU A 106 6.18 1.86 2.12
CA LEU A 106 6.08 2.71 0.95
C LEU A 106 4.63 3.16 0.79
N TYR A 107 4.48 4.39 0.29
CA TYR A 107 3.16 4.95 0.08
C TYR A 107 2.97 5.36 -1.38
N VAL A 108 2.49 4.42 -2.17
CA VAL A 108 2.26 4.66 -3.59
C VAL A 108 0.79 5.05 -3.79
N THR A 109 0.51 5.53 -5.00
CA THR A 109 -0.84 5.94 -5.34
C THR A 109 -1.07 5.83 -6.85
N TYR A 110 -2.13 5.11 -7.20
CA TYR A 110 -2.47 4.92 -8.59
C TYR A 110 -3.78 5.64 -8.95
N SER A 111 -3.77 6.26 -10.12
CA SER A 111 -4.93 6.99 -10.59
C SER A 111 -5.30 6.54 -12.00
N GLY A 112 -6.52 6.86 -12.40
CA GLY A 112 -7.00 6.50 -13.72
C GLY A 112 -6.37 7.38 -14.79
N GLU A 113 -6.08 8.61 -14.40
CA GLU A 113 -5.48 9.56 -15.33
C GLU A 113 -3.96 9.60 -15.12
N ASN A 114 -3.31 10.40 -15.95
CA ASN A 114 -1.86 10.54 -15.88
C ASN A 114 -1.51 11.96 -15.42
N THR A 115 -2.42 12.54 -14.64
CA THR A 115 -2.22 13.88 -14.13
C THR A 115 -3.00 14.07 -12.83
N PHE A 116 -2.91 15.28 -12.30
CA PHE A 116 -3.60 15.61 -11.06
C PHE A 116 -4.60 16.74 -11.28
N GLY A 117 -5.86 16.34 -11.46
CA GLY A 117 -6.93 17.31 -11.68
C GLY A 117 -8.26 16.60 -11.93
N GLY B 1 -22.32 20.26 0.75
CA GLY B 1 -22.12 19.43 1.93
C GLY B 1 -21.17 20.09 2.92
N PRO B 2 -21.23 19.61 4.19
CA PRO B 2 -20.37 20.15 5.23
C PRO B 2 -18.93 19.65 5.08
N HIS B 3 -18.01 20.60 5.15
CA HIS B 3 -16.60 20.28 5.01
C HIS B 3 -15.99 20.07 6.41
N MET B 4 -15.28 18.96 6.55
CA MET B 4 -14.65 18.62 7.80
C MET B 4 -13.49 19.58 8.10
N ILE B 5 -13.62 20.29 9.22
CA ILE B 5 -12.60 21.24 9.63
C ILE B 5 -11.21 20.61 9.41
N SER B 6 -10.32 21.41 8.85
CA SER B 6 -8.96 20.96 8.59
C SER B 6 -7.97 21.82 9.37
N GLY B 7 -7.05 21.14 10.04
CA GLY B 7 -6.04 21.82 10.82
C GLY B 7 -5.15 20.83 11.57
N LEU B 8 -4.99 21.08 12.86
CA LEU B 8 -4.18 20.21 13.69
C LEU B 8 -5.05 19.59 14.79
N SER B 9 -5.00 18.27 14.87
CA SER B 9 -5.78 17.56 15.85
C SER B 9 -5.26 16.12 15.99
N VAL B 10 -5.65 15.49 17.10
CA VAL B 10 -5.23 14.12 17.35
C VAL B 10 -5.72 13.22 16.22
N ILE B 11 -5.33 11.95 16.30
CA ILE B 11 -5.73 10.99 15.29
C ILE B 11 -6.81 10.08 15.87
N LYS B 12 -7.28 9.16 15.03
CA LYS B 12 -8.31 8.23 15.45
C LYS B 12 -8.18 6.92 14.66
N GLN B 13 -7.75 5.89 15.36
CA GLN B 13 -7.57 4.58 14.74
C GLN B 13 -8.73 3.65 15.13
N GLU B 14 -9.33 3.06 14.10
CA GLU B 14 -10.44 2.15 14.32
C GLU B 14 -10.08 0.75 13.80
N VAL B 15 -11.07 -0.13 13.86
CA VAL B 15 -10.87 -1.51 13.39
C VAL B 15 -12.08 -1.93 12.56
N GLU B 16 -11.80 -2.23 11.30
CA GLU B 16 -12.85 -2.64 10.39
C GLU B 16 -12.80 -4.16 10.19
N ARG B 17 -11.58 -4.68 10.13
CA ARG B 17 -11.38 -6.10 9.93
C ARG B 17 -10.08 -6.55 10.60
N LEU B 18 -9.04 -5.76 10.38
CA LEU B 18 -7.74 -6.06 10.96
C LEU B 18 -7.80 -5.87 12.48
N GLY B 19 -6.62 -5.90 13.09
CA GLY B 19 -6.53 -5.72 14.53
C GLY B 19 -5.07 -5.66 14.98
N ASN B 20 -4.66 -6.70 15.69
CA ASN B 20 -3.29 -6.78 16.18
C ASN B 20 -2.31 -6.71 15.00
N ASP B 21 -2.04 -7.88 14.44
CA ASP B 21 -1.13 -7.97 13.32
C ASP B 21 -1.63 -7.04 12.19
N VAL B 22 -1.01 -7.20 11.03
CA VAL B 22 -1.37 -6.39 9.88
C VAL B 22 -2.06 -7.28 8.84
N PHE B 23 -1.74 -8.56 8.91
CA PHE B 23 -2.32 -9.53 7.98
C PHE B 23 -3.07 -10.63 8.73
N GLU B 24 -4.39 -10.57 8.65
CA GLU B 24 -5.23 -11.56 9.31
C GLU B 24 -6.40 -11.96 8.41
N TRP B 25 -6.06 -12.31 7.18
CA TRP B 25 -7.07 -12.70 6.21
C TRP B 25 -6.41 -13.67 5.22
N GLU B 26 -7.21 -14.08 4.24
CA GLU B 26 -6.72 -15.00 3.22
C GLU B 26 -5.30 -14.61 2.79
N ASP B 27 -5.23 -13.65 1.89
CA ASP B 27 -3.95 -13.18 1.40
C ASP B 27 -3.27 -12.33 2.46
N ASP B 28 -2.94 -12.99 3.57
CA ASP B 28 -2.29 -12.30 4.68
C ASP B 28 -0.97 -11.71 4.20
N GLU B 29 -0.18 -12.56 3.55
CA GLU B 29 1.11 -12.14 3.03
C GLU B 29 1.33 -12.70 1.62
N SER B 30 0.26 -13.26 1.07
CA SER B 30 0.31 -13.82 -0.27
C SER B 30 1.16 -12.92 -1.18
N ASP B 31 1.78 -13.56 -2.16
CA ASP B 31 2.62 -12.83 -3.11
C ASP B 31 1.75 -12.29 -4.24
N GLU B 32 0.44 -12.40 -4.05
CA GLU B 32 -0.51 -11.92 -5.04
C GLU B 32 -0.52 -10.40 -5.09
N ILE B 33 0.09 -9.80 -4.07
CA ILE B 33 0.16 -8.35 -3.98
C ILE B 33 1.44 -7.85 -4.64
N ALA B 34 1.92 -8.65 -5.60
CA ALA B 34 3.13 -8.31 -6.31
C ALA B 34 2.81 -7.26 -7.38
N HIS A 1 -16.52 10.75 6.89
CA HIS A 1 -16.03 9.48 6.38
C HIS A 1 -14.50 9.48 6.41
N MET A 2 -13.93 8.28 6.41
CA MET A 2 -12.49 8.13 6.43
C MET A 2 -11.91 8.15 5.02
N LYS A 3 -10.61 7.89 4.94
CA LYS A 3 -9.93 7.88 3.66
C LYS A 3 -9.06 6.63 3.57
N SER A 4 -8.23 6.44 4.59
CA SER A 4 -7.35 5.30 4.63
C SER A 4 -8.15 4.02 4.90
N THR A 5 -7.45 2.89 4.85
CA THR A 5 -8.08 1.61 5.09
C THR A 5 -7.16 0.71 5.92
N PHE A 6 -6.13 0.21 5.27
CA PHE A 6 -5.17 -0.67 5.93
C PHE A 6 -4.39 0.09 7.00
N LYS A 7 -4.33 1.41 6.83
CA LYS A 7 -3.62 2.26 7.76
C LYS A 7 -4.63 2.93 8.70
N SER A 8 -5.85 3.04 8.22
CA SER A 8 -6.91 3.65 9.01
C SER A 8 -7.28 2.74 10.18
N GLU A 9 -6.70 1.55 10.17
CA GLU A 9 -6.96 0.59 11.22
C GLU A 9 -6.15 0.91 12.47
N TYR A 10 -4.86 1.11 12.26
CA TYR A 10 -3.95 1.44 13.35
C TYR A 10 -3.22 2.76 13.08
N PRO A 11 -2.60 3.30 14.17
CA PRO A 11 -1.86 4.55 14.06
C PRO A 11 -0.52 4.34 13.36
N PHE A 12 0.24 5.41 13.27
CA PHE A 12 1.55 5.35 12.64
C PHE A 12 2.57 4.66 13.53
N GLU A 13 2.39 4.83 14.83
CA GLU A 13 3.28 4.22 15.80
C GLU A 13 3.08 2.71 15.83
N LYS A 14 2.06 2.27 15.11
CA LYS A 14 1.75 0.85 15.04
C LYS A 14 2.30 0.27 13.73
N ARG A 15 2.13 1.04 12.67
CA ARG A 15 2.60 0.61 11.36
C ARG A 15 4.13 0.70 11.29
N LYS A 16 4.66 1.76 11.90
CA LYS A 16 6.09 1.97 11.91
C LYS A 16 6.78 0.78 12.58
N ALA A 17 6.11 0.26 13.61
CA ALA A 17 6.64 -0.87 14.34
C ALA A 17 6.29 -2.16 13.60
N GLU A 18 5.34 -2.04 12.68
CA GLU A 18 4.91 -3.19 11.90
C GLU A 18 5.94 -3.50 10.82
N SER A 19 6.31 -2.48 10.07
CA SER A 19 7.28 -2.64 9.01
C SER A 19 8.65 -2.99 9.60
N GLU A 20 8.74 -2.87 10.91
CA GLU A 20 9.99 -3.16 11.60
C GLU A 20 10.23 -4.67 11.62
N ARG A 21 9.16 -5.42 11.85
CA ARG A 21 9.25 -6.87 11.89
C ARG A 21 9.24 -7.44 10.48
N ILE A 22 8.60 -6.71 9.58
CA ILE A 22 8.51 -7.13 8.19
C ILE A 22 9.90 -7.05 7.54
N ALA A 23 10.77 -6.27 8.18
CA ALA A 23 12.12 -6.10 7.68
C ALA A 23 12.96 -7.31 8.07
N ASP A 24 12.40 -8.13 8.95
CA ASP A 24 13.09 -9.32 9.41
C ASP A 24 12.43 -10.55 8.78
N ARG A 25 11.12 -10.48 8.64
CA ARG A 25 10.36 -11.58 8.05
C ARG A 25 10.44 -11.52 6.52
N PHE A 26 10.39 -10.30 6.01
CA PHE A 26 10.45 -10.09 4.57
C PHE A 26 11.48 -9.02 4.22
N PRO A 27 12.78 -9.36 4.48
CA PRO A 27 13.87 -8.44 4.19
C PRO A 27 14.15 -8.37 2.69
N ASN A 28 13.92 -9.50 2.03
CA ASN A 28 14.14 -9.57 0.59
C ASN A 28 12.87 -9.13 -0.14
N ARG A 29 11.95 -8.55 0.62
CA ARG A 29 10.70 -8.07 0.06
C ARG A 29 10.72 -6.54 -0.04
N ILE A 30 9.59 -6.00 -0.47
CA ILE A 30 9.46 -4.57 -0.61
C ILE A 30 8.02 -4.16 -0.26
N PRO A 31 7.85 -3.70 1.02
CA PRO A 31 6.55 -3.27 1.49
C PRO A 31 6.17 -1.91 0.92
N VAL A 32 4.91 -1.78 0.56
CA VAL A 32 4.41 -0.54 0.00
C VAL A 32 2.90 -0.46 0.20
N ILE A 33 2.42 0.76 0.39
CA ILE A 33 1.00 0.98 0.60
C ILE A 33 0.42 1.72 -0.61
N CYS A 34 -0.33 0.96 -1.41
CA CYS A 34 -0.95 1.52 -2.60
C CYS A 34 -2.16 2.34 -2.18
N GLU A 35 -2.40 3.40 -2.93
CA GLU A 35 -3.53 4.27 -2.64
C GLU A 35 -4.28 4.62 -3.92
N LYS A 36 -5.45 5.22 -3.76
CA LYS A 36 -6.27 5.60 -4.89
C LYS A 36 -6.64 7.08 -4.77
N ALA A 37 -6.36 7.81 -5.84
CA ALA A 37 -6.66 9.24 -5.87
C ALA A 37 -8.17 9.45 -6.03
N GLU A 38 -8.69 10.35 -5.22
CA GLU A 38 -10.12 10.65 -5.26
C GLU A 38 -10.49 11.25 -6.63
N LYS A 39 -9.76 12.29 -7.00
CA LYS A 39 -10.01 12.97 -8.26
C LYS A 39 -10.27 11.92 -9.34
N SER A 40 -9.56 10.82 -9.24
CA SER A 40 -9.71 9.74 -10.21
C SER A 40 -11.18 9.31 -10.29
N ASP A 41 -11.46 8.49 -11.29
CA ASP A 41 -12.82 8.00 -11.49
C ASP A 41 -12.82 6.47 -11.47
N ILE A 42 -11.71 5.92 -11.00
CA ILE A 42 -11.56 4.47 -10.93
C ILE A 42 -12.09 3.99 -9.57
N PRO A 43 -12.31 2.64 -9.50
CA PRO A 43 -12.80 2.04 -8.28
C PRO A 43 -11.71 1.97 -7.20
N GLU A 44 -12.05 2.43 -6.01
CA GLU A 44 -11.10 2.44 -4.91
C GLU A 44 -10.69 1.00 -4.58
N ILE A 45 -9.51 0.88 -3.97
CA ILE A 45 -8.99 -0.42 -3.60
C ILE A 45 -9.64 -0.86 -2.29
N ASP A 46 -9.61 -2.16 -2.05
CA ASP A 46 -10.19 -2.72 -0.84
C ASP A 46 -9.37 -2.25 0.36
N LYS A 47 -8.06 -2.36 0.23
CA LYS A 47 -7.16 -1.95 1.30
C LYS A 47 -5.85 -1.45 0.69
N ARG A 48 -5.02 -0.87 1.55
CA ARG A 48 -3.73 -0.35 1.12
C ARG A 48 -2.60 -1.14 1.77
N LYS A 49 -2.13 -2.14 1.06
CA LYS A 49 -1.05 -2.97 1.55
C LYS A 49 -0.54 -3.87 0.42
N TYR A 50 0.73 -3.68 0.09
CA TYR A 50 1.35 -4.45 -0.97
C TYR A 50 2.79 -4.82 -0.61
N LEU A 51 3.05 -6.11 -0.61
CA LEU A 51 4.38 -6.61 -0.29
C LEU A 51 5.03 -7.19 -1.54
N VAL A 52 5.49 -6.29 -2.40
CA VAL A 52 6.13 -6.70 -3.64
C VAL A 52 7.58 -7.07 -3.36
N PRO A 53 8.13 -7.96 -4.24
CA PRO A 53 9.50 -8.40 -4.09
C PRO A 53 10.48 -7.31 -4.53
N ALA A 54 11.76 -7.58 -4.31
CA ALA A 54 12.80 -6.64 -4.68
C ALA A 54 13.20 -6.85 -6.14
N ASP A 55 12.32 -7.54 -6.86
CA ASP A 55 12.57 -7.82 -8.26
C ASP A 55 11.46 -7.19 -9.11
N LEU A 56 10.24 -7.25 -8.58
CA LEU A 56 9.10 -6.69 -9.27
C LEU A 56 9.34 -5.19 -9.52
N THR A 57 8.99 -4.77 -10.72
CA THR A 57 9.16 -3.38 -11.10
C THR A 57 7.84 -2.61 -10.91
N VAL A 58 7.87 -1.35 -11.32
CA VAL A 58 6.69 -0.50 -11.20
C VAL A 58 5.64 -0.96 -12.20
N GLY A 59 6.10 -1.30 -13.40
CA GLY A 59 5.22 -1.75 -14.46
C GLY A 59 4.58 -3.09 -14.09
N GLN A 60 5.35 -3.90 -13.36
CA GLN A 60 4.86 -5.21 -12.95
C GLN A 60 3.90 -5.07 -11.77
N PHE A 61 4.05 -3.97 -11.05
CA PHE A 61 3.20 -3.70 -9.89
C PHE A 61 1.82 -3.21 -10.34
N VAL A 62 1.82 -2.33 -11.32
CA VAL A 62 0.58 -1.79 -11.84
C VAL A 62 -0.36 -2.93 -12.22
N TYR A 63 0.25 -4.01 -12.71
CA TYR A 63 -0.52 -5.17 -13.11
C TYR A 63 -1.37 -5.71 -11.95
N VAL A 64 -0.78 -5.65 -10.76
CA VAL A 64 -1.46 -6.13 -9.57
C VAL A 64 -2.53 -5.11 -9.16
N ILE A 65 -2.14 -3.84 -9.19
CA ILE A 65 -3.03 -2.76 -8.82
C ILE A 65 -4.24 -2.78 -9.77
N ARG A 66 -3.97 -3.16 -11.00
CA ARG A 66 -5.03 -3.22 -12.02
C ARG A 66 -5.81 -4.53 -11.88
N LYS A 67 -5.28 -5.43 -11.08
CA LYS A 67 -5.92 -6.72 -10.86
C LYS A 67 -6.94 -6.58 -9.73
N ARG A 68 -6.56 -5.82 -8.71
CA ARG A 68 -7.43 -5.61 -7.57
C ARG A 68 -8.75 -4.95 -8.01
N ILE A 69 -8.61 -4.00 -8.93
CA ILE A 69 -9.78 -3.30 -9.45
C ILE A 69 -10.16 -3.90 -10.80
N MET A 70 -9.45 -4.94 -11.18
CA MET A 70 -9.70 -5.61 -12.44
C MET A 70 -10.07 -4.59 -13.53
N LEU A 71 -9.44 -3.43 -13.44
CA LEU A 71 -9.70 -2.37 -14.40
C LEU A 71 -9.54 -2.93 -15.81
N PRO A 72 -10.46 -2.48 -16.71
CA PRO A 72 -10.44 -2.94 -18.10
C PRO A 72 -9.31 -2.25 -18.87
N PRO A 73 -9.10 -2.74 -20.12
CA PRO A 73 -8.05 -2.19 -20.98
C PRO A 73 -8.48 -0.83 -21.55
N GLU A 74 -9.77 -0.56 -21.43
CA GLU A 74 -10.31 0.70 -21.93
C GLU A 74 -9.86 1.85 -21.04
N LYS A 75 -9.44 1.50 -19.84
CA LYS A 75 -8.99 2.51 -18.88
C LYS A 75 -7.47 2.38 -18.70
N ALA A 76 -6.93 3.23 -17.84
CA ALA A 76 -5.51 3.23 -17.58
C ALA A 76 -5.27 3.35 -16.07
N ILE A 77 -4.01 3.38 -15.70
CA ILE A 77 -3.63 3.49 -14.30
C ILE A 77 -2.15 3.84 -14.19
N PHE A 78 -1.86 4.78 -13.31
CA PHE A 78 -0.49 5.22 -13.10
C PHE A 78 -0.17 5.33 -11.61
N ILE A 79 0.98 4.78 -11.24
CA ILE A 79 1.41 4.82 -9.85
C ILE A 79 2.12 6.15 -9.58
N PHE A 80 1.61 6.86 -8.59
CA PHE A 80 2.19 8.14 -8.22
C PHE A 80 2.83 8.08 -6.83
N VAL A 81 4.11 8.39 -6.79
CA VAL A 81 4.85 8.37 -5.53
C VAL A 81 5.52 9.73 -5.32
N ASN A 82 4.98 10.48 -4.37
CA ASN A 82 5.52 11.80 -4.06
C ASN A 82 5.14 12.78 -5.17
N ASP A 83 4.01 12.49 -5.80
CA ASP A 83 3.53 13.34 -6.89
C ASP A 83 4.43 13.16 -8.10
N THR A 84 5.25 12.12 -8.05
CA THR A 84 6.17 11.83 -9.14
C THR A 84 5.99 10.39 -9.62
N LEU A 85 5.48 10.25 -10.83
CA LEU A 85 5.26 8.94 -11.41
C LEU A 85 6.61 8.32 -11.80
N PRO A 86 6.95 7.21 -11.11
CA PRO A 86 8.21 6.51 -11.38
C PRO A 86 8.13 5.73 -12.69
N PRO A 87 9.33 5.38 -13.22
CA PRO A 87 9.41 4.63 -14.46
C PRO A 87 9.07 3.16 -14.24
N THR A 88 9.12 2.40 -15.32
CA THR A 88 8.81 0.99 -15.25
C THR A 88 10.02 0.19 -14.77
N ALA A 89 11.19 0.67 -15.17
CA ALA A 89 12.43 0.02 -14.79
C ALA A 89 12.82 0.46 -13.37
N ALA A 90 11.92 1.21 -12.77
CA ALA A 90 12.15 1.70 -11.41
C ALA A 90 11.93 0.57 -10.41
N LEU A 91 12.76 -0.47 -10.55
CA LEU A 91 12.67 -1.62 -9.66
C LEU A 91 12.06 -1.18 -8.33
N MET A 92 10.87 -1.71 -8.05
CA MET A 92 10.18 -1.38 -6.82
C MET A 92 11.16 -1.32 -5.64
N SER A 93 12.23 -2.08 -5.77
CA SER A 93 13.25 -2.12 -4.72
C SER A 93 13.95 -0.77 -4.62
N ALA A 94 14.42 -0.29 -5.76
CA ALA A 94 15.11 1.00 -5.81
C ALA A 94 14.09 2.12 -5.57
N ILE A 95 12.83 1.73 -5.54
CA ILE A 95 11.76 2.70 -5.33
C ILE A 95 11.44 2.76 -3.83
N TYR A 96 11.40 1.59 -3.22
CA TYR A 96 11.12 1.51 -1.79
C TYR A 96 12.33 1.91 -0.96
N GLN A 97 13.43 2.16 -1.65
CA GLN A 97 14.66 2.56 -0.99
C GLN A 97 14.90 4.06 -1.17
N GLU A 98 14.10 4.66 -2.03
CA GLU A 98 14.21 6.09 -2.29
C GLU A 98 12.89 6.79 -1.97
N HIS A 99 11.90 5.99 -1.64
CA HIS A 99 10.58 6.51 -1.32
C HIS A 99 10.16 6.04 0.08
N LYS A 100 11.13 5.48 0.79
CA LYS A 100 10.88 4.98 2.12
C LYS A 100 10.58 6.15 3.05
N ASP A 101 9.87 5.85 4.13
CA ASP A 101 9.50 6.87 5.10
C ASP A 101 9.84 6.37 6.51
N LYS A 102 9.60 7.23 7.48
CA LYS A 102 9.87 6.89 8.87
C LYS A 102 9.32 5.49 9.16
N ASP A 103 8.04 5.33 8.87
CA ASP A 103 7.38 4.05 9.10
C ASP A 103 8.07 2.97 8.25
N GLY A 104 8.66 3.41 7.15
CA GLY A 104 9.35 2.49 6.26
C GLY A 104 8.42 2.04 5.13
N PHE A 105 7.16 1.80 5.49
CA PHE A 105 6.17 1.37 4.52
C PHE A 105 6.05 2.37 3.38
N LEU A 106 6.28 1.88 2.16
CA LEU A 106 6.20 2.71 0.98
C LEU A 106 4.77 3.25 0.85
N TYR A 107 4.64 4.29 0.03
CA TYR A 107 3.34 4.90 -0.20
C TYR A 107 3.21 5.40 -1.64
N VAL A 108 2.29 4.79 -2.37
CA VAL A 108 2.06 5.16 -3.75
C VAL A 108 0.60 5.58 -3.92
N THR A 109 0.26 5.90 -5.16
CA THR A 109 -1.10 6.33 -5.47
C THR A 109 -1.43 6.02 -6.94
N TYR A 110 -2.24 4.99 -7.13
CA TYR A 110 -2.64 4.58 -8.46
C TYR A 110 -3.98 5.21 -8.85
N SER A 111 -3.95 5.94 -9.96
CA SER A 111 -5.14 6.60 -10.45
C SER A 111 -5.29 6.37 -11.96
N GLY A 112 -6.53 6.46 -12.43
CA GLY A 112 -6.81 6.27 -13.84
C GLY A 112 -6.05 7.27 -14.69
N GLU A 113 -5.99 8.50 -14.21
CA GLU A 113 -5.30 9.56 -14.92
C GLU A 113 -3.85 9.68 -14.40
N ASN A 114 -2.98 10.15 -15.28
CA ASN A 114 -1.59 10.32 -14.93
C ASN A 114 -1.35 11.76 -14.46
N THR A 115 -2.33 12.27 -13.73
CA THR A 115 -2.25 13.62 -13.21
C THR A 115 -3.12 13.77 -11.95
N PHE A 116 -3.20 14.99 -11.48
CA PHE A 116 -4.00 15.29 -10.29
C PHE A 116 -5.17 16.21 -10.64
N GLY A 117 -6.33 15.60 -10.82
CA GLY A 117 -7.53 16.35 -11.16
C GLY A 117 -8.62 15.43 -11.69
N GLY B 1 -6.24 -20.40 23.59
CA GLY B 1 -4.96 -19.75 23.85
C GLY B 1 -4.46 -20.08 25.26
N PRO B 2 -3.27 -19.52 25.59
CA PRO B 2 -2.68 -19.73 26.89
C PRO B 2 -3.39 -18.92 27.97
N HIS B 3 -2.83 -18.92 29.17
CA HIS B 3 -3.40 -18.19 30.28
C HIS B 3 -2.99 -16.72 30.18
N MET B 4 -3.82 -15.87 30.78
CA MET B 4 -3.56 -14.44 30.77
C MET B 4 -2.07 -14.15 30.98
N ILE B 5 -1.67 -12.95 30.56
CA ILE B 5 -0.29 -12.54 30.70
C ILE B 5 -0.24 -11.11 31.25
N SER B 6 0.97 -10.69 31.59
CA SER B 6 1.17 -9.35 32.14
C SER B 6 0.39 -8.33 31.31
N GLY B 7 0.32 -7.12 31.84
CA GLY B 7 -0.39 -6.05 31.16
C GLY B 7 0.37 -5.60 29.91
N LEU B 8 -0.34 -5.62 28.79
CA LEU B 8 0.25 -5.21 27.52
C LEU B 8 -0.53 -4.02 26.96
N SER B 9 0.19 -3.18 26.23
CA SER B 9 -0.41 -1.99 25.63
C SER B 9 -1.03 -2.35 24.28
N VAL B 10 -2.34 -2.15 24.20
CA VAL B 10 -3.07 -2.43 22.98
C VAL B 10 -3.40 -1.12 22.26
N ILE B 11 -3.93 -1.26 21.06
CA ILE B 11 -4.30 -0.10 20.26
C ILE B 11 -5.68 0.38 20.67
N LYS B 12 -5.91 1.68 20.49
CA LYS B 12 -7.19 2.27 20.84
C LYS B 12 -7.96 2.58 19.55
N GLN B 13 -7.23 2.64 18.45
CA GLN B 13 -7.84 2.92 17.16
C GLN B 13 -9.04 2.02 16.94
N GLU B 14 -9.69 2.22 15.80
CA GLU B 14 -10.86 1.44 15.45
C GLU B 14 -10.47 0.31 14.50
N VAL B 15 -11.44 -0.56 14.23
CA VAL B 15 -11.21 -1.69 13.35
C VAL B 15 -12.34 -1.75 12.31
N GLU B 16 -11.94 -1.93 11.06
CA GLU B 16 -12.89 -2.01 9.97
C GLU B 16 -12.85 -3.39 9.32
N ARG B 17 -11.70 -3.71 8.76
CA ARG B 17 -11.51 -5.01 8.12
C ARG B 17 -10.38 -5.78 8.79
N LEU B 18 -9.42 -5.04 9.33
CA LEU B 18 -8.30 -5.65 10.00
C LEU B 18 -8.65 -5.90 11.46
N GLY B 19 -7.62 -5.99 12.29
CA GLY B 19 -7.81 -6.24 13.70
C GLY B 19 -6.50 -6.09 14.47
N ASN B 20 -5.91 -7.24 14.81
CA ASN B 20 -4.65 -7.26 15.53
C ASN B 20 -3.49 -7.06 14.55
N ASP B 21 -3.14 -8.15 13.88
CA ASP B 21 -2.06 -8.10 12.91
C ASP B 21 -2.51 -7.31 11.67
N VAL B 22 -1.65 -6.41 11.23
CA VAL B 22 -1.95 -5.60 10.07
C VAL B 22 -2.64 -6.46 9.01
N PHE B 23 -2.17 -7.69 8.90
CA PHE B 23 -2.73 -8.62 7.93
C PHE B 23 -3.99 -9.30 8.48
N GLU B 24 -3.76 -10.36 9.24
CA GLU B 24 -4.86 -11.11 9.84
C GLU B 24 -5.91 -11.44 8.78
N TRP B 25 -5.47 -11.41 7.52
CA TRP B 25 -6.36 -11.70 6.41
C TRP B 25 -5.59 -12.56 5.41
N GLU B 26 -6.33 -13.11 4.46
CA GLU B 26 -5.73 -13.95 3.44
C GLU B 26 -4.58 -13.21 2.75
N ASP B 27 -4.20 -13.72 1.59
CA ASP B 27 -3.12 -13.13 0.83
C ASP B 27 -2.01 -12.68 1.79
N ASP B 28 -1.55 -13.63 2.59
CA ASP B 28 -0.50 -13.35 3.56
C ASP B 28 0.74 -12.85 2.82
N GLU B 29 1.48 -13.80 2.25
CA GLU B 29 2.69 -13.48 1.51
C GLU B 29 2.49 -13.76 0.03
N SER B 30 1.36 -14.37 -0.28
CA SER B 30 1.04 -14.70 -1.67
C SER B 30 1.61 -13.63 -2.61
N ASP B 31 1.98 -14.07 -3.80
CA ASP B 31 2.53 -13.18 -4.80
C ASP B 31 1.39 -12.47 -5.53
N GLU B 32 0.19 -12.66 -5.02
CA GLU B 32 -0.99 -12.05 -5.62
C GLU B 32 -0.82 -10.54 -5.69
N ILE B 33 -0.09 -10.01 -4.71
CA ILE B 33 0.16 -8.58 -4.65
C ILE B 33 1.47 -8.26 -5.36
N ALA B 34 1.87 -9.17 -6.24
CA ALA B 34 3.11 -8.99 -6.99
C ALA B 34 3.25 -10.14 -7.99
N HIS A 1 -17.68 6.77 3.80
CA HIS A 1 -17.18 7.84 2.96
C HIS A 1 -15.73 8.15 3.31
N MET A 2 -14.96 7.07 3.47
CA MET A 2 -13.55 7.21 3.80
C MET A 2 -12.66 6.84 2.62
N LYS A 3 -11.37 6.80 2.87
CA LYS A 3 -10.40 6.47 1.84
C LYS A 3 -9.35 5.51 2.41
N SER A 4 -8.84 5.89 3.58
CA SER A 4 -7.83 5.08 4.23
C SER A 4 -8.48 3.86 4.88
N THR A 5 -7.83 2.71 4.69
CA THR A 5 -8.33 1.46 5.25
C THR A 5 -7.25 0.77 6.05
N PHE A 6 -6.35 0.09 5.34
CA PHE A 6 -5.26 -0.62 5.98
C PHE A 6 -4.34 0.35 6.74
N LYS A 7 -4.54 1.63 6.47
CA LYS A 7 -3.74 2.66 7.12
C LYS A 7 -4.55 3.27 8.26
N SER A 8 -5.84 3.00 8.25
CA SER A 8 -6.72 3.52 9.28
C SER A 8 -7.07 2.42 10.29
N GLU A 9 -6.42 1.28 10.11
CA GLU A 9 -6.64 0.13 10.99
C GLU A 9 -5.77 0.27 12.24
N TYR A 10 -4.75 1.10 12.13
CA TYR A 10 -3.84 1.31 13.24
C TYR A 10 -3.09 2.64 13.08
N PRO A 11 -2.35 3.02 14.16
CA PRO A 11 -1.59 4.25 14.15
C PRO A 11 -0.32 4.10 13.30
N PHE A 12 0.46 5.17 13.28
CA PHE A 12 1.70 5.18 12.51
C PHE A 12 2.77 4.31 13.17
N GLU A 13 2.60 4.11 14.48
CA GLU A 13 3.53 3.31 15.24
C GLU A 13 3.32 1.82 14.95
N LYS A 14 2.29 1.55 14.17
CA LYS A 14 1.96 0.18 13.80
C LYS A 14 2.79 -0.23 12.58
N ARG A 15 2.52 0.44 11.48
CA ARG A 15 3.23 0.15 10.24
C ARG A 15 4.74 0.32 10.44
N LYS A 16 5.08 1.15 11.41
CA LYS A 16 6.48 1.41 11.71
C LYS A 16 7.06 0.22 12.48
N ALA A 17 6.24 -0.30 13.39
CA ALA A 17 6.67 -1.44 14.20
C ALA A 17 6.63 -2.71 13.35
N GLU A 18 5.75 -2.69 12.36
CA GLU A 18 5.60 -3.83 11.47
C GLU A 18 6.82 -3.94 10.54
N SER A 19 7.25 -2.78 10.04
CA SER A 19 8.38 -2.73 9.15
C SER A 19 9.67 -2.96 9.93
N GLU A 20 9.54 -2.96 11.24
CA GLU A 20 10.68 -3.16 12.12
C GLU A 20 11.01 -4.66 12.23
N ARG A 21 9.97 -5.47 12.07
CA ARG A 21 10.13 -6.91 12.17
C ARG A 21 10.16 -7.52 10.76
N ILE A 22 9.46 -6.87 9.85
CA ILE A 22 9.38 -7.34 8.48
C ILE A 22 10.78 -7.31 7.86
N ALA A 23 11.65 -6.52 8.47
CA ALA A 23 13.01 -6.40 8.00
C ALA A 23 13.78 -7.68 8.33
N ASP A 24 13.24 -8.42 9.29
CA ASP A 24 13.86 -9.67 9.71
C ASP A 24 13.10 -10.84 9.08
N ARG A 25 11.79 -10.68 8.99
CA ARG A 25 10.94 -11.71 8.43
C ARG A 25 11.16 -11.81 6.91
N PHE A 26 11.04 -10.66 6.25
CA PHE A 26 11.22 -10.60 4.81
C PHE A 26 12.06 -9.38 4.42
N PRO A 27 13.40 -9.54 4.54
CA PRO A 27 14.32 -8.48 4.21
C PRO A 27 14.44 -8.31 2.68
N ASN A 28 13.85 -9.25 1.98
CA ASN A 28 13.88 -9.24 0.52
C ASN A 28 12.50 -8.85 -0.01
N ARG A 29 11.78 -8.11 0.80
CA ARG A 29 10.44 -7.67 0.43
C ARG A 29 10.40 -6.14 0.26
N ILE A 30 9.24 -5.64 -0.12
CA ILE A 30 9.07 -4.22 -0.32
C ILE A 30 7.64 -3.82 0.04
N PRO A 31 7.46 -3.41 1.33
CA PRO A 31 6.15 -3.01 1.82
C PRO A 31 5.77 -1.62 1.28
N VAL A 32 4.66 -1.59 0.54
CA VAL A 32 4.18 -0.36 -0.03
C VAL A 32 2.66 -0.28 0.14
N ILE A 33 2.17 0.95 0.28
CA ILE A 33 0.75 1.17 0.44
C ILE A 33 0.21 1.91 -0.78
N CYS A 34 -0.50 1.17 -1.62
CA CYS A 34 -1.07 1.74 -2.82
C CYS A 34 -2.50 2.19 -2.51
N GLU A 35 -2.79 3.44 -2.84
CA GLU A 35 -4.11 4.00 -2.60
C GLU A 35 -4.68 4.57 -3.89
N LYS A 36 -5.98 4.84 -3.86
CA LYS A 36 -6.66 5.40 -5.02
C LYS A 36 -6.91 6.90 -4.79
N ALA A 37 -6.48 7.69 -5.75
CA ALA A 37 -6.65 9.13 -5.67
C ALA A 37 -8.14 9.47 -5.85
N GLU A 38 -8.59 10.41 -5.03
CA GLU A 38 -9.98 10.83 -5.10
C GLU A 38 -10.30 11.44 -6.46
N LYS A 39 -9.43 12.36 -6.88
CA LYS A 39 -9.61 13.01 -8.17
C LYS A 39 -9.97 11.98 -9.22
N SER A 40 -9.16 10.93 -9.27
CA SER A 40 -9.37 9.86 -10.23
C SER A 40 -10.87 9.52 -10.30
N ASP A 41 -11.23 8.81 -11.36
CA ASP A 41 -12.61 8.40 -11.55
C ASP A 41 -12.71 6.87 -11.54
N ILE A 42 -11.56 6.25 -11.32
CA ILE A 42 -11.51 4.79 -11.28
C ILE A 42 -12.09 4.31 -9.95
N PRO A 43 -12.36 2.98 -9.90
CA PRO A 43 -12.93 2.37 -8.71
C PRO A 43 -11.85 2.23 -7.62
N GLU A 44 -12.18 2.73 -6.43
CA GLU A 44 -11.27 2.67 -5.31
C GLU A 44 -10.98 1.22 -4.94
N ILE A 45 -9.85 1.01 -4.30
CA ILE A 45 -9.45 -0.32 -3.88
C ILE A 45 -10.08 -0.64 -2.52
N ASP A 46 -10.20 -1.93 -2.24
CA ASP A 46 -10.77 -2.38 -0.99
C ASP A 46 -9.92 -1.87 0.18
N LYS A 47 -8.62 -2.08 0.05
CA LYS A 47 -7.69 -1.65 1.08
C LYS A 47 -6.40 -1.16 0.42
N ARG A 48 -5.60 -0.47 1.21
CA ARG A 48 -4.34 0.06 0.72
C ARG A 48 -3.16 -0.68 1.38
N LYS A 49 -2.67 -1.68 0.67
CA LYS A 49 -1.55 -2.47 1.17
C LYS A 49 -1.00 -3.34 0.04
N TYR A 50 0.31 -3.24 -0.15
CA TYR A 50 0.98 -3.99 -1.20
C TYR A 50 2.42 -4.32 -0.80
N LEU A 51 2.62 -5.57 -0.42
CA LEU A 51 3.94 -6.02 -0.02
C LEU A 51 4.61 -6.74 -1.19
N VAL A 52 5.10 -5.96 -2.13
CA VAL A 52 5.76 -6.50 -3.30
C VAL A 52 7.21 -6.83 -2.96
N PRO A 53 7.80 -7.76 -3.77
CA PRO A 53 9.18 -8.16 -3.55
C PRO A 53 10.15 -7.08 -4.03
N ALA A 54 11.43 -7.34 -3.80
CA ALA A 54 12.46 -6.39 -4.21
C ALA A 54 12.91 -6.70 -5.64
N ASP A 55 12.06 -7.45 -6.33
CA ASP A 55 12.34 -7.82 -7.70
C ASP A 55 11.28 -7.23 -8.63
N LEU A 56 10.05 -7.23 -8.14
CA LEU A 56 8.94 -6.69 -8.91
C LEU A 56 9.24 -5.24 -9.29
N THR A 57 8.96 -4.92 -10.54
CA THR A 57 9.19 -3.58 -11.04
C THR A 57 7.91 -2.74 -10.95
N VAL A 58 8.07 -1.44 -11.17
CA VAL A 58 6.95 -0.53 -11.11
C VAL A 58 5.90 -0.96 -12.15
N GLY A 59 6.38 -1.20 -13.36
CA GLY A 59 5.50 -1.61 -14.44
C GLY A 59 4.80 -2.93 -14.11
N GLN A 60 5.50 -3.76 -13.34
CA GLN A 60 4.97 -5.05 -12.95
C GLN A 60 4.03 -4.89 -11.74
N PHE A 61 4.21 -3.79 -11.03
CA PHE A 61 3.40 -3.51 -9.86
C PHE A 61 2.01 -3.02 -10.27
N VAL A 62 1.98 -2.17 -11.28
CA VAL A 62 0.73 -1.63 -11.77
C VAL A 62 -0.24 -2.78 -12.05
N TYR A 63 0.31 -3.87 -12.57
CA TYR A 63 -0.49 -5.03 -12.88
C TYR A 63 -1.27 -5.52 -11.66
N VAL A 64 -0.61 -5.44 -10.52
CA VAL A 64 -1.24 -5.86 -9.26
C VAL A 64 -2.42 -4.93 -8.95
N ILE A 65 -2.22 -3.65 -9.25
CA ILE A 65 -3.26 -2.66 -9.01
C ILE A 65 -4.43 -2.91 -9.98
N ARG A 66 -4.06 -3.24 -11.21
CA ARG A 66 -5.07 -3.50 -12.23
C ARG A 66 -5.77 -4.83 -11.97
N LYS A 67 -5.29 -5.53 -10.94
CA LYS A 67 -5.85 -6.82 -10.58
C LYS A 67 -6.91 -6.62 -9.49
N ARG A 68 -6.59 -5.76 -8.54
CA ARG A 68 -7.50 -5.47 -7.45
C ARG A 68 -8.81 -4.88 -7.99
N ILE A 69 -8.66 -4.08 -9.03
CA ILE A 69 -9.82 -3.44 -9.65
C ILE A 69 -10.12 -4.12 -10.98
N MET A 70 -9.34 -5.18 -11.26
CA MET A 70 -9.52 -5.92 -12.49
C MET A 70 -9.85 -4.98 -13.65
N LEU A 71 -9.30 -3.78 -13.59
CA LEU A 71 -9.53 -2.80 -14.63
C LEU A 71 -9.18 -3.40 -16.00
N PRO A 72 -10.02 -3.06 -17.00
CA PRO A 72 -9.81 -3.56 -18.35
C PRO A 72 -8.66 -2.83 -19.04
N PRO A 73 -8.27 -3.36 -20.23
CA PRO A 73 -7.18 -2.77 -20.98
C PRO A 73 -7.62 -1.47 -21.67
N GLU A 74 -8.90 -1.15 -21.49
CA GLU A 74 -9.46 0.05 -22.08
C GLU A 74 -9.26 1.24 -21.13
N LYS A 75 -8.60 0.97 -20.02
CA LYS A 75 -8.35 2.00 -19.04
C LYS A 75 -6.84 2.14 -18.82
N ALA A 76 -6.48 3.04 -17.92
CA ALA A 76 -5.08 3.28 -17.62
C ALA A 76 -4.93 3.53 -16.11
N ILE A 77 -3.77 3.15 -15.59
CA ILE A 77 -3.48 3.32 -14.19
C ILE A 77 -2.01 3.72 -14.01
N PHE A 78 -1.81 4.85 -13.34
CA PHE A 78 -0.47 5.35 -13.10
C PHE A 78 -0.18 5.45 -11.59
N ILE A 79 0.99 4.96 -11.22
CA ILE A 79 1.40 4.99 -9.83
C ILE A 79 2.06 6.33 -9.52
N PHE A 80 1.41 7.11 -8.67
CA PHE A 80 1.93 8.41 -8.29
C PHE A 80 2.54 8.37 -6.88
N VAL A 81 3.82 8.66 -6.81
CA VAL A 81 4.52 8.66 -5.54
C VAL A 81 5.22 10.01 -5.36
N ASN A 82 4.64 10.83 -4.49
CA ASN A 82 5.20 12.15 -4.21
C ASN A 82 4.90 13.08 -5.38
N ASP A 83 3.77 12.83 -6.02
CA ASP A 83 3.37 13.64 -7.16
C ASP A 83 4.29 13.36 -8.34
N THR A 84 5.06 12.28 -8.20
CA THR A 84 5.99 11.90 -9.25
C THR A 84 5.66 10.50 -9.76
N LEU A 85 5.80 10.34 -11.07
CA LEU A 85 5.51 9.06 -11.70
C LEU A 85 6.83 8.35 -12.03
N PRO A 86 7.10 7.25 -11.27
CA PRO A 86 8.31 6.47 -11.48
C PRO A 86 8.23 5.63 -12.75
N PRO A 87 9.42 5.27 -13.29
CA PRO A 87 9.49 4.48 -14.50
C PRO A 87 9.14 3.01 -14.21
N THR A 88 9.10 2.23 -15.26
CA THR A 88 8.78 0.81 -15.14
C THR A 88 10.01 0.03 -14.63
N ALA A 89 11.17 0.48 -15.08
CA ALA A 89 12.41 -0.16 -14.69
C ALA A 89 12.77 0.28 -13.27
N ALA A 90 11.90 1.10 -12.69
CA ALA A 90 12.12 1.58 -11.34
C ALA A 90 11.80 0.47 -10.33
N LEU A 91 12.56 -0.61 -10.45
CA LEU A 91 12.38 -1.75 -9.56
C LEU A 91 11.80 -1.26 -8.23
N MET A 92 10.61 -1.76 -7.92
CA MET A 92 9.94 -1.39 -6.68
C MET A 92 10.95 -1.29 -5.53
N SER A 93 12.01 -2.07 -5.64
CA SER A 93 13.04 -2.08 -4.62
C SER A 93 13.75 -0.72 -4.56
N ALA A 94 14.14 -0.24 -5.73
CA ALA A 94 14.82 1.03 -5.83
C ALA A 94 13.80 2.16 -5.61
N ILE A 95 12.54 1.77 -5.55
CA ILE A 95 11.46 2.73 -5.35
C ILE A 95 11.24 2.92 -3.85
N TYR A 96 11.06 1.80 -3.16
CA TYR A 96 10.83 1.83 -1.73
C TYR A 96 12.10 2.26 -0.99
N GLN A 97 13.18 2.40 -1.75
CA GLN A 97 14.45 2.81 -1.17
C GLN A 97 14.73 4.28 -1.47
N GLU A 98 13.92 4.83 -2.37
CA GLU A 98 14.07 6.22 -2.75
C GLU A 98 12.84 7.02 -2.29
N HIS A 99 11.77 6.30 -2.00
CA HIS A 99 10.55 6.93 -1.55
C HIS A 99 10.18 6.42 -0.16
N LYS A 100 11.18 5.87 0.51
CA LYS A 100 10.99 5.34 1.85
C LYS A 100 10.48 6.46 2.76
N ASP A 101 9.84 6.05 3.85
CA ASP A 101 9.32 7.00 4.81
C ASP A 101 9.82 6.64 6.21
N LYS A 102 9.56 7.54 7.15
CA LYS A 102 9.98 7.33 8.52
C LYS A 102 9.69 5.87 8.93
N ASP A 103 8.41 5.56 8.97
CA ASP A 103 7.98 4.22 9.33
C ASP A 103 8.70 3.20 8.45
N GLY A 104 9.05 3.64 7.24
CA GLY A 104 9.75 2.79 6.31
C GLY A 104 8.80 2.31 5.19
N PHE A 105 7.57 2.02 5.59
CA PHE A 105 6.57 1.55 4.65
C PHE A 105 6.41 2.54 3.49
N LEU A 106 6.16 1.98 2.32
CA LEU A 106 5.99 2.79 1.12
C LEU A 106 4.53 3.25 1.03
N TYR A 107 4.34 4.36 0.32
CA TYR A 107 3.01 4.91 0.15
C TYR A 107 2.86 5.57 -1.22
N VAL A 108 2.09 4.93 -2.07
CA VAL A 108 1.87 5.45 -3.42
C VAL A 108 0.37 5.71 -3.62
N THR A 109 0.02 6.12 -4.82
CA THR A 109 -1.36 6.40 -5.15
C THR A 109 -1.60 6.21 -6.65
N TYR A 110 -2.41 5.20 -6.95
CA TYR A 110 -2.73 4.89 -8.34
C TYR A 110 -4.04 5.57 -8.76
N SER A 111 -3.98 6.23 -9.91
CA SER A 111 -5.14 6.92 -10.44
C SER A 111 -5.34 6.57 -11.91
N GLY A 112 -6.52 6.91 -12.42
CA GLY A 112 -6.83 6.64 -13.81
C GLY A 112 -6.29 7.74 -14.73
N GLU A 113 -5.58 8.68 -14.11
CA GLU A 113 -5.00 9.78 -14.87
C GLU A 113 -3.48 9.80 -14.68
N ASN A 114 -2.81 10.41 -15.65
CA ASN A 114 -1.36 10.51 -15.59
C ASN A 114 -0.96 11.93 -15.19
N THR A 115 -1.98 12.76 -14.99
CA THR A 115 -1.75 14.14 -14.61
C THR A 115 -1.81 14.28 -13.08
N PHE A 116 -1.58 15.50 -12.62
CA PHE A 116 -1.60 15.78 -11.20
C PHE A 116 -2.57 16.91 -10.88
N GLY A 117 -3.76 16.53 -10.46
CA GLY A 117 -4.79 17.51 -10.11
C GLY A 117 -5.83 16.90 -9.16
N GLY B 1 -22.64 5.14 10.70
CA GLY B 1 -22.09 3.95 11.33
C GLY B 1 -21.56 4.26 12.73
N PRO B 2 -20.99 3.21 13.37
CA PRO B 2 -20.44 3.36 14.71
C PRO B 2 -19.11 4.11 14.68
N HIS B 3 -18.83 4.80 15.78
CA HIS B 3 -17.61 5.56 15.89
C HIS B 3 -17.16 5.61 17.35
N MET B 4 -15.89 5.91 17.54
CA MET B 4 -15.32 6.00 18.88
C MET B 4 -14.28 7.10 18.97
N ILE B 5 -14.33 7.84 20.07
CA ILE B 5 -13.39 8.93 20.30
C ILE B 5 -13.01 8.98 21.77
N SER B 6 -11.91 9.65 22.04
CA SER B 6 -11.42 9.77 23.41
C SER B 6 -10.53 11.02 23.54
N GLY B 7 -10.24 11.37 24.78
CA GLY B 7 -9.42 12.54 25.06
C GLY B 7 -8.29 12.19 26.03
N LEU B 8 -7.50 11.20 25.64
CA LEU B 8 -6.38 10.77 26.47
C LEU B 8 -5.15 10.59 25.59
N SER B 9 -4.09 10.08 26.21
CA SER B 9 -2.85 9.85 25.50
C SER B 9 -2.95 8.61 24.62
N VAL B 10 -3.87 8.68 23.67
CA VAL B 10 -4.09 7.56 22.75
C VAL B 10 -4.64 8.10 21.43
N ILE B 11 -4.43 7.32 20.38
CA ILE B 11 -4.88 7.70 19.06
C ILE B 11 -6.23 7.04 18.77
N LYS B 12 -6.77 7.32 17.60
CA LYS B 12 -8.04 6.77 17.20
C LYS B 12 -7.91 6.15 15.80
N GLN B 13 -7.84 4.83 15.78
CA GLN B 13 -7.72 4.11 14.53
C GLN B 13 -8.97 3.26 14.28
N GLU B 14 -9.61 3.52 13.15
CA GLU B 14 -10.82 2.79 12.78
C GLU B 14 -10.48 1.31 12.56
N VAL B 15 -11.54 0.52 12.35
CA VAL B 15 -11.37 -0.90 12.12
C VAL B 15 -12.23 -1.32 10.94
N GLU B 16 -11.62 -2.10 10.05
CA GLU B 16 -12.31 -2.57 8.86
C GLU B 16 -12.49 -4.09 8.93
N ARG B 17 -11.53 -4.78 8.32
CA ARG B 17 -11.57 -6.24 8.30
C ARG B 17 -10.39 -6.81 9.08
N LEU B 18 -9.29 -6.08 9.05
CA LEU B 18 -8.08 -6.50 9.75
C LEU B 18 -7.95 -5.71 11.05
N GLY B 19 -6.82 -5.88 11.69
CA GLY B 19 -6.56 -5.19 12.95
C GLY B 19 -5.40 -5.85 13.72
N ASN B 20 -5.68 -7.06 14.20
CA ASN B 20 -4.68 -7.81 14.94
C ASN B 20 -3.32 -7.63 14.28
N ASP B 21 -3.29 -7.87 12.98
CA ASP B 21 -2.06 -7.74 12.21
C ASP B 21 -2.39 -7.24 10.80
N VAL B 22 -1.34 -6.92 10.06
CA VAL B 22 -1.50 -6.42 8.70
C VAL B 22 -2.09 -7.53 7.83
N PHE B 23 -1.68 -8.76 8.13
CA PHE B 23 -2.16 -9.91 7.38
C PHE B 23 -2.95 -10.86 8.28
N GLU B 24 -4.25 -10.57 8.39
CA GLU B 24 -5.12 -11.39 9.21
C GLU B 24 -6.22 -12.00 8.36
N TRP B 25 -6.26 -11.58 7.10
CA TRP B 25 -7.26 -12.08 6.17
C TRP B 25 -6.55 -12.98 5.15
N GLU B 26 -7.36 -13.76 4.44
CA GLU B 26 -6.82 -14.67 3.44
C GLU B 26 -5.71 -13.99 2.64
N ASP B 27 -4.86 -14.80 2.05
CA ASP B 27 -3.75 -14.30 1.26
C ASP B 27 -2.84 -13.46 2.15
N ASP B 28 -2.28 -14.11 3.16
CA ASP B 28 -1.39 -13.43 4.09
C ASP B 28 -0.24 -12.79 3.31
N GLU B 29 0.73 -13.62 2.95
CA GLU B 29 1.88 -13.15 2.21
C GLU B 29 1.71 -13.43 0.72
N SER B 30 0.51 -13.89 0.37
CA SER B 30 0.20 -14.21 -1.01
C SER B 30 0.85 -13.18 -1.94
N ASP B 31 1.10 -13.61 -3.17
CA ASP B 31 1.71 -12.75 -4.16
C ASP B 31 0.63 -11.97 -4.91
N GLU B 32 -0.55 -11.97 -4.32
CA GLU B 32 -1.69 -11.27 -4.91
C GLU B 32 -1.38 -9.78 -5.04
N ILE B 33 -0.52 -9.30 -4.15
CA ILE B 33 -0.14 -7.90 -4.15
C ILE B 33 1.16 -7.74 -4.94
N ALA B 34 1.50 -8.78 -5.69
CA ALA B 34 2.70 -8.76 -6.49
C ALA B 34 2.79 -10.06 -7.30
N HIS A 1 -17.74 6.96 7.09
CA HIS A 1 -17.20 7.28 5.79
C HIS A 1 -15.68 7.49 5.89
N MET A 2 -14.96 6.68 5.13
CA MET A 2 -13.51 6.76 5.13
C MET A 2 -12.94 6.28 3.79
N LYS A 3 -11.62 6.25 3.72
CA LYS A 3 -10.93 5.82 2.51
C LYS A 3 -9.84 4.82 2.89
N SER A 4 -9.08 5.16 3.91
CA SER A 4 -8.00 4.31 4.37
C SER A 4 -8.55 3.20 5.26
N THR A 5 -8.05 1.99 5.05
CA THR A 5 -8.48 0.85 5.82
C THR A 5 -7.30 0.24 6.57
N PHE A 6 -6.47 -0.47 5.83
CA PHE A 6 -5.29 -1.11 6.41
C PHE A 6 -4.36 -0.07 7.04
N LYS A 7 -4.57 1.17 6.66
CA LYS A 7 -3.76 2.26 7.17
C LYS A 7 -4.48 2.93 8.34
N SER A 8 -5.80 2.79 8.33
CA SER A 8 -6.62 3.38 9.38
C SER A 8 -6.95 2.31 10.43
N GLU A 9 -6.38 1.14 10.24
CA GLU A 9 -6.60 0.04 11.16
C GLU A 9 -5.75 0.21 12.42
N TYR A 10 -4.85 1.17 12.34
CA TYR A 10 -3.96 1.45 13.46
C TYR A 10 -3.17 2.74 13.22
N PRO A 11 -2.52 3.23 14.33
CA PRO A 11 -1.73 4.44 14.25
C PRO A 11 -0.41 4.19 13.53
N PHE A 12 0.31 5.28 13.27
CA PHE A 12 1.59 5.19 12.59
C PHE A 12 2.60 4.40 13.43
N GLU A 13 2.62 4.70 14.72
CA GLU A 13 3.52 4.03 15.63
C GLU A 13 3.28 2.53 15.62
N LYS A 14 2.13 2.15 15.06
CA LYS A 14 1.76 0.74 14.98
C LYS A 14 2.18 0.19 13.61
N ARG A 15 1.75 0.89 12.57
CA ARG A 15 2.08 0.49 11.21
C ARG A 15 3.58 0.56 10.98
N LYS A 16 4.24 1.33 11.84
CA LYS A 16 5.69 1.49 11.74
C LYS A 16 6.38 0.24 12.30
N ALA A 17 5.87 -0.22 13.43
CA ALA A 17 6.42 -1.39 14.08
C ALA A 17 6.07 -2.63 13.27
N GLU A 18 5.14 -2.45 12.34
CA GLU A 18 4.70 -3.54 11.48
C GLU A 18 5.74 -3.81 10.39
N SER A 19 6.27 -2.73 9.85
CA SER A 19 7.27 -2.83 8.80
C SER A 19 8.63 -3.21 9.41
N GLU A 20 8.73 -3.01 10.72
CA GLU A 20 9.96 -3.32 11.42
C GLU A 20 10.21 -4.83 11.40
N ARG A 21 9.26 -5.58 11.91
CA ARG A 21 9.36 -7.03 11.96
C ARG A 21 9.40 -7.59 10.53
N ILE A 22 8.81 -6.85 9.62
CA ILE A 22 8.78 -7.26 8.22
C ILE A 22 10.20 -7.27 7.66
N ALA A 23 11.06 -6.48 8.28
CA ALA A 23 12.45 -6.39 7.86
C ALA A 23 13.17 -7.68 8.23
N ASP A 24 12.67 -8.32 9.28
CA ASP A 24 13.27 -9.57 9.75
C ASP A 24 12.63 -10.74 9.01
N ARG A 25 11.30 -10.72 8.98
CA ARG A 25 10.55 -11.78 8.31
C ARG A 25 10.91 -11.82 6.82
N PHE A 26 10.96 -10.63 6.22
CA PHE A 26 11.29 -10.51 4.81
C PHE A 26 12.14 -9.28 4.55
N PRO A 27 13.48 -9.48 4.66
CA PRO A 27 14.43 -8.40 4.44
C PRO A 27 14.57 -8.08 2.94
N ASN A 28 14.29 -9.11 2.14
CA ASN A 28 14.39 -8.95 0.70
C ASN A 28 12.99 -8.68 0.13
N ARG A 29 12.27 -7.81 0.82
CA ARG A 29 10.93 -7.44 0.40
C ARG A 29 10.79 -5.93 0.33
N ILE A 30 9.70 -5.49 -0.28
CA ILE A 30 9.43 -4.06 -0.42
C ILE A 30 8.03 -3.76 0.12
N PRO A 31 8.00 -3.24 1.37
CA PRO A 31 6.74 -2.89 2.02
C PRO A 31 6.17 -1.61 1.44
N VAL A 32 5.08 -1.76 0.69
CA VAL A 32 4.42 -0.62 0.08
C VAL A 32 2.93 -0.66 0.41
N ILE A 33 2.26 0.45 0.11
CA ILE A 33 0.84 0.56 0.38
C ILE A 33 0.15 1.21 -0.83
N CYS A 34 -0.43 0.37 -1.66
CA CYS A 34 -1.13 0.85 -2.84
C CYS A 34 -2.32 1.70 -2.39
N GLU A 35 -2.47 2.84 -3.06
CA GLU A 35 -3.55 3.75 -2.73
C GLU A 35 -4.17 4.31 -4.02
N LYS A 36 -5.33 4.94 -3.86
CA LYS A 36 -6.03 5.53 -4.98
C LYS A 36 -6.16 7.03 -4.77
N ALA A 37 -5.92 7.77 -5.84
CA ALA A 37 -6.00 9.22 -5.78
C ALA A 37 -7.46 9.64 -5.96
N GLU A 38 -7.90 10.56 -5.09
CA GLU A 38 -9.26 11.06 -5.15
C GLU A 38 -9.52 11.75 -6.49
N LYS A 39 -8.60 12.64 -6.85
CA LYS A 39 -8.72 13.38 -8.10
C LYS A 39 -9.12 12.42 -9.22
N SER A 40 -8.67 11.18 -9.06
CA SER A 40 -8.97 10.15 -10.05
C SER A 40 -10.47 9.87 -10.08
N ASP A 41 -10.88 9.08 -11.06
CA ASP A 41 -12.29 8.72 -11.20
C ASP A 41 -12.41 7.20 -11.29
N ILE A 42 -11.37 6.52 -10.84
CA ILE A 42 -11.36 5.07 -10.85
C ILE A 42 -11.83 4.54 -9.50
N PRO A 43 -12.19 3.23 -9.48
CA PRO A 43 -12.67 2.60 -8.27
C PRO A 43 -11.51 2.33 -7.30
N GLU A 44 -11.71 2.74 -6.06
CA GLU A 44 -10.69 2.56 -5.03
C GLU A 44 -10.61 1.08 -4.65
N ILE A 45 -9.44 0.71 -4.12
CA ILE A 45 -9.20 -0.66 -3.72
C ILE A 45 -9.97 -0.95 -2.43
N ASP A 46 -9.99 -2.22 -2.05
CA ASP A 46 -10.70 -2.63 -0.85
C ASP A 46 -9.87 -2.25 0.37
N LYS A 47 -8.57 -2.52 0.28
CA LYS A 47 -7.66 -2.21 1.37
C LYS A 47 -6.36 -1.63 0.79
N ARG A 48 -5.54 -1.10 1.69
CA ARG A 48 -4.28 -0.51 1.29
C ARG A 48 -3.11 -1.25 1.97
N LYS A 49 -2.60 -2.24 1.26
CA LYS A 49 -1.49 -3.03 1.77
C LYS A 49 -0.93 -3.90 0.65
N TYR A 50 0.30 -3.59 0.27
CA TYR A 50 0.98 -4.33 -0.78
C TYR A 50 2.43 -4.61 -0.41
N LEU A 51 2.76 -5.89 -0.40
CA LEU A 51 4.12 -6.31 -0.06
C LEU A 51 4.84 -6.76 -1.34
N VAL A 52 5.25 -5.77 -2.11
CA VAL A 52 5.95 -6.04 -3.36
C VAL A 52 7.39 -6.45 -3.05
N PRO A 53 7.89 -7.41 -3.88
CA PRO A 53 9.25 -7.91 -3.69
C PRO A 53 10.28 -6.89 -4.19
N ALA A 54 11.54 -7.21 -3.97
CA ALA A 54 12.63 -6.33 -4.39
C ALA A 54 13.05 -6.69 -5.81
N ASP A 55 12.16 -7.38 -6.50
CA ASP A 55 12.42 -7.79 -7.88
C ASP A 55 11.37 -7.19 -8.79
N LEU A 56 10.13 -7.16 -8.30
CA LEU A 56 9.03 -6.62 -9.06
C LEU A 56 9.31 -5.14 -9.37
N THR A 57 9.10 -4.79 -10.64
CA THR A 57 9.32 -3.42 -11.07
C THR A 57 8.04 -2.59 -10.90
N VAL A 58 8.11 -1.37 -11.41
CA VAL A 58 6.97 -0.47 -11.32
C VAL A 58 5.90 -0.92 -12.32
N GLY A 59 6.34 -1.23 -13.52
CA GLY A 59 5.44 -1.67 -14.57
C GLY A 59 4.90 -3.06 -14.27
N GLN A 60 5.47 -3.68 -13.24
CA GLN A 60 5.05 -5.01 -12.84
C GLN A 60 4.03 -4.93 -11.71
N PHE A 61 4.09 -3.83 -10.98
CA PHE A 61 3.18 -3.62 -9.87
C PHE A 61 1.81 -3.17 -10.36
N VAL A 62 1.82 -2.27 -11.33
CA VAL A 62 0.59 -1.76 -11.91
C VAL A 62 -0.35 -2.94 -12.22
N TYR A 63 0.27 -4.04 -12.61
CA TYR A 63 -0.50 -5.23 -12.95
C TYR A 63 -1.30 -5.73 -11.75
N VAL A 64 -0.68 -5.63 -10.58
CA VAL A 64 -1.33 -6.06 -9.36
C VAL A 64 -2.47 -5.09 -9.02
N ILE A 65 -2.17 -3.81 -9.17
CA ILE A 65 -3.16 -2.78 -8.88
C ILE A 65 -4.31 -2.89 -9.88
N ARG A 66 -3.96 -3.29 -11.09
CA ARG A 66 -4.95 -3.44 -12.14
C ARG A 66 -5.67 -4.78 -12.00
N LYS A 67 -5.23 -5.56 -11.03
CA LYS A 67 -5.82 -6.87 -10.78
C LYS A 67 -6.97 -6.72 -9.77
N ARG A 68 -6.66 -6.04 -8.67
CA ARG A 68 -7.64 -5.81 -7.62
C ARG A 68 -8.93 -5.27 -8.22
N ILE A 69 -8.85 -4.04 -8.73
CA ILE A 69 -10.00 -3.39 -9.33
C ILE A 69 -10.30 -4.06 -10.68
N MET A 70 -9.42 -4.96 -11.07
CA MET A 70 -9.58 -5.67 -12.33
C MET A 70 -10.03 -4.71 -13.44
N LEU A 71 -9.39 -3.55 -13.47
CA LEU A 71 -9.72 -2.55 -14.48
C LEU A 71 -9.62 -3.18 -15.87
N PRO A 72 -10.59 -2.78 -16.75
CA PRO A 72 -10.63 -3.30 -18.11
C PRO A 72 -9.53 -2.66 -18.96
N PRO A 73 -9.35 -3.23 -20.18
CA PRO A 73 -8.35 -2.72 -21.10
C PRO A 73 -8.81 -1.41 -21.74
N GLU A 74 -10.01 -0.99 -21.37
CA GLU A 74 -10.57 0.23 -21.90
C GLU A 74 -10.23 1.41 -20.98
N LYS A 75 -9.47 1.11 -19.94
CA LYS A 75 -9.07 2.13 -18.99
C LYS A 75 -7.54 2.13 -18.86
N ALA A 76 -7.05 3.02 -18.01
CA ALA A 76 -5.61 3.14 -17.78
C ALA A 76 -5.35 3.34 -16.29
N ILE A 77 -4.12 3.08 -15.90
CA ILE A 77 -3.72 3.22 -14.51
C ILE A 77 -2.24 3.55 -14.44
N PHE A 78 -1.91 4.53 -13.60
CA PHE A 78 -0.53 4.95 -13.42
C PHE A 78 -0.19 5.14 -11.95
N ILE A 79 0.99 4.67 -11.58
CA ILE A 79 1.44 4.79 -10.20
C ILE A 79 2.07 6.17 -9.98
N PHE A 80 1.70 6.78 -8.87
CA PHE A 80 2.21 8.09 -8.53
C PHE A 80 2.82 8.10 -7.12
N VAL A 81 4.10 8.42 -7.07
CA VAL A 81 4.81 8.48 -5.81
C VAL A 81 5.34 9.89 -5.57
N ASN A 82 4.72 10.57 -4.61
CA ASN A 82 5.10 11.93 -4.28
C ASN A 82 4.65 12.87 -5.39
N ASP A 83 3.70 12.39 -6.18
CA ASP A 83 3.17 13.17 -7.28
C ASP A 83 4.09 13.03 -8.50
N THR A 84 4.83 11.93 -8.50
CA THR A 84 5.76 11.67 -9.59
C THR A 84 5.57 10.24 -10.11
N LEU A 85 5.52 10.12 -11.43
CA LEU A 85 5.34 8.82 -12.06
C LEU A 85 6.71 8.23 -12.38
N PRO A 86 7.04 7.13 -11.65
CA PRO A 86 8.31 6.46 -11.85
C PRO A 86 8.31 5.64 -13.15
N PRO A 87 9.53 5.22 -13.56
CA PRO A 87 9.68 4.43 -14.77
C PRO A 87 9.21 2.99 -14.56
N THR A 88 9.54 2.14 -15.52
CA THR A 88 9.16 0.74 -15.45
C THR A 88 10.32 -0.09 -14.91
N ALA A 89 11.53 0.28 -15.32
CA ALA A 89 12.71 -0.44 -14.88
C ALA A 89 13.13 0.09 -13.50
N ALA A 90 12.28 0.93 -12.94
CA ALA A 90 12.55 1.50 -11.62
C ALA A 90 12.27 0.45 -10.55
N LEU A 91 13.02 -0.63 -10.62
CA LEU A 91 12.86 -1.71 -9.67
C LEU A 91 12.25 -1.16 -8.37
N MET A 92 11.12 -1.72 -8.00
CA MET A 92 10.44 -1.31 -6.79
C MET A 92 11.38 -1.34 -5.58
N SER A 93 12.46 -2.08 -5.75
CA SER A 93 13.44 -2.21 -4.68
C SER A 93 14.23 -0.91 -4.53
N ALA A 94 14.54 -0.31 -5.68
CA ALA A 94 15.29 0.94 -5.69
C ALA A 94 14.32 2.11 -5.51
N ILE A 95 13.04 1.79 -5.60
CA ILE A 95 12.00 2.81 -5.45
C ILE A 95 11.72 3.03 -3.97
N TYR A 96 11.58 1.92 -3.25
CA TYR A 96 11.30 1.99 -1.83
C TYR A 96 12.52 2.48 -1.06
N GLN A 97 13.61 2.67 -1.79
CA GLN A 97 14.85 3.13 -1.19
C GLN A 97 15.03 4.64 -1.44
N GLU A 98 14.21 5.15 -2.35
CA GLU A 98 14.27 6.56 -2.70
C GLU A 98 12.95 7.25 -2.37
N HIS A 99 11.97 6.43 -2.01
CA HIS A 99 10.65 6.94 -1.67
C HIS A 99 10.20 6.37 -0.32
N LYS A 100 11.18 5.85 0.42
CA LYS A 100 10.91 5.27 1.72
C LYS A 100 10.16 6.29 2.59
N ASP A 101 9.74 5.84 3.75
CA ASP A 101 9.02 6.68 4.68
C ASP A 101 9.54 6.45 6.10
N LYS A 102 9.18 7.38 6.99
CA LYS A 102 9.60 7.29 8.37
C LYS A 102 9.12 5.96 8.97
N ASP A 103 7.85 5.66 8.71
CA ASP A 103 7.26 4.43 9.21
C ASP A 103 7.86 3.24 8.47
N GLY A 104 8.64 3.55 7.44
CA GLY A 104 9.28 2.52 6.64
C GLY A 104 8.36 2.06 5.50
N PHE A 105 7.08 1.95 5.83
CA PHE A 105 6.10 1.51 4.85
C PHE A 105 5.96 2.54 3.72
N LEU A 106 6.03 2.04 2.50
CA LEU A 106 5.91 2.89 1.33
C LEU A 106 4.47 3.36 1.19
N TYR A 107 4.29 4.35 0.32
CA TYR A 107 2.97 4.91 0.09
C TYR A 107 2.76 5.24 -1.39
N VAL A 108 2.28 4.24 -2.12
CA VAL A 108 2.04 4.42 -3.55
C VAL A 108 0.60 4.90 -3.75
N THR A 109 0.36 5.41 -4.96
CA THR A 109 -0.96 5.91 -5.29
C THR A 109 -1.20 5.81 -6.80
N TYR A 110 -2.06 4.88 -7.18
CA TYR A 110 -2.39 4.68 -8.58
C TYR A 110 -3.64 5.45 -8.97
N SER A 111 -3.59 6.04 -10.16
CA SER A 111 -4.71 6.82 -10.66
C SER A 111 -4.93 6.51 -12.14
N GLY A 112 -6.17 6.70 -12.58
CA GLY A 112 -6.53 6.44 -13.96
C GLY A 112 -6.14 7.63 -14.85
N GLU A 113 -5.47 8.59 -14.24
CA GLU A 113 -5.03 9.78 -14.96
C GLU A 113 -3.51 9.86 -14.98
N ASN A 114 -2.97 10.16 -16.14
CA ASN A 114 -1.53 10.27 -16.31
C ASN A 114 -1.11 11.74 -16.08
N THR A 115 -2.02 12.49 -15.48
CA THR A 115 -1.75 13.90 -15.19
C THR A 115 -1.53 14.10 -13.70
N PHE A 116 -1.18 15.33 -13.36
CA PHE A 116 -0.92 15.68 -11.97
C PHE A 116 -1.83 16.83 -11.51
N GLY A 117 -2.92 16.45 -10.87
CA GLY A 117 -3.87 17.44 -10.37
C GLY A 117 -4.79 16.83 -9.31
N GLY B 1 -20.13 0.41 13.74
CA GLY B 1 -20.42 1.73 14.31
C GLY B 1 -19.15 2.57 14.40
N PRO B 2 -18.92 3.39 13.33
CA PRO B 2 -17.75 4.25 13.30
C PRO B 2 -17.91 5.45 14.22
N HIS B 3 -17.07 5.47 15.26
CA HIS B 3 -17.12 6.55 16.23
C HIS B 3 -15.70 6.83 16.75
N MET B 4 -15.53 8.03 17.31
CA MET B 4 -14.24 8.42 17.84
C MET B 4 -13.59 7.27 18.61
N ILE B 5 -12.27 7.28 18.61
CA ILE B 5 -11.51 6.25 19.30
C ILE B 5 -11.21 6.71 20.73
N SER B 6 -12.28 6.95 21.49
CA SER B 6 -12.14 7.39 22.85
C SER B 6 -11.67 6.24 23.74
N GLY B 7 -12.58 5.33 24.02
CA GLY B 7 -12.28 4.18 24.84
C GLY B 7 -11.51 4.60 26.10
N LEU B 8 -12.27 4.94 27.13
CA LEU B 8 -11.68 5.37 28.39
C LEU B 8 -10.62 4.34 28.81
N SER B 9 -10.90 3.09 28.50
CA SER B 9 -9.98 2.01 28.85
C SER B 9 -8.70 2.14 28.02
N VAL B 10 -7.83 1.15 28.19
CA VAL B 10 -6.57 1.14 27.46
C VAL B 10 -6.81 1.56 26.02
N ILE B 11 -5.78 2.17 25.44
CA ILE B 11 -5.86 2.63 24.06
C ILE B 11 -6.31 1.48 23.16
N LYS B 12 -7.11 1.82 22.16
CA LYS B 12 -7.62 0.84 21.23
C LYS B 12 -7.61 1.41 19.82
N GLN B 13 -7.48 0.52 18.85
CA GLN B 13 -7.45 0.93 17.45
C GLN B 13 -8.59 0.27 16.69
N GLU B 14 -9.10 0.99 15.69
CA GLU B 14 -10.19 0.49 14.87
C GLU B 14 -9.95 -0.97 14.51
N VAL B 15 -10.99 -1.60 13.99
CA VAL B 15 -10.90 -3.00 13.60
C VAL B 15 -11.99 -3.30 12.55
N GLU B 16 -11.54 -3.55 11.34
CA GLU B 16 -12.45 -3.85 10.25
C GLU B 16 -12.33 -5.31 9.85
N ARG B 17 -11.11 -5.71 9.50
CA ARG B 17 -10.85 -7.08 9.10
C ARG B 17 -9.65 -7.63 9.86
N LEU B 18 -8.62 -6.82 9.96
CA LEU B 18 -7.41 -7.21 10.65
C LEU B 18 -7.28 -6.42 11.96
N GLY B 19 -6.11 -6.53 12.57
CA GLY B 19 -5.86 -5.83 13.81
C GLY B 19 -4.39 -5.98 14.24
N ASN B 20 -4.20 -6.71 15.32
CA ASN B 20 -2.85 -6.93 15.83
C ASN B 20 -1.89 -7.14 14.66
N ASP B 21 -2.04 -8.29 14.02
CA ASP B 21 -1.20 -8.63 12.89
C ASP B 21 -1.91 -8.26 11.59
N VAL B 22 -1.56 -7.09 11.07
CA VAL B 22 -2.16 -6.60 9.84
C VAL B 22 -2.35 -7.77 8.87
N PHE B 23 -1.45 -8.74 8.97
CA PHE B 23 -1.50 -9.91 8.12
C PHE B 23 -2.36 -11.01 8.75
N GLU B 24 -3.67 -10.84 8.63
CA GLU B 24 -4.60 -11.80 9.18
C GLU B 24 -5.78 -12.01 8.23
N TRP B 25 -5.45 -12.24 6.97
CA TRP B 25 -6.46 -12.45 5.95
C TRP B 25 -5.96 -13.53 4.99
N GLU B 26 -6.63 -13.64 3.86
CA GLU B 26 -6.26 -14.63 2.85
C GLU B 26 -4.77 -14.95 2.95
N ASP B 27 -3.97 -14.08 2.35
CA ASP B 27 -2.53 -14.26 2.36
C ASP B 27 -1.85 -12.90 2.24
N ASP B 28 -1.31 -12.42 3.35
CA ASP B 28 -0.63 -11.14 3.37
C ASP B 28 0.46 -11.12 2.30
N GLU B 29 1.24 -12.20 2.28
CA GLU B 29 2.32 -12.32 1.31
C GLU B 29 1.77 -12.81 -0.03
N SER B 30 0.45 -12.90 -0.09
CA SER B 30 -0.20 -13.35 -1.31
C SER B 30 0.52 -12.78 -2.54
N ASP B 31 0.35 -13.48 -3.66
CA ASP B 31 0.98 -13.05 -4.90
C ASP B 31 0.06 -12.06 -5.60
N GLU B 32 -0.99 -11.67 -4.91
CA GLU B 32 -1.95 -10.72 -5.45
C GLU B 32 -1.63 -9.31 -4.97
N ILE B 33 -0.63 -9.22 -4.10
CA ILE B 33 -0.22 -7.94 -3.56
C ILE B 33 1.15 -7.56 -4.15
N ALA B 34 1.50 -8.23 -5.23
CA ALA B 34 2.76 -7.97 -5.90
C ALA B 34 2.70 -6.61 -6.59
N HIS A 1 -17.39 9.28 3.20
CA HIS A 1 -16.74 8.15 2.59
C HIS A 1 -15.32 8.00 3.13
N MET A 2 -14.69 6.89 2.78
CA MET A 2 -13.33 6.62 3.22
C MET A 2 -12.40 6.38 2.03
N LYS A 3 -11.11 6.51 2.30
CA LYS A 3 -10.10 6.32 1.27
C LYS A 3 -9.06 5.32 1.76
N SER A 4 -8.54 5.59 2.95
CA SER A 4 -7.53 4.73 3.54
C SER A 4 -8.21 3.66 4.40
N THR A 5 -7.57 2.50 4.45
CA THR A 5 -8.09 1.38 5.23
C THR A 5 -6.98 0.77 6.08
N PHE A 6 -6.13 0.01 5.42
CA PHE A 6 -5.02 -0.64 6.12
C PHE A 6 -4.18 0.38 6.89
N LYS A 7 -4.35 1.64 6.51
CA LYS A 7 -3.61 2.71 7.16
C LYS A 7 -4.51 3.41 8.17
N SER A 8 -5.81 3.33 7.93
CA SER A 8 -6.78 3.94 8.82
C SER A 8 -7.16 2.96 9.93
N GLU A 9 -6.46 1.83 9.94
CA GLU A 9 -6.72 0.81 10.94
C GLU A 9 -5.88 1.07 12.19
N TYR A 10 -4.67 1.55 11.96
CA TYR A 10 -3.76 1.86 13.05
C TYR A 10 -2.92 3.10 12.74
N PRO A 11 -2.21 3.59 13.79
CA PRO A 11 -1.37 4.76 13.64
C PRO A 11 -0.08 4.43 12.88
N PHE A 12 0.72 5.46 12.67
CA PHE A 12 1.98 5.29 11.96
C PHE A 12 2.91 4.34 12.73
N GLU A 13 3.14 4.68 14.00
CA GLU A 13 4.01 3.88 14.84
C GLU A 13 3.66 2.40 14.70
N LYS A 14 2.39 2.10 14.94
CA LYS A 14 1.92 0.73 14.85
C LYS A 14 2.46 0.09 13.57
N ARG A 15 2.63 0.93 12.56
CA ARG A 15 3.14 0.46 11.27
C ARG A 15 4.67 0.41 11.30
N LYS A 16 5.25 1.37 12.01
CA LYS A 16 6.70 1.45 12.12
C LYS A 16 7.22 0.19 12.82
N ALA A 17 6.51 -0.21 13.86
CA ALA A 17 6.89 -1.40 14.60
C ALA A 17 6.68 -2.63 13.74
N GLU A 18 5.77 -2.51 12.79
CA GLU A 18 5.46 -3.61 11.89
C GLU A 18 6.62 -3.83 10.91
N SER A 19 6.80 -2.85 10.02
CA SER A 19 7.85 -2.92 9.03
C SER A 19 9.17 -3.32 9.69
N GLU A 20 9.25 -3.03 10.98
CA GLU A 20 10.45 -3.35 11.74
C GLU A 20 10.66 -4.87 11.78
N ARG A 21 9.56 -5.58 12.00
CA ARG A 21 9.61 -7.03 12.07
C ARG A 21 9.71 -7.62 10.65
N ILE A 22 9.04 -6.97 9.72
CA ILE A 22 9.03 -7.42 8.34
C ILE A 22 10.47 -7.38 7.81
N ALA A 23 11.32 -6.64 8.50
CA ALA A 23 12.70 -6.51 8.11
C ALA A 23 13.44 -7.81 8.46
N ASP A 24 12.92 -8.50 9.47
CA ASP A 24 13.52 -9.74 9.91
C ASP A 24 12.81 -10.92 9.22
N ARG A 25 11.51 -10.76 9.05
CA ARG A 25 10.73 -11.80 8.41
C ARG A 25 11.09 -11.91 6.92
N PHE A 26 11.08 -10.77 6.26
CA PHE A 26 11.41 -10.72 4.85
C PHE A 26 12.26 -9.48 4.52
N PRO A 27 13.61 -9.68 4.60
CA PRO A 27 14.54 -8.60 4.31
C PRO A 27 14.63 -8.33 2.81
N ASN A 28 14.39 -9.38 2.03
CA ASN A 28 14.44 -9.27 0.59
C ASN A 28 13.04 -8.94 0.06
N ARG A 29 12.35 -8.07 0.79
CA ARG A 29 11.01 -7.67 0.41
C ARG A 29 10.93 -6.15 0.31
N ILE A 30 9.80 -5.68 -0.21
CA ILE A 30 9.58 -4.25 -0.36
C ILE A 30 8.14 -3.91 0.04
N PRO A 31 7.99 -3.46 1.30
CA PRO A 31 6.69 -3.11 1.83
C PRO A 31 6.22 -1.76 1.26
N VAL A 32 5.08 -1.80 0.58
CA VAL A 32 4.52 -0.60 -0.01
C VAL A 32 3.03 -0.51 0.34
N ILE A 33 2.44 0.61 -0.04
CA ILE A 33 1.03 0.83 0.22
C ILE A 33 0.36 1.42 -1.02
N CYS A 34 -0.28 0.54 -1.77
CA CYS A 34 -0.95 0.96 -2.99
C CYS A 34 -2.36 1.44 -2.62
N GLU A 35 -2.63 2.69 -2.98
CA GLU A 35 -3.93 3.29 -2.69
C GLU A 35 -4.47 4.01 -3.93
N LYS A 36 -5.78 4.21 -3.93
CA LYS A 36 -6.42 4.89 -5.05
C LYS A 36 -6.67 6.34 -4.67
N ALA A 37 -6.17 7.24 -5.51
CA ALA A 37 -6.32 8.66 -5.27
C ALA A 37 -7.82 8.99 -5.14
N GLU A 38 -8.08 10.25 -4.86
CA GLU A 38 -9.46 10.71 -4.71
C GLU A 38 -9.97 11.31 -6.01
N LYS A 39 -9.17 12.24 -6.54
CA LYS A 39 -9.54 12.90 -7.79
C LYS A 39 -9.96 11.85 -8.82
N SER A 40 -9.14 10.83 -8.95
CA SER A 40 -9.42 9.76 -9.88
C SER A 40 -10.92 9.43 -9.88
N ASP A 41 -11.36 8.81 -10.96
CA ASP A 41 -12.76 8.45 -11.09
C ASP A 41 -12.88 6.92 -11.12
N ILE A 42 -11.74 6.26 -10.95
CA ILE A 42 -11.70 4.81 -10.96
C ILE A 42 -12.20 4.29 -9.60
N PRO A 43 -12.49 2.97 -9.56
CA PRO A 43 -12.98 2.34 -8.35
C PRO A 43 -11.84 2.16 -7.34
N GLU A 44 -12.01 2.78 -6.18
CA GLU A 44 -11.02 2.69 -5.11
C GLU A 44 -10.78 1.24 -4.73
N ILE A 45 -9.52 0.92 -4.46
CA ILE A 45 -9.14 -0.42 -4.08
C ILE A 45 -9.87 -0.80 -2.79
N ASP A 46 -9.71 -2.06 -2.41
CA ASP A 46 -10.35 -2.56 -1.20
C ASP A 46 -9.57 -2.09 0.02
N LYS A 47 -8.25 -2.02 -0.14
CA LYS A 47 -7.38 -1.58 0.93
C LYS A 47 -6.01 -1.20 0.35
N ARG A 48 -5.20 -0.59 1.20
CA ARG A 48 -3.87 -0.18 0.78
C ARG A 48 -2.80 -0.97 1.55
N LYS A 49 -2.35 -2.04 0.93
CA LYS A 49 -1.34 -2.90 1.54
C LYS A 49 -0.77 -3.84 0.48
N TYR A 50 0.48 -3.57 0.11
CA TYR A 50 1.14 -4.39 -0.89
C TYR A 50 2.61 -4.62 -0.51
N LEU A 51 2.97 -5.89 -0.39
CA LEU A 51 4.33 -6.26 -0.04
C LEU A 51 5.04 -6.80 -1.28
N VAL A 52 5.45 -5.88 -2.13
CA VAL A 52 6.14 -6.26 -3.36
C VAL A 52 7.58 -6.64 -3.02
N PRO A 53 8.12 -7.57 -3.86
CA PRO A 53 9.49 -8.05 -3.66
C PRO A 53 10.51 -6.99 -4.11
N ALA A 54 11.77 -7.36 -4.00
CA ALA A 54 12.84 -6.45 -4.40
C ALA A 54 13.25 -6.74 -5.85
N ASP A 55 12.36 -7.42 -6.55
CA ASP A 55 12.60 -7.77 -7.94
C ASP A 55 11.53 -7.12 -8.82
N LEU A 56 10.31 -7.14 -8.30
CA LEU A 56 9.19 -6.56 -9.03
C LEU A 56 9.53 -5.13 -9.45
N THR A 57 8.75 -4.61 -10.38
CA THR A 57 8.96 -3.25 -10.86
C THR A 57 7.63 -2.49 -10.90
N VAL A 58 7.72 -1.23 -11.32
CA VAL A 58 6.54 -0.38 -11.40
C VAL A 58 5.62 -0.92 -12.51
N GLY A 59 6.17 -0.96 -13.72
CA GLY A 59 5.41 -1.44 -14.86
C GLY A 59 4.86 -2.85 -14.61
N GLN A 60 5.44 -3.50 -13.61
CA GLN A 60 5.01 -4.84 -13.24
C GLN A 60 4.06 -4.80 -12.06
N PHE A 61 4.25 -3.79 -11.21
CA PHE A 61 3.42 -3.63 -10.04
C PHE A 61 1.99 -3.23 -10.43
N VAL A 62 1.91 -2.38 -11.44
CA VAL A 62 0.62 -1.92 -11.92
C VAL A 62 -0.24 -3.12 -12.29
N TYR A 63 0.37 -4.06 -13.00
CA TYR A 63 -0.32 -5.26 -13.43
C TYR A 63 -1.11 -5.88 -12.28
N VAL A 64 -0.65 -5.61 -11.06
CA VAL A 64 -1.30 -6.13 -9.88
C VAL A 64 -2.47 -5.23 -9.50
N ILE A 65 -2.22 -3.92 -9.58
CA ILE A 65 -3.24 -2.94 -9.26
C ILE A 65 -4.39 -3.07 -10.26
N ARG A 66 -4.05 -3.48 -11.47
CA ARG A 66 -5.04 -3.65 -12.52
C ARG A 66 -5.77 -4.98 -12.36
N LYS A 67 -5.33 -5.74 -11.37
CA LYS A 67 -5.92 -7.03 -11.10
C LYS A 67 -7.06 -6.87 -10.09
N ARG A 68 -6.72 -6.23 -8.99
CA ARG A 68 -7.70 -5.99 -7.94
C ARG A 68 -9.00 -5.45 -8.53
N ILE A 69 -8.93 -4.21 -8.98
CA ILE A 69 -10.08 -3.55 -9.58
C ILE A 69 -10.39 -4.20 -10.93
N MET A 70 -9.50 -5.08 -11.35
CA MET A 70 -9.66 -5.78 -12.61
C MET A 70 -10.14 -4.82 -13.70
N LEU A 71 -9.57 -3.62 -13.69
CA LEU A 71 -9.93 -2.61 -14.67
C LEU A 71 -9.83 -3.21 -16.07
N PRO A 72 -10.81 -2.82 -16.94
CA PRO A 72 -10.85 -3.31 -18.30
C PRO A 72 -9.78 -2.63 -19.15
N PRO A 73 -9.62 -3.17 -20.39
CA PRO A 73 -8.64 -2.62 -21.32
C PRO A 73 -9.13 -1.29 -21.91
N GLU A 74 -10.32 -0.89 -21.49
CA GLU A 74 -10.89 0.34 -21.96
C GLU A 74 -10.59 1.49 -21.00
N LYS A 75 -9.72 1.19 -20.04
CA LYS A 75 -9.33 2.18 -19.05
C LYS A 75 -7.80 2.22 -18.94
N ALA A 76 -7.33 3.07 -18.06
CA ALA A 76 -5.89 3.21 -17.85
C ALA A 76 -5.61 3.38 -16.35
N ILE A 77 -4.36 3.16 -15.99
CA ILE A 77 -3.95 3.28 -14.59
C ILE A 77 -2.49 3.71 -14.54
N PHE A 78 -2.20 4.64 -13.63
CA PHE A 78 -0.85 5.14 -13.47
C PHE A 78 -0.49 5.27 -11.99
N ILE A 79 0.73 4.89 -11.68
CA ILE A 79 1.20 4.96 -10.30
C ILE A 79 1.73 6.37 -10.02
N PHE A 80 1.70 6.74 -8.75
CA PHE A 80 2.17 8.04 -8.33
C PHE A 80 2.84 7.99 -6.95
N VAL A 81 4.05 8.53 -6.90
CA VAL A 81 4.80 8.54 -5.65
C VAL A 81 5.33 9.95 -5.40
N ASN A 82 4.71 10.63 -4.46
CA ASN A 82 5.11 11.99 -4.11
C ASN A 82 4.70 12.94 -5.24
N ASP A 83 3.69 12.52 -5.98
CA ASP A 83 3.20 13.33 -7.09
C ASP A 83 4.12 13.16 -8.29
N THR A 84 4.92 12.10 -8.24
CA THR A 84 5.85 11.81 -9.32
C THR A 84 5.55 10.45 -9.94
N LEU A 85 5.72 10.38 -11.25
CA LEU A 85 5.48 9.14 -11.98
C LEU A 85 6.81 8.44 -12.25
N PRO A 86 7.03 7.31 -11.53
CA PRO A 86 8.26 6.55 -11.69
C PRO A 86 8.23 5.75 -12.98
N PRO A 87 9.45 5.31 -13.42
CA PRO A 87 9.58 4.53 -14.64
C PRO A 87 9.10 3.10 -14.42
N THR A 88 9.48 2.23 -15.35
CA THR A 88 9.10 0.83 -15.28
C THR A 88 10.21 0.00 -14.65
N ALA A 89 11.44 0.45 -14.90
CA ALA A 89 12.60 -0.23 -14.35
C ALA A 89 12.88 0.27 -12.94
N ALA A 90 11.93 1.04 -12.42
CA ALA A 90 12.06 1.59 -11.08
C ALA A 90 11.80 0.49 -10.05
N LEU A 91 12.63 -0.54 -10.11
CA LEU A 91 12.50 -1.66 -9.18
C LEU A 91 11.95 -1.15 -7.85
N MET A 92 10.78 -1.64 -7.50
CA MET A 92 10.14 -1.25 -6.26
C MET A 92 11.18 -1.05 -5.15
N SER A 93 12.25 -1.83 -5.23
CA SER A 93 13.31 -1.74 -4.25
C SER A 93 13.96 -0.35 -4.29
N ALA A 94 14.40 0.02 -5.49
CA ALA A 94 15.04 1.32 -5.67
C ALA A 94 14.00 2.42 -5.45
N ILE A 95 12.75 2.01 -5.36
CA ILE A 95 11.67 2.94 -5.14
C ILE A 95 11.42 3.10 -3.64
N TYR A 96 11.52 1.98 -2.94
CA TYR A 96 11.32 1.98 -1.50
C TYR A 96 12.56 2.47 -0.77
N GLN A 97 13.61 2.68 -1.54
CA GLN A 97 14.88 3.15 -0.98
C GLN A 97 15.03 4.65 -1.21
N GLU A 98 14.15 5.19 -2.02
CA GLU A 98 14.17 6.60 -2.33
C GLU A 98 12.86 7.27 -1.92
N HIS A 99 11.90 6.42 -1.54
CA HIS A 99 10.60 6.91 -1.11
C HIS A 99 10.26 6.34 0.26
N LYS A 100 11.29 5.84 0.93
CA LYS A 100 11.12 5.27 2.25
C LYS A 100 10.53 6.33 3.19
N ASP A 101 9.82 5.85 4.20
CA ASP A 101 9.21 6.75 5.17
C ASP A 101 9.77 6.44 6.57
N LYS A 102 9.32 7.23 7.53
CA LYS A 102 9.76 7.06 8.90
C LYS A 102 9.34 5.67 9.40
N ASP A 103 8.25 5.18 8.83
CA ASP A 103 7.74 3.87 9.20
C ASP A 103 8.39 2.81 8.32
N GLY A 104 9.03 3.27 7.25
CA GLY A 104 9.69 2.36 6.33
C GLY A 104 8.75 1.94 5.20
N PHE A 105 7.49 1.73 5.58
CA PHE A 105 6.49 1.32 4.60
C PHE A 105 6.37 2.34 3.47
N LEU A 106 6.31 1.81 2.26
CA LEU A 106 6.19 2.66 1.08
C LEU A 106 4.74 3.07 0.89
N TYR A 107 4.55 4.28 0.39
CA TYR A 107 3.22 4.79 0.16
C TYR A 107 3.03 5.17 -1.31
N VAL A 108 2.52 4.21 -2.09
CA VAL A 108 2.28 4.43 -3.49
C VAL A 108 0.79 4.64 -3.73
N THR A 109 0.48 5.11 -4.93
CA THR A 109 -0.90 5.35 -5.31
C THR A 109 -1.10 5.16 -6.82
N TYR A 110 -2.33 4.81 -7.17
CA TYR A 110 -2.66 4.60 -8.57
C TYR A 110 -3.95 5.32 -8.95
N SER A 111 -3.92 5.96 -10.11
CA SER A 111 -5.07 6.70 -10.60
C SER A 111 -5.27 6.43 -12.10
N GLY A 112 -6.51 6.57 -12.53
CA GLY A 112 -6.85 6.35 -13.93
C GLY A 112 -6.46 7.56 -14.78
N GLU A 113 -5.86 8.54 -14.12
CA GLU A 113 -5.44 9.75 -14.81
C GLU A 113 -3.94 9.99 -14.62
N ASN A 114 -3.27 10.26 -15.72
CA ASN A 114 -1.84 10.51 -15.68
C ASN A 114 -1.58 11.89 -15.07
N THR A 115 -2.66 12.60 -14.80
CA THR A 115 -2.57 13.92 -14.21
C THR A 115 -2.20 13.82 -12.73
N PHE A 116 -1.72 14.93 -12.19
CA PHE A 116 -1.34 14.98 -10.80
C PHE A 116 -1.75 16.32 -10.16
N GLY A 117 -3.05 16.51 -10.04
CA GLY A 117 -3.58 17.74 -9.46
C GLY A 117 -5.01 17.52 -8.95
N GLY B 1 -22.87 -2.98 9.00
CA GLY B 1 -21.70 -2.17 9.29
C GLY B 1 -21.81 -0.79 8.64
N PRO B 2 -22.83 -0.03 9.09
CA PRO B 2 -23.06 1.31 8.55
C PRO B 2 -22.02 2.30 9.11
N HIS B 3 -22.01 3.48 8.50
CA HIS B 3 -21.07 4.52 8.92
C HIS B 3 -21.82 5.57 9.74
N MET B 4 -21.14 6.08 10.75
CA MET B 4 -21.72 7.10 11.62
C MET B 4 -20.65 7.73 12.51
N ILE B 5 -20.95 8.93 12.98
CA ILE B 5 -20.03 9.65 13.85
C ILE B 5 -20.34 9.31 15.31
N SER B 6 -20.26 8.02 15.62
CA SER B 6 -20.52 7.55 16.96
C SER B 6 -19.75 8.39 17.97
N GLY B 7 -20.47 8.88 18.97
CA GLY B 7 -19.87 9.70 20.01
C GLY B 7 -19.48 8.85 21.23
N LEU B 8 -20.28 7.82 21.45
CA LEU B 8 -20.04 6.92 22.57
C LEU B 8 -18.71 6.20 22.38
N SER B 9 -18.21 6.26 21.15
CA SER B 9 -16.95 5.62 20.82
C SER B 9 -15.93 6.68 20.40
N VAL B 10 -15.48 7.45 21.38
CA VAL B 10 -14.51 8.50 21.13
C VAL B 10 -13.32 7.91 20.37
N ILE B 11 -12.46 8.81 19.91
CA ILE B 11 -11.29 8.39 19.15
C ILE B 11 -10.70 7.13 19.78
N LYS B 12 -9.99 6.37 18.97
CA LYS B 12 -9.37 5.14 19.44
C LYS B 12 -8.32 4.69 18.42
N GLN B 13 -7.18 4.25 18.96
CA GLN B 13 -6.09 3.79 18.12
C GLN B 13 -6.22 2.29 17.84
N GLU B 14 -7.26 1.70 18.42
CA GLU B 14 -7.52 0.28 18.24
C GLU B 14 -7.62 -0.05 16.75
N VAL B 15 -8.02 -1.28 16.49
CA VAL B 15 -8.16 -1.74 15.11
C VAL B 15 -9.47 -2.54 14.98
N GLU B 16 -9.63 -3.15 13.82
CA GLU B 16 -10.82 -3.95 13.55
C GLU B 16 -10.44 -5.41 13.33
N ARG B 17 -9.45 -5.60 12.46
CA ARG B 17 -8.99 -6.95 12.15
C ARG B 17 -7.45 -6.98 12.09
N LEU B 18 -6.90 -5.98 11.42
CA LEU B 18 -5.46 -5.88 11.27
C LEU B 18 -4.86 -5.37 12.60
N GLY B 19 -3.80 -6.03 13.02
CA GLY B 19 -3.12 -5.66 14.25
C GLY B 19 -1.60 -5.70 14.07
N ASN B 20 -1.03 -6.81 14.52
CA ASN B 20 0.41 -6.99 14.43
C ASN B 20 0.75 -7.65 13.09
N ASP B 21 -0.02 -8.67 12.76
CA ASP B 21 0.19 -9.39 11.51
C ASP B 21 -0.28 -8.52 10.35
N VAL B 22 -0.98 -7.45 10.69
CA VAL B 22 -1.48 -6.53 9.68
C VAL B 22 -1.99 -7.34 8.47
N PHE B 23 -2.52 -8.51 8.77
CA PHE B 23 -3.04 -9.38 7.73
C PHE B 23 -4.13 -10.30 8.27
N GLU B 24 -5.29 -10.22 7.64
CA GLU B 24 -6.43 -11.05 8.05
C GLU B 24 -7.19 -11.55 6.82
N TRP B 25 -7.58 -10.61 5.98
CA TRP B 25 -8.31 -10.94 4.77
C TRP B 25 -7.50 -11.99 4.01
N GLU B 26 -8.16 -12.59 3.02
CA GLU B 26 -7.51 -13.61 2.20
C GLU B 26 -6.06 -13.22 1.93
N ASP B 27 -5.24 -14.24 1.71
CA ASP B 27 -3.83 -14.02 1.42
C ASP B 27 -3.22 -13.19 2.56
N ASP B 28 -2.48 -13.87 3.42
CA ASP B 28 -1.85 -13.21 4.54
C ASP B 28 -0.67 -12.38 4.03
N GLU B 29 0.30 -13.07 3.45
CA GLU B 29 1.48 -12.41 2.91
C GLU B 29 1.70 -12.80 1.45
N SER B 30 0.65 -13.37 0.86
CA SER B 30 0.72 -13.80 -0.52
C SER B 30 1.51 -12.79 -1.35
N ASP B 31 2.10 -13.28 -2.43
CA ASP B 31 2.88 -12.44 -3.32
C ASP B 31 1.98 -11.90 -4.43
N GLU B 32 0.69 -12.09 -4.24
CA GLU B 32 -0.28 -11.62 -5.22
C GLU B 32 -0.35 -10.09 -5.21
N ILE B 33 0.23 -9.51 -4.16
CA ILE B 33 0.24 -8.07 -4.03
C ILE B 33 1.54 -7.51 -4.63
N ALA B 34 2.02 -8.21 -5.64
CA ALA B 34 3.24 -7.81 -6.33
C ALA B 34 2.91 -6.73 -7.36
N HIS A 1 -16.58 8.20 4.98
CA HIS A 1 -15.98 9.52 5.16
C HIS A 1 -14.46 9.41 5.10
N MET A 2 -13.96 8.32 5.69
CA MET A 2 -12.52 8.09 5.72
C MET A 2 -11.98 7.85 4.31
N LYS A 3 -10.71 7.50 4.26
CA LYS A 3 -10.05 7.23 2.99
C LYS A 3 -9.13 6.03 3.13
N SER A 4 -8.31 6.07 4.17
CA SER A 4 -7.38 4.99 4.44
C SER A 4 -8.14 3.72 4.83
N THR A 5 -7.39 2.64 4.98
CA THR A 5 -7.97 1.36 5.36
C THR A 5 -7.03 0.58 6.26
N PHE A 6 -6.21 -0.25 5.63
CA PHE A 6 -5.25 -1.06 6.36
C PHE A 6 -4.46 -0.20 7.36
N LYS A 7 -4.31 1.07 7.02
CA LYS A 7 -3.59 1.99 7.87
C LYS A 7 -4.57 2.72 8.79
N SER A 8 -5.82 2.76 8.34
CA SER A 8 -6.86 3.42 9.12
C SER A 8 -7.29 2.52 10.28
N GLU A 9 -6.85 1.27 10.22
CA GLU A 9 -7.18 0.31 11.25
C GLU A 9 -6.39 0.61 12.53
N TYR A 10 -5.08 0.77 12.35
CA TYR A 10 -4.20 1.06 13.47
C TYR A 10 -3.37 2.31 13.21
N PRO A 11 -2.69 2.78 14.28
CA PRO A 11 -1.87 3.98 14.18
C PRO A 11 -0.56 3.67 13.44
N PHE A 12 0.23 4.72 13.23
CA PHE A 12 1.49 4.58 12.54
C PHE A 12 2.45 3.70 13.32
N GLU A 13 2.50 3.94 14.63
CA GLU A 13 3.37 3.17 15.50
C GLU A 13 3.18 1.68 15.25
N LYS A 14 2.03 1.34 14.70
CA LYS A 14 1.72 -0.05 14.41
C LYS A 14 2.40 -0.45 13.10
N ARG A 15 2.45 0.49 12.18
CA ARG A 15 3.08 0.24 10.89
C ARG A 15 4.60 0.14 11.05
N LYS A 16 5.18 1.17 11.65
CA LYS A 16 6.61 1.21 11.86
C LYS A 16 7.05 -0.06 12.59
N ALA A 17 6.25 -0.44 13.58
CA ALA A 17 6.54 -1.63 14.36
C ALA A 17 6.52 -2.85 13.44
N GLU A 18 5.62 -2.81 12.48
CA GLU A 18 5.49 -3.90 11.52
C GLU A 18 6.74 -3.98 10.63
N SER A 19 7.05 -2.86 10.01
CA SER A 19 8.20 -2.80 9.12
C SER A 19 9.48 -3.13 9.90
N GLU A 20 9.35 -3.08 11.22
CA GLU A 20 10.48 -3.37 12.08
C GLU A 20 10.67 -4.89 12.22
N ARG A 21 9.59 -5.61 11.98
CA ARG A 21 9.62 -7.06 12.07
C ARG A 21 9.69 -7.66 10.67
N ILE A 22 9.22 -6.90 9.69
CA ILE A 22 9.22 -7.36 8.32
C ILE A 22 10.67 -7.55 7.85
N ALA A 23 11.58 -6.95 8.60
CA ALA A 23 12.99 -7.05 8.27
C ALA A 23 13.50 -8.44 8.67
N ASP A 24 12.70 -9.12 9.47
CA ASP A 24 13.06 -10.46 9.93
C ASP A 24 12.20 -11.49 9.19
N ARG A 25 11.04 -11.03 8.74
CA ARG A 25 10.13 -11.90 8.02
C ARG A 25 10.52 -11.97 6.55
N PHE A 26 10.65 -10.80 5.94
CA PHE A 26 11.02 -10.72 4.54
C PHE A 26 11.91 -9.51 4.27
N PRO A 27 13.24 -9.71 4.48
CA PRO A 27 14.20 -8.64 4.26
C PRO A 27 14.43 -8.40 2.77
N ASN A 28 14.21 -9.45 2.00
CA ASN A 28 14.40 -9.37 0.55
C ASN A 28 13.06 -9.00 -0.10
N ARG A 29 12.36 -8.07 0.53
CA ARG A 29 11.08 -7.63 0.02
C ARG A 29 11.02 -6.10 -0.01
N ILE A 30 9.87 -5.59 -0.42
CA ILE A 30 9.68 -4.14 -0.50
C ILE A 30 8.24 -3.80 -0.06
N PRO A 31 8.14 -3.31 1.20
CA PRO A 31 6.85 -2.94 1.75
C PRO A 31 6.35 -1.62 1.15
N VAL A 32 5.15 -1.67 0.62
CA VAL A 32 4.55 -0.49 0.01
C VAL A 32 3.06 -0.45 0.35
N ILE A 33 2.43 0.66 -0.03
CA ILE A 33 1.00 0.82 0.22
C ILE A 33 0.36 1.54 -0.98
N CYS A 34 -0.48 0.80 -1.69
CA CYS A 34 -1.16 1.34 -2.85
C CYS A 34 -2.38 2.12 -2.36
N GLU A 35 -2.50 3.34 -2.85
CA GLU A 35 -3.62 4.20 -2.48
C GLU A 35 -4.35 4.68 -3.72
N LYS A 36 -5.65 4.90 -3.57
CA LYS A 36 -6.47 5.36 -4.67
C LYS A 36 -6.52 6.89 -4.65
N ALA A 37 -6.13 7.47 -5.79
CA ALA A 37 -6.12 8.93 -5.92
C ALA A 37 -7.53 9.46 -5.69
N GLU A 38 -7.61 10.77 -5.56
CA GLU A 38 -8.89 11.43 -5.33
C GLU A 38 -9.47 11.95 -6.66
N LYS A 39 -8.62 12.65 -7.40
CA LYS A 39 -9.02 13.20 -8.69
C LYS A 39 -9.61 12.08 -9.54
N SER A 40 -8.91 10.96 -9.58
CA SER A 40 -9.35 9.81 -10.36
C SER A 40 -10.72 9.35 -9.87
N ASP A 41 -11.41 8.63 -10.75
CA ASP A 41 -12.73 8.12 -10.42
C ASP A 41 -12.74 6.59 -10.57
N ILE A 42 -11.61 6.00 -10.26
CA ILE A 42 -11.47 4.55 -10.36
C ILE A 42 -12.02 3.90 -9.09
N PRO A 43 -12.20 2.56 -9.16
CA PRO A 43 -12.72 1.80 -8.04
C PRO A 43 -11.66 1.64 -6.95
N GLU A 44 -11.92 2.25 -5.81
CA GLU A 44 -11.00 2.17 -4.68
C GLU A 44 -10.73 0.72 -4.32
N ILE A 45 -9.48 0.46 -3.98
CA ILE A 45 -9.07 -0.89 -3.61
C ILE A 45 -9.72 -1.26 -2.27
N ASP A 46 -9.80 -2.57 -2.03
CA ASP A 46 -10.38 -3.06 -0.81
C ASP A 46 -9.58 -2.56 0.39
N LYS A 47 -8.26 -2.68 0.26
CA LYS A 47 -7.36 -2.23 1.31
C LYS A 47 -6.06 -1.73 0.70
N ARG A 48 -5.26 -1.07 1.53
CA ARG A 48 -3.99 -0.55 1.07
C ARG A 48 -2.83 -1.22 1.83
N LYS A 49 -2.31 -2.27 1.21
CA LYS A 49 -1.21 -3.01 1.81
C LYS A 49 -0.59 -3.93 0.76
N TYR A 50 0.45 -3.41 0.10
CA TYR A 50 1.14 -4.18 -0.93
C TYR A 50 2.59 -4.44 -0.53
N LEU A 51 2.94 -5.72 -0.52
CA LEU A 51 4.30 -6.12 -0.16
C LEU A 51 5.01 -6.62 -1.42
N VAL A 52 5.44 -5.67 -2.24
CA VAL A 52 6.14 -6.00 -3.47
C VAL A 52 7.58 -6.38 -3.13
N PRO A 53 8.12 -7.35 -3.93
CA PRO A 53 9.48 -7.82 -3.73
C PRO A 53 10.49 -6.79 -4.24
N ALA A 54 11.76 -7.15 -4.13
CA ALA A 54 12.83 -6.28 -4.57
C ALA A 54 13.17 -6.59 -6.03
N ASP A 55 12.23 -7.27 -6.70
CA ASP A 55 12.43 -7.64 -8.09
C ASP A 55 11.34 -6.98 -8.93
N LEU A 56 10.14 -6.92 -8.37
CA LEU A 56 9.01 -6.33 -9.06
C LEU A 56 9.32 -4.86 -9.37
N THR A 57 9.07 -4.49 -10.62
CA THR A 57 9.32 -3.13 -11.05
C THR A 57 8.07 -2.27 -10.90
N VAL A 58 8.05 -1.16 -11.60
CA VAL A 58 6.91 -0.25 -11.55
C VAL A 58 5.87 -0.68 -12.58
N GLY A 59 6.30 -0.70 -13.83
CA GLY A 59 5.41 -1.10 -14.92
C GLY A 59 4.89 -2.52 -14.72
N GLN A 60 5.54 -3.23 -13.80
CA GLN A 60 5.16 -4.59 -13.50
C GLN A 60 4.24 -4.63 -12.27
N PHE A 61 4.42 -3.63 -11.41
CA PHE A 61 3.62 -3.55 -10.20
C PHE A 61 2.16 -3.19 -10.53
N VAL A 62 2.02 -2.27 -11.46
CA VAL A 62 0.69 -1.84 -11.88
C VAL A 62 -0.19 -3.06 -12.15
N TYR A 63 0.37 -4.00 -12.89
CA TYR A 63 -0.34 -5.22 -13.23
C TYR A 63 -1.06 -5.78 -12.00
N VAL A 64 -0.44 -5.59 -10.85
CA VAL A 64 -1.01 -6.08 -9.60
C VAL A 64 -2.19 -5.19 -9.21
N ILE A 65 -2.02 -3.89 -9.42
CA ILE A 65 -3.05 -2.93 -9.09
C ILE A 65 -4.24 -3.13 -10.02
N ARG A 66 -3.93 -3.56 -11.25
CA ARG A 66 -4.96 -3.80 -12.24
C ARG A 66 -5.62 -5.16 -12.00
N LYS A 67 -5.10 -5.87 -11.02
CA LYS A 67 -5.63 -7.19 -10.68
C LYS A 67 -6.74 -7.04 -9.63
N ARG A 68 -6.41 -6.31 -8.58
CA ARG A 68 -7.36 -6.07 -7.50
C ARG A 68 -8.70 -5.59 -8.07
N ILE A 69 -8.65 -4.40 -8.65
CA ILE A 69 -9.85 -3.80 -9.24
C ILE A 69 -10.16 -4.50 -10.56
N MET A 70 -9.28 -5.42 -10.93
CA MET A 70 -9.45 -6.16 -12.16
C MET A 70 -9.88 -5.23 -13.31
N LEU A 71 -9.30 -4.04 -13.31
CA LEU A 71 -9.61 -3.06 -14.33
C LEU A 71 -9.47 -3.71 -15.72
N PRO A 72 -10.42 -3.34 -16.62
CA PRO A 72 -10.40 -3.87 -17.97
C PRO A 72 -9.29 -3.22 -18.81
N PRO A 73 -9.06 -3.82 -20.00
CA PRO A 73 -8.04 -3.31 -20.91
C PRO A 73 -8.50 -2.03 -21.59
N GLU A 74 -9.71 -1.61 -21.26
CA GLU A 74 -10.28 -0.41 -21.83
C GLU A 74 -9.96 0.80 -20.95
N LYS A 75 -9.63 0.50 -19.70
CA LYS A 75 -9.30 1.55 -18.74
C LYS A 75 -7.78 1.68 -18.64
N ALA A 76 -7.35 2.59 -17.78
CA ALA A 76 -5.93 2.82 -17.57
C ALA A 76 -5.65 3.01 -16.08
N ILE A 77 -4.38 2.89 -15.72
CA ILE A 77 -3.98 3.04 -14.33
C ILE A 77 -2.50 3.43 -14.27
N PHE A 78 -2.25 4.63 -13.78
CA PHE A 78 -0.89 5.12 -13.67
C PHE A 78 -0.49 5.30 -12.20
N ILE A 79 0.76 4.97 -11.91
CA ILE A 79 1.28 5.09 -10.56
C ILE A 79 1.76 6.53 -10.34
N PHE A 80 1.80 6.91 -9.07
CA PHE A 80 2.24 8.24 -8.70
C PHE A 80 2.92 8.23 -7.32
N VAL A 81 4.11 8.80 -7.28
CA VAL A 81 4.87 8.88 -6.05
C VAL A 81 5.41 10.29 -5.86
N ASN A 82 4.99 10.91 -4.76
CA ASN A 82 5.43 12.27 -4.46
C ASN A 82 4.94 13.20 -5.55
N ASP A 83 3.92 12.76 -6.27
CA ASP A 83 3.36 13.55 -7.35
C ASP A 83 4.24 13.41 -8.60
N THR A 84 4.98 12.31 -8.65
CA THR A 84 5.87 12.05 -9.76
C THR A 84 5.66 10.62 -10.28
N LEU A 85 5.63 10.51 -11.60
CA LEU A 85 5.44 9.22 -12.22
C LEU A 85 6.81 8.58 -12.50
N PRO A 86 7.09 7.47 -11.76
CA PRO A 86 8.35 6.76 -11.92
C PRO A 86 8.37 5.95 -13.22
N PRO A 87 9.60 5.56 -13.63
CA PRO A 87 9.77 4.79 -14.85
C PRO A 87 9.36 3.33 -14.63
N THR A 88 9.54 2.54 -15.67
CA THR A 88 9.19 1.13 -15.61
C THR A 88 10.33 0.32 -14.99
N ALA A 89 11.55 0.78 -15.24
CA ALA A 89 12.72 0.11 -14.70
C ALA A 89 12.98 0.61 -13.28
N ALA A 90 12.02 1.35 -12.76
CA ALA A 90 12.14 1.90 -11.41
C ALA A 90 11.89 0.78 -10.40
N LEU A 91 12.73 -0.24 -10.47
CA LEU A 91 12.61 -1.36 -9.56
C LEU A 91 12.02 -0.89 -8.23
N MET A 92 10.86 -1.44 -7.90
CA MET A 92 10.19 -1.08 -6.66
C MET A 92 11.19 -0.92 -5.52
N SER A 93 12.30 -1.63 -5.63
CA SER A 93 13.33 -1.57 -4.62
C SER A 93 13.99 -0.18 -4.62
N ALA A 94 14.51 0.18 -5.78
CA ALA A 94 15.16 1.48 -5.94
C ALA A 94 14.15 2.59 -5.69
N ILE A 95 12.88 2.20 -5.66
CA ILE A 95 11.80 3.15 -5.44
C ILE A 95 11.56 3.29 -3.94
N TYR A 96 11.59 2.15 -3.26
CA TYR A 96 11.37 2.14 -1.82
C TYR A 96 12.63 2.59 -1.07
N GLN A 97 13.69 2.80 -1.84
CA GLN A 97 14.95 3.22 -1.26
C GLN A 97 15.16 4.73 -1.50
N GLU A 98 14.29 5.28 -2.33
CA GLU A 98 14.37 6.71 -2.64
C GLU A 98 13.07 7.41 -2.24
N HIS A 99 12.09 6.61 -1.84
CA HIS A 99 10.80 7.13 -1.43
C HIS A 99 10.42 6.56 -0.07
N LYS A 100 11.44 6.03 0.62
CA LYS A 100 11.22 5.45 1.94
C LYS A 100 10.66 6.52 2.88
N ASP A 101 9.97 6.05 3.90
CA ASP A 101 9.37 6.95 4.88
C ASP A 101 9.78 6.52 6.29
N LYS A 102 9.35 7.30 7.26
CA LYS A 102 9.67 7.00 8.65
C LYS A 102 9.16 5.60 9.00
N ASP A 103 7.91 5.36 8.65
CA ASP A 103 7.29 4.07 8.93
C ASP A 103 8.04 2.99 8.14
N GLY A 104 8.86 3.43 7.20
CA GLY A 104 9.63 2.51 6.39
C GLY A 104 8.83 2.05 5.17
N PHE A 105 7.55 1.80 5.40
CA PHE A 105 6.67 1.36 4.34
C PHE A 105 6.57 2.41 3.22
N LEU A 106 6.44 1.91 2.00
CA LEU A 106 6.34 2.79 0.85
C LEU A 106 4.88 3.23 0.67
N TYR A 107 4.72 4.44 0.18
CA TYR A 107 3.40 5.00 -0.05
C TYR A 107 3.20 5.40 -1.51
N VAL A 108 2.69 4.45 -2.27
CA VAL A 108 2.45 4.69 -3.69
C VAL A 108 0.97 5.04 -3.90
N THR A 109 0.67 5.49 -5.11
CA THR A 109 -0.69 5.88 -5.45
C THR A 109 -0.97 5.60 -6.93
N TYR A 110 -2.13 5.01 -7.17
CA TYR A 110 -2.53 4.69 -8.54
C TYR A 110 -3.81 5.40 -8.92
N SER A 111 -3.78 6.05 -10.07
CA SER A 111 -4.94 6.78 -10.56
C SER A 111 -5.25 6.37 -12.00
N GLY A 112 -6.53 6.29 -12.30
CA GLY A 112 -6.97 5.91 -13.63
C GLY A 112 -6.54 6.95 -14.67
N GLU A 113 -6.08 8.09 -14.16
CA GLU A 113 -5.63 9.17 -15.02
C GLU A 113 -4.12 9.35 -14.90
N ASN A 114 -3.56 10.03 -15.89
CA ASN A 114 -2.12 10.28 -15.91
C ASN A 114 -1.88 11.79 -15.84
N THR A 115 -2.65 12.44 -14.98
CA THR A 115 -2.51 13.88 -14.81
C THR A 115 -1.96 14.20 -13.42
N PHE A 116 -1.75 15.49 -13.19
CA PHE A 116 -1.22 15.94 -11.91
C PHE A 116 -1.96 17.18 -11.42
N GLY A 117 -2.81 16.97 -10.43
CA GLY A 117 -3.59 18.06 -9.86
C GLY A 117 -5.07 17.91 -10.21
N GLY B 1 -25.64 24.42 8.06
CA GLY B 1 -24.42 24.15 8.81
C GLY B 1 -24.42 24.92 10.13
N PRO B 2 -24.93 24.25 11.20
CA PRO B 2 -24.98 24.86 12.51
C PRO B 2 -23.59 24.91 13.16
N HIS B 3 -23.54 25.46 14.35
CA HIS B 3 -22.29 25.58 15.08
C HIS B 3 -21.90 24.22 15.65
N MET B 4 -20.61 23.92 15.59
CA MET B 4 -20.10 22.65 16.08
C MET B 4 -18.73 22.83 16.72
N ILE B 5 -18.34 21.84 17.51
CA ILE B 5 -17.05 21.87 18.18
C ILE B 5 -16.03 21.09 17.35
N SER B 6 -14.76 21.44 17.54
CA SER B 6 -13.68 20.79 16.82
C SER B 6 -13.61 19.32 17.21
N GLY B 7 -13.32 19.09 18.49
CA GLY B 7 -13.21 17.74 19.00
C GLY B 7 -12.33 16.87 18.10
N LEU B 8 -12.57 15.57 18.18
CA LEU B 8 -11.81 14.63 17.37
C LEU B 8 -10.37 15.14 17.21
N SER B 9 -9.87 15.73 18.28
CA SER B 9 -8.52 16.27 18.26
C SER B 9 -7.53 15.18 18.66
N VAL B 10 -8.06 14.11 19.24
CA VAL B 10 -7.22 13.01 19.68
C VAL B 10 -7.18 11.95 18.56
N ILE B 11 -6.12 11.16 18.59
CA ILE B 11 -5.94 10.11 17.60
C ILE B 11 -6.86 8.94 17.93
N LYS B 12 -7.20 8.18 16.90
CA LYS B 12 -8.08 7.02 17.09
C LYS B 12 -8.16 6.25 15.77
N GLN B 13 -8.14 4.93 15.89
CA GLN B 13 -8.21 4.07 14.72
C GLN B 13 -9.48 3.23 14.76
N GLU B 14 -10.22 3.29 13.66
CA GLU B 14 -11.46 2.54 13.55
C GLU B 14 -11.19 1.11 13.10
N VAL B 15 -12.26 0.35 12.94
CA VAL B 15 -12.15 -1.03 12.52
C VAL B 15 -13.17 -1.30 11.41
N GLU B 16 -12.70 -1.97 10.36
CA GLU B 16 -13.56 -2.30 9.24
C GLU B 16 -13.41 -3.78 8.88
N ARG B 17 -12.17 -4.18 8.65
CA ARG B 17 -11.88 -5.56 8.30
C ARG B 17 -10.65 -6.05 9.05
N LEU B 18 -9.62 -5.22 9.08
CA LEU B 18 -8.39 -5.55 9.76
C LEU B 18 -8.51 -5.19 11.24
N GLY B 19 -7.44 -5.47 11.97
CA GLY B 19 -7.42 -5.17 13.39
C GLY B 19 -6.07 -5.53 14.01
N ASN B 20 -6.09 -6.48 14.92
CA ASN B 20 -4.87 -6.91 15.58
C ASN B 20 -3.73 -6.97 14.56
N ASP B 21 -3.62 -8.12 13.92
CA ASP B 21 -2.59 -8.31 12.91
C ASP B 21 -2.87 -7.43 11.71
N VAL B 22 -1.89 -7.34 10.82
CA VAL B 22 -2.01 -6.53 9.63
C VAL B 22 -2.62 -7.38 8.51
N PHE B 23 -3.19 -8.50 8.90
CA PHE B 23 -3.80 -9.41 7.94
C PHE B 23 -4.93 -10.20 8.58
N GLU B 24 -6.14 -9.64 8.49
CA GLU B 24 -7.31 -10.29 9.05
C GLU B 24 -8.25 -10.73 7.94
N TRP B 25 -7.85 -10.45 6.71
CA TRP B 25 -8.66 -10.81 5.55
C TRP B 25 -7.89 -11.87 4.76
N GLU B 26 -8.39 -12.13 3.55
CA GLU B 26 -7.77 -13.12 2.69
C GLU B 26 -6.47 -12.55 2.08
N ASP B 27 -5.47 -13.41 2.00
CA ASP B 27 -4.20 -13.01 1.44
C ASP B 27 -3.42 -12.18 2.48
N ASP B 28 -2.61 -12.89 3.26
CA ASP B 28 -1.81 -12.24 4.29
C ASP B 28 -0.47 -11.81 3.70
N GLU B 29 0.16 -12.75 3.01
CA GLU B 29 1.45 -12.49 2.39
C GLU B 29 1.41 -12.87 0.91
N SER B 30 0.24 -13.30 0.47
CA SER B 30 0.06 -13.70 -0.92
C SER B 30 0.93 -12.82 -1.84
N ASP B 31 1.32 -13.41 -2.96
CA ASP B 31 2.15 -12.70 -3.91
C ASP B 31 1.24 -11.92 -4.88
N GLU B 32 -0.02 -11.81 -4.50
CA GLU B 32 -0.99 -11.10 -5.30
C GLU B 32 -0.90 -9.59 -5.04
N ILE B 33 0.01 -9.23 -4.15
CA ILE B 33 0.20 -7.84 -3.79
C ILE B 33 1.47 -7.32 -4.47
N ALA B 34 1.93 -8.08 -5.44
CA ALA B 34 3.14 -7.71 -6.18
C ALA B 34 2.91 -6.36 -6.87
#